data_9GOC
#
_entry.id   9GOC
#
_cell.length_a   88.613
_cell.length_b   106.531
_cell.length_c   121.270
_cell.angle_alpha   65.15
_cell.angle_beta   70.72
_cell.angle_gamma   76.35
#
_symmetry.space_group_name_H-M   'P 1'
#
loop_
_entity.id
_entity.type
_entity.pdbx_description
1 polymer 'Dipeptidyl peptidase 9'
2 non-polymer Sulphostin
3 non-polymer 1,2-ETHANEDIOL
4 non-polymer DI(HYDROXYETHYL)ETHER
5 non-polymer 1-METHOXY-2-[2-(2-METHOXY-ETHOXY]-ETHANE
6 non-polymer 'TRIETHYLENE GLYCOL'
7 water water
#
_entity_poly.entity_id   1
_entity_poly.type   'polypeptide(L)'
_entity_poly.pdbx_seq_one_letter_code
;MPAARFQVQKHSWDGLRSIIHGSRKYSGLIVNKAPHDFQFVQKTDESGPHSHRLYYLGMPYGSRENSLLYSEIPKKVRKE
ALLLLSWKQMLDHFQATPHHGVYSREEELLRERKRLGVFGITSYDFHSESGLFLFQASNSLFHCRDGGKNGFMVSPMKPL
EIKTQCSGPRMDPKICPADPAFFSFINNSDLWVANIETGEERRLTFCHQGLSNVLDDPKSAGVATFVIQEEFDRFTGYWW
CPTASWEGSEGLKTLRILYEEVDESEVEVIHVPSPALEERKTDSYRYPRTGSKNPKIALKLAEFQTDSQGKIVSTQEKEL
VQPFSSLFPKVEYIARAGWTRDGKYAWAMFLDRPQQWLQLVLLPPALFIPSTENEEQRLASARAVPRNVQPYVVYEEVTN
VWINVHDIFYPFPQSEGEDELCFLRANECKTGFCHLYKVTAVLKSQGYDWSEPFSPGEDEFKCPIKEEIALTSGEWEVLA
RHGSKIWVNEETKLVYFQGTKDTPLEHHLYVVSYEAAGEIVRLTTPGFSHSCSMSQNFDMFVSHYSSVSTPPCVHVYKLS
GPDDDPLHKQPRFWASMMEAASCPPDYVPPEIFHFHTRSDVRLYGMIYKPHALQPGKKHPTVLFVYGGPQVQLVNNSFKG
IKYLRLNTLASLGYAVVVIDGRGSCQRGLRFEGALKNQMGQVEIEDQVEGLQFVAEKYGFIDLSRVAIHGWAYGGFLSLM
GLIHKPQVFKVAIAGAPVTVWMAYDTGYTERYMDVPENNQHGYEAGSVALHVEKLPNEPNRLLILHGFLDENVHFFHTNF
LVSQLIRAGKPYQLQIYPNERHSIRCPESGEHYEVTLLHFLQEYLHHHHHH
;
_entity_poly.pdbx_strand_id   A,B,C,D
#
# COMPACT_ATOMS: atom_id res chain seq x y z
N ALA A 3 -28.02 -8.56 -45.51
CA ALA A 3 -27.94 -8.47 -44.00
C ALA A 3 -27.02 -7.30 -43.59
N ALA A 4 -27.35 -6.63 -42.49
CA ALA A 4 -26.64 -5.43 -41.99
C ALA A 4 -25.43 -5.89 -41.17
N ARG A 5 -24.34 -5.12 -41.25
CA ARG A 5 -23.10 -5.32 -40.44
C ARG A 5 -23.20 -4.50 -39.15
N PHE A 6 -23.18 -5.16 -38.00
CA PHE A 6 -23.07 -4.50 -36.67
C PHE A 6 -21.68 -3.86 -36.55
N GLN A 7 -21.64 -2.61 -36.10
CA GLN A 7 -20.41 -1.84 -35.80
C GLN A 7 -20.36 -1.66 -34.28
N VAL A 8 -19.27 -2.12 -33.66
CA VAL A 8 -18.99 -1.92 -32.22
C VAL A 8 -18.79 -0.42 -31.99
N GLN A 9 -19.37 0.12 -30.91
CA GLN A 9 -19.21 1.54 -30.50
C GLN A 9 -17.72 1.79 -30.22
N LYS A 10 -17.14 2.81 -30.87
CA LYS A 10 -15.75 3.25 -30.65
C LYS A 10 -15.69 4.02 -29.33
N HIS A 11 -14.77 3.62 -28.46
CA HIS A 11 -14.47 4.30 -27.18
C HIS A 11 -13.08 4.90 -27.25
N SER A 12 -12.86 5.98 -26.50
CA SER A 12 -11.51 6.48 -26.16
C SER A 12 -10.77 5.39 -25.39
N TRP A 13 -9.44 5.47 -25.35
CA TRP A 13 -8.59 4.57 -24.54
C TRP A 13 -9.06 4.57 -23.08
N ASP A 14 -9.32 5.75 -22.50
CA ASP A 14 -9.74 5.86 -21.07
C ASP A 14 -11.17 5.33 -20.91
N GLY A 15 -12.02 5.45 -21.94
CA GLY A 15 -13.34 4.80 -22.00
C GLY A 15 -13.22 3.29 -21.89
N LEU A 16 -12.29 2.69 -22.66
CA LEU A 16 -12.03 1.23 -22.63
C LEU A 16 -11.50 0.82 -21.25
N ARG A 17 -10.64 1.63 -20.64
CA ARG A 17 -10.10 1.37 -19.28
C ARG A 17 -11.24 1.32 -18.27
N SER A 18 -12.20 2.24 -18.37
CA SER A 18 -13.39 2.32 -17.49
C SER A 18 -14.27 1.06 -17.66
N ILE A 19 -14.46 0.60 -18.90
CA ILE A 19 -15.25 -0.64 -19.21
C ILE A 19 -14.55 -1.84 -18.55
N ILE A 20 -13.23 -1.99 -18.75
CA ILE A 20 -12.47 -3.16 -18.23
C ILE A 20 -12.45 -3.10 -16.70
N HIS A 21 -12.10 -1.95 -16.13
CA HIS A 21 -12.03 -1.76 -14.66
C HIS A 21 -13.39 -2.09 -14.02
N GLY A 22 -14.48 -1.56 -14.60
CA GLY A 22 -15.87 -1.83 -14.17
C GLY A 22 -16.22 -3.30 -14.23
N SER A 23 -15.85 -3.99 -15.32
CA SER A 23 -16.16 -5.42 -15.58
C SER A 23 -15.57 -6.30 -14.46
N ARG A 24 -14.37 -5.97 -13.96
CA ARG A 24 -13.61 -6.82 -13.01
C ARG A 24 -13.96 -6.42 -11.57
N LYS A 25 -14.03 -5.11 -11.29
CA LYS A 25 -14.34 -4.57 -9.94
C LYS A 25 -15.75 -5.01 -9.54
N TYR A 26 -16.71 -4.86 -10.46
CA TYR A 26 -18.15 -5.21 -10.26
C TYR A 26 -18.48 -6.50 -11.04
N SER A 27 -17.58 -7.48 -10.96
CA SER A 27 -17.69 -8.81 -11.62
C SER A 27 -18.91 -9.57 -11.05
N GLY A 28 -19.16 -9.44 -9.73
CA GLY A 28 -20.15 -10.22 -8.97
C GLY A 28 -19.61 -11.59 -8.56
N LEU A 29 -18.28 -11.80 -8.67
CA LEU A 29 -17.56 -13.05 -8.34
C LEU A 29 -16.31 -12.72 -7.52
N ILE A 30 -15.84 -13.65 -6.69
CA ILE A 30 -14.58 -13.56 -5.91
C ILE A 30 -13.61 -14.64 -6.41
N VAL A 31 -12.37 -14.25 -6.74
CA VAL A 31 -11.28 -15.16 -7.19
C VAL A 31 -10.70 -15.88 -5.97
N ASN A 32 -10.30 -17.15 -6.12
CA ASN A 32 -9.55 -17.96 -5.11
C ASN A 32 -10.39 -18.09 -3.83
N LYS A 33 -11.68 -18.35 -3.98
CA LYS A 33 -12.71 -18.32 -2.90
C LYS A 33 -12.86 -19.71 -2.25
N ALA A 34 -12.61 -20.80 -2.99
CA ALA A 34 -13.02 -22.18 -2.60
C ALA A 34 -12.04 -22.74 -1.57
N PRO A 35 -12.54 -23.36 -0.46
CA PRO A 35 -11.68 -24.17 0.40
C PRO A 35 -11.25 -25.45 -0.34
N HIS A 36 -10.11 -26.04 0.04
CA HIS A 36 -9.45 -27.16 -0.69
C HIS A 36 -8.47 -27.90 0.23
N ASP A 37 -7.94 -29.04 -0.25
CA ASP A 37 -6.96 -29.91 0.45
C ASP A 37 -7.61 -30.43 1.73
N PHE A 38 -8.69 -31.19 1.56
CA PHE A 38 -9.59 -31.66 2.65
C PHE A 38 -9.00 -32.89 3.34
N GLN A 39 -9.05 -32.92 4.68
CA GLN A 39 -8.76 -34.10 5.54
C GLN A 39 -9.91 -34.25 6.53
N PHE A 40 -10.66 -35.35 6.43
CA PHE A 40 -11.69 -35.78 7.40
C PHE A 40 -11.00 -36.56 8.53
N VAL A 41 -11.29 -36.22 9.78
CA VAL A 41 -10.88 -36.98 11.01
C VAL A 41 -12.15 -37.25 11.81
N GLN A 42 -12.42 -38.50 12.14
CA GLN A 42 -13.54 -38.92 13.02
C GLN A 42 -13.27 -38.43 14.43
N LYS A 43 -14.31 -37.92 15.11
CA LYS A 43 -14.30 -37.59 16.56
C LYS A 43 -14.71 -38.85 17.33
N THR A 44 -14.08 -39.09 18.48
CA THR A 44 -14.22 -40.35 19.28
C THR A 44 -15.04 -40.09 20.57
N ASP A 45 -15.78 -38.97 20.63
CA ASP A 45 -16.67 -38.61 21.76
C ASP A 45 -18.11 -38.94 21.37
N GLU A 46 -18.67 -40.02 21.93
CA GLU A 46 -20.05 -40.51 21.64
C GLU A 46 -21.10 -39.52 22.18
N SER A 47 -20.77 -38.76 23.23
CA SER A 47 -21.65 -37.75 23.88
C SER A 47 -21.76 -36.49 23.01
N GLY A 48 -20.65 -36.07 22.39
CA GLY A 48 -20.51 -34.78 21.67
C GLY A 48 -21.37 -34.71 20.42
N PRO A 49 -21.64 -33.49 19.89
CA PRO A 49 -22.56 -33.32 18.75
C PRO A 49 -21.97 -33.51 17.35
N HIS A 50 -20.64 -33.72 17.23
CA HIS A 50 -19.89 -33.75 15.95
C HIS A 50 -19.35 -35.16 15.65
N SER A 51 -19.56 -35.66 14.43
CA SER A 51 -19.04 -36.97 13.94
C SER A 51 -17.58 -36.82 13.49
N HIS A 52 -17.23 -35.70 12.88
CA HIS A 52 -15.90 -35.42 12.29
C HIS A 52 -15.46 -33.99 12.53
N ARG A 53 -14.14 -33.76 12.52
CA ARG A 53 -13.51 -32.47 12.19
C ARG A 53 -12.98 -32.54 10.76
N LEU A 54 -13.29 -31.55 9.93
CA LEU A 54 -12.83 -31.44 8.53
C LEU A 54 -11.80 -30.32 8.44
N TYR A 55 -10.54 -30.67 8.12
CA TYR A 55 -9.43 -29.70 7.93
C TYR A 55 -9.27 -29.39 6.45
N TYR A 56 -8.83 -28.17 6.14
CA TYR A 56 -8.68 -27.68 4.74
C TYR A 56 -7.87 -26.39 4.74
N LEU A 57 -7.40 -26.00 3.56
CA LEU A 57 -6.84 -24.65 3.27
C LEU A 57 -7.96 -23.77 2.71
N GLY A 58 -7.99 -22.51 3.11
CA GLY A 58 -9.02 -21.55 2.68
C GLY A 58 -8.61 -20.14 3.02
N MET A 59 -9.09 -19.19 2.21
CA MET A 59 -8.91 -17.73 2.43
C MET A 59 -10.24 -17.19 2.93
N PRO A 60 -10.47 -17.08 4.27
CA PRO A 60 -11.75 -16.63 4.78
C PRO A 60 -11.94 -15.13 4.50
N TYR A 61 -13.21 -14.71 4.37
CA TYR A 61 -13.59 -13.28 4.21
C TYR A 61 -13.07 -12.54 5.45
N GLY A 62 -12.33 -11.44 5.22
CA GLY A 62 -11.54 -10.73 6.24
C GLY A 62 -10.13 -11.30 6.40
N SER A 63 -9.57 -11.87 5.33
CA SER A 63 -8.15 -12.30 5.22
C SER A 63 -7.71 -12.25 3.76
N ARG A 64 -6.42 -11.99 3.52
CA ARG A 64 -5.83 -11.82 2.16
C ARG A 64 -4.88 -12.99 1.85
N GLU A 65 -4.90 -14.08 2.63
CA GLU A 65 -4.02 -15.27 2.40
C GLU A 65 -4.71 -16.56 2.86
N ASN A 66 -4.32 -17.68 2.24
CA ASN A 66 -4.70 -19.05 2.65
C ASN A 66 -4.14 -19.34 4.03
N SER A 67 -4.97 -19.88 4.93
CA SER A 67 -4.50 -20.49 6.21
C SER A 67 -5.10 -21.88 6.39
N LEU A 68 -4.61 -22.58 7.41
CA LEU A 68 -5.12 -23.90 7.85
C LEU A 68 -6.38 -23.65 8.67
N LEU A 69 -7.49 -24.27 8.25
CA LEU A 69 -8.84 -24.06 8.84
C LEU A 69 -9.43 -25.42 9.16
N TYR A 70 -10.49 -25.41 9.97
CA TYR A 70 -11.33 -26.61 10.21
C TYR A 70 -12.78 -26.17 10.33
N SER A 71 -13.69 -27.12 10.07
CA SER A 71 -15.14 -27.03 10.36
C SER A 71 -15.56 -28.32 11.08
N GLU A 72 -16.56 -28.20 11.95
CA GLU A 72 -17.14 -29.31 12.74
C GLU A 72 -18.30 -29.90 11.94
N ILE A 73 -18.28 -31.21 11.69
CA ILE A 73 -19.35 -31.96 10.97
C ILE A 73 -20.30 -32.50 12.03
N PRO A 74 -21.56 -32.02 12.12
CA PRO A 74 -22.50 -32.51 13.13
C PRO A 74 -23.03 -33.91 12.81
N LYS A 75 -23.38 -34.67 13.85
CA LYS A 75 -23.95 -36.04 13.75
C LYS A 75 -25.35 -35.98 13.13
N LYS A 76 -26.11 -34.91 13.39
CA LYS A 76 -27.48 -34.69 12.90
C LYS A 76 -27.59 -33.32 12.22
N VAL A 77 -28.33 -33.23 11.12
CA VAL A 77 -28.73 -31.96 10.44
C VAL A 77 -30.25 -31.99 10.19
N ARG A 78 -30.90 -30.82 10.20
CA ARG A 78 -32.32 -30.65 9.78
C ARG A 78 -32.40 -30.81 8.25
N LYS A 79 -33.27 -31.70 7.75
CA LYS A 79 -33.42 -32.01 6.30
C LYS A 79 -33.89 -30.77 5.53
N GLU A 80 -34.72 -29.92 6.15
CA GLU A 80 -35.39 -28.76 5.49
C GLU A 80 -34.59 -27.46 5.64
N ALA A 81 -33.42 -27.50 6.28
CA ALA A 81 -32.53 -26.32 6.52
C ALA A 81 -31.17 -26.55 5.86
N LEU A 82 -30.52 -25.45 5.46
CA LEU A 82 -29.19 -25.41 4.79
C LEU A 82 -28.13 -25.00 5.83
N LEU A 83 -27.37 -25.96 6.37
CA LEU A 83 -26.29 -25.67 7.35
C LEU A 83 -25.08 -25.12 6.58
N LEU A 84 -24.69 -23.87 6.88
CA LEU A 84 -23.44 -23.23 6.41
C LEU A 84 -22.38 -23.48 7.50
N LEU A 85 -21.38 -24.32 7.22
CA LEU A 85 -20.34 -24.69 8.21
C LEU A 85 -19.50 -23.45 8.55
N SER A 86 -19.27 -23.22 9.84
CA SER A 86 -18.40 -22.12 10.32
C SER A 86 -16.94 -22.53 10.06
N TRP A 87 -16.19 -21.65 9.39
CA TRP A 87 -14.72 -21.78 9.14
C TRP A 87 -13.98 -21.33 10.41
N LYS A 88 -13.35 -22.27 11.12
CA LYS A 88 -12.55 -22.00 12.33
C LYS A 88 -11.07 -21.91 11.94
N GLN A 89 -10.35 -20.92 12.49
CA GLN A 89 -8.88 -20.78 12.30
CA GLN A 89 -8.88 -20.78 12.30
C GLN A 89 -8.18 -21.82 13.19
N MET A 90 -7.19 -22.53 12.64
CA MET A 90 -6.26 -23.37 13.43
C MET A 90 -5.16 -22.48 14.03
N LEU A 91 -4.74 -21.45 13.31
CA LEU A 91 -3.54 -20.63 13.63
C LEU A 91 -3.94 -19.22 14.09
N ASP A 92 -3.37 -18.77 15.20
CA ASP A 92 -3.68 -17.50 15.91
C ASP A 92 -2.88 -16.36 15.28
N HIS A 93 -3.56 -15.50 14.51
CA HIS A 93 -3.04 -14.24 13.89
C HIS A 93 -1.62 -14.47 13.35
N PHE A 94 -1.49 -15.40 12.41
CA PHE A 94 -0.20 -15.86 11.82
C PHE A 94 -0.17 -15.48 10.33
N GLN A 95 0.86 -14.75 9.89
CA GLN A 95 1.08 -14.41 8.45
C GLN A 95 2.08 -15.42 7.84
N ALA A 96 1.57 -16.27 6.94
CA ALA A 96 2.33 -17.35 6.25
C ALA A 96 3.04 -16.77 5.01
N THR A 97 2.44 -15.76 4.37
CA THR A 97 3.02 -15.08 3.18
C THR A 97 4.29 -14.34 3.61
N PRO A 98 5.42 -14.46 2.87
CA PRO A 98 6.60 -13.64 3.15
C PRO A 98 6.36 -12.15 2.82
N HIS A 99 7.24 -11.27 3.29
CA HIS A 99 7.15 -9.79 3.17
C HIS A 99 6.93 -9.38 1.70
N HIS A 100 5.86 -8.62 1.44
CA HIS A 100 5.49 -8.04 0.12
C HIS A 100 5.13 -9.13 -0.90
N GLY A 101 4.79 -10.35 -0.45
CA GLY A 101 4.49 -11.52 -1.29
C GLY A 101 5.63 -11.88 -2.23
N VAL A 102 6.87 -11.62 -1.83
CA VAL A 102 8.12 -11.91 -2.61
C VAL A 102 8.74 -13.18 -2.04
N TYR A 103 8.53 -14.31 -2.72
CA TYR A 103 9.06 -15.64 -2.35
C TYR A 103 10.52 -15.76 -2.82
N SER A 104 11.30 -16.67 -2.21
CA SER A 104 12.61 -17.14 -2.71
C SER A 104 12.46 -17.62 -4.16
N ARG A 105 13.53 -17.61 -4.95
CA ARG A 105 13.46 -18.03 -6.38
C ARG A 105 12.95 -19.48 -6.46
N GLU A 106 13.39 -20.33 -5.54
CA GLU A 106 13.02 -21.78 -5.48
C GLU A 106 11.52 -21.90 -5.29
N GLU A 107 10.94 -21.22 -4.28
CA GLU A 107 9.50 -21.26 -3.95
C GLU A 107 8.70 -20.60 -5.09
N GLU A 108 9.20 -19.48 -5.63
CA GLU A 108 8.55 -18.72 -6.73
C GLU A 108 8.41 -19.63 -7.96
N LEU A 109 9.49 -20.30 -8.36
CA LEU A 109 9.48 -21.19 -9.55
C LEU A 109 8.61 -22.41 -9.29
N LEU A 110 8.63 -22.98 -8.08
CA LEU A 110 7.76 -24.12 -7.71
C LEU A 110 6.29 -23.71 -7.86
N ARG A 111 5.94 -22.52 -7.38
CA ARG A 111 4.56 -21.96 -7.50
C ARG A 111 4.18 -21.81 -8.99
N GLU A 112 5.12 -21.40 -9.84
CA GLU A 112 4.90 -21.32 -11.31
C GLU A 112 4.64 -22.71 -11.89
N ARG A 113 5.46 -23.71 -11.55
CA ARG A 113 5.31 -25.10 -12.06
C ARG A 113 3.95 -25.66 -11.65
N LYS A 114 3.51 -25.37 -10.41
CA LYS A 114 2.24 -25.88 -9.82
C LYS A 114 1.02 -25.01 -10.20
N ARG A 115 1.22 -23.87 -10.89
CA ARG A 115 0.15 -22.90 -11.24
C ARG A 115 -0.51 -22.41 -9.94
N LEU A 116 0.28 -22.10 -8.91
CA LEU A 116 -0.20 -21.51 -7.63
C LEU A 116 -0.14 -19.99 -7.70
N GLY A 117 -1.29 -19.33 -7.69
CA GLY A 117 -1.44 -17.86 -7.62
C GLY A 117 -1.68 -17.35 -6.21
N VAL A 118 -2.35 -18.13 -5.36
CA VAL A 118 -2.80 -17.72 -3.99
C VAL A 118 -1.58 -17.55 -3.08
N PHE A 119 -1.70 -16.67 -2.09
CA PHE A 119 -0.67 -16.37 -1.07
C PHE A 119 -1.01 -17.15 0.21
N GLY A 120 -0.01 -17.34 1.07
CA GLY A 120 -0.14 -18.04 2.37
C GLY A 120 0.22 -19.51 2.24
N ILE A 121 -0.36 -20.34 3.13
CA ILE A 121 -0.09 -21.81 3.17
C ILE A 121 -0.78 -22.44 1.95
N THR A 122 -0.01 -22.98 1.00
CA THR A 122 -0.52 -23.59 -0.26
C THR A 122 -0.55 -25.12 -0.17
N SER A 123 0.05 -25.72 0.85
CA SER A 123 -0.02 -27.18 1.13
C SER A 123 0.39 -27.46 2.57
N TYR A 124 -0.04 -28.61 3.09
CA TYR A 124 0.37 -29.15 4.41
C TYR A 124 0.49 -30.67 4.29
N ASP A 125 1.42 -31.24 5.05
CA ASP A 125 1.51 -32.69 5.30
C ASP A 125 0.82 -32.97 6.63
N PHE A 126 0.03 -34.03 6.69
CA PHE A 126 -0.78 -34.42 7.86
C PHE A 126 -0.48 -35.88 8.21
N HIS A 127 -0.17 -36.14 9.49
CA HIS A 127 -0.03 -37.51 10.07
C HIS A 127 -1.24 -37.75 10.99
N SER A 128 -2.23 -38.52 10.54
CA SER A 128 -3.57 -38.63 11.18
C SER A 128 -3.47 -39.24 12.58
N GLU A 129 -2.71 -40.33 12.75
CA GLU A 129 -2.54 -41.05 14.03
C GLU A 129 -2.03 -40.09 15.13
N SER A 130 -1.03 -39.25 14.82
CA SER A 130 -0.39 -38.31 15.79
C SER A 130 -1.05 -36.92 15.76
N GLY A 131 -1.79 -36.59 14.69
CA GLY A 131 -2.44 -35.29 14.51
C GLY A 131 -1.44 -34.18 14.22
N LEU A 132 -0.28 -34.51 13.66
CA LEU A 132 0.80 -33.54 13.33
C LEU A 132 0.51 -32.93 11.96
N PHE A 133 0.59 -31.60 11.86
CA PHE A 133 0.55 -30.81 10.60
C PHE A 133 1.93 -30.21 10.39
N LEU A 134 2.49 -30.35 9.19
CA LEU A 134 3.81 -29.81 8.82
C LEU A 134 3.63 -29.01 7.52
N PHE A 135 4.10 -27.77 7.50
CA PHE A 135 3.88 -26.83 6.37
C PHE A 135 4.98 -25.78 6.32
N GLN A 136 5.22 -25.26 5.11
CA GLN A 136 6.05 -24.06 4.84
C GLN A 136 5.22 -22.80 5.12
N ALA A 137 5.85 -21.81 5.75
CA ALA A 137 5.28 -20.47 6.03
C ALA A 137 6.40 -19.51 6.38
N SER A 138 6.33 -18.27 5.88
CA SER A 138 7.20 -17.12 6.28
C SER A 138 8.68 -17.50 6.14
N ASN A 139 9.05 -18.07 4.98
CA ASN A 139 10.44 -18.47 4.62
C ASN A 139 11.01 -19.48 5.62
N SER A 140 10.17 -20.33 6.23
CA SER A 140 10.58 -21.32 7.26
C SER A 140 9.63 -22.53 7.27
N LEU A 141 9.82 -23.43 8.23
CA LEU A 141 8.96 -24.62 8.49
C LEU A 141 8.28 -24.43 9.83
N PHE A 142 6.98 -24.71 9.86
CA PHE A 142 6.12 -24.66 11.07
C PHE A 142 5.38 -25.99 11.19
N HIS A 143 4.95 -26.28 12.41
CA HIS A 143 4.07 -27.41 12.73
C HIS A 143 3.06 -27.01 13.81
N CYS A 144 1.98 -27.76 13.89
CA CYS A 144 0.99 -27.72 14.99
C CYS A 144 0.40 -29.13 15.14
N ARG A 145 -0.27 -29.39 16.26
CA ARG A 145 -0.90 -30.69 16.58
C ARG A 145 -2.37 -30.45 16.92
N ASP A 146 -3.24 -31.33 16.44
CA ASP A 146 -4.70 -31.30 16.73
C ASP A 146 -5.25 -32.72 16.57
N GLY A 147 -6.20 -33.11 17.41
CA GLY A 147 -6.77 -34.47 17.44
C GLY A 147 -5.80 -35.46 18.05
N GLY A 148 -6.05 -36.75 17.80
CA GLY A 148 -5.25 -37.87 18.32
C GLY A 148 -5.21 -37.89 19.84
N LYS A 149 -4.01 -37.84 20.41
CA LYS A 149 -3.74 -37.89 21.87
C LYS A 149 -3.92 -36.51 22.51
N ASN A 150 -3.50 -35.44 21.81
CA ASN A 150 -3.50 -34.04 22.32
C ASN A 150 -4.94 -33.54 22.57
N GLY A 151 -5.94 -34.09 21.87
CA GLY A 151 -7.34 -33.61 21.90
C GLY A 151 -7.58 -32.53 20.85
N PHE A 152 -8.85 -32.13 20.67
CA PHE A 152 -9.31 -31.15 19.64
C PHE A 152 -9.31 -29.73 20.22
N MET A 153 -8.62 -28.80 19.56
CA MET A 153 -8.56 -27.36 19.95
C MET A 153 -9.95 -26.74 19.79
N VAL A 154 -10.30 -25.79 20.66
CA VAL A 154 -11.58 -25.02 20.64
C VAL A 154 -11.31 -23.59 20.15
N SER A 155 -10.04 -23.15 20.14
CA SER A 155 -9.61 -21.80 19.70
C SER A 155 -8.29 -21.89 18.93
N PRO A 156 -7.92 -20.88 18.11
CA PRO A 156 -6.68 -20.91 17.35
C PRO A 156 -5.45 -20.99 18.28
N MET A 157 -4.44 -21.76 17.85
CA MET A 157 -3.15 -21.95 18.57
C MET A 157 -2.05 -21.29 17.75
N LYS A 158 -0.94 -20.93 18.39
CA LYS A 158 0.28 -20.43 17.72
C LYS A 158 1.00 -21.63 17.11
N PRO A 159 1.39 -21.58 15.81
CA PRO A 159 2.19 -22.65 15.22
C PRO A 159 3.64 -22.52 15.70
N LEU A 160 4.32 -23.65 15.87
CA LEU A 160 5.72 -23.71 16.39
C LEU A 160 6.68 -23.77 15.19
N GLU A 161 7.56 -22.78 15.06
CA GLU A 161 8.65 -22.79 14.05
C GLU A 161 9.60 -23.94 14.38
N ILE A 162 10.14 -24.61 13.35
CA ILE A 162 11.17 -25.68 13.50
C ILE A 162 12.52 -25.02 13.25
N LYS A 163 13.37 -24.95 14.29
CA LYS A 163 14.71 -24.30 14.21
C LYS A 163 15.62 -25.16 13.35
N THR A 164 16.58 -24.53 12.68
CA THR A 164 17.56 -25.18 11.78
C THR A 164 18.92 -24.48 11.92
N GLN A 165 19.99 -25.19 11.61
CA GLN A 165 21.34 -24.64 11.41
C GLN A 165 21.70 -24.75 9.92
N CYS A 166 20.76 -25.14 9.06
CA CYS A 166 20.93 -25.17 7.58
C CYS A 166 20.95 -23.74 7.05
N SER A 167 21.73 -23.49 5.99
CA SER A 167 21.72 -22.25 5.18
C SER A 167 20.80 -22.43 3.98
N GLY A 168 19.93 -21.45 3.72
CA GLY A 168 19.02 -21.44 2.57
C GLY A 168 17.75 -22.24 2.85
N PRO A 169 16.78 -22.26 1.91
CA PRO A 169 15.46 -22.86 2.17
C PRO A 169 15.50 -24.37 2.49
N ARG A 170 14.57 -24.81 3.34
CA ARG A 170 14.21 -26.24 3.54
C ARG A 170 12.94 -26.53 2.74
N MET A 171 13.10 -27.21 1.60
CA MET A 171 12.04 -27.40 0.58
CA MET A 171 12.03 -27.40 0.59
C MET A 171 11.46 -28.81 0.69
N ASP A 172 10.23 -28.97 0.20
CA ASP A 172 9.52 -30.27 0.04
C ASP A 172 9.52 -31.05 1.36
N PRO A 173 9.03 -30.46 2.48
CA PRO A 173 9.02 -31.15 3.77
C PRO A 173 7.94 -32.24 3.84
N LYS A 174 8.28 -33.41 4.39
CA LYS A 174 7.34 -34.55 4.55
C LYS A 174 7.55 -35.21 5.90
N ILE A 175 6.45 -35.58 6.56
CA ILE A 175 6.47 -36.36 7.84
C ILE A 175 6.83 -37.80 7.49
N CYS A 176 7.68 -38.42 8.29
CA CYS A 176 7.98 -39.87 8.22
C CYS A 176 6.72 -40.65 8.59
N PRO A 177 6.12 -41.45 7.67
CA PRO A 177 4.89 -42.19 7.98
C PRO A 177 5.03 -43.22 9.11
N ALA A 178 6.19 -43.88 9.20
CA ALA A 178 6.50 -44.95 10.17
C ALA A 178 6.71 -44.36 11.57
N ASP A 179 7.19 -43.11 11.67
CA ASP A 179 7.58 -42.47 12.94
C ASP A 179 7.46 -40.95 12.80
N PRO A 180 6.35 -40.33 13.29
CA PRO A 180 6.13 -38.90 13.07
C PRO A 180 7.00 -37.97 13.94
N ALA A 181 7.91 -38.53 14.75
CA ALA A 181 9.04 -37.78 15.39
C ALA A 181 9.96 -37.23 14.29
N PHE A 182 10.01 -37.88 13.12
CA PHE A 182 10.93 -37.56 12.01
C PHE A 182 10.18 -36.92 10.84
N PHE A 183 10.85 -35.98 10.19
CA PHE A 183 10.45 -35.41 8.89
C PHE A 183 11.70 -35.27 8.01
N SER A 184 11.48 -35.13 6.71
CA SER A 184 12.53 -34.96 5.68
C SER A 184 12.37 -33.59 5.03
N PHE A 185 13.42 -33.08 4.42
CA PHE A 185 13.39 -31.88 3.54
C PHE A 185 14.59 -31.91 2.61
N ILE A 186 14.54 -31.09 1.57
CA ILE A 186 15.68 -30.82 0.65
C ILE A 186 16.30 -29.49 1.08
N ASN A 187 17.62 -29.47 1.18
CA ASN A 187 18.44 -28.26 1.45
C ASN A 187 19.65 -28.32 0.54
N ASN A 188 19.85 -27.28 -0.28
CA ASN A 188 21.00 -27.15 -1.22
C ASN A 188 21.14 -28.45 -2.02
N SER A 189 20.04 -28.95 -2.59
CA SER A 189 19.99 -30.06 -3.58
C SER A 189 20.40 -31.40 -2.94
N ASP A 190 20.27 -31.55 -1.63
CA ASP A 190 20.52 -32.83 -0.92
C ASP A 190 19.39 -33.10 0.08
N LEU A 191 19.20 -34.38 0.39
CA LEU A 191 18.13 -34.89 1.27
C LEU A 191 18.61 -34.83 2.73
N TRP A 192 17.78 -34.27 3.60
CA TRP A 192 18.00 -34.18 5.07
C TRP A 192 16.84 -34.85 5.79
N VAL A 193 17.09 -35.31 7.00
CA VAL A 193 16.03 -35.68 7.99
C VAL A 193 16.29 -34.88 9.27
N ALA A 194 15.26 -34.73 10.07
CA ALA A 194 15.30 -34.01 11.36
C ALA A 194 14.30 -34.67 12.31
N ASN A 195 14.59 -34.59 13.60
CA ASN A 195 13.69 -35.02 14.69
C ASN A 195 12.96 -33.76 15.15
N ILE A 196 11.64 -33.73 14.99
CA ILE A 196 10.79 -32.53 15.26
C ILE A 196 10.70 -32.30 16.78
N GLU A 197 10.87 -33.36 17.58
CA GLU A 197 10.78 -33.33 19.06
C GLU A 197 12.09 -32.82 19.69
N THR A 198 13.24 -33.28 19.19
CA THR A 198 14.58 -33.00 19.77
C THR A 198 15.27 -31.83 19.03
N GLY A 199 14.90 -31.56 17.77
CA GLY A 199 15.52 -30.50 16.95
C GLY A 199 16.73 -31.00 16.17
N GLU A 200 17.18 -32.24 16.38
CA GLU A 200 18.37 -32.82 15.71
C GLU A 200 18.15 -32.87 14.19
N GLU A 201 19.12 -32.42 13.41
CA GLU A 201 19.14 -32.46 11.93
C GLU A 201 20.28 -33.35 11.45
N ARG A 202 20.11 -34.04 10.32
CA ARG A 202 21.17 -34.91 9.73
C ARG A 202 21.01 -34.93 8.21
N ARG A 203 22.09 -34.56 7.50
CA ARG A 203 22.19 -34.69 6.03
C ARG A 203 22.34 -36.17 5.68
N LEU A 204 21.56 -36.68 4.71
CA LEU A 204 21.59 -38.10 4.27
C LEU A 204 22.39 -38.24 2.98
N THR A 205 22.30 -37.29 2.04
CA THR A 205 22.96 -37.38 0.70
C THR A 205 23.99 -36.27 0.58
N PHE A 206 25.03 -36.53 -0.21
CA PHE A 206 26.24 -35.67 -0.35
C PHE A 206 26.56 -35.47 -1.84
N CYS A 207 25.54 -35.30 -2.68
N CYS A 207 25.56 -35.29 -2.70
CA CYS A 207 25.61 -35.06 -4.16
CA CYS A 207 25.77 -35.12 -4.17
C CYS A 207 26.13 -33.66 -4.47
C CYS A 207 26.09 -33.66 -4.51
N HIS A 208 25.62 -32.67 -3.73
CA HIS A 208 25.88 -31.22 -3.94
C HIS A 208 27.11 -30.85 -3.11
N GLN A 209 28.21 -30.53 -3.80
CA GLN A 209 29.52 -30.18 -3.17
C GLN A 209 29.43 -28.78 -2.55
N GLY A 210 28.55 -27.91 -3.08
CA GLY A 210 28.45 -26.49 -2.69
C GLY A 210 29.60 -25.66 -3.27
N LEU A 211 30.07 -25.99 -4.48
CA LEU A 211 31.18 -25.29 -5.18
C LEU A 211 30.74 -23.87 -5.53
N SER A 212 31.71 -22.96 -5.61
CA SER A 212 31.51 -21.52 -5.94
C SER A 212 30.88 -21.40 -7.33
N ASN A 213 31.43 -22.10 -8.34
CA ASN A 213 30.82 -22.24 -9.68
C ASN A 213 29.73 -23.32 -9.62
N VAL A 214 28.46 -22.92 -9.63
CA VAL A 214 27.25 -23.80 -9.58
C VAL A 214 27.24 -24.77 -10.78
N LEU A 215 27.79 -24.35 -11.92
CA LEU A 215 27.78 -25.15 -13.19
C LEU A 215 28.76 -26.33 -13.08
N ASP A 216 29.73 -26.28 -12.15
CA ASP A 216 30.65 -27.40 -11.84
C ASP A 216 30.04 -28.30 -10.76
N ASP A 217 28.83 -28.01 -10.28
CA ASP A 217 28.16 -28.71 -9.15
C ASP A 217 26.80 -29.24 -9.61
N PRO A 218 26.77 -30.20 -10.57
CA PRO A 218 25.56 -30.50 -11.33
C PRO A 218 24.66 -31.64 -10.84
N LYS A 219 24.96 -32.23 -9.67
CA LYS A 219 24.19 -33.35 -9.11
C LYS A 219 23.22 -32.84 -8.03
N SER A 220 22.04 -33.45 -7.96
CA SER A 220 21.06 -33.25 -6.86
CA SER A 220 21.03 -33.23 -6.88
C SER A 220 20.47 -34.59 -6.43
N ALA A 221 19.96 -34.65 -5.22
CA ALA A 221 19.26 -35.82 -4.64
C ALA A 221 17.91 -35.35 -4.11
N GLY A 222 16.84 -36.04 -4.47
CA GLY A 222 15.50 -35.80 -3.91
C GLY A 222 14.74 -34.72 -4.64
N VAL A 223 15.25 -34.26 -5.79
CA VAL A 223 14.74 -33.08 -6.53
C VAL A 223 14.20 -33.51 -7.90
N ALA A 224 12.97 -33.07 -8.20
CA ALA A 224 12.36 -33.11 -9.54
C ALA A 224 12.94 -31.96 -10.36
N THR A 225 13.59 -32.26 -11.48
CA THR A 225 14.22 -31.25 -12.38
C THR A 225 13.15 -30.54 -13.21
N PHE A 226 13.55 -29.53 -14.00
CA PHE A 226 12.64 -28.62 -14.72
C PHE A 226 11.58 -29.39 -15.53
N VAL A 227 12.02 -30.27 -16.44
CA VAL A 227 11.10 -30.98 -17.38
C VAL A 227 10.16 -31.91 -16.60
N ILE A 228 10.64 -32.51 -15.50
CA ILE A 228 9.81 -33.41 -14.64
C ILE A 228 8.68 -32.59 -14.01
N GLN A 229 8.98 -31.39 -13.52
CA GLN A 229 7.97 -30.49 -12.89
C GLN A 229 7.04 -29.95 -13.98
N GLU A 230 7.58 -29.42 -15.07
CA GLU A 230 6.80 -28.68 -16.09
C GLU A 230 6.01 -29.67 -16.97
N GLU A 231 6.56 -30.82 -17.32
CA GLU A 231 5.97 -31.71 -18.38
C GLU A 231 5.45 -33.05 -17.81
N PHE A 232 5.84 -33.45 -16.60
CA PHE A 232 5.38 -34.75 -16.01
C PHE A 232 4.60 -34.52 -14.71
N ASP A 233 4.36 -33.28 -14.27
CA ASP A 233 3.50 -32.98 -13.10
C ASP A 233 4.03 -33.69 -11.84
N ARG A 234 5.36 -33.85 -11.71
CA ARG A 234 6.00 -34.43 -10.50
C ARG A 234 6.88 -33.35 -9.86
N PHE A 235 6.61 -33.02 -8.60
CA PHE A 235 7.23 -31.90 -7.86
C PHE A 235 8.13 -32.42 -6.73
N THR A 236 8.32 -33.74 -6.61
CA THR A 236 9.19 -34.37 -5.57
C THR A 236 10.13 -35.37 -6.24
N GLY A 237 11.31 -35.57 -5.66
CA GLY A 237 12.28 -36.58 -6.12
C GLY A 237 12.64 -37.58 -5.03
N TYR A 238 11.81 -37.73 -4.01
CA TYR A 238 12.05 -38.70 -2.90
C TYR A 238 10.73 -39.18 -2.31
N TRP A 239 10.75 -40.37 -1.71
CA TRP A 239 9.56 -41.11 -1.21
C TRP A 239 9.94 -41.88 0.06
N TRP A 240 9.32 -41.53 1.18
CA TRP A 240 9.47 -42.27 2.47
C TRP A 240 9.02 -43.71 2.25
N CYS A 241 9.83 -44.67 2.70
CA CYS A 241 9.36 -46.04 3.00
C CYS A 241 8.36 -45.93 4.14
N PRO A 242 7.12 -46.48 4.01
CA PRO A 242 6.10 -46.32 5.04
C PRO A 242 6.34 -47.12 6.35
N THR A 243 7.29 -48.05 6.35
CA THR A 243 7.58 -48.98 7.47
C THR A 243 9.02 -48.80 7.95
N ALA A 244 9.23 -49.14 9.22
CA ALA A 244 10.54 -49.28 9.87
C ALA A 244 10.97 -50.75 9.78
N SER A 245 12.28 -51.01 9.85
CA SER A 245 12.88 -52.37 9.96
C SER A 245 13.91 -52.38 11.09
N TRP A 246 14.36 -53.57 11.50
CA TRP A 246 15.22 -53.79 12.69
C TRP A 246 16.36 -54.76 12.37
N GLU A 247 17.05 -54.57 11.25
CA GLU A 247 18.29 -55.32 10.89
C GLU A 247 19.47 -54.76 11.69
N GLY A 248 20.61 -55.45 11.69
CA GLY A 248 21.82 -55.06 12.43
C GLY A 248 21.96 -55.84 13.73
N SER A 249 22.65 -55.27 14.73
CA SER A 249 23.14 -55.99 15.93
C SER A 249 22.89 -55.20 17.25
N GLU A 250 22.11 -54.11 17.20
CA GLU A 250 21.71 -53.32 18.41
C GLU A 250 20.18 -53.18 18.41
N GLY A 251 19.63 -52.39 19.33
CA GLY A 251 18.19 -52.05 19.39
C GLY A 251 17.88 -50.86 18.51
N LEU A 252 18.48 -50.77 17.32
CA LEU A 252 18.34 -49.60 16.41
C LEU A 252 17.24 -49.89 15.39
N LYS A 253 16.45 -48.86 15.09
CA LYS A 253 15.35 -48.88 14.10
C LYS A 253 15.87 -48.25 12.81
N THR A 254 15.70 -48.93 11.67
CA THR A 254 16.07 -48.43 10.33
C THR A 254 14.84 -47.80 9.66
N LEU A 255 15.01 -46.55 9.22
CA LEU A 255 14.05 -45.81 8.34
C LEU A 255 14.72 -45.58 6.99
N ARG A 256 13.92 -45.57 5.90
CA ARG A 256 14.40 -45.62 4.50
C ARG A 256 13.69 -44.55 3.66
N ILE A 257 14.43 -43.92 2.75
CA ILE A 257 13.88 -42.98 1.73
C ILE A 257 14.42 -43.41 0.36
N LEU A 258 13.52 -43.73 -0.57
CA LEU A 258 13.85 -43.84 -2.01
C LEU A 258 14.04 -42.42 -2.53
N TYR A 259 15.05 -42.17 -3.36
CA TYR A 259 15.26 -40.83 -3.96
C TYR A 259 15.86 -40.98 -5.35
N GLU A 260 15.55 -39.99 -6.19
CA GLU A 260 16.15 -39.83 -7.54
C GLU A 260 17.40 -38.96 -7.39
N GLU A 261 18.56 -39.50 -7.78
CA GLU A 261 19.79 -38.72 -8.00
C GLU A 261 19.83 -38.33 -9.47
N VAL A 262 20.09 -37.06 -9.76
CA VAL A 262 20.21 -36.57 -11.16
C VAL A 262 21.60 -35.94 -11.31
N ASP A 263 22.15 -36.04 -12.51
CA ASP A 263 23.37 -35.31 -12.94
C ASP A 263 22.97 -34.49 -14.17
N GLU A 264 22.97 -33.15 -14.04
CA GLU A 264 22.54 -32.22 -15.13
C GLU A 264 23.76 -31.67 -15.91
N SER A 265 24.95 -32.27 -15.75
N SER A 265 24.95 -32.27 -15.75
CA SER A 265 26.24 -31.86 -16.36
CA SER A 265 26.23 -31.81 -16.35
C SER A 265 26.07 -31.55 -17.85
C SER A 265 26.07 -31.54 -17.86
N GLU A 266 25.43 -32.47 -18.59
CA GLU A 266 25.33 -32.44 -20.07
C GLU A 266 24.07 -31.67 -20.52
N VAL A 267 23.22 -31.22 -19.60
CA VAL A 267 21.98 -30.48 -19.95
C VAL A 267 22.37 -29.05 -20.30
N GLU A 268 21.83 -28.54 -21.41
CA GLU A 268 22.10 -27.15 -21.88
C GLU A 268 21.59 -26.15 -20.85
N VAL A 269 22.34 -25.05 -20.69
CA VAL A 269 22.05 -23.94 -19.74
C VAL A 269 21.50 -22.79 -20.56
N ILE A 270 20.39 -22.21 -20.10
CA ILE A 270 19.81 -20.96 -20.66
C ILE A 270 19.62 -19.98 -19.50
N HIS A 271 19.57 -18.69 -19.82
CA HIS A 271 19.38 -17.59 -18.87
C HIS A 271 18.00 -16.97 -19.11
N VAL A 272 17.23 -16.75 -18.05
CA VAL A 272 15.91 -16.05 -18.10
C VAL A 272 15.98 -14.88 -17.13
N PRO A 273 15.55 -13.66 -17.53
CA PRO A 273 15.53 -12.52 -16.63
C PRO A 273 14.83 -12.82 -15.30
N SER A 274 15.42 -12.34 -14.21
CA SER A 274 14.87 -12.42 -12.83
CA SER A 274 14.87 -12.43 -12.83
C SER A 274 13.78 -11.37 -12.65
N PRO A 275 12.75 -11.61 -11.80
CA PRO A 275 11.69 -10.63 -11.56
C PRO A 275 12.11 -9.32 -10.88
N ALA A 276 13.26 -9.26 -10.21
CA ALA A 276 13.85 -8.00 -9.70
C ALA A 276 14.50 -7.26 -10.88
N LEU A 277 13.69 -6.63 -11.75
CA LEU A 277 14.12 -6.04 -13.05
C LEU A 277 15.26 -5.05 -12.82
N GLU A 278 15.18 -4.23 -11.74
CA GLU A 278 16.18 -3.20 -11.39
C GLU A 278 17.59 -3.80 -11.19
N GLU A 279 17.71 -5.08 -10.85
CA GLU A 279 19.03 -5.75 -10.64
C GLU A 279 19.64 -6.15 -12.00
N ARG A 280 18.82 -6.19 -13.08
CA ARG A 280 19.27 -6.46 -14.47
CA ARG A 280 19.27 -6.46 -14.47
C ARG A 280 20.08 -7.77 -14.52
N LYS A 281 19.58 -8.82 -13.85
CA LYS A 281 20.22 -10.16 -13.81
C LYS A 281 19.26 -11.22 -14.35
N THR A 282 19.80 -12.41 -14.61
CA THR A 282 19.08 -13.61 -15.05
C THR A 282 19.34 -14.73 -14.04
N ASP A 283 18.43 -15.71 -14.02
CA ASP A 283 18.63 -17.03 -13.36
C ASP A 283 19.05 -18.02 -14.45
N SER A 284 19.92 -18.98 -14.08
CA SER A 284 20.36 -20.08 -14.98
C SER A 284 19.41 -21.26 -14.80
N TYR A 285 18.99 -21.86 -15.91
CA TYR A 285 18.09 -23.05 -15.97
C TYR A 285 18.81 -24.14 -16.77
N ARG A 286 18.78 -25.36 -16.26
CA ARG A 286 19.13 -26.58 -17.03
C ARG A 286 17.90 -26.94 -17.86
N TYR A 287 17.82 -26.40 -19.09
CA TYR A 287 16.64 -26.48 -19.98
C TYR A 287 16.96 -27.45 -21.11
N PRO A 288 16.48 -28.72 -21.06
CA PRO A 288 16.70 -29.67 -22.14
C PRO A 288 15.79 -29.27 -23.31
N ARG A 289 16.35 -28.60 -24.33
CA ARG A 289 15.59 -28.34 -25.58
C ARG A 289 15.45 -29.69 -26.31
N THR A 290 14.34 -29.85 -27.05
CA THR A 290 14.02 -31.07 -27.83
C THR A 290 15.26 -31.53 -28.61
N GLY A 291 15.59 -32.82 -28.53
CA GLY A 291 16.73 -33.43 -29.25
C GLY A 291 18.03 -33.39 -28.46
N SER A 292 18.14 -32.57 -27.41
CA SER A 292 19.36 -32.41 -26.58
C SER A 292 19.25 -33.32 -25.33
N LYS A 293 20.31 -33.36 -24.53
CA LYS A 293 20.46 -34.32 -23.40
C LYS A 293 19.50 -33.97 -22.26
N ASN A 294 18.74 -34.96 -21.81
CA ASN A 294 18.01 -34.93 -20.50
C ASN A 294 19.03 -35.23 -19.40
N PRO A 295 18.71 -34.93 -18.12
CA PRO A 295 19.60 -35.30 -17.02
C PRO A 295 19.87 -36.82 -16.98
N LYS A 296 21.05 -37.21 -16.52
CA LYS A 296 21.37 -38.62 -16.16
C LYS A 296 20.72 -38.90 -14.81
N ILE A 297 19.96 -39.99 -14.69
CA ILE A 297 19.09 -40.27 -13.50
C ILE A 297 19.42 -41.65 -12.94
N ALA A 298 19.17 -41.83 -11.66
CA ALA A 298 19.26 -43.12 -10.95
C ALA A 298 18.33 -43.07 -9.73
N LEU A 299 17.73 -44.20 -9.37
CA LEU A 299 17.05 -44.37 -8.07
C LEU A 299 18.09 -44.91 -7.09
N LYS A 300 18.13 -44.32 -5.90
CA LYS A 300 19.03 -44.70 -4.79
C LYS A 300 18.18 -44.79 -3.53
N LEU A 301 18.78 -45.32 -2.48
CA LEU A 301 18.12 -45.54 -1.18
C LEU A 301 18.98 -44.89 -0.10
N ALA A 302 18.40 -43.95 0.64
CA ALA A 302 18.98 -43.36 1.86
C ALA A 302 18.38 -44.10 3.05
N GLU A 303 19.24 -44.60 3.94
CA GLU A 303 18.84 -45.27 5.20
C GLU A 303 19.49 -44.53 6.37
N PHE A 304 18.80 -44.50 7.51
CA PHE A 304 19.38 -44.03 8.79
C PHE A 304 18.80 -44.89 9.93
N GLN A 305 19.57 -45.02 11.01
N GLN A 305 19.56 -45.01 11.02
CA GLN A 305 19.17 -45.76 12.24
CA GLN A 305 19.17 -45.77 12.23
C GLN A 305 18.89 -44.77 13.36
C GLN A 305 18.90 -44.78 13.37
N THR A 306 17.87 -45.06 14.17
CA THR A 306 17.48 -44.25 15.36
CA THR A 306 17.52 -44.26 15.36
C THR A 306 17.52 -45.17 16.59
N ASP A 307 17.90 -44.62 17.75
CA ASP A 307 17.88 -45.33 19.06
C ASP A 307 16.53 -45.05 19.73
N SER A 308 16.33 -45.58 20.93
CA SER A 308 15.08 -45.44 21.74
C SER A 308 14.81 -43.98 22.13
N GLN A 309 15.83 -43.13 22.18
CA GLN A 309 15.73 -41.68 22.49
C GLN A 309 15.45 -40.85 21.22
N GLY A 310 15.37 -41.49 20.04
CA GLY A 310 15.11 -40.80 18.76
C GLY A 310 16.34 -40.08 18.22
N LYS A 311 17.53 -40.43 18.68
CA LYS A 311 18.82 -39.87 18.19
C LYS A 311 19.17 -40.57 16.88
N ILE A 312 19.59 -39.83 15.85
CA ILE A 312 20.01 -40.37 14.52
C ILE A 312 21.46 -40.84 14.68
N VAL A 313 21.67 -42.16 14.76
CA VAL A 313 22.95 -42.81 15.17
C VAL A 313 23.86 -42.99 13.95
N SER A 314 23.29 -43.27 12.78
CA SER A 314 24.06 -43.63 11.57
C SER A 314 23.20 -43.44 10.32
N THR A 315 23.86 -43.21 9.20
CA THR A 315 23.24 -42.98 7.86
C THR A 315 24.02 -43.80 6.82
N GLN A 316 23.36 -44.14 5.72
CA GLN A 316 23.95 -44.90 4.60
C GLN A 316 23.31 -44.45 3.28
N GLU A 317 24.14 -44.12 2.30
CA GLU A 317 23.74 -43.98 0.88
C GLU A 317 23.90 -45.34 0.22
N LYS A 318 22.82 -45.88 -0.36
CA LYS A 318 22.82 -47.16 -1.08
C LYS A 318 22.41 -46.91 -2.53
N GLU A 319 22.98 -47.71 -3.44
CA GLU A 319 22.79 -47.60 -4.91
C GLU A 319 22.54 -49.00 -5.47
N LEU A 320 21.94 -49.07 -6.65
CA LEU A 320 21.63 -50.36 -7.33
C LEU A 320 22.93 -51.14 -7.52
N VAL A 321 22.87 -52.45 -7.27
CA VAL A 321 24.06 -53.36 -7.28
C VAL A 321 24.72 -53.29 -8.66
N GLN A 322 23.93 -53.17 -9.74
CA GLN A 322 24.40 -52.82 -11.11
C GLN A 322 23.87 -51.43 -11.43
N PRO A 323 24.60 -50.58 -12.18
CA PRO A 323 24.13 -49.23 -12.49
C PRO A 323 22.71 -49.21 -13.10
N PHE A 324 21.94 -48.19 -12.74
CA PHE A 324 20.60 -47.89 -13.31
C PHE A 324 20.63 -48.01 -14.84
N SER A 325 21.67 -47.46 -15.48
CA SER A 325 21.83 -47.42 -16.96
C SER A 325 22.06 -48.82 -17.53
N SER A 326 22.62 -49.77 -16.75
CA SER A 326 22.83 -51.18 -17.14
C SER A 326 21.53 -51.97 -17.00
N LEU A 327 20.85 -51.84 -15.86
CA LEU A 327 19.61 -52.59 -15.55
C LEU A 327 18.47 -52.13 -16.46
N PHE A 328 18.38 -50.82 -16.71
CA PHE A 328 17.23 -50.16 -17.36
C PHE A 328 17.74 -49.26 -18.49
N PRO A 329 18.35 -49.84 -19.54
CA PRO A 329 19.08 -49.05 -20.53
C PRO A 329 18.22 -48.16 -21.45
N LYS A 330 16.92 -48.44 -21.58
CA LYS A 330 16.01 -47.67 -22.47
C LYS A 330 15.22 -46.62 -21.66
N VAL A 331 15.44 -46.50 -20.35
CA VAL A 331 14.71 -45.54 -19.49
C VAL A 331 15.30 -44.14 -19.66
N GLU A 332 14.50 -43.17 -20.09
CA GLU A 332 14.84 -41.73 -20.19
C GLU A 332 14.33 -40.99 -18.96
N TYR A 333 13.11 -41.29 -18.49
CA TYR A 333 12.42 -40.55 -17.42
C TYR A 333 11.88 -41.50 -16.34
N ILE A 334 11.95 -41.05 -15.08
CA ILE A 334 11.15 -41.59 -13.94
C ILE A 334 9.90 -40.70 -13.85
N ALA A 335 8.75 -41.21 -14.26
CA ALA A 335 7.47 -40.47 -14.22
C ALA A 335 7.04 -40.36 -12.76
N ARG A 336 7.02 -41.49 -12.05
CA ARG A 336 6.47 -41.63 -10.70
C ARG A 336 7.28 -42.67 -9.95
N ALA A 337 7.23 -42.63 -8.63
CA ALA A 337 7.79 -43.69 -7.77
C ALA A 337 7.05 -43.71 -6.43
N GLY A 338 7.31 -44.76 -5.65
CA GLY A 338 6.77 -44.89 -4.30
C GLY A 338 7.16 -46.22 -3.68
N TRP A 339 6.33 -46.72 -2.78
CA TRP A 339 6.52 -48.00 -2.04
C TRP A 339 5.21 -48.76 -2.01
N THR A 340 5.29 -50.08 -1.93
CA THR A 340 4.17 -50.95 -1.45
C THR A 340 3.93 -50.57 0.02
N ARG A 341 2.70 -50.72 0.52
CA ARG A 341 2.27 -50.23 1.86
C ARG A 341 3.03 -50.95 2.98
N ASP A 342 3.50 -52.18 2.72
CA ASP A 342 4.29 -53.00 3.69
C ASP A 342 5.78 -52.63 3.62
N GLY A 343 6.20 -51.77 2.67
CA GLY A 343 7.62 -51.38 2.51
C GLY A 343 8.49 -52.48 1.90
N LYS A 344 7.88 -53.58 1.42
CA LYS A 344 8.61 -54.75 0.88
C LYS A 344 9.27 -54.37 -0.45
N TYR A 345 8.63 -53.54 -1.28
CA TYR A 345 9.18 -53.05 -2.56
C TYR A 345 9.06 -51.53 -2.67
N ALA A 346 10.14 -50.89 -3.13
CA ALA A 346 10.04 -49.61 -3.85
C ALA A 346 9.45 -49.91 -5.24
N TRP A 347 8.76 -48.94 -5.85
CA TRP A 347 8.30 -49.08 -7.25
C TRP A 347 8.60 -47.78 -8.01
N ALA A 348 8.73 -47.88 -9.32
CA ALA A 348 8.98 -46.76 -10.24
C ALA A 348 8.20 -46.97 -11.53
N MET A 349 7.74 -45.86 -12.12
CA MET A 349 7.13 -45.82 -13.46
C MET A 349 8.18 -45.23 -14.40
N PHE A 350 8.72 -46.05 -15.30
CA PHE A 350 9.81 -45.68 -16.24
C PHE A 350 9.22 -45.41 -17.62
N LEU A 351 9.69 -44.35 -18.28
CA LEU A 351 9.35 -44.02 -19.71
C LEU A 351 10.62 -44.10 -20.54
N ASP A 352 10.50 -44.60 -21.77
CA ASP A 352 11.58 -44.47 -22.79
C ASP A 352 11.54 -43.03 -23.33
N ARG A 353 12.55 -42.64 -24.09
CA ARG A 353 12.68 -41.25 -24.61
C ARG A 353 11.53 -40.96 -25.57
N PRO A 354 11.15 -41.85 -26.52
CA PRO A 354 9.96 -41.63 -27.36
C PRO A 354 8.62 -41.53 -26.61
N GLN A 355 8.59 -41.89 -25.32
CA GLN A 355 7.39 -41.87 -24.44
C GLN A 355 6.28 -42.72 -25.08
N GLN A 356 6.64 -43.89 -25.63
CA GLN A 356 5.70 -44.88 -26.21
C GLN A 356 5.78 -46.22 -25.47
N TRP A 357 6.59 -46.29 -24.42
CA TRP A 357 6.87 -47.53 -23.65
C TRP A 357 7.03 -47.16 -22.17
N LEU A 358 6.10 -47.62 -21.34
CA LEU A 358 6.10 -47.42 -19.87
C LEU A 358 6.29 -48.79 -19.22
N GLN A 359 7.11 -48.84 -18.17
CA GLN A 359 7.24 -50.03 -17.29
C GLN A 359 6.98 -49.60 -15.85
N LEU A 360 6.13 -50.37 -15.16
N LEU A 360 6.17 -50.40 -15.16
CA LEU A 360 5.97 -50.35 -13.68
CA LEU A 360 5.96 -50.37 -13.70
C LEU A 360 6.90 -51.42 -13.09
C LEU A 360 6.89 -51.43 -13.08
N VAL A 361 7.91 -51.00 -12.33
CA VAL A 361 9.03 -51.88 -11.87
C VAL A 361 9.08 -51.86 -10.35
N LEU A 362 9.02 -53.04 -9.71
CA LEU A 362 9.30 -53.20 -8.27
C LEU A 362 10.82 -53.31 -8.06
N LEU A 363 11.33 -52.64 -7.04
CA LEU A 363 12.77 -52.67 -6.65
C LEU A 363 12.84 -53.02 -5.17
N PRO A 364 13.26 -54.25 -4.80
CA PRO A 364 13.42 -54.60 -3.39
C PRO A 364 14.61 -53.84 -2.81
N PRO A 365 14.54 -53.38 -1.53
CA PRO A 365 15.69 -52.73 -0.88
C PRO A 365 17.00 -53.53 -0.94
N ALA A 366 16.93 -54.87 -0.94
CA ALA A 366 18.10 -55.78 -0.97
C ALA A 366 18.89 -55.64 -2.29
N LEU A 367 18.27 -55.09 -3.35
CA LEU A 367 18.96 -54.82 -4.65
C LEU A 367 19.90 -53.60 -4.54
N PHE A 368 19.77 -52.79 -3.49
CA PHE A 368 20.63 -51.61 -3.23
C PHE A 368 21.73 -52.01 -2.25
N ILE A 369 22.97 -51.61 -2.53
CA ILE A 369 24.17 -51.91 -1.69
C ILE A 369 24.83 -50.59 -1.30
N PRO A 370 25.63 -50.55 -0.20
CA PRO A 370 26.31 -49.33 0.20
C PRO A 370 27.18 -48.76 -0.91
N SER A 371 27.08 -47.45 -1.18
CA SER A 371 27.99 -46.71 -2.10
C SER A 371 29.39 -46.68 -1.47
N THR A 372 30.43 -46.93 -2.27
CA THR A 372 31.84 -46.97 -1.79
C THR A 372 32.81 -46.75 -2.95
N GLU A 373 33.97 -46.16 -2.67
CA GLU A 373 35.11 -46.04 -3.62
C GLU A 373 35.96 -47.32 -3.55
N ASN A 374 35.86 -48.06 -2.44
CA ASN A 374 36.62 -49.32 -2.19
C ASN A 374 36.03 -50.45 -3.05
N GLU A 375 36.73 -50.84 -4.11
CA GLU A 375 36.27 -51.85 -5.10
C GLU A 375 36.10 -53.23 -4.45
N GLU A 376 36.95 -53.57 -3.46
CA GLU A 376 36.91 -54.87 -2.73
C GLU A 376 35.63 -54.95 -1.89
N GLN A 377 35.28 -53.86 -1.20
CA GLN A 377 34.04 -53.76 -0.38
C GLN A 377 32.82 -53.86 -1.29
N ARG A 378 32.84 -53.17 -2.44
CA ARG A 378 31.70 -53.14 -3.41
C ARG A 378 31.45 -54.55 -3.96
N LEU A 379 32.52 -55.26 -4.37
CA LEU A 379 32.44 -56.65 -4.90
C LEU A 379 31.85 -57.58 -3.83
N ALA A 380 32.32 -57.46 -2.58
CA ALA A 380 31.83 -58.26 -1.44
C ALA A 380 30.32 -58.02 -1.26
N SER A 381 29.89 -56.75 -1.26
CA SER A 381 28.46 -56.34 -1.16
C SER A 381 27.66 -56.94 -2.31
N ALA A 382 28.15 -56.83 -3.55
CA ALA A 382 27.47 -57.31 -4.77
C ALA A 382 27.29 -58.83 -4.73
N ARG A 383 28.35 -59.53 -4.29
CA ARG A 383 28.36 -61.02 -4.17
C ARG A 383 27.34 -61.46 -3.10
N ALA A 384 27.10 -60.66 -2.07
CA ALA A 384 26.20 -60.94 -0.93
C ALA A 384 24.72 -60.71 -1.30
N VAL A 385 24.40 -60.06 -2.44
CA VAL A 385 22.98 -59.87 -2.87
C VAL A 385 22.42 -61.24 -3.22
N PRO A 386 21.33 -61.71 -2.56
CA PRO A 386 20.76 -63.02 -2.85
C PRO A 386 20.36 -63.20 -4.32
N ARG A 387 20.47 -64.43 -4.82
CA ARG A 387 20.23 -64.77 -6.26
C ARG A 387 18.78 -64.47 -6.64
N ASN A 388 17.83 -64.61 -5.72
CA ASN A 388 16.38 -64.48 -6.01
C ASN A 388 15.91 -63.01 -5.87
N VAL A 389 16.81 -62.08 -5.53
CA VAL A 389 16.52 -60.61 -5.48
C VAL A 389 16.66 -60.05 -6.90
N GLN A 390 15.66 -59.32 -7.38
CA GLN A 390 15.69 -58.72 -8.74
C GLN A 390 14.63 -57.65 -8.85
N PRO A 391 14.73 -56.77 -9.87
CA PRO A 391 13.61 -55.97 -10.31
C PRO A 391 12.50 -56.86 -10.88
N TYR A 392 11.25 -56.44 -10.74
CA TYR A 392 10.05 -57.09 -11.35
C TYR A 392 9.28 -56.05 -12.16
N VAL A 393 9.23 -56.23 -13.48
CA VAL A 393 8.34 -55.45 -14.37
C VAL A 393 6.94 -56.08 -14.27
N VAL A 394 6.09 -55.51 -13.41
CA VAL A 394 4.75 -56.05 -13.08
C VAL A 394 3.72 -55.55 -14.10
N TYR A 395 4.07 -54.52 -14.89
CA TYR A 395 3.16 -53.95 -15.90
C TYR A 395 3.94 -53.16 -16.94
N GLU A 396 3.46 -53.25 -18.18
CA GLU A 396 4.10 -52.65 -19.37
C GLU A 396 2.99 -52.09 -20.25
N GLU A 397 3.10 -50.81 -20.61
CA GLU A 397 2.15 -50.09 -21.48
C GLU A 397 2.91 -49.64 -22.74
N VAL A 398 2.42 -50.04 -23.91
CA VAL A 398 3.06 -49.76 -25.24
C VAL A 398 1.97 -49.16 -26.15
N THR A 399 2.36 -48.20 -26.97
CA THR A 399 1.44 -47.47 -27.89
C THR A 399 2.22 -46.96 -29.12
N ASN A 400 1.53 -46.73 -30.22
CA ASN A 400 2.08 -46.03 -31.42
C ASN A 400 1.65 -44.55 -31.39
N VAL A 401 0.93 -44.12 -30.34
CA VAL A 401 0.55 -42.68 -30.12
C VAL A 401 1.56 -42.12 -29.09
N TRP A 402 1.20 -41.98 -27.81
CA TRP A 402 2.14 -41.65 -26.71
C TRP A 402 1.55 -42.11 -25.39
N ILE A 403 2.40 -42.33 -24.39
CA ILE A 403 1.97 -42.62 -22.99
C ILE A 403 1.67 -41.28 -22.32
N ASN A 404 0.43 -41.06 -21.90
CA ASN A 404 0.07 -40.04 -20.89
C ASN A 404 0.36 -40.68 -19.52
N VAL A 405 1.13 -40.01 -18.67
CA VAL A 405 1.44 -40.48 -17.29
C VAL A 405 0.15 -40.36 -16.48
N HIS A 406 -0.42 -41.51 -16.07
CA HIS A 406 -1.59 -41.63 -15.18
C HIS A 406 -1.08 -41.99 -13.78
N ASP A 407 -1.61 -41.33 -12.75
CA ASP A 407 -1.10 -41.37 -11.35
C ASP A 407 -1.65 -42.60 -10.61
N ILE A 408 -2.64 -43.28 -11.18
CA ILE A 408 -3.42 -44.36 -10.48
C ILE A 408 -2.63 -45.67 -10.57
N PHE A 409 -2.02 -46.06 -9.46
CA PHE A 409 -1.41 -47.39 -9.21
C PHE A 409 -1.64 -47.72 -7.73
N TYR A 410 -2.44 -48.74 -7.43
CA TYR A 410 -2.79 -49.15 -6.05
C TYR A 410 -2.39 -50.60 -5.83
N PRO A 411 -1.18 -50.87 -5.31
CA PRO A 411 -0.78 -52.24 -4.97
C PRO A 411 -1.45 -52.72 -3.67
N PHE A 412 -2.07 -53.89 -3.70
CA PHE A 412 -2.64 -54.56 -2.50
C PHE A 412 -1.46 -55.23 -1.78
N PRO A 413 -1.38 -55.12 -0.44
CA PRO A 413 -0.27 -55.73 0.29
C PRO A 413 -0.25 -57.24 0.09
N GLN A 414 0.95 -57.81 -0.03
CA GLN A 414 1.18 -59.25 -0.28
C GLN A 414 1.08 -60.01 1.04
N SER A 415 0.64 -61.26 0.97
CA SER A 415 0.80 -62.29 2.03
C SER A 415 2.27 -62.73 2.09
N GLU A 416 2.72 -63.15 3.27
CA GLU A 416 4.07 -63.75 3.47
C GLU A 416 4.17 -65.02 2.61
N GLY A 417 5.25 -65.15 1.83
CA GLY A 417 5.50 -66.30 0.93
C GLY A 417 4.63 -66.30 -0.33
N GLU A 418 3.98 -65.19 -0.66
CA GLU A 418 3.13 -65.04 -1.88
C GLU A 418 4.01 -64.53 -3.02
N ASP A 419 4.06 -65.26 -4.12
CA ASP A 419 4.91 -64.95 -5.31
C ASP A 419 4.02 -64.32 -6.39
N GLU A 420 3.11 -63.42 -5.98
N GLU A 420 3.11 -63.44 -5.98
CA GLU A 420 2.24 -62.65 -6.89
CA GLU A 420 2.23 -62.67 -6.88
C GLU A 420 1.97 -61.30 -6.23
C GLU A 420 1.98 -61.30 -6.24
N LEU A 421 1.63 -60.29 -7.06
CA LEU A 421 1.22 -58.94 -6.61
C LEU A 421 -0.09 -58.61 -7.34
N CYS A 422 -1.12 -58.25 -6.59
CA CYS A 422 -2.39 -57.72 -7.13
C CYS A 422 -2.38 -56.19 -7.01
N PHE A 423 -2.81 -55.49 -8.05
CA PHE A 423 -2.87 -54.00 -8.04
C PHE A 423 -3.97 -53.47 -8.96
N LEU A 424 -4.49 -52.30 -8.62
CA LEU A 424 -5.35 -51.47 -9.51
C LEU A 424 -4.43 -50.55 -10.31
N ARG A 425 -4.74 -50.40 -11.60
CA ARG A 425 -3.95 -49.58 -12.55
C ARG A 425 -4.93 -48.92 -13.53
N ALA A 426 -4.81 -47.60 -13.71
CA ALA A 426 -5.42 -46.87 -14.83
C ALA A 426 -4.55 -47.08 -16.06
N ASN A 427 -5.14 -47.54 -17.16
CA ASN A 427 -4.43 -47.90 -18.42
C ASN A 427 -5.27 -47.34 -19.59
N GLU A 428 -4.64 -46.51 -20.42
CA GLU A 428 -5.26 -45.87 -21.60
C GLU A 428 -4.85 -46.59 -22.89
N CYS A 429 -3.62 -47.08 -22.99
CA CYS A 429 -3.06 -47.61 -24.25
C CYS A 429 -3.77 -48.91 -24.66
N LYS A 430 -4.30 -49.68 -23.70
CA LYS A 430 -4.93 -51.00 -24.01
C LYS A 430 -6.10 -50.81 -24.99
N THR A 431 -7.04 -49.92 -24.68
CA THR A 431 -8.28 -49.70 -25.48
C THR A 431 -8.29 -48.33 -26.17
N GLY A 432 -7.39 -47.40 -25.83
CA GLY A 432 -7.42 -46.01 -26.33
C GLY A 432 -8.24 -45.10 -25.43
N PHE A 433 -8.81 -45.62 -24.34
CA PHE A 433 -9.55 -44.84 -23.31
C PHE A 433 -9.04 -45.25 -21.93
N CYS A 434 -8.85 -44.28 -21.04
CA CYS A 434 -8.27 -44.50 -19.69
C CYS A 434 -9.29 -45.26 -18.84
N HIS A 435 -8.98 -46.49 -18.44
CA HIS A 435 -9.89 -47.37 -17.66
C HIS A 435 -9.16 -48.05 -16.49
N LEU A 436 -9.90 -48.48 -15.49
CA LEU A 436 -9.37 -49.16 -14.28
C LEU A 436 -9.31 -50.66 -14.54
N TYR A 437 -8.17 -51.28 -14.23
CA TYR A 437 -7.92 -52.73 -14.33
C TYR A 437 -7.42 -53.25 -12.98
N LYS A 438 -7.91 -54.43 -12.56
CA LYS A 438 -7.33 -55.19 -11.44
C LYS A 438 -6.41 -56.23 -12.03
N VAL A 439 -5.10 -56.11 -11.78
CA VAL A 439 -4.03 -56.91 -12.42
C VAL A 439 -3.39 -57.79 -11.33
N THR A 440 -3.12 -59.05 -11.65
CA THR A 440 -2.30 -59.97 -10.83
C THR A 440 -1.09 -60.40 -11.65
N ALA A 441 0.10 -60.01 -11.17
CA ALA A 441 1.40 -60.35 -11.77
C ALA A 441 2.04 -61.47 -10.96
N VAL A 442 2.79 -62.37 -11.61
CA VAL A 442 3.55 -63.46 -10.95
C VAL A 442 5.00 -62.99 -10.76
N LEU A 443 5.49 -63.02 -9.53
CA LEU A 443 6.86 -62.57 -9.17
C LEU A 443 7.70 -63.81 -8.83
N LYS A 444 8.36 -64.39 -9.83
CA LYS A 444 9.26 -65.58 -9.66
C LYS A 444 10.66 -65.23 -10.17
N SER A 445 11.71 -65.61 -9.43
CA SER A 445 13.13 -65.44 -9.83
C SER A 445 13.74 -66.78 -10.27
N GLN A 446 14.40 -66.81 -11.44
N GLN A 446 14.39 -66.81 -11.44
CA GLN A 446 15.30 -67.92 -11.86
CA GLN A 446 15.30 -67.90 -11.88
C GLN A 446 16.77 -67.60 -11.54
C GLN A 446 16.77 -67.60 -11.53
N GLY A 447 17.03 -66.58 -10.70
CA GLY A 447 18.36 -66.35 -10.11
C GLY A 447 19.24 -65.46 -10.97
N TYR A 448 20.00 -64.58 -10.31
CA TYR A 448 21.04 -63.69 -10.88
C TYR A 448 22.28 -63.69 -10.00
N ASP A 449 23.47 -63.68 -10.62
CA ASP A 449 24.76 -63.33 -9.98
C ASP A 449 25.00 -61.83 -10.20
N TRP A 450 24.76 -61.02 -9.17
CA TRP A 450 24.82 -59.53 -9.26
C TRP A 450 26.27 -59.02 -9.26
N SER A 451 27.25 -59.86 -8.88
CA SER A 451 28.70 -59.53 -8.95
C SER A 451 29.20 -59.56 -10.40
N GLU A 452 28.51 -60.30 -11.29
CA GLU A 452 28.87 -60.50 -12.71
C GLU A 452 28.28 -59.36 -13.55
N PRO A 453 29.00 -58.84 -14.58
CA PRO A 453 28.50 -57.69 -15.36
C PRO A 453 27.21 -58.05 -16.10
N PHE A 454 26.29 -57.10 -16.18
CA PHE A 454 24.85 -57.33 -16.49
C PHE A 454 24.50 -56.72 -17.85
N SER A 455 23.84 -57.50 -18.71
CA SER A 455 23.23 -57.05 -19.98
C SER A 455 21.81 -57.63 -20.11
N PRO A 456 20.73 -56.84 -19.91
CA PRO A 456 19.38 -57.36 -19.95
C PRO A 456 18.99 -57.75 -21.38
N GLY A 457 18.30 -58.89 -21.53
CA GLY A 457 17.65 -59.29 -22.80
C GLY A 457 16.33 -58.55 -23.00
N GLU A 458 15.67 -58.79 -24.13
CA GLU A 458 14.24 -58.40 -24.35
C GLU A 458 13.40 -59.10 -23.26
N ASP A 459 12.55 -58.33 -22.57
CA ASP A 459 11.61 -58.83 -21.54
C ASP A 459 12.35 -59.38 -20.31
N GLU A 460 13.58 -58.90 -20.04
CA GLU A 460 14.28 -59.10 -18.75
C GLU A 460 13.37 -58.54 -17.65
N PHE A 461 13.13 -59.32 -16.60
CA PHE A 461 12.36 -58.95 -15.38
C PHE A 461 10.85 -58.94 -15.64
N LYS A 462 10.39 -59.27 -16.86
CA LYS A 462 8.95 -59.20 -17.23
C LYS A 462 8.19 -60.29 -16.48
N CYS A 463 7.14 -59.90 -15.75
CA CYS A 463 6.27 -60.81 -14.97
C CYS A 463 5.14 -61.32 -15.85
N PRO A 464 4.84 -62.65 -15.84
CA PRO A 464 3.58 -63.15 -16.37
C PRO A 464 2.40 -62.46 -15.66
N ILE A 465 1.37 -62.12 -16.42
CA ILE A 465 0.06 -61.62 -15.91
C ILE A 465 -0.89 -62.80 -15.78
N LYS A 466 -1.22 -63.17 -14.55
CA LYS A 466 -2.14 -64.28 -14.22
C LYS A 466 -3.59 -63.86 -14.54
N GLU A 467 -3.93 -62.60 -14.26
CA GLU A 467 -5.32 -62.08 -14.33
C GLU A 467 -5.29 -60.58 -14.61
N GLU A 468 -6.19 -60.10 -15.46
CA GLU A 468 -6.41 -58.66 -15.72
C GLU A 468 -7.90 -58.43 -15.96
N ILE A 469 -8.59 -57.92 -14.94
CA ILE A 469 -10.05 -57.63 -14.95
C ILE A 469 -10.23 -56.14 -15.29
N ALA A 470 -10.98 -55.82 -16.34
CA ALA A 470 -11.46 -54.45 -16.61
C ALA A 470 -12.56 -54.12 -15.60
N LEU A 471 -12.33 -53.16 -14.71
CA LEU A 471 -13.37 -52.68 -13.75
C LEU A 471 -14.26 -51.65 -14.45
N THR A 472 -13.74 -50.95 -15.46
CA THR A 472 -14.48 -49.94 -16.26
C THR A 472 -14.16 -50.16 -17.74
N SER A 473 -15.08 -49.78 -18.62
CA SER A 473 -14.90 -49.88 -20.10
C SER A 473 -15.84 -48.92 -20.81
N GLY A 474 -15.55 -48.65 -22.09
CA GLY A 474 -16.40 -47.84 -22.99
C GLY A 474 -15.64 -46.65 -23.54
N GLU A 475 -16.35 -45.82 -24.32
CA GLU A 475 -15.78 -44.65 -25.04
C GLU A 475 -15.92 -43.42 -24.13
N TRP A 476 -15.25 -43.48 -22.99
CA TRP A 476 -15.17 -42.43 -21.94
C TRP A 476 -13.96 -42.73 -21.07
N GLU A 477 -13.59 -41.83 -20.15
CA GLU A 477 -12.30 -41.90 -19.41
C GLU A 477 -12.53 -41.91 -17.90
N VAL A 478 -11.75 -42.72 -17.20
CA VAL A 478 -11.39 -42.51 -15.78
C VAL A 478 -10.37 -41.35 -15.76
N LEU A 479 -10.58 -40.36 -14.91
CA LEU A 479 -9.65 -39.21 -14.75
C LEU A 479 -8.52 -39.63 -13.81
N ALA A 480 -7.29 -39.53 -14.29
CA ALA A 480 -6.09 -40.12 -13.65
C ALA A 480 -4.91 -39.15 -13.62
N ARG A 481 -5.12 -37.87 -13.94
CA ARG A 481 -4.05 -36.85 -14.09
C ARG A 481 -4.45 -35.57 -13.37
N HIS A 482 -3.46 -34.75 -13.00
CA HIS A 482 -3.64 -33.34 -12.56
C HIS A 482 -4.56 -33.27 -11.33
N GLY A 483 -4.28 -34.11 -10.32
CA GLY A 483 -4.98 -34.12 -9.02
C GLY A 483 -6.03 -35.21 -8.91
N SER A 484 -6.53 -35.75 -10.03
CA SER A 484 -7.55 -36.83 -10.05
C SER A 484 -6.92 -38.10 -9.49
N LYS A 485 -7.68 -38.84 -8.69
CA LYS A 485 -7.18 -40.03 -7.97
C LYS A 485 -8.31 -41.03 -7.77
N ILE A 486 -7.99 -42.21 -7.24
CA ILE A 486 -8.97 -43.20 -6.76
C ILE A 486 -8.86 -43.27 -5.25
N TRP A 487 -9.96 -43.69 -4.62
CA TRP A 487 -10.05 -44.05 -3.18
C TRP A 487 -10.51 -45.49 -3.12
N VAL A 488 -9.78 -46.34 -2.41
CA VAL A 488 -10.01 -47.82 -2.36
C VAL A 488 -10.41 -48.18 -0.93
N ASN A 489 -11.64 -48.70 -0.76
CA ASN A 489 -12.14 -49.24 0.52
C ASN A 489 -11.96 -50.77 0.48
N GLU A 490 -10.94 -51.27 1.17
CA GLU A 490 -10.59 -52.71 1.19
C GLU A 490 -11.59 -53.51 2.04
N GLU A 491 -12.35 -52.88 2.93
CA GLU A 491 -13.43 -53.55 3.72
C GLU A 491 -14.59 -53.92 2.80
N THR A 492 -15.03 -53.00 1.92
CA THR A 492 -16.21 -53.17 1.04
C THR A 492 -15.81 -53.66 -0.36
N LYS A 493 -14.50 -53.69 -0.68
CA LYS A 493 -13.96 -54.07 -2.02
C LYS A 493 -14.50 -53.13 -3.11
N LEU A 494 -14.60 -51.83 -2.79
CA LEU A 494 -15.12 -50.77 -3.69
C LEU A 494 -13.99 -49.81 -4.01
N VAL A 495 -13.92 -49.37 -5.27
CA VAL A 495 -13.00 -48.29 -5.72
C VAL A 495 -13.85 -47.11 -6.20
N TYR A 496 -13.62 -45.95 -5.59
CA TYR A 496 -14.23 -44.65 -5.95
C TYR A 496 -13.28 -43.95 -6.92
N PHE A 497 -13.83 -43.39 -8.01
CA PHE A 497 -13.06 -42.76 -9.11
C PHE A 497 -13.90 -41.66 -9.75
N GLN A 498 -13.23 -40.77 -10.49
CA GLN A 498 -13.90 -39.70 -11.27
C GLN A 498 -13.77 -40.06 -12.75
N GLY A 499 -14.77 -39.66 -13.56
CA GLY A 499 -14.76 -39.97 -14.99
C GLY A 499 -15.78 -39.18 -15.79
N THR A 500 -15.77 -39.42 -17.10
CA THR A 500 -16.60 -38.75 -18.12
C THR A 500 -17.67 -39.72 -18.66
N LYS A 501 -18.06 -40.74 -17.87
CA LYS A 501 -19.01 -41.80 -18.29
C LYS A 501 -20.34 -41.19 -18.75
N ASP A 502 -20.88 -40.21 -18.00
CA ASP A 502 -22.18 -39.56 -18.31
C ASP A 502 -22.05 -38.66 -19.54
N THR A 503 -20.93 -37.94 -19.67
CA THR A 503 -20.69 -36.98 -20.77
C THR A 503 -19.25 -36.48 -20.68
N PRO A 504 -18.57 -36.23 -21.83
CA PRO A 504 -17.25 -35.60 -21.81
C PRO A 504 -17.26 -34.14 -21.28
N LEU A 505 -18.44 -33.54 -21.10
CA LEU A 505 -18.61 -32.14 -20.63
C LEU A 505 -18.67 -32.05 -19.10
N GLU A 506 -18.76 -33.16 -18.36
CA GLU A 506 -18.86 -33.13 -16.88
C GLU A 506 -17.97 -34.21 -16.25
N HIS A 507 -17.22 -33.84 -15.20
CA HIS A 507 -16.54 -34.78 -14.28
C HIS A 507 -17.55 -35.20 -13.21
N HIS A 508 -17.69 -36.50 -12.97
CA HIS A 508 -18.57 -37.08 -11.93
C HIS A 508 -17.78 -38.08 -11.08
N LEU A 509 -18.25 -38.29 -9.86
CA LEU A 509 -17.72 -39.31 -8.92
C LEU A 509 -18.52 -40.60 -9.12
N TYR A 510 -17.82 -41.72 -9.27
CA TYR A 510 -18.41 -43.06 -9.47
C TYR A 510 -17.83 -44.03 -8.44
N VAL A 511 -18.52 -45.15 -8.25
CA VAL A 511 -18.01 -46.31 -7.45
C VAL A 511 -18.31 -47.59 -8.22
N VAL A 512 -17.37 -48.54 -8.18
CA VAL A 512 -17.49 -49.91 -8.76
C VAL A 512 -16.79 -50.87 -7.81
N SER A 513 -17.25 -52.13 -7.75
CA SER A 513 -16.57 -53.23 -7.02
C SER A 513 -15.31 -53.62 -7.79
N TYR A 514 -14.18 -53.84 -7.11
CA TYR A 514 -12.98 -54.48 -7.72
C TYR A 514 -13.00 -55.99 -7.45
N GLU A 515 -13.90 -56.50 -6.61
CA GLU A 515 -14.05 -57.95 -6.32
C GLU A 515 -14.87 -58.58 -7.46
N ALA A 516 -16.14 -58.16 -7.58
CA ALA A 516 -17.10 -58.65 -8.59
C ALA A 516 -17.48 -57.48 -9.49
N ALA A 517 -16.60 -57.14 -10.44
CA ALA A 517 -16.70 -55.96 -11.34
C ALA A 517 -18.04 -56.02 -12.10
N GLY A 518 -18.90 -55.01 -11.92
CA GLY A 518 -20.23 -54.96 -12.54
C GLY A 518 -20.75 -53.54 -12.64
N GLU A 519 -21.83 -53.25 -11.90
CA GLU A 519 -22.56 -51.97 -11.94
C GLU A 519 -21.65 -50.83 -11.45
N ILE A 520 -21.59 -49.74 -12.21
CA ILE A 520 -20.96 -48.45 -11.82
C ILE A 520 -22.08 -47.53 -11.33
N VAL A 521 -21.96 -47.02 -10.11
CA VAL A 521 -22.96 -46.10 -9.48
C VAL A 521 -22.37 -44.68 -9.51
N ARG A 522 -23.13 -43.73 -10.04
CA ARG A 522 -22.78 -42.27 -10.04
C ARG A 522 -23.22 -41.69 -8.70
N LEU A 523 -22.33 -40.96 -8.02
CA LEU A 523 -22.60 -40.36 -6.68
C LEU A 523 -22.85 -38.85 -6.76
N THR A 524 -22.55 -38.21 -7.92
CA THR A 524 -22.70 -36.75 -8.10
C THR A 524 -23.90 -36.42 -9.00
N THR A 525 -24.44 -35.21 -8.84
CA THR A 525 -25.65 -34.67 -9.52
C THR A 525 -25.31 -34.30 -10.96
N PRO A 526 -26.01 -34.86 -11.98
CA PRO A 526 -25.87 -34.41 -13.37
C PRO A 526 -26.21 -32.93 -13.57
N GLY A 527 -25.66 -32.33 -14.62
CA GLY A 527 -25.83 -30.91 -14.97
C GLY A 527 -24.77 -30.01 -14.35
N PHE A 528 -23.78 -30.59 -13.67
CA PHE A 528 -22.60 -29.89 -13.09
C PHE A 528 -21.35 -30.75 -13.30
N SER A 529 -20.18 -30.12 -13.35
CA SER A 529 -18.85 -30.79 -13.32
C SER A 529 -18.32 -30.73 -11.88
N HIS A 530 -17.90 -31.87 -11.34
CA HIS A 530 -17.56 -32.07 -9.91
C HIS A 530 -16.06 -32.36 -9.74
N SER A 531 -15.44 -31.75 -8.73
CA SER A 531 -14.10 -32.11 -8.22
C SER A 531 -14.28 -32.56 -6.76
N CYS A 532 -14.05 -33.84 -6.48
CA CYS A 532 -14.45 -34.50 -5.22
C CYS A 532 -13.24 -34.90 -4.39
N SER A 533 -13.44 -34.90 -3.07
CA SER A 533 -12.52 -35.40 -2.03
C SER A 533 -13.30 -36.36 -1.15
N MET A 534 -12.82 -37.59 -1.02
CA MET A 534 -13.49 -38.70 -0.27
C MET A 534 -12.83 -38.83 1.11
N SER A 535 -13.62 -39.00 2.17
CA SER A 535 -13.14 -39.40 3.52
C SER A 535 -12.40 -40.75 3.42
N GLN A 536 -11.30 -40.93 4.15
CA GLN A 536 -10.56 -42.22 4.21
C GLN A 536 -11.40 -43.28 4.94
N ASN A 537 -12.49 -42.91 5.62
CA ASN A 537 -13.47 -43.86 6.22
C ASN A 537 -14.68 -44.06 5.31
N PHE A 538 -14.74 -43.41 4.13
CA PHE A 538 -15.71 -43.65 3.04
C PHE A 538 -17.15 -43.39 3.51
N ASP A 539 -17.34 -42.56 4.53
CA ASP A 539 -18.65 -42.20 5.14
C ASP A 539 -19.13 -40.84 4.59
N MET A 540 -18.21 -40.01 4.12
CA MET A 540 -18.49 -38.62 3.66
C MET A 540 -17.62 -38.28 2.45
N PHE A 541 -18.07 -37.33 1.62
CA PHE A 541 -17.23 -36.71 0.57
C PHE A 541 -17.61 -35.23 0.41
N VAL A 542 -16.66 -34.47 -0.12
CA VAL A 542 -16.83 -33.05 -0.54
C VAL A 542 -16.89 -33.03 -2.07
N SER A 543 -17.76 -32.21 -2.64
CA SER A 543 -17.74 -31.87 -4.08
C SER A 543 -17.62 -30.35 -4.25
N HIS A 544 -16.58 -29.93 -4.93
CA HIS A 544 -16.43 -28.57 -5.54
C HIS A 544 -17.00 -28.66 -6.95
N TYR A 545 -18.16 -28.04 -7.21
CA TYR A 545 -18.86 -28.19 -8.51
C TYR A 545 -19.44 -26.87 -9.00
N SER A 546 -19.62 -26.80 -10.32
CA SER A 546 -20.17 -25.63 -11.05
C SER A 546 -20.80 -26.09 -12.36
N SER A 547 -21.50 -25.17 -13.04
CA SER A 547 -21.97 -25.31 -14.45
C SER A 547 -21.61 -24.01 -15.19
N VAL A 548 -21.79 -23.98 -16.52
CA VAL A 548 -21.58 -22.73 -17.33
C VAL A 548 -22.41 -21.58 -16.76
N SER A 549 -23.60 -21.84 -16.20
CA SER A 549 -24.57 -20.81 -15.74
C SER A 549 -24.46 -20.54 -14.23
N THR A 550 -23.81 -21.41 -13.44
CA THR A 550 -23.81 -21.32 -11.96
C THR A 550 -22.38 -21.29 -11.43
N PRO A 551 -21.96 -20.21 -10.71
CA PRO A 551 -20.63 -20.18 -10.08
C PRO A 551 -20.39 -21.35 -9.13
N PRO A 552 -19.12 -21.68 -8.81
CA PRO A 552 -18.80 -22.86 -8.01
C PRO A 552 -19.37 -22.80 -6.59
N CYS A 553 -19.78 -23.95 -6.05
CA CYS A 553 -20.08 -24.17 -4.61
C CYS A 553 -19.27 -25.38 -4.13
N VAL A 554 -19.11 -25.49 -2.81
CA VAL A 554 -18.44 -26.64 -2.14
C VAL A 554 -19.42 -27.20 -1.11
N HIS A 555 -19.91 -28.43 -1.35
CA HIS A 555 -20.92 -29.14 -0.52
C HIS A 555 -20.30 -30.41 0.07
N VAL A 556 -20.68 -30.71 1.32
CA VAL A 556 -20.31 -31.96 2.05
C VAL A 556 -21.51 -32.90 1.94
N TYR A 557 -21.26 -34.15 1.55
CA TYR A 557 -22.27 -35.22 1.39
C TYR A 557 -21.95 -36.37 2.35
N LYS A 558 -23.00 -36.98 2.90
CA LYS A 558 -22.93 -38.22 3.70
C LYS A 558 -23.35 -39.39 2.82
N LEU A 559 -22.55 -40.46 2.78
CA LEU A 559 -22.94 -41.76 2.16
C LEU A 559 -23.72 -42.55 3.21
N SER A 560 -25.02 -42.79 2.96
CA SER A 560 -25.96 -43.43 3.93
C SER A 560 -26.70 -44.60 3.28
N GLY A 561 -27.04 -45.61 4.09
CA GLY A 561 -27.81 -46.79 3.68
C GLY A 561 -27.35 -48.04 4.43
N PRO A 562 -28.03 -49.20 4.22
CA PRO A 562 -27.61 -50.46 4.83
C PRO A 562 -26.15 -50.84 4.52
N ASP A 563 -25.41 -51.28 5.55
CA ASP A 563 -23.98 -51.66 5.47
C ASP A 563 -23.79 -52.92 4.61
N ASP A 564 -24.84 -53.74 4.44
CA ASP A 564 -24.80 -54.98 3.63
C ASP A 564 -24.92 -54.67 2.13
N ASP A 565 -25.18 -53.41 1.74
CA ASP A 565 -25.26 -52.97 0.31
C ASP A 565 -24.39 -51.72 0.12
N PRO A 566 -23.05 -51.81 0.29
CA PRO A 566 -22.19 -50.63 0.24
C PRO A 566 -22.12 -49.93 -1.12
N LEU A 567 -22.24 -50.67 -2.23
CA LEU A 567 -22.24 -50.12 -3.62
C LEU A 567 -23.36 -49.10 -3.81
N HIS A 568 -24.52 -49.30 -3.15
CA HIS A 568 -25.74 -48.46 -3.33
C HIS A 568 -25.97 -47.53 -2.13
N LYS A 569 -24.93 -47.24 -1.34
CA LYS A 569 -24.95 -46.12 -0.35
C LYS A 569 -25.39 -44.85 -1.09
N GLN A 570 -26.32 -44.09 -0.49
CA GLN A 570 -26.97 -42.90 -1.10
C GLN A 570 -26.19 -41.66 -0.70
N PRO A 571 -25.82 -40.77 -1.66
CA PRO A 571 -25.26 -39.46 -1.33
C PRO A 571 -26.38 -38.54 -0.82
N ARG A 572 -26.28 -38.11 0.44
CA ARG A 572 -27.22 -37.16 1.08
C ARG A 572 -26.48 -35.85 1.32
N PHE A 573 -27.02 -34.73 0.80
CA PHE A 573 -26.53 -33.37 1.14
C PHE A 573 -26.50 -33.24 2.67
N TRP A 574 -25.37 -32.76 3.20
CA TRP A 574 -25.15 -32.67 4.67
C TRP A 574 -24.98 -31.22 5.10
N ALA A 575 -24.04 -30.50 4.50
CA ALA A 575 -23.75 -29.08 4.80
C ALA A 575 -22.99 -28.42 3.65
N SER A 576 -22.97 -27.09 3.64
CA SER A 576 -22.23 -26.25 2.67
C SER A 576 -20.94 -25.73 3.32
N MET A 577 -19.83 -25.83 2.57
CA MET A 577 -18.54 -25.16 2.88
C MET A 577 -18.53 -23.78 2.21
N MET A 578 -19.25 -23.62 1.11
CA MET A 578 -19.30 -22.37 0.32
C MET A 578 -20.50 -22.45 -0.63
N GLU A 579 -21.44 -21.52 -0.47
CA GLU A 579 -22.62 -21.40 -1.37
C GLU A 579 -22.16 -20.67 -2.63
N ALA A 580 -22.72 -21.08 -3.77
CA ALA A 580 -22.54 -20.42 -5.08
C ALA A 580 -22.96 -18.96 -4.95
N ALA A 581 -22.09 -18.02 -5.35
CA ALA A 581 -22.47 -16.62 -5.64
C ALA A 581 -23.60 -16.64 -6.69
N SER A 582 -24.47 -15.64 -6.66
CA SER A 582 -25.48 -15.39 -7.73
C SER A 582 -24.74 -15.15 -9.06
N CYS A 583 -25.24 -15.71 -10.17
CA CYS A 583 -24.76 -15.40 -11.54
C CYS A 583 -24.92 -13.91 -11.77
N PRO A 584 -23.82 -13.12 -11.92
CA PRO A 584 -23.91 -11.66 -12.03
C PRO A 584 -24.88 -11.21 -13.13
N PRO A 585 -25.66 -10.11 -12.93
CA PRO A 585 -26.64 -9.67 -13.93
C PRO A 585 -26.03 -9.29 -15.28
N ASP A 586 -24.78 -8.77 -15.27
CA ASP A 586 -24.00 -8.36 -16.46
C ASP A 586 -23.37 -9.57 -17.15
N TYR A 587 -23.25 -10.71 -16.47
CA TYR A 587 -22.63 -11.94 -17.04
C TYR A 587 -23.72 -12.78 -17.70
N VAL A 588 -23.57 -13.05 -19.00
CA VAL A 588 -24.44 -13.99 -19.76
C VAL A 588 -23.62 -15.25 -20.05
N PRO A 589 -23.99 -16.43 -19.49
CA PRO A 589 -23.25 -17.66 -19.73
C PRO A 589 -23.16 -17.99 -21.22
N PRO A 590 -22.04 -18.60 -21.67
CA PRO A 590 -21.95 -19.08 -23.03
C PRO A 590 -22.88 -20.27 -23.22
N GLU A 591 -23.17 -20.60 -24.48
CA GLU A 591 -24.03 -21.74 -24.87
C GLU A 591 -23.12 -22.82 -25.45
N ILE A 592 -23.20 -24.05 -24.91
CA ILE A 592 -22.43 -25.21 -25.42
C ILE A 592 -23.23 -25.83 -26.57
N PHE A 593 -22.55 -26.18 -27.66
CA PHE A 593 -23.12 -26.89 -28.83
C PHE A 593 -22.13 -27.98 -29.23
N HIS A 594 -22.59 -28.89 -30.10
CA HIS A 594 -21.72 -29.85 -30.81
C HIS A 594 -22.17 -29.92 -32.27
N PHE A 595 -21.26 -30.36 -33.14
CA PHE A 595 -21.52 -30.62 -34.57
C PHE A 595 -20.60 -31.76 -35.00
N HIS A 596 -20.85 -32.31 -36.18
CA HIS A 596 -20.04 -33.38 -36.81
C HIS A 596 -19.27 -32.75 -37.97
N THR A 597 -17.95 -32.97 -38.00
CA THR A 597 -17.06 -32.51 -39.10
C THR A 597 -17.42 -33.27 -40.38
N ARG A 598 -16.85 -32.88 -41.52
CA ARG A 598 -17.01 -33.60 -42.82
C ARG A 598 -16.50 -35.04 -42.69
N SER A 599 -15.50 -35.28 -41.82
CA SER A 599 -14.96 -36.63 -41.48
C SER A 599 -15.81 -37.36 -40.41
N ASP A 600 -16.92 -36.76 -39.96
CA ASP A 600 -17.89 -37.32 -38.99
C ASP A 600 -17.26 -37.49 -37.60
N VAL A 601 -16.31 -36.62 -37.21
CA VAL A 601 -15.83 -36.49 -35.81
C VAL A 601 -16.76 -35.50 -35.08
N ARG A 602 -17.25 -35.85 -33.89
CA ARG A 602 -18.05 -34.91 -33.05
C ARG A 602 -17.09 -33.93 -32.36
N LEU A 603 -17.29 -32.63 -32.57
CA LEU A 603 -16.55 -31.54 -31.86
C LEU A 603 -17.57 -30.74 -31.03
N TYR A 604 -17.17 -30.39 -29.81
CA TYR A 604 -17.95 -29.49 -28.91
C TYR A 604 -17.37 -28.08 -29.04
N GLY A 605 -18.24 -27.09 -28.91
CA GLY A 605 -17.88 -25.67 -28.95
C GLY A 605 -18.73 -24.89 -27.97
N MET A 606 -18.37 -23.65 -27.72
CA MET A 606 -19.30 -22.71 -27.05
C MET A 606 -19.30 -21.37 -27.78
N ILE A 607 -20.44 -20.68 -27.65
CA ILE A 607 -20.69 -19.36 -28.29
C ILE A 607 -21.12 -18.39 -27.18
N TYR A 608 -20.44 -17.25 -27.10
CA TYR A 608 -20.90 -16.05 -26.38
C TYR A 608 -21.62 -15.19 -27.43
N LYS A 609 -22.94 -15.16 -27.38
CA LYS A 609 -23.77 -14.35 -28.31
C LYS A 609 -23.53 -12.88 -28.02
N PRO A 610 -23.45 -12.01 -29.05
CA PRO A 610 -23.46 -10.57 -28.81
C PRO A 610 -24.64 -10.23 -27.88
N HIS A 611 -24.41 -9.43 -26.85
CA HIS A 611 -25.46 -9.04 -25.86
C HIS A 611 -26.49 -8.17 -26.58
N ALA A 612 -27.77 -8.29 -26.20
CA ALA A 612 -28.89 -7.53 -26.79
C ALA A 612 -28.85 -7.68 -28.32
N LEU A 613 -28.77 -8.92 -28.80
CA LEU A 613 -28.63 -9.27 -30.24
C LEU A 613 -29.92 -8.86 -30.97
N GLN A 614 -29.78 -8.25 -32.16
CA GLN A 614 -30.90 -7.88 -33.06
C GLN A 614 -30.88 -8.82 -34.26
N PRO A 615 -32.05 -9.26 -34.79
CA PRO A 615 -32.08 -10.17 -35.93
C PRO A 615 -31.58 -9.50 -37.22
N GLY A 616 -31.07 -10.30 -38.15
CA GLY A 616 -30.55 -9.86 -39.46
C GLY A 616 -29.26 -9.04 -39.35
N LYS A 617 -28.51 -9.18 -38.25
CA LYS A 617 -27.25 -8.42 -37.98
C LYS A 617 -26.07 -9.41 -37.93
N LYS A 618 -25.02 -9.12 -38.70
CA LYS A 618 -23.74 -9.88 -38.72
C LYS A 618 -22.71 -9.16 -37.85
N HIS A 619 -22.17 -9.83 -36.84
CA HIS A 619 -21.30 -9.23 -35.80
C HIS A 619 -19.84 -9.59 -36.04
N PRO A 620 -18.89 -8.69 -35.68
CA PRO A 620 -17.47 -9.03 -35.72
C PRO A 620 -17.25 -10.14 -34.68
N THR A 621 -16.36 -11.08 -34.97
CA THR A 621 -16.23 -12.35 -34.22
C THR A 621 -14.78 -12.54 -33.77
N VAL A 622 -14.61 -12.94 -32.51
CA VAL A 622 -13.31 -13.41 -31.93
C VAL A 622 -13.40 -14.94 -31.80
N LEU A 623 -12.59 -15.67 -32.56
CA LEU A 623 -12.31 -17.10 -32.32
C LEU A 623 -11.25 -17.17 -31.22
N PHE A 624 -11.68 -17.50 -29.99
CA PHE A 624 -10.76 -17.70 -28.84
C PHE A 624 -10.29 -19.16 -28.86
N VAL A 625 -8.97 -19.37 -28.94
CA VAL A 625 -8.34 -20.70 -29.24
C VAL A 625 -7.26 -21.02 -28.20
N TYR A 626 -7.24 -22.27 -27.73
CA TYR A 626 -6.05 -22.91 -27.13
C TYR A 626 -5.61 -24.02 -28.10
N GLY A 627 -6.34 -25.14 -28.14
CA GLY A 627 -6.28 -26.14 -29.23
C GLY A 627 -5.14 -27.13 -29.09
N GLY A 628 -4.38 -27.07 -27.98
CA GLY A 628 -3.22 -27.95 -27.73
C GLY A 628 -3.60 -29.14 -26.86
N PRO A 629 -2.70 -30.13 -26.71
CA PRO A 629 -2.98 -31.30 -25.87
C PRO A 629 -3.08 -30.94 -24.38
N GLN A 630 -3.79 -31.80 -23.64
CA GLN A 630 -3.92 -31.80 -22.16
C GLN A 630 -4.95 -30.75 -21.70
N VAL A 631 -5.64 -30.07 -22.62
CA VAL A 631 -6.64 -29.02 -22.27
C VAL A 631 -7.94 -29.33 -22.99
N GLN A 632 -9.06 -29.17 -22.28
CA GLN A 632 -10.44 -29.11 -22.83
C GLN A 632 -11.03 -27.78 -22.37
N LEU A 633 -11.27 -26.85 -23.31
CA LEU A 633 -11.85 -25.52 -23.00
C LEU A 633 -13.37 -25.63 -22.84
N VAL A 634 -14.01 -26.55 -23.57
CA VAL A 634 -15.49 -26.66 -23.67
C VAL A 634 -15.98 -27.78 -22.75
N ASN A 635 -16.54 -27.41 -21.61
CA ASN A 635 -17.20 -28.34 -20.67
C ASN A 635 -18.21 -27.54 -19.84
N ASN A 636 -19.04 -28.27 -19.09
CA ASN A 636 -20.13 -27.67 -18.29
C ASN A 636 -19.59 -27.30 -16.90
N SER A 637 -18.74 -26.29 -16.85
CA SER A 637 -18.20 -25.67 -15.60
C SER A 637 -18.18 -24.15 -15.80
N PHE A 638 -18.14 -23.40 -14.70
CA PHE A 638 -18.25 -21.92 -14.73
C PHE A 638 -16.96 -21.32 -15.30
N LYS A 639 -17.10 -20.51 -16.35
CA LYS A 639 -15.97 -19.91 -17.11
C LYS A 639 -15.76 -18.44 -16.74
N GLY A 640 -16.65 -17.84 -15.96
CA GLY A 640 -16.65 -16.40 -15.64
C GLY A 640 -15.51 -15.96 -14.73
N ILE A 641 -14.87 -16.86 -13.98
CA ILE A 641 -13.71 -16.51 -13.09
C ILE A 641 -12.46 -16.37 -13.97
N LYS A 642 -12.21 -17.33 -14.85
CA LYS A 642 -10.97 -17.41 -15.68
C LYS A 642 -11.17 -16.66 -17.02
N TYR A 643 -12.38 -16.61 -17.57
CA TYR A 643 -12.64 -16.11 -18.95
C TYR A 643 -13.71 -14.99 -18.94
N LEU A 644 -13.70 -14.14 -17.91
CA LEU A 644 -14.62 -12.97 -17.80
C LEU A 644 -14.50 -12.09 -19.06
N ARG A 645 -13.29 -11.91 -19.59
CA ARG A 645 -13.00 -11.04 -20.76
C ARG A 645 -13.80 -11.48 -21.99
N LEU A 646 -14.18 -12.76 -22.12
CA LEU A 646 -15.00 -13.24 -23.26
C LEU A 646 -16.43 -12.72 -23.12
N ASN A 647 -16.97 -12.66 -21.91
CA ASN A 647 -18.27 -12.01 -21.62
C ASN A 647 -18.19 -10.52 -21.95
N THR A 648 -17.08 -9.86 -21.56
CA THR A 648 -16.86 -8.41 -21.80
C THR A 648 -16.89 -8.13 -23.31
N LEU A 649 -16.19 -8.94 -24.11
CA LEU A 649 -16.20 -8.84 -25.60
C LEU A 649 -17.65 -8.93 -26.11
N ALA A 650 -18.41 -9.94 -25.64
CA ALA A 650 -19.81 -10.15 -26.06
C ALA A 650 -20.69 -8.95 -25.67
N SER A 651 -20.40 -8.31 -24.54
CA SER A 651 -21.16 -7.13 -24.04
C SER A 651 -20.97 -5.92 -24.97
N LEU A 652 -19.85 -5.84 -25.70
CA LEU A 652 -19.59 -4.74 -26.69
C LEU A 652 -20.13 -5.11 -28.08
N GLY A 653 -20.54 -6.35 -28.28
CA GLY A 653 -21.20 -6.81 -29.51
C GLY A 653 -20.30 -7.67 -30.38
N TYR A 654 -19.19 -8.19 -29.85
CA TYR A 654 -18.41 -9.27 -30.51
C TYR A 654 -19.09 -10.61 -30.23
N ALA A 655 -19.24 -11.46 -31.24
CA ALA A 655 -19.50 -12.90 -31.04
C ALA A 655 -18.17 -13.54 -30.64
N VAL A 656 -18.17 -14.39 -29.60
CA VAL A 656 -16.95 -15.15 -29.19
C VAL A 656 -17.23 -16.64 -29.39
N VAL A 657 -16.38 -17.30 -30.19
CA VAL A 657 -16.49 -18.74 -30.52
C VAL A 657 -15.29 -19.46 -29.91
N VAL A 658 -15.54 -20.61 -29.29
CA VAL A 658 -14.50 -21.55 -28.76
C VAL A 658 -14.82 -22.94 -29.32
N ILE A 659 -13.82 -23.61 -29.91
CA ILE A 659 -13.94 -24.98 -30.50
C ILE A 659 -12.86 -25.86 -29.85
N ASP A 660 -13.26 -27.01 -29.28
CA ASP A 660 -12.32 -28.10 -28.88
C ASP A 660 -12.11 -29.01 -30.10
N GLY A 661 -11.09 -28.72 -30.88
CA GLY A 661 -10.70 -29.52 -32.05
C GLY A 661 -9.96 -30.78 -31.65
N ARG A 662 -9.67 -31.64 -32.63
CA ARG A 662 -8.81 -32.83 -32.42
C ARG A 662 -7.47 -32.38 -31.83
N GLY A 663 -6.93 -33.15 -30.88
CA GLY A 663 -5.75 -32.77 -30.09
C GLY A 663 -6.11 -32.41 -28.66
N SER A 664 -7.32 -31.87 -28.43
CA SER A 664 -7.82 -31.54 -27.08
C SER A 664 -8.12 -32.85 -26.32
N CYS A 665 -8.31 -32.76 -25.00
CA CYS A 665 -8.29 -33.94 -24.09
C CYS A 665 -9.73 -34.29 -23.64
N GLN A 666 -9.86 -35.35 -22.83
CA GLN A 666 -11.13 -35.92 -22.30
C GLN A 666 -11.98 -36.55 -23.43
N ARG A 667 -11.35 -36.97 -24.54
CA ARG A 667 -12.03 -37.65 -25.67
C ARG A 667 -11.26 -38.91 -26.10
N GLY A 668 -10.26 -39.35 -25.33
CA GLY A 668 -9.49 -40.57 -25.60
C GLY A 668 -8.24 -40.30 -26.42
N LEU A 669 -7.39 -41.33 -26.55
CA LEU A 669 -6.01 -41.24 -27.12
C LEU A 669 -6.06 -41.00 -28.64
N ARG A 670 -7.00 -41.64 -29.35
CA ARG A 670 -7.11 -41.52 -30.83
C ARG A 670 -7.42 -40.07 -31.21
N PHE A 671 -8.36 -39.43 -30.49
CA PHE A 671 -8.82 -38.05 -30.73
C PHE A 671 -7.66 -37.07 -30.54
N GLU A 672 -6.92 -37.16 -29.43
CA GLU A 672 -5.77 -36.25 -29.18
C GLU A 672 -4.59 -36.65 -30.10
N GLY A 673 -4.49 -37.93 -30.48
CA GLY A 673 -3.41 -38.47 -31.33
C GLY A 673 -3.40 -37.96 -32.76
N ALA A 674 -4.47 -37.32 -33.22
CA ALA A 674 -4.59 -36.74 -34.58
C ALA A 674 -3.45 -35.74 -34.87
N LEU A 675 -2.89 -35.06 -33.87
CA LEU A 675 -1.85 -34.04 -34.12
C LEU A 675 -0.44 -34.64 -34.04
N LYS A 676 -0.30 -35.96 -33.82
CA LYS A 676 1.01 -36.64 -33.70
C LYS A 676 1.90 -36.27 -34.89
N ASN A 677 3.07 -35.69 -34.61
CA ASN A 677 4.14 -35.34 -35.59
C ASN A 677 3.70 -34.23 -36.56
N GLN A 678 2.56 -33.57 -36.36
CA GLN A 678 2.03 -32.55 -37.31
C GLN A 678 1.30 -31.43 -36.56
N MET A 679 1.83 -31.00 -35.41
CA MET A 679 1.25 -29.88 -34.62
C MET A 679 1.08 -28.64 -35.51
N GLY A 680 -0.08 -28.01 -35.43
CA GLY A 680 -0.47 -26.85 -36.27
C GLY A 680 -1.46 -27.22 -37.37
N GLN A 681 -1.37 -28.43 -37.92
CA GLN A 681 -1.99 -28.78 -39.24
C GLN A 681 -3.48 -29.06 -39.03
N VAL A 682 -3.85 -30.11 -38.28
CA VAL A 682 -5.28 -30.52 -38.12
C VAL A 682 -6.05 -29.51 -37.26
N GLU A 683 -5.37 -28.82 -36.32
CA GLU A 683 -6.01 -27.94 -35.31
C GLU A 683 -6.76 -26.81 -36.02
N ILE A 684 -6.11 -26.15 -36.98
CA ILE A 684 -6.68 -24.98 -37.73
C ILE A 684 -7.85 -25.45 -38.59
N GLU A 685 -7.76 -26.63 -39.22
CA GLU A 685 -8.87 -27.19 -40.05
C GLU A 685 -10.13 -27.29 -39.18
N ASP A 686 -10.01 -27.83 -37.96
CA ASP A 686 -11.16 -28.02 -37.04
C ASP A 686 -11.68 -26.67 -36.54
N GLN A 687 -10.79 -25.71 -36.23
CA GLN A 687 -11.19 -24.33 -35.81
C GLN A 687 -12.06 -23.70 -36.91
N VAL A 688 -11.62 -23.79 -38.17
CA VAL A 688 -12.33 -23.18 -39.33
C VAL A 688 -13.68 -23.88 -39.56
N GLU A 689 -13.74 -25.22 -39.48
CA GLU A 689 -15.02 -25.97 -39.62
C GLU A 689 -16.00 -25.53 -38.53
N GLY A 690 -15.52 -25.39 -37.29
CA GLY A 690 -16.33 -24.93 -36.14
C GLY A 690 -16.88 -23.54 -36.37
N LEU A 691 -16.02 -22.60 -36.76
CA LEU A 691 -16.40 -21.19 -37.05
C LEU A 691 -17.49 -21.17 -38.13
N GLN A 692 -17.28 -21.93 -39.21
CA GLN A 692 -18.20 -21.99 -40.37
C GLN A 692 -19.53 -22.65 -39.96
N PHE A 693 -19.50 -23.68 -39.11
CA PHE A 693 -20.72 -24.32 -38.56
C PHE A 693 -21.52 -23.28 -37.77
N VAL A 694 -20.86 -22.55 -36.87
CA VAL A 694 -21.50 -21.52 -35.99
C VAL A 694 -22.15 -20.45 -36.86
N ALA A 695 -21.46 -19.98 -37.90
CA ALA A 695 -21.95 -18.96 -38.85
C ALA A 695 -23.24 -19.46 -39.52
N GLU A 696 -23.27 -20.72 -39.96
CA GLU A 696 -24.42 -21.34 -40.68
C GLU A 696 -25.58 -21.56 -39.70
N LYS A 697 -25.30 -22.08 -38.49
CA LYS A 697 -26.35 -22.41 -37.47
C LYS A 697 -26.98 -21.13 -36.91
N TYR A 698 -26.17 -20.17 -36.46
CA TYR A 698 -26.61 -19.03 -35.59
C TYR A 698 -26.90 -17.77 -36.41
N GLY A 699 -26.22 -17.58 -37.55
CA GLY A 699 -26.58 -16.54 -38.55
C GLY A 699 -26.13 -15.12 -38.19
N PHE A 700 -25.43 -14.90 -37.07
CA PHE A 700 -24.97 -13.55 -36.63
C PHE A 700 -23.43 -13.41 -36.71
N ILE A 701 -22.74 -14.32 -37.39
CA ILE A 701 -21.26 -14.29 -37.57
C ILE A 701 -20.94 -13.56 -38.87
N ASP A 702 -20.20 -12.46 -38.80
CA ASP A 702 -19.61 -11.78 -39.97
C ASP A 702 -18.26 -12.43 -40.28
N LEU A 703 -18.23 -13.34 -41.25
CA LEU A 703 -17.00 -14.09 -41.65
C LEU A 703 -15.95 -13.17 -42.30
N SER A 704 -16.32 -11.94 -42.70
CA SER A 704 -15.36 -10.91 -43.20
C SER A 704 -14.60 -10.23 -42.05
N ARG A 705 -15.04 -10.40 -40.79
CA ARG A 705 -14.43 -9.74 -39.60
C ARG A 705 -14.25 -10.76 -38.46
N VAL A 706 -13.35 -11.72 -38.66
CA VAL A 706 -12.99 -12.73 -37.62
C VAL A 706 -11.54 -12.47 -37.15
N ALA A 707 -11.38 -12.25 -35.85
CA ALA A 707 -10.08 -12.24 -35.14
C ALA A 707 -9.83 -13.63 -34.55
N ILE A 708 -8.59 -14.14 -34.67
CA ILE A 708 -8.13 -15.36 -33.93
C ILE A 708 -7.21 -14.87 -32.79
N HIS A 709 -7.49 -15.34 -31.57
CA HIS A 709 -6.74 -14.93 -30.36
C HIS A 709 -6.56 -16.13 -29.43
N GLY A 710 -5.32 -16.32 -28.95
CA GLY A 710 -4.99 -17.34 -27.95
C GLY A 710 -3.67 -17.04 -27.27
N TRP A 711 -3.39 -17.75 -26.17
CA TRP A 711 -2.16 -17.64 -25.36
C TRP A 711 -1.42 -18.99 -25.40
N ALA A 712 -0.09 -18.96 -25.52
CA ALA A 712 0.82 -20.13 -25.49
C ALA A 712 0.55 -20.99 -26.73
N TYR A 713 0.03 -22.22 -26.61
CA TYR A 713 -0.36 -23.03 -27.80
C TYR A 713 -1.39 -22.25 -28.63
N GLY A 714 -2.28 -21.51 -27.97
CA GLY A 714 -3.29 -20.63 -28.60
C GLY A 714 -2.66 -19.50 -29.40
N GLY A 715 -1.53 -18.96 -28.93
CA GLY A 715 -0.75 -17.95 -29.65
C GLY A 715 -0.11 -18.54 -30.89
N PHE A 716 0.47 -19.74 -30.75
CA PHE A 716 1.00 -20.56 -31.88
C PHE A 716 -0.11 -20.74 -32.93
N LEU A 717 -1.30 -21.19 -32.53
CA LEU A 717 -2.42 -21.45 -33.48
C LEU A 717 -2.94 -20.15 -34.08
N SER A 718 -2.96 -19.05 -33.33
CA SER A 718 -3.36 -17.71 -33.85
C SER A 718 -2.47 -17.35 -35.05
N LEU A 719 -1.16 -17.55 -34.92
CA LEU A 719 -0.18 -17.29 -36.01
C LEU A 719 -0.39 -18.30 -37.15
N MET A 720 -0.61 -19.58 -36.85
CA MET A 720 -0.86 -20.64 -37.85
C MET A 720 -2.11 -20.29 -38.67
N GLY A 721 -3.16 -19.80 -38.01
CA GLY A 721 -4.43 -19.37 -38.64
C GLY A 721 -4.19 -18.27 -39.66
N LEU A 722 -3.43 -17.24 -39.27
CA LEU A 722 -3.13 -16.07 -40.14
C LEU A 722 -2.24 -16.52 -41.30
N ILE A 723 -1.34 -17.48 -41.08
CA ILE A 723 -0.40 -18.01 -42.11
C ILE A 723 -1.17 -18.84 -43.15
N HIS A 724 -1.98 -19.81 -42.71
CA HIS A 724 -2.60 -20.83 -43.60
C HIS A 724 -4.01 -20.42 -44.04
N LYS A 725 -4.71 -19.55 -43.30
CA LYS A 725 -6.10 -19.13 -43.61
C LYS A 725 -6.19 -17.61 -43.59
N PRO A 726 -5.38 -16.87 -44.37
CA PRO A 726 -5.37 -15.40 -44.33
C PRO A 726 -6.68 -14.75 -44.81
N GLN A 727 -7.49 -15.48 -45.60
CA GLN A 727 -8.84 -15.03 -46.07
C GLN A 727 -9.89 -15.26 -44.97
N VAL A 728 -9.64 -16.17 -44.02
CA VAL A 728 -10.58 -16.50 -42.92
C VAL A 728 -10.37 -15.51 -41.76
N PHE A 729 -9.11 -15.25 -41.39
CA PHE A 729 -8.73 -14.48 -40.18
C PHE A 729 -8.21 -13.10 -40.61
N LYS A 730 -9.00 -12.06 -40.33
CA LYS A 730 -8.64 -10.65 -40.66
C LYS A 730 -7.45 -10.22 -39.79
N VAL A 731 -7.48 -10.54 -38.49
CA VAL A 731 -6.37 -10.20 -37.53
C VAL A 731 -6.07 -11.42 -36.65
N ALA A 732 -4.84 -11.49 -36.15
CA ALA A 732 -4.36 -12.45 -35.13
C ALA A 732 -3.78 -11.67 -33.95
N ILE A 733 -4.17 -12.05 -32.72
CA ILE A 733 -3.54 -11.60 -31.45
C ILE A 733 -2.91 -12.84 -30.81
N ALA A 734 -1.59 -12.98 -30.92
CA ALA A 734 -0.81 -14.15 -30.46
C ALA A 734 -0.10 -13.82 -29.15
N GLY A 735 -0.56 -14.42 -28.04
CA GLY A 735 0.06 -14.31 -26.71
C GLY A 735 1.05 -15.45 -26.46
N ALA A 736 2.24 -15.12 -25.97
CA ALA A 736 3.32 -16.08 -25.58
C ALA A 736 3.40 -17.23 -26.57
N PRO A 737 3.50 -16.97 -27.89
CA PRO A 737 3.47 -18.06 -28.88
C PRO A 737 4.75 -18.90 -28.86
N VAL A 738 4.59 -20.22 -29.03
CA VAL A 738 5.67 -21.11 -29.51
C VAL A 738 5.82 -20.80 -31.00
N THR A 739 7.01 -20.34 -31.41
CA THR A 739 7.29 -19.94 -32.82
C THR A 739 8.32 -20.88 -33.46
N VAL A 740 9.05 -21.66 -32.65
CA VAL A 740 10.06 -22.62 -33.15
C VAL A 740 10.10 -23.80 -32.18
N TRP A 741 9.61 -24.96 -32.62
CA TRP A 741 9.48 -26.17 -31.77
C TRP A 741 10.86 -26.67 -31.30
N MET A 742 11.91 -26.43 -32.09
N MET A 742 11.91 -26.43 -32.09
CA MET A 742 13.31 -26.81 -31.75
CA MET A 742 13.30 -26.82 -31.74
C MET A 742 13.78 -26.07 -30.49
C MET A 742 13.79 -26.08 -30.48
N ALA A 743 13.11 -25.00 -30.06
CA ALA A 743 13.46 -24.21 -28.85
C ALA A 743 12.63 -24.62 -27.63
N TYR A 744 11.58 -25.44 -27.78
CA TYR A 744 10.78 -25.95 -26.62
C TYR A 744 11.46 -27.23 -26.09
N ASP A 745 10.95 -27.78 -24.99
CA ASP A 745 11.68 -28.76 -24.15
C ASP A 745 11.45 -30.21 -24.65
N THR A 746 12.25 -31.14 -24.13
CA THR A 746 12.25 -32.58 -24.46
C THR A 746 10.90 -33.21 -24.11
N GLY A 747 10.48 -33.09 -22.86
CA GLY A 747 9.32 -33.82 -22.29
C GLY A 747 8.06 -33.63 -23.10
N TYR A 748 7.74 -32.39 -23.47
CA TYR A 748 6.49 -32.02 -24.18
C TYR A 748 6.67 -32.29 -25.68
N THR A 749 7.69 -31.67 -26.28
CA THR A 749 7.81 -31.58 -27.75
C THR A 749 7.98 -32.99 -28.33
N GLU A 750 8.85 -33.80 -27.74
CA GLU A 750 9.18 -35.15 -28.27
C GLU A 750 7.96 -36.08 -28.14
N ARG A 751 7.16 -35.92 -27.10
CA ARG A 751 5.92 -36.72 -26.88
C ARG A 751 5.02 -36.60 -28.12
N TYR A 752 4.80 -35.37 -28.59
CA TYR A 752 3.81 -35.06 -29.64
C TYR A 752 4.47 -34.98 -31.03
N MET A 753 5.79 -34.79 -31.12
CA MET A 753 6.47 -34.45 -32.40
C MET A 753 7.70 -35.31 -32.70
N ASP A 754 8.14 -36.21 -31.80
CA ASP A 754 9.43 -36.97 -31.95
C ASP A 754 10.59 -35.97 -31.84
N VAL A 755 11.83 -36.41 -32.04
CA VAL A 755 13.04 -35.51 -32.02
C VAL A 755 13.15 -34.81 -33.37
N PRO A 756 13.77 -33.61 -33.45
CA PRO A 756 13.92 -32.89 -34.71
C PRO A 756 14.49 -33.74 -35.86
N GLU A 757 15.50 -34.57 -35.57
CA GLU A 757 16.24 -35.42 -36.56
C GLU A 757 15.27 -36.45 -37.19
N ASN A 758 14.22 -36.87 -36.48
CA ASN A 758 13.27 -37.92 -36.92
C ASN A 758 12.02 -37.30 -37.57
N ASN A 759 11.83 -35.98 -37.50
CA ASN A 759 10.57 -35.33 -37.96
C ASN A 759 10.89 -33.91 -38.45
N GLN A 760 11.85 -33.78 -39.36
CA GLN A 760 12.32 -32.47 -39.87
C GLN A 760 11.14 -31.75 -40.53
N HIS A 761 10.32 -32.45 -41.32
CA HIS A 761 9.17 -31.86 -42.06
C HIS A 761 8.13 -31.33 -41.08
N GLY A 762 7.79 -32.12 -40.05
CA GLY A 762 6.79 -31.73 -39.03
C GLY A 762 7.24 -30.51 -38.22
N TYR A 763 8.49 -30.51 -37.76
CA TYR A 763 9.11 -29.38 -37.02
C TYR A 763 9.10 -28.11 -37.88
N GLU A 764 9.52 -28.23 -39.15
CA GLU A 764 9.58 -27.10 -40.12
CA GLU A 764 9.58 -27.10 -40.11
C GLU A 764 8.15 -26.54 -40.32
N ALA A 765 7.18 -27.41 -40.62
CA ALA A 765 5.79 -27.02 -40.95
C ALA A 765 5.11 -26.42 -39.72
N GLY A 766 5.45 -26.86 -38.51
CA GLY A 766 4.80 -26.42 -37.25
C GLY A 766 5.48 -25.22 -36.60
N SER A 767 6.60 -24.74 -37.14
CA SER A 767 7.40 -23.61 -36.58
C SER A 767 7.06 -22.33 -37.34
N VAL A 768 6.14 -21.52 -36.80
CA VAL A 768 5.55 -20.32 -37.49
C VAL A 768 6.65 -19.31 -37.82
N ALA A 769 7.72 -19.22 -37.02
CA ALA A 769 8.85 -18.28 -37.25
C ALA A 769 9.56 -18.59 -38.57
N LEU A 770 9.43 -19.82 -39.09
CA LEU A 770 10.06 -20.24 -40.38
C LEU A 770 9.10 -19.99 -41.57
N HIS A 771 7.91 -19.42 -41.35
CA HIS A 771 6.88 -19.16 -42.39
C HIS A 771 6.45 -17.69 -42.37
N VAL A 772 7.30 -16.77 -41.89
CA VAL A 772 6.98 -15.32 -41.76
C VAL A 772 6.71 -14.69 -43.14
N GLU A 773 7.27 -15.24 -44.23
CA GLU A 773 6.98 -14.77 -45.62
C GLU A 773 5.48 -14.87 -45.92
N LYS A 774 4.75 -15.78 -45.26
CA LYS A 774 3.30 -16.00 -45.46
C LYS A 774 2.47 -15.12 -44.51
N LEU A 775 3.09 -14.43 -43.55
CA LEU A 775 2.36 -13.47 -42.66
C LEU A 775 2.04 -12.21 -43.47
N PRO A 776 1.04 -11.40 -43.06
CA PRO A 776 0.56 -10.32 -43.89
C PRO A 776 1.59 -9.21 -44.19
N ASN A 777 1.57 -8.70 -45.43
CA ASN A 777 2.36 -7.52 -45.86
C ASN A 777 1.58 -6.24 -45.55
N GLU A 778 0.38 -6.32 -44.96
CA GLU A 778 -0.44 -5.17 -44.53
C GLU A 778 -0.25 -4.96 -43.03
N PRO A 779 -0.11 -3.70 -42.55
CA PRO A 779 -0.04 -3.42 -41.11
C PRO A 779 -1.36 -3.73 -40.41
N ASN A 780 -1.31 -3.85 -39.07
CA ASN A 780 -2.50 -3.91 -38.18
C ASN A 780 -3.27 -5.23 -38.36
N ARG A 781 -2.62 -6.31 -38.80
CA ARG A 781 -3.25 -7.67 -38.86
C ARG A 781 -2.61 -8.62 -37.85
N LEU A 782 -1.55 -8.19 -37.14
CA LEU A 782 -0.77 -9.06 -36.22
C LEU A 782 -0.34 -8.26 -34.97
N LEU A 783 -0.88 -8.65 -33.81
CA LEU A 783 -0.43 -8.18 -32.47
C LEU A 783 0.19 -9.36 -31.74
N ILE A 784 1.46 -9.23 -31.30
CA ILE A 784 2.20 -10.21 -30.49
C ILE A 784 2.26 -9.69 -29.05
N LEU A 785 1.95 -10.56 -28.08
CA LEU A 785 2.03 -10.29 -26.62
C LEU A 785 2.92 -11.36 -25.99
N HIS A 786 3.78 -11.00 -25.05
CA HIS A 786 4.65 -11.97 -24.34
C HIS A 786 5.06 -11.43 -22.97
N GLY A 787 5.01 -12.28 -21.94
CA GLY A 787 5.64 -12.02 -20.63
C GLY A 787 7.16 -12.10 -20.77
N PHE A 788 7.86 -11.03 -20.39
CA PHE A 788 9.33 -10.91 -20.53
C PHE A 788 10.04 -12.01 -19.73
N LEU A 789 9.48 -12.41 -18.58
CA LEU A 789 10.12 -13.35 -17.60
C LEU A 789 9.69 -14.81 -17.86
N ASP A 790 9.01 -15.10 -18.97
CA ASP A 790 8.46 -16.45 -19.26
C ASP A 790 9.61 -17.46 -19.28
N GLU A 791 9.63 -18.40 -18.32
CA GLU A 791 10.68 -19.45 -18.17
C GLU A 791 10.18 -20.76 -18.80
N ASN A 792 8.97 -20.75 -19.38
CA ASN A 792 8.30 -21.91 -20.01
C ASN A 792 8.39 -21.73 -21.54
N VAL A 793 7.55 -20.87 -22.11
CA VAL A 793 7.70 -20.39 -23.52
C VAL A 793 8.55 -19.13 -23.45
N HIS A 794 9.86 -19.28 -23.62
CA HIS A 794 10.85 -18.18 -23.46
C HIS A 794 10.46 -17.01 -24.35
N PHE A 795 10.67 -15.79 -23.87
CA PHE A 795 10.54 -14.54 -24.66
C PHE A 795 11.29 -14.70 -26.00
N PHE A 796 12.38 -15.48 -26.01
CA PHE A 796 13.13 -15.86 -27.24
C PHE A 796 12.19 -16.19 -28.41
N HIS A 797 11.10 -16.92 -28.17
CA HIS A 797 10.14 -17.31 -29.25
C HIS A 797 9.63 -16.05 -29.96
N THR A 798 9.22 -15.03 -29.22
CA THR A 798 8.76 -13.73 -29.77
C THR A 798 9.95 -12.98 -30.39
N ASN A 799 11.08 -12.95 -29.69
CA ASN A 799 12.29 -12.24 -30.15
C ASN A 799 12.72 -12.81 -31.51
N PHE A 800 12.72 -14.13 -31.65
CA PHE A 800 13.11 -14.83 -32.90
C PHE A 800 12.06 -14.56 -34.00
N LEU A 801 10.77 -14.60 -33.67
CA LEU A 801 9.68 -14.26 -34.62
C LEU A 801 9.90 -12.84 -35.15
N VAL A 802 10.17 -11.87 -34.27
CA VAL A 802 10.43 -10.46 -34.64
C VAL A 802 11.65 -10.40 -35.58
N SER A 803 12.75 -11.08 -35.24
CA SER A 803 13.99 -11.13 -36.06
CA SER A 803 13.98 -11.13 -36.06
C SER A 803 13.63 -11.58 -37.48
N GLN A 804 12.79 -12.61 -37.60
CA GLN A 804 12.36 -13.19 -38.90
C GLN A 804 11.42 -12.20 -39.61
N LEU A 805 10.49 -11.57 -38.89
CA LEU A 805 9.57 -10.53 -39.45
C LEU A 805 10.38 -9.39 -40.06
N ILE A 806 11.43 -8.94 -39.38
CA ILE A 806 12.34 -7.86 -39.86
C ILE A 806 13.01 -8.32 -41.16
N ARG A 807 13.59 -9.53 -41.18
CA ARG A 807 14.30 -10.10 -42.37
C ARG A 807 13.33 -10.21 -43.55
N ALA A 808 12.07 -10.56 -43.30
CA ALA A 808 11.02 -10.72 -44.35
C ALA A 808 10.37 -9.37 -44.71
N GLY A 809 10.72 -8.29 -44.00
CA GLY A 809 10.17 -6.93 -44.26
C GLY A 809 8.68 -6.86 -43.94
N LYS A 810 8.23 -7.51 -42.87
CA LYS A 810 6.80 -7.59 -42.48
C LYS A 810 6.52 -6.63 -41.33
N PRO A 811 5.32 -5.99 -41.28
CA PRO A 811 4.93 -5.20 -40.12
C PRO A 811 4.47 -6.11 -38.97
N TYR A 812 4.57 -5.61 -37.75
CA TYR A 812 4.04 -6.26 -36.52
C TYR A 812 3.78 -5.20 -35.46
N GLN A 813 2.82 -5.48 -34.58
CA GLN A 813 2.62 -4.74 -33.31
C GLN A 813 3.03 -5.66 -32.16
N LEU A 814 3.62 -5.08 -31.11
CA LEU A 814 4.21 -5.84 -29.98
C LEU A 814 3.85 -5.17 -28.66
N GLN A 815 3.41 -5.99 -27.70
CA GLN A 815 3.29 -5.60 -26.28
C GLN A 815 4.10 -6.60 -25.46
N ILE A 816 4.86 -6.10 -24.48
CA ILE A 816 5.58 -6.95 -23.51
C ILE A 816 5.00 -6.70 -22.13
N TYR A 817 5.00 -7.72 -21.27
CA TYR A 817 4.65 -7.63 -19.83
C TYR A 817 5.96 -7.86 -19.07
N PRO A 818 6.71 -6.79 -18.78
CA PRO A 818 8.03 -6.89 -18.15
C PRO A 818 8.10 -7.71 -16.85
N ASN A 819 7.03 -7.71 -16.06
CA ASN A 819 6.99 -8.36 -14.71
C ASN A 819 6.20 -9.67 -14.75
N GLU A 820 5.90 -10.23 -15.93
CA GLU A 820 5.07 -11.45 -16.03
C GLU A 820 5.89 -12.59 -16.62
N ARG A 821 5.62 -13.81 -16.13
CA ARG A 821 6.17 -15.08 -16.67
C ARG A 821 5.16 -15.62 -17.70
N HIS A 822 4.72 -16.88 -17.60
CA HIS A 822 3.93 -17.58 -18.65
C HIS A 822 2.49 -17.10 -18.64
N SER A 823 1.99 -16.57 -17.54
CA SER A 823 0.61 -16.06 -17.39
C SER A 823 0.67 -14.65 -16.78
N ILE A 824 -0.34 -13.82 -17.03
CA ILE A 824 -0.44 -12.46 -16.43
C ILE A 824 -1.13 -12.60 -15.07
N ARG A 825 -0.40 -12.34 -13.99
CA ARG A 825 -0.90 -12.48 -12.59
C ARG A 825 -1.30 -11.12 -12.00
N CYS A 826 -0.58 -10.04 -12.32
N CYS A 826 -0.57 -10.05 -12.32
CA CYS A 826 -0.82 -8.69 -11.76
CA CYS A 826 -0.82 -8.69 -11.78
C CYS A 826 -2.12 -8.12 -12.37
C CYS A 826 -2.12 -8.12 -12.37
N PRO A 827 -3.09 -7.65 -11.55
CA PRO A 827 -4.31 -7.02 -12.07
C PRO A 827 -4.11 -5.84 -13.03
N GLU A 828 -3.11 -4.97 -12.80
CA GLU A 828 -2.84 -3.78 -13.65
C GLU A 828 -2.44 -4.27 -15.05
N SER A 829 -1.59 -5.30 -15.14
CA SER A 829 -1.14 -5.91 -16.41
C SER A 829 -2.31 -6.62 -17.10
N GLY A 830 -3.13 -7.35 -16.34
CA GLY A 830 -4.35 -8.01 -16.85
C GLY A 830 -5.29 -7.01 -17.48
N GLU A 831 -5.56 -5.89 -16.79
CA GLU A 831 -6.44 -4.80 -17.31
C GLU A 831 -5.83 -4.20 -18.56
N HIS A 832 -4.53 -3.91 -18.57
CA HIS A 832 -3.83 -3.29 -19.71
C HIS A 832 -3.94 -4.20 -20.95
N TYR A 833 -3.76 -5.51 -20.75
CA TYR A 833 -3.91 -6.56 -21.80
C TYR A 833 -5.32 -6.46 -22.41
N GLU A 834 -6.35 -6.43 -21.57
CA GLU A 834 -7.77 -6.43 -22.03
C GLU A 834 -8.07 -5.12 -22.76
N VAL A 835 -7.61 -3.99 -22.23
CA VAL A 835 -7.82 -2.64 -22.88
C VAL A 835 -7.17 -2.68 -24.26
N THR A 836 -5.94 -3.19 -24.34
CA THR A 836 -5.15 -3.29 -25.59
C THR A 836 -5.92 -4.15 -26.60
N LEU A 837 -6.45 -5.29 -26.15
CA LEU A 837 -7.24 -6.20 -27.02
C LEU A 837 -8.47 -5.46 -27.55
N LEU A 838 -9.23 -4.80 -26.68
CA LEU A 838 -10.46 -4.05 -27.08
C LEU A 838 -10.09 -2.97 -28.11
N HIS A 839 -9.01 -2.24 -27.86
CA HIS A 839 -8.54 -1.16 -28.76
C HIS A 839 -8.14 -1.74 -30.12
N PHE A 840 -7.37 -2.82 -30.12
CA PHE A 840 -6.90 -3.48 -31.36
C PHE A 840 -8.11 -3.93 -32.20
N LEU A 841 -9.09 -4.59 -31.58
CA LEU A 841 -10.30 -5.09 -32.28
C LEU A 841 -11.13 -3.91 -32.79
N GLN A 842 -11.36 -2.89 -31.95
CA GLN A 842 -12.12 -1.65 -32.28
C GLN A 842 -11.56 -1.02 -33.57
N GLU A 843 -10.24 -0.89 -33.66
CA GLU A 843 -9.56 -0.13 -34.75
C GLU A 843 -9.37 -1.02 -35.98
N TYR A 844 -9.06 -2.32 -35.82
CA TYR A 844 -8.46 -3.12 -36.91
C TYR A 844 -9.29 -4.35 -37.31
N LEU A 845 -10.29 -4.77 -36.53
CA LEU A 845 -11.21 -5.85 -36.95
C LEU A 845 -12.35 -5.25 -37.78
N HIS A 846 -12.69 -3.98 -37.54
CA HIS A 846 -13.68 -3.20 -38.32
C HIS A 846 -13.02 -2.72 -39.63
N HIS A 847 -13.80 -2.61 -40.70
CA HIS A 847 -13.33 -2.25 -42.07
C HIS A 847 -13.00 -0.75 -42.12
N PRO B 2 -4.90 32.24 -45.73
CA PRO B 2 -3.66 31.68 -45.18
C PRO B 2 -3.11 30.51 -45.99
N ALA B 3 -2.04 29.88 -45.48
CA ALA B 3 -1.31 28.77 -46.14
C ALA B 3 -2.20 27.52 -46.14
N ALA B 4 -2.10 26.73 -47.22
CA ALA B 4 -2.65 25.35 -47.36
C ALA B 4 -1.80 24.37 -46.54
N ARG B 5 -2.41 23.28 -46.08
CA ARG B 5 -1.70 22.22 -45.30
C ARG B 5 -1.33 21.09 -46.25
N PHE B 6 -0.02 20.88 -46.46
CA PHE B 6 0.51 19.85 -47.38
C PHE B 6 0.23 18.47 -46.79
N GLN B 7 -0.26 17.55 -47.63
CA GLN B 7 -0.57 16.15 -47.26
C GLN B 7 0.46 15.25 -47.91
N VAL B 8 1.22 14.51 -47.10
CA VAL B 8 2.17 13.48 -47.58
C VAL B 8 1.33 12.37 -48.23
N GLN B 9 1.77 11.91 -49.39
CA GLN B 9 1.13 10.81 -50.15
C GLN B 9 1.15 9.54 -49.30
N LYS B 10 -0.01 8.92 -49.12
CA LYS B 10 -0.17 7.60 -48.44
C LYS B 10 0.36 6.48 -49.36
N HIS B 11 1.22 5.60 -48.83
CA HIS B 11 1.74 4.38 -49.54
C HIS B 11 1.36 3.13 -48.75
N SER B 12 1.23 2.01 -49.46
CA SER B 12 1.17 0.65 -48.85
C SER B 12 2.49 0.41 -48.11
N TRP B 13 2.49 -0.55 -47.18
CA TRP B 13 3.72 -0.99 -46.47
C TRP B 13 4.80 -1.37 -47.48
N ASP B 14 4.46 -2.16 -48.51
CA ASP B 14 5.42 -2.62 -49.56
C ASP B 14 5.86 -1.42 -50.41
N GLY B 15 4.99 -0.43 -50.63
CA GLY B 15 5.35 0.85 -51.27
C GLY B 15 6.40 1.59 -50.48
N LEU B 16 6.26 1.67 -49.15
CA LEU B 16 7.26 2.31 -48.25
C LEU B 16 8.57 1.54 -48.31
N ARG B 17 8.53 0.19 -48.35
CA ARG B 17 9.74 -0.66 -48.49
C ARG B 17 10.47 -0.32 -49.80
N SER B 18 9.73 -0.13 -50.89
CA SER B 18 10.28 0.21 -52.23
C SER B 18 10.95 1.59 -52.18
N ILE B 19 10.34 2.57 -51.50
CA ILE B 19 10.91 3.94 -51.33
C ILE B 19 12.23 3.83 -50.54
N ILE B 20 12.24 3.10 -49.42
CA ILE B 20 13.45 2.97 -48.56
C ILE B 20 14.54 2.21 -49.31
N HIS B 21 14.20 1.07 -49.90
CA HIS B 21 15.17 0.24 -50.67
C HIS B 21 15.77 1.06 -51.82
N GLY B 22 14.93 1.76 -52.57
CA GLY B 22 15.30 2.69 -53.66
C GLY B 22 16.24 3.79 -53.19
N SER B 23 15.95 4.41 -52.04
CA SER B 23 16.73 5.54 -51.46
C SER B 23 18.18 5.11 -51.20
N ARG B 24 18.39 3.87 -50.76
CA ARG B 24 19.74 3.33 -50.41
C ARG B 24 20.41 2.73 -51.67
N LYS B 25 19.80 2.81 -52.86
CA LYS B 25 20.47 2.54 -54.16
C LYS B 25 21.52 3.63 -54.39
N ALA B 34 36.55 6.04 -46.78
CA ALA B 34 37.64 7.04 -46.92
C ALA B 34 38.91 6.53 -46.23
N PRO B 35 40.13 6.74 -46.82
CA PRO B 35 41.37 6.32 -46.18
C PRO B 35 41.61 7.04 -44.85
N HIS B 36 42.20 6.33 -43.89
CA HIS B 36 42.41 6.83 -42.50
C HIS B 36 43.59 6.11 -41.85
N ASP B 37 43.98 6.56 -40.65
CA ASP B 37 45.07 5.98 -39.82
C ASP B 37 46.37 6.06 -40.62
N PHE B 38 46.78 7.30 -40.96
CA PHE B 38 47.89 7.63 -41.88
C PHE B 38 49.24 7.51 -41.18
N GLN B 39 50.24 6.96 -41.88
CA GLN B 39 51.68 7.00 -41.49
C GLN B 39 52.47 7.46 -42.71
N PHE B 40 53.13 8.61 -42.59
CA PHE B 40 54.10 9.14 -43.58
C PHE B 40 55.49 8.58 -43.25
N VAL B 41 56.13 7.99 -44.26
CA VAL B 41 57.55 7.54 -44.20
C VAL B 41 58.28 8.21 -45.37
N GLN B 42 59.37 8.91 -45.08
CA GLN B 42 60.27 9.50 -46.10
C GLN B 42 61.00 8.37 -46.83
N LYS B 43 61.13 8.49 -48.16
CA LYS B 43 62.10 7.72 -48.97
C LYS B 43 63.38 8.56 -49.09
N THR B 44 64.55 7.91 -49.00
CA THR B 44 65.89 8.57 -48.91
C THR B 44 66.75 8.19 -50.13
N ASP B 45 66.13 7.79 -51.25
CA ASP B 45 66.79 7.55 -52.55
C ASP B 45 66.53 8.76 -53.46
N GLU B 46 67.59 9.55 -53.73
CA GLU B 46 67.51 10.82 -54.50
C GLU B 46 67.18 10.56 -55.97
N SER B 47 67.51 9.39 -56.51
CA SER B 47 67.27 8.99 -57.92
C SER B 47 65.78 8.69 -58.17
N GLY B 48 65.11 8.03 -57.21
CA GLY B 48 63.70 7.61 -57.30
C GLY B 48 62.74 8.81 -57.37
N PRO B 49 61.53 8.66 -57.96
CA PRO B 49 60.63 9.79 -58.17
C PRO B 49 59.70 10.15 -56.99
N HIS B 50 59.79 9.44 -55.85
CA HIS B 50 58.87 9.56 -54.70
C HIS B 50 59.59 10.11 -53.46
N SER B 51 59.02 11.11 -52.80
CA SER B 51 59.52 11.70 -51.53
C SER B 51 59.09 10.84 -50.34
N HIS B 52 57.89 10.26 -50.38
CA HIS B 52 57.29 9.49 -49.28
C HIS B 52 56.56 8.25 -49.78
N ARG B 53 56.44 7.25 -48.90
CA ARG B 53 55.34 6.26 -48.93
C ARG B 53 54.36 6.64 -47.81
N LEU B 54 53.07 6.73 -48.14
CA LEU B 54 51.98 7.03 -47.19
C LEU B 54 51.17 5.74 -46.97
N TYR B 55 51.20 5.21 -45.75
CA TYR B 55 50.44 4.00 -45.33
C TYR B 55 49.13 4.44 -44.67
N TYR B 56 48.09 3.62 -44.81
CA TYR B 56 46.73 3.91 -44.28
C TYR B 56 45.88 2.65 -44.33
N LEU B 57 44.74 2.71 -43.63
CA LEU B 57 43.62 1.75 -43.76
C LEU B 57 42.61 2.33 -44.74
N GLY B 58 41.99 1.47 -45.54
CA GLY B 58 41.01 1.87 -46.55
C GLY B 58 40.28 0.68 -47.12
N MET B 59 39.05 0.92 -47.53
CA MET B 59 38.22 0.00 -48.33
C MET B 59 38.06 0.63 -49.70
N PRO B 60 38.85 0.23 -50.72
CA PRO B 60 38.58 0.64 -52.11
C PRO B 60 37.30 -0.03 -52.64
N TYR B 61 36.71 0.51 -53.72
CA TYR B 61 35.33 0.19 -54.16
C TYR B 61 35.19 -1.31 -54.50
N GLY B 62 36.23 -2.02 -54.96
CA GLY B 62 36.19 -3.46 -55.30
C GLY B 62 36.25 -4.38 -54.08
N SER B 63 36.84 -3.91 -52.98
CA SER B 63 37.00 -4.62 -51.67
C SER B 63 35.69 -4.56 -50.87
N ARG B 64 35.49 -5.54 -49.97
CA ARG B 64 34.36 -5.57 -48.99
C ARG B 64 34.89 -5.52 -47.55
N GLU B 65 36.17 -5.19 -47.33
CA GLU B 65 36.74 -4.93 -45.98
C GLU B 65 37.86 -3.89 -46.04
N ASN B 66 38.10 -3.21 -44.91
CA ASN B 66 39.32 -2.41 -44.63
C ASN B 66 40.57 -3.29 -44.70
N SER B 67 41.60 -2.86 -45.42
CA SER B 67 42.95 -3.48 -45.36
C SER B 67 44.04 -2.41 -45.31
N LEU B 68 45.28 -2.86 -45.10
CA LEU B 68 46.49 -2.02 -45.05
C LEU B 68 46.90 -1.70 -46.49
N LEU B 69 47.01 -0.41 -46.80
CA LEU B 69 47.27 0.11 -48.15
C LEU B 69 48.42 1.12 -48.07
N TYR B 70 48.99 1.48 -49.22
CA TYR B 70 49.97 2.58 -49.35
C TYR B 70 49.74 3.31 -50.68
N SER B 71 50.18 4.57 -50.72
CA SER B 71 50.28 5.40 -51.94
C SER B 71 51.67 6.05 -51.96
N GLU B 72 52.20 6.23 -53.17
CA GLU B 72 53.54 6.84 -53.42
C GLU B 72 53.34 8.34 -53.63
N ILE B 73 54.05 9.17 -52.87
CA ILE B 73 53.98 10.65 -52.96
C ILE B 73 55.12 11.11 -53.87
N PRO B 74 54.84 11.69 -55.05
CA PRO B 74 55.90 12.09 -55.98
C PRO B 74 56.65 13.35 -55.52
N LYS B 75 57.93 13.47 -55.92
CA LYS B 75 58.79 14.65 -55.66
C LYS B 75 58.27 15.85 -56.48
N LYS B 76 57.74 15.61 -57.67
CA LYS B 76 57.26 16.65 -58.62
C LYS B 76 55.84 16.32 -59.06
N VAL B 77 54.98 17.34 -59.13
CA VAL B 77 53.60 17.27 -59.70
C VAL B 77 53.46 18.39 -60.74
N ARG B 78 52.65 18.15 -61.78
CA ARG B 78 52.28 19.16 -62.81
C ARG B 78 51.33 20.18 -62.16
N LYS B 79 51.63 21.48 -62.27
CA LYS B 79 50.80 22.60 -61.75
C LYS B 79 49.41 22.61 -62.41
N GLU B 80 49.32 22.20 -63.69
CA GLU B 80 48.12 22.30 -64.55
C GLU B 80 47.20 21.07 -64.43
N ALA B 81 47.54 20.07 -63.61
CA ALA B 81 46.86 18.75 -63.57
C ALA B 81 46.62 18.28 -62.12
N LEU B 82 45.59 17.47 -61.91
CA LEU B 82 45.20 16.90 -60.59
C LEU B 82 45.60 15.43 -60.57
N LEU B 83 46.65 15.08 -59.82
CA LEU B 83 47.10 13.68 -59.66
C LEU B 83 46.19 12.99 -58.65
N LEU B 84 45.52 11.91 -59.07
CA LEU B 84 44.77 10.98 -58.19
C LEU B 84 45.69 9.80 -57.87
N LEU B 85 46.11 9.70 -56.61
CA LEU B 85 47.10 8.70 -56.15
C LEU B 85 46.46 7.31 -56.21
N SER B 86 47.21 6.34 -56.73
CA SER B 86 46.81 4.92 -56.80
C SER B 86 46.90 4.30 -55.40
N TRP B 87 45.88 3.55 -54.98
CA TRP B 87 45.85 2.79 -53.70
C TRP B 87 46.48 1.42 -53.95
N LYS B 88 47.63 1.15 -53.34
CA LYS B 88 48.36 -0.13 -53.48
C LYS B 88 48.06 -1.02 -52.27
N GLN B 89 47.78 -2.29 -52.51
CA GLN B 89 47.51 -3.31 -51.45
C GLN B 89 48.85 -3.73 -50.85
N MET B 90 48.93 -3.79 -49.52
CA MET B 90 50.10 -4.35 -48.78
C MET B 90 49.94 -5.88 -48.66
N LEU B 91 48.70 -6.37 -48.52
CA LEU B 91 48.40 -7.79 -48.20
C LEU B 91 47.79 -8.50 -49.42
N ASP B 92 48.33 -9.68 -49.77
CA ASP B 92 47.98 -10.45 -51.00
C ASP B 92 46.76 -11.33 -50.72
N HIS B 93 45.60 -10.96 -51.28
CA HIS B 93 44.32 -11.73 -51.24
C HIS B 93 44.09 -12.30 -49.84
N PHE B 94 44.05 -11.42 -48.84
CA PHE B 94 44.02 -11.76 -47.39
C PHE B 94 42.68 -11.30 -46.81
N GLN B 95 41.91 -12.23 -46.21
CA GLN B 95 40.65 -11.91 -45.49
C GLN B 95 40.95 -11.74 -43.99
N ALA B 96 40.88 -10.51 -43.48
CA ALA B 96 41.12 -10.14 -42.07
C ALA B 96 39.85 -10.33 -41.24
N THR B 97 38.68 -10.16 -41.86
CA THR B 97 37.35 -10.38 -41.23
C THR B 97 37.22 -11.86 -40.91
N PRO B 98 36.79 -12.25 -39.69
CA PRO B 98 36.44 -13.65 -39.40
C PRO B 98 35.18 -14.09 -40.14
N HIS B 99 34.91 -15.40 -40.20
CA HIS B 99 33.78 -16.02 -40.96
C HIS B 99 32.45 -15.35 -40.58
N HIS B 100 31.72 -14.85 -41.59
CA HIS B 100 30.37 -14.23 -41.49
C HIS B 100 30.41 -12.93 -40.68
N GLY B 101 31.57 -12.29 -40.56
CA GLY B 101 31.80 -11.07 -39.76
C GLY B 101 31.40 -11.23 -38.30
N VAL B 102 31.55 -12.45 -37.75
CA VAL B 102 31.24 -12.80 -36.33
C VAL B 102 32.56 -12.81 -35.56
N TYR B 103 32.82 -11.74 -34.81
CA TYR B 103 34.05 -11.55 -33.98
C TYR B 103 33.87 -12.26 -32.63
N SER B 104 34.96 -12.56 -31.94
CA SER B 104 34.99 -12.93 -30.49
C SER B 104 34.23 -11.84 -29.70
N ARG B 105 33.68 -12.19 -28.53
CA ARG B 105 32.96 -11.22 -27.65
C ARG B 105 33.87 -10.02 -27.34
N GLU B 106 35.16 -10.29 -27.07
CA GLU B 106 36.16 -9.26 -26.71
C GLU B 106 36.31 -8.26 -27.86
N GLU B 107 36.53 -8.75 -29.08
CA GLU B 107 36.72 -7.88 -30.28
C GLU B 107 35.41 -7.19 -30.63
N GLU B 108 34.28 -7.90 -30.52
CA GLU B 108 32.93 -7.37 -30.84
C GLU B 108 32.63 -6.19 -29.91
N LEU B 109 32.84 -6.36 -28.60
CA LEU B 109 32.56 -5.27 -27.61
C LEU B 109 33.54 -4.11 -27.82
N LEU B 110 34.81 -4.37 -28.13
CA LEU B 110 35.79 -3.27 -28.40
C LEU B 110 35.31 -2.46 -29.61
N ARG B 111 34.84 -3.12 -30.67
CA ARG B 111 34.27 -2.45 -31.88
C ARG B 111 33.06 -1.59 -31.49
N GLU B 112 32.23 -2.06 -30.56
CA GLU B 112 31.08 -1.27 -30.04
C GLU B 112 31.59 -0.02 -29.30
N ARG B 113 32.57 -0.18 -28.39
CA ARG B 113 33.12 0.95 -27.59
C ARG B 113 33.71 2.01 -28.52
N LYS B 114 34.39 1.58 -29.59
CA LYS B 114 35.11 2.47 -30.55
C LYS B 114 34.16 2.97 -31.66
N ARG B 115 32.91 2.51 -31.73
CA ARG B 115 31.94 2.83 -32.82
C ARG B 115 32.55 2.43 -34.17
N LEU B 116 33.15 1.23 -34.24
CA LEU B 116 33.68 0.65 -35.51
C LEU B 116 32.59 -0.21 -36.15
N GLY B 117 32.09 0.21 -37.31
CA GLY B 117 31.11 -0.54 -38.14
C GLY B 117 31.78 -1.35 -39.23
N VAL B 118 32.90 -0.86 -39.78
CA VAL B 118 33.57 -1.46 -40.97
C VAL B 118 34.20 -2.81 -40.58
N PHE B 119 34.30 -3.72 -41.54
CA PHE B 119 34.93 -5.07 -41.37
C PHE B 119 36.39 -5.00 -41.84
N GLY B 120 37.20 -5.98 -41.41
CA GLY B 120 38.62 -6.10 -41.74
C GLY B 120 39.51 -5.44 -40.69
N ILE B 121 40.71 -5.04 -41.08
CA ILE B 121 41.73 -4.43 -40.16
C ILE B 121 41.25 -3.02 -39.80
N THR B 122 40.92 -2.77 -38.53
CA THR B 122 40.38 -1.47 -38.04
C THR B 122 41.46 -0.68 -37.29
N SER B 123 42.62 -1.26 -37.01
CA SER B 123 43.81 -0.56 -36.45
C SER B 123 45.07 -1.39 -36.68
N TYR B 124 46.22 -0.73 -36.67
CA TYR B 124 47.56 -1.36 -36.72
C TYR B 124 48.52 -0.55 -35.85
N ASP B 125 49.51 -1.22 -35.28
CA ASP B 125 50.69 -0.58 -34.67
C ASP B 125 51.82 -0.63 -35.69
N PHE B 126 52.61 0.46 -35.77
CA PHE B 126 53.71 0.64 -36.74
C PHE B 126 54.97 1.07 -35.99
N HIS B 127 56.10 0.40 -36.25
CA HIS B 127 57.45 0.79 -35.79
C HIS B 127 58.24 1.26 -37.01
N SER B 128 58.46 2.58 -37.13
CA SER B 128 58.97 3.25 -38.35
C SER B 128 60.40 2.80 -38.66
N GLU B 129 61.28 2.76 -37.66
CA GLU B 129 62.73 2.42 -37.82
C GLU B 129 62.87 1.02 -38.45
N SER B 130 62.10 0.04 -37.98
CA SER B 130 62.16 -1.38 -38.42
C SER B 130 61.16 -1.66 -39.55
N GLY B 131 60.14 -0.81 -39.72
CA GLY B 131 59.09 -0.99 -40.74
C GLY B 131 58.15 -2.14 -40.41
N LEU B 132 58.02 -2.48 -39.12
CA LEU B 132 57.13 -3.58 -38.64
C LEU B 132 55.71 -3.03 -38.50
N PHE B 133 54.73 -3.77 -39.03
CA PHE B 133 53.27 -3.55 -38.85
C PHE B 133 52.73 -4.73 -38.04
N LEU B 134 51.96 -4.45 -36.99
CA LEU B 134 51.36 -5.47 -36.09
C LEU B 134 49.87 -5.17 -35.97
N PHE B 135 49.02 -6.17 -36.22
CA PHE B 135 47.55 -5.99 -36.30
C PHE B 135 46.81 -7.29 -36.01
N GLN B 136 45.57 -7.17 -35.54
CA GLN B 136 44.61 -8.29 -35.36
C GLN B 136 43.94 -8.59 -36.71
N ALA B 137 43.76 -9.87 -37.03
CA ALA B 137 43.07 -10.37 -38.23
C ALA B 137 42.72 -11.85 -38.05
N SER B 138 41.52 -12.26 -38.50
CA SER B 138 41.07 -13.68 -38.58
C SER B 138 41.24 -14.38 -37.22
N ASN B 139 40.76 -13.75 -36.14
CA ASN B 139 40.79 -14.27 -34.75
C ASN B 139 42.22 -14.55 -34.28
N SER B 140 43.22 -13.81 -34.79
CA SER B 140 44.65 -14.02 -34.47
C SER B 140 45.45 -12.71 -34.58
N LEU B 141 46.77 -12.79 -34.45
CA LEU B 141 47.72 -11.67 -34.65
C LEU B 141 48.56 -11.97 -35.89
N PHE B 142 48.76 -10.95 -36.72
CA PHE B 142 49.57 -10.98 -37.95
C PHE B 142 50.56 -9.81 -37.93
N HIS B 143 51.62 -9.94 -38.71
CA HIS B 143 52.59 -8.85 -38.96
C HIS B 143 53.05 -8.90 -40.42
N CYS B 144 53.58 -7.77 -40.89
CA CYS B 144 54.33 -7.65 -42.16
C CYS B 144 55.39 -6.56 -41.97
N ARG B 145 56.40 -6.56 -42.84
CA ARG B 145 57.50 -5.57 -42.83
C ARG B 145 57.53 -4.86 -44.18
N ASP B 146 57.75 -3.55 -44.16
CA ASP B 146 57.93 -2.72 -45.38
C ASP B 146 58.77 -1.50 -44.98
N GLY B 147 59.68 -1.08 -45.86
CA GLY B 147 60.69 -0.04 -45.56
C GLY B 147 61.75 -0.57 -44.62
N GLY B 148 62.45 0.35 -43.92
CA GLY B 148 63.60 0.03 -43.06
C GLY B 148 64.74 -0.61 -43.86
N LYS B 149 65.16 -1.82 -43.47
CA LYS B 149 66.33 -2.52 -44.04
C LYS B 149 65.90 -3.36 -45.25
N ASN B 150 64.77 -4.06 -45.15
CA ASN B 150 64.23 -4.97 -46.21
C ASN B 150 63.84 -4.20 -47.47
N GLY B 151 63.53 -2.90 -47.36
CA GLY B 151 63.16 -2.03 -48.49
C GLY B 151 61.67 -2.07 -48.77
N PHE B 152 61.22 -1.38 -49.81
CA PHE B 152 59.79 -1.10 -50.12
C PHE B 152 59.24 -2.11 -51.12
N MET B 153 58.13 -2.77 -50.77
CA MET B 153 57.42 -3.73 -51.66
C MET B 153 56.82 -2.98 -52.86
N VAL B 154 56.65 -3.66 -54.00
CA VAL B 154 55.98 -3.12 -55.23
C VAL B 154 54.80 -4.02 -55.63
N SER B 155 54.56 -5.12 -54.91
CA SER B 155 53.32 -5.93 -55.00
C SER B 155 52.95 -6.45 -53.61
N PRO B 156 51.67 -6.82 -53.36
CA PRO B 156 51.25 -7.27 -52.04
C PRO B 156 51.99 -8.53 -51.58
N MET B 157 52.28 -8.62 -50.28
CA MET B 157 52.92 -9.80 -49.63
C MET B 157 51.88 -10.50 -48.74
N LYS B 158 52.09 -11.77 -48.42
CA LYS B 158 51.25 -12.52 -47.45
C LYS B 158 51.72 -12.10 -46.06
N PRO B 159 50.81 -11.68 -45.14
CA PRO B 159 51.21 -11.37 -43.76
C PRO B 159 51.44 -12.68 -42.98
N LEU B 160 52.38 -12.65 -42.03
CA LEU B 160 52.77 -13.84 -41.22
C LEU B 160 51.98 -13.85 -39.91
N GLU B 161 51.23 -14.94 -39.66
CA GLU B 161 50.53 -15.18 -38.37
C GLU B 161 51.59 -15.35 -37.28
N ILE B 162 51.31 -14.83 -36.08
CA ILE B 162 52.17 -15.01 -34.88
C ILE B 162 51.55 -16.16 -34.07
N LYS B 163 52.25 -17.29 -34.00
CA LYS B 163 51.78 -18.52 -33.28
C LYS B 163 51.81 -18.23 -31.77
N THR B 164 50.93 -18.89 -31.03
CA THR B 164 50.79 -18.73 -29.56
C THR B 164 50.44 -20.09 -28.93
N GLN B 165 50.74 -20.25 -27.64
CA GLN B 165 50.24 -21.36 -26.79
C GLN B 165 49.14 -20.83 -25.84
N CYS B 166 48.80 -19.53 -25.94
CA CYS B 166 47.72 -18.90 -25.11
C CYS B 166 46.36 -19.42 -25.57
N SER B 167 45.42 -19.56 -24.63
CA SER B 167 43.98 -19.84 -24.87
C SER B 167 43.20 -18.52 -24.87
N GLY B 168 42.30 -18.34 -25.84
CA GLY B 168 41.41 -17.17 -25.95
C GLY B 168 42.13 -15.99 -26.63
N PRO B 169 41.43 -14.88 -26.91
CA PRO B 169 41.98 -13.78 -27.70
C PRO B 169 43.24 -13.12 -27.11
N ARG B 170 44.14 -12.69 -27.99
CA ARG B 170 45.28 -11.78 -27.70
C ARG B 170 44.87 -10.36 -28.11
N MET B 171 44.54 -9.53 -27.12
CA MET B 171 43.94 -8.18 -27.36
C MET B 171 45.01 -7.10 -27.21
N ASP B 172 44.75 -5.95 -27.83
CA ASP B 172 45.51 -4.68 -27.66
C ASP B 172 47.01 -4.93 -27.90
N PRO B 173 47.40 -5.47 -29.08
CA PRO B 173 48.81 -5.70 -29.37
C PRO B 173 49.57 -4.40 -29.68
N LYS B 174 50.76 -4.24 -29.11
CA LYS B 174 51.63 -3.06 -29.32
C LYS B 174 53.08 -3.51 -29.43
N ILE B 175 53.81 -2.91 -30.37
CA ILE B 175 55.25 -3.16 -30.60
C ILE B 175 56.01 -2.44 -29.48
N CYS B 176 57.06 -3.07 -28.95
CA CYS B 176 58.01 -2.44 -27.99
C CYS B 176 58.78 -1.34 -28.72
N PRO B 177 58.64 -0.05 -28.32
CA PRO B 177 59.32 1.04 -29.03
C PRO B 177 60.86 0.95 -28.99
N ALA B 178 61.42 0.48 -27.87
CA ALA B 178 62.88 0.42 -27.63
C ALA B 178 63.50 -0.74 -28.43
N ASP B 179 62.72 -1.80 -28.67
CA ASP B 179 63.22 -3.05 -29.30
C ASP B 179 62.08 -3.74 -30.05
N PRO B 180 61.97 -3.58 -31.38
CA PRO B 180 60.83 -4.10 -32.14
C PRO B 180 60.81 -5.62 -32.33
N ALA B 181 61.82 -6.34 -31.81
CA ALA B 181 61.78 -7.82 -31.64
C ALA B 181 60.63 -8.20 -30.68
N PHE B 182 60.26 -7.32 -29.76
CA PHE B 182 59.21 -7.58 -28.73
C PHE B 182 57.92 -6.84 -29.06
N PHE B 183 56.79 -7.48 -28.72
CA PHE B 183 55.45 -6.86 -28.68
C PHE B 183 54.75 -7.35 -27.41
N SER B 184 53.73 -6.62 -27.00
CA SER B 184 52.88 -6.91 -25.82
C SER B 184 51.45 -7.21 -26.28
N PHE B 185 50.69 -7.90 -25.44
CA PHE B 185 49.23 -8.12 -25.65
C PHE B 185 48.59 -8.48 -24.30
N ILE B 186 47.26 -8.40 -24.25
CA ILE B 186 46.43 -8.85 -23.10
C ILE B 186 45.85 -10.21 -23.47
N ASN B 187 45.95 -11.17 -22.55
CA ASN B 187 45.33 -12.51 -22.64
C ASN B 187 44.76 -12.86 -21.26
N ASN B 188 43.46 -13.16 -21.20
CA ASN B 188 42.74 -13.57 -19.96
C ASN B 188 43.07 -12.58 -18.83
N SER B 189 42.91 -11.28 -19.12
CA SER B 189 42.97 -10.16 -18.14
C SER B 189 44.38 -9.98 -17.56
N ASP B 190 45.43 -10.42 -18.25
CA ASP B 190 46.84 -10.22 -17.81
C ASP B 190 47.67 -9.78 -18.99
N LEU B 191 48.75 -9.06 -18.70
CA LEU B 191 49.72 -8.51 -19.67
C LEU B 191 50.76 -9.59 -19.99
N TRP B 192 51.00 -9.83 -21.29
CA TRP B 192 52.03 -10.73 -21.83
C TRP B 192 52.98 -9.93 -22.71
N VAL B 193 54.19 -10.43 -22.89
CA VAL B 193 55.12 -10.01 -23.98
C VAL B 193 55.53 -11.27 -24.75
N ALA B 194 55.95 -11.08 -25.99
CA ALA B 194 56.45 -12.15 -26.87
C ALA B 194 57.53 -11.56 -27.78
N ASN B 195 58.48 -12.40 -28.15
CA ASN B 195 59.55 -12.09 -29.14
C ASN B 195 59.01 -12.58 -30.49
N ILE B 196 58.81 -11.66 -31.43
CA ILE B 196 58.17 -11.94 -32.75
C ILE B 196 59.12 -12.80 -33.61
N GLU B 197 60.44 -12.69 -33.37
CA GLU B 197 61.50 -13.39 -34.15
C GLU B 197 61.69 -14.82 -33.64
N THR B 198 61.72 -15.05 -32.32
CA THR B 198 61.99 -16.38 -31.69
C THR B 198 60.69 -17.12 -31.40
N GLY B 199 59.57 -16.42 -31.21
CA GLY B 199 58.26 -17.03 -30.87
C GLY B 199 58.05 -17.19 -29.37
N GLU B 200 59.07 -16.89 -28.54
CA GLU B 200 58.98 -16.99 -27.06
C GLU B 200 57.90 -16.05 -26.55
N GLU B 201 57.00 -16.55 -25.70
CA GLU B 201 55.94 -15.79 -24.98
C GLU B 201 56.22 -15.86 -23.47
N ARG B 202 55.95 -14.78 -22.76
CA ARG B 202 56.08 -14.71 -21.29
C ARG B 202 54.97 -13.84 -20.70
N ARG B 203 54.21 -14.40 -19.76
CA ARG B 203 53.22 -13.67 -18.94
C ARG B 203 53.98 -12.76 -17.96
N LEU B 204 53.59 -11.49 -17.86
CA LEU B 204 54.24 -10.49 -16.95
C LEU B 204 53.43 -10.33 -15.66
N THR B 205 52.10 -10.40 -15.72
CA THR B 205 51.20 -10.13 -14.57
C THR B 205 50.38 -11.39 -14.28
N PHE B 206 50.02 -11.55 -13.01
CA PHE B 206 49.36 -12.77 -12.45
C PHE B 206 48.18 -12.33 -11.58
N CYS B 207 47.37 -11.40 -12.09
CA CYS B 207 46.12 -10.88 -11.46
C CYS B 207 44.98 -11.88 -11.59
N HIS B 208 44.85 -12.50 -12.77
CA HIS B 208 43.77 -13.44 -13.12
C HIS B 208 44.20 -14.85 -12.70
N GLN B 209 43.57 -15.40 -11.65
CA GLN B 209 43.86 -16.75 -11.10
C GLN B 209 43.36 -17.83 -12.06
N GLY B 210 42.37 -17.51 -12.90
CA GLY B 210 41.72 -18.45 -13.83
C GLY B 210 40.77 -19.40 -13.12
N LEU B 211 40.09 -18.91 -12.07
CA LEU B 211 39.13 -19.69 -11.24
C LEU B 211 37.92 -20.06 -12.09
N SER B 212 37.25 -21.16 -11.78
CA SER B 212 36.03 -21.67 -12.46
C SER B 212 34.92 -20.63 -12.35
N ASN B 213 34.67 -20.12 -11.14
CA ASN B 213 33.73 -18.99 -10.88
C ASN B 213 34.46 -17.67 -11.20
N VAL B 214 34.13 -17.05 -12.34
CA VAL B 214 34.71 -15.76 -12.83
C VAL B 214 34.47 -14.64 -11.82
N LEU B 215 33.37 -14.67 -11.06
CA LEU B 215 33.00 -13.62 -10.07
C LEU B 215 33.94 -13.62 -8.87
N ASP B 216 34.63 -14.74 -8.61
CA ASP B 216 35.67 -14.87 -7.56
C ASP B 216 37.04 -14.45 -8.08
N ASP B 217 37.14 -14.05 -9.36
CA ASP B 217 38.42 -13.77 -10.07
C ASP B 217 38.37 -12.35 -10.63
N PRO B 218 38.30 -11.30 -9.77
CA PRO B 218 37.88 -9.96 -10.20
C PRO B 218 38.98 -8.95 -10.56
N LYS B 219 40.25 -9.37 -10.62
CA LYS B 219 41.40 -8.47 -10.91
C LYS B 219 41.81 -8.63 -12.37
N SER B 220 42.21 -7.52 -13.01
CA SER B 220 42.85 -7.51 -14.35
CA SER B 220 42.83 -7.49 -14.36
C SER B 220 44.06 -6.56 -14.33
N ALA B 221 44.99 -6.79 -15.24
CA ALA B 221 46.18 -5.95 -15.47
C ALA B 221 46.23 -5.59 -16.95
N GLY B 222 46.41 -4.30 -17.24
CA GLY B 222 46.62 -3.79 -18.61
C GLY B 222 45.31 -3.55 -19.34
N VAL B 223 44.17 -3.61 -18.64
CA VAL B 223 42.80 -3.57 -19.23
C VAL B 223 42.12 -2.28 -18.82
N ALA B 224 41.57 -1.56 -19.81
CA ALA B 224 40.56 -0.50 -19.63
C ALA B 224 39.20 -1.15 -19.38
N THR B 225 38.60 -0.88 -18.23
CA THR B 225 37.30 -1.45 -17.82
C THR B 225 36.15 -0.74 -18.57
N PHE B 226 34.92 -1.20 -18.38
CA PHE B 226 33.74 -0.78 -19.18
C PHE B 226 33.59 0.75 -19.21
N VAL B 227 33.52 1.39 -18.03
CA VAL B 227 33.26 2.86 -17.92
C VAL B 227 34.43 3.64 -18.53
N ILE B 228 35.66 3.15 -18.41
CA ILE B 228 36.87 3.80 -18.99
C ILE B 228 36.74 3.79 -20.53
N GLN B 229 36.34 2.66 -21.12
CA GLN B 229 36.19 2.53 -22.59
C GLN B 229 34.98 3.35 -23.06
N GLU B 230 33.84 3.21 -22.40
CA GLU B 230 32.56 3.81 -22.86
C GLU B 230 32.52 5.31 -22.55
N GLU B 231 33.04 5.76 -21.40
CA GLU B 231 32.81 7.15 -20.91
C GLU B 231 34.08 8.00 -20.88
N PHE B 232 35.28 7.42 -20.98
CA PHE B 232 36.55 8.20 -20.96
C PHE B 232 37.35 7.99 -22.25
N ASP B 233 36.85 7.23 -23.24
CA ASP B 233 37.48 7.11 -24.58
C ASP B 233 38.91 6.55 -24.42
N ARG B 234 39.15 5.68 -23.44
CA ARG B 234 40.48 5.01 -23.25
C ARG B 234 40.24 3.50 -23.42
N PHE B 235 40.94 2.89 -24.37
CA PHE B 235 40.76 1.49 -24.80
C PHE B 235 41.96 0.63 -24.39
N THR B 236 42.96 1.21 -23.70
CA THR B 236 44.19 0.49 -23.25
C THR B 236 44.37 0.72 -21.75
N GLY B 237 44.98 -0.26 -21.06
CA GLY B 237 45.36 -0.14 -19.65
C GLY B 237 46.84 -0.32 -19.44
N TYR B 238 47.66 -0.13 -20.49
CA TYR B 238 49.13 -0.27 -20.37
C TYR B 238 49.82 0.64 -21.40
N TRP B 239 51.06 1.01 -21.07
CA TRP B 239 51.87 2.01 -21.81
C TRP B 239 53.33 1.56 -21.76
N TRP B 240 53.90 1.21 -22.92
CA TRP B 240 55.34 0.91 -23.07
C TRP B 240 56.14 2.12 -22.61
N CYS B 241 57.15 1.89 -21.78
CA CYS B 241 58.29 2.83 -21.62
C CYS B 241 59.01 2.90 -22.96
N PRO B 242 59.26 4.11 -23.52
CA PRO B 242 59.86 4.21 -24.86
C PRO B 242 61.35 3.84 -24.91
N THR B 243 62.03 3.75 -23.76
CA THR B 243 63.49 3.49 -23.66
C THR B 243 63.75 2.19 -22.89
N ALA B 244 64.92 1.59 -23.15
CA ALA B 244 65.50 0.47 -22.37
C ALA B 244 66.36 1.04 -21.24
N SER B 245 66.52 0.28 -20.16
CA SER B 245 67.43 0.58 -19.03
C SER B 245 68.34 -0.63 -18.76
N TRP B 246 69.40 -0.43 -17.95
CA TRP B 246 70.52 -1.38 -17.77
C TRP B 246 70.90 -1.48 -16.28
N GLU B 247 69.90 -1.64 -15.40
CA GLU B 247 70.10 -1.79 -13.92
C GLU B 247 70.64 -3.21 -13.65
N GLY B 248 71.47 -3.35 -12.60
CA GLY B 248 72.09 -4.64 -12.23
C GLY B 248 73.47 -4.82 -12.84
N SER B 249 74.23 -5.78 -12.33
CA SER B 249 75.66 -6.04 -12.67
C SER B 249 75.78 -6.95 -13.90
N GLU B 250 74.73 -7.68 -14.28
CA GLU B 250 74.76 -8.76 -15.30
C GLU B 250 74.76 -8.18 -16.72
N GLY B 251 74.41 -6.90 -16.88
CA GLY B 251 74.36 -6.20 -18.18
C GLY B 251 73.14 -6.55 -19.02
N LEU B 252 72.09 -7.10 -18.38
CA LEU B 252 70.80 -7.44 -19.04
C LEU B 252 70.05 -6.15 -19.39
N LYS B 253 69.33 -6.16 -20.53
CA LYS B 253 68.50 -5.02 -20.97
C LYS B 253 67.14 -5.14 -20.29
N THR B 254 66.72 -4.11 -19.55
CA THR B 254 65.37 -4.01 -18.94
C THR B 254 64.45 -3.23 -19.87
N LEU B 255 63.27 -3.81 -20.15
CA LEU B 255 62.14 -3.16 -20.83
C LEU B 255 60.99 -3.06 -19.83
N ARG B 256 60.29 -1.93 -19.86
CA ARG B 256 59.29 -1.52 -18.84
C ARG B 256 57.94 -1.24 -19.50
N ILE B 257 56.86 -1.61 -18.81
CA ILE B 257 55.46 -1.29 -19.17
C ILE B 257 54.76 -0.74 -17.92
N LEU B 258 54.29 0.50 -17.97
CA LEU B 258 53.30 1.05 -17.01
C LEU B 258 51.96 0.37 -17.28
N TYR B 259 51.25 -0.08 -16.24
CA TYR B 259 49.92 -0.71 -16.42
C TYR B 259 48.99 -0.36 -15.26
N GLU B 260 47.71 -0.31 -15.56
CA GLU B 260 46.63 -0.16 -14.56
C GLU B 260 46.22 -1.57 -14.12
N GLU B 261 46.33 -1.85 -12.82
CA GLU B 261 45.69 -3.01 -12.19
C GLU B 261 44.35 -2.55 -11.62
N VAL B 262 43.29 -3.32 -11.86
CA VAL B 262 41.94 -3.00 -11.35
C VAL B 262 41.44 -4.21 -10.55
N ASP B 263 40.63 -3.94 -9.54
CA ASP B 263 39.87 -4.95 -8.78
C ASP B 263 38.39 -4.56 -8.89
N GLU B 264 37.60 -5.37 -9.60
CA GLU B 264 36.15 -5.11 -9.86
C GLU B 264 35.26 -5.88 -8.87
N SER B 265 35.83 -6.41 -7.77
CA SER B 265 35.13 -7.19 -6.72
C SER B 265 33.81 -6.52 -6.32
N GLU B 266 33.85 -5.22 -6.01
CA GLU B 266 32.72 -4.48 -5.40
C GLU B 266 31.83 -3.84 -6.49
N VAL B 267 32.20 -3.96 -7.77
CA VAL B 267 31.42 -3.40 -8.89
C VAL B 267 30.22 -4.33 -9.13
N GLU B 268 29.03 -3.75 -9.26
CA GLU B 268 27.77 -4.49 -9.52
C GLU B 268 27.88 -5.27 -10.84
N VAL B 269 27.27 -6.45 -10.87
CA VAL B 269 27.22 -7.35 -12.06
C VAL B 269 25.82 -7.23 -12.67
N ILE B 270 25.76 -7.03 -13.99
CA ILE B 270 24.50 -7.09 -14.76
C ILE B 270 24.70 -8.09 -15.90
N HIS B 271 23.60 -8.63 -16.41
CA HIS B 271 23.57 -9.59 -17.54
C HIS B 271 22.91 -8.92 -18.74
N VAL B 272 23.51 -9.04 -19.91
CA VAL B 272 22.94 -8.54 -21.20
C VAL B 272 22.89 -9.73 -22.14
N PRO B 273 21.77 -9.96 -22.86
CA PRO B 273 21.71 -11.03 -23.87
C PRO B 273 22.90 -10.99 -24.85
N SER B 274 23.43 -12.17 -25.17
CA SER B 274 24.51 -12.39 -26.17
C SER B 274 23.89 -12.38 -27.56
N PRO B 275 24.64 -11.96 -28.61
CA PRO B 275 24.12 -11.94 -29.98
C PRO B 275 23.75 -13.29 -30.61
N ALA B 276 24.25 -14.42 -30.09
CA ALA B 276 23.84 -15.77 -30.55
C ALA B 276 22.50 -16.10 -29.89
N LEU B 277 21.40 -15.53 -30.40
CA LEU B 277 20.07 -15.51 -29.73
C LEU B 277 19.60 -16.94 -29.42
N GLU B 278 19.84 -17.88 -30.34
CA GLU B 278 19.40 -19.30 -30.23
C GLU B 278 20.00 -19.98 -28.99
N GLU B 279 21.14 -19.51 -28.47
CA GLU B 279 21.78 -20.08 -27.25
C GLU B 279 21.07 -19.58 -25.98
N ARG B 280 20.29 -18.50 -26.07
CA ARG B 280 19.44 -17.97 -24.96
C ARG B 280 20.30 -17.75 -23.70
N LYS B 281 21.48 -17.17 -23.87
CA LYS B 281 22.41 -16.84 -22.75
C LYS B 281 22.72 -15.34 -22.78
N THR B 282 23.27 -14.87 -21.66
CA THR B 282 23.73 -13.49 -21.44
C THR B 282 25.25 -13.50 -21.26
N ASP B 283 25.88 -12.34 -21.44
CA ASP B 283 27.25 -12.03 -20.97
C ASP B 283 27.11 -11.24 -19.67
N SER B 284 28.03 -11.44 -18.73
CA SER B 284 28.12 -10.69 -17.46
C SER B 284 29.02 -9.47 -17.66
N TYR B 285 28.60 -8.32 -17.12
CA TYR B 285 29.33 -7.03 -17.18
C TYR B 285 29.48 -6.50 -15.75
N ARG B 286 30.68 -6.03 -15.41
CA ARG B 286 30.93 -5.18 -14.22
C ARG B 286 30.48 -3.76 -14.62
N TYR B 287 29.22 -3.42 -14.35
CA TYR B 287 28.56 -2.17 -14.79
C TYR B 287 28.35 -1.28 -13.56
N PRO B 288 29.23 -0.27 -13.32
CA PRO B 288 29.07 0.62 -12.19
C PRO B 288 27.90 1.57 -12.46
N ARG B 289 26.73 1.31 -11.89
CA ARG B 289 25.60 2.26 -11.99
C ARG B 289 25.95 3.48 -11.13
N THR B 290 25.49 4.66 -11.56
CA THR B 290 25.69 5.95 -10.87
C THR B 290 25.45 5.78 -9.36
N GLY B 291 26.37 6.26 -8.53
CA GLY B 291 26.30 6.23 -7.06
C GLY B 291 26.87 4.96 -6.45
N SER B 292 27.15 3.93 -7.25
CA SER B 292 27.66 2.61 -6.78
C SER B 292 29.18 2.57 -7.03
N LYS B 293 29.83 1.46 -6.64
CA LYS B 293 31.31 1.37 -6.57
C LYS B 293 31.90 1.26 -7.97
N ASN B 294 32.88 2.11 -8.26
CA ASN B 294 33.81 1.95 -9.42
C ASN B 294 34.86 0.92 -9.05
N PRO B 295 35.63 0.37 -10.02
CA PRO B 295 36.75 -0.51 -9.68
C PRO B 295 37.76 0.17 -8.75
N LYS B 296 38.41 -0.62 -7.89
CA LYS B 296 39.63 -0.19 -7.17
C LYS B 296 40.79 -0.26 -8.17
N ILE B 297 41.60 0.80 -8.26
CA ILE B 297 42.64 0.95 -9.33
C ILE B 297 44.00 1.25 -8.68
N ALA B 298 45.07 0.89 -9.38
CA ALA B 298 46.46 1.27 -9.06
C ALA B 298 47.28 1.27 -10.34
N LEU B 299 48.27 2.15 -10.44
CA LEU B 299 49.32 2.07 -11.46
C LEU B 299 50.47 1.23 -10.90
N LYS B 300 50.96 0.31 -11.72
CA LYS B 300 52.06 -0.62 -11.42
C LYS B 300 53.03 -0.56 -12.60
N LEU B 301 54.18 -1.20 -12.42
CA LEU B 301 55.24 -1.29 -13.45
CA LEU B 301 55.26 -1.29 -13.43
C LEU B 301 55.57 -2.77 -13.65
N ALA B 302 55.44 -3.24 -14.88
CA ALA B 302 55.86 -4.58 -15.32
C ALA B 302 57.21 -4.42 -16.01
N GLU B 303 58.21 -5.20 -15.58
CA GLU B 303 59.57 -5.25 -16.16
C GLU B 303 59.85 -6.67 -16.64
N PHE B 304 60.66 -6.77 -17.69
CA PHE B 304 61.33 -8.03 -18.07
C PHE B 304 62.74 -7.69 -18.57
N GLN B 305 63.65 -8.65 -18.44
CA GLN B 305 65.08 -8.50 -18.82
C GLN B 305 65.34 -9.43 -20.02
N THR B 306 66.17 -8.97 -20.95
CA THR B 306 66.54 -9.72 -22.18
C THR B 306 68.06 -9.72 -22.34
N ASP B 307 68.62 -10.82 -22.86
CA ASP B 307 70.06 -10.96 -23.20
C ASP B 307 70.27 -10.54 -24.66
N SER B 308 71.51 -10.62 -25.16
CA SER B 308 71.92 -10.21 -26.54
C SER B 308 71.24 -11.08 -27.59
N GLN B 309 70.82 -12.30 -27.26
CA GLN B 309 70.11 -13.23 -28.19
C GLN B 309 68.58 -13.01 -28.12
N GLY B 310 68.10 -12.02 -27.35
CA GLY B 310 66.68 -11.65 -27.27
C GLY B 310 65.85 -12.63 -26.45
N LYS B 311 66.50 -13.44 -25.60
CA LYS B 311 65.83 -14.42 -24.70
C LYS B 311 65.34 -13.63 -23.47
N ILE B 312 64.10 -13.88 -23.05
CA ILE B 312 63.50 -13.24 -21.85
C ILE B 312 63.97 -14.03 -20.63
N VAL B 313 64.89 -13.46 -19.85
CA VAL B 313 65.64 -14.10 -18.73
C VAL B 313 64.84 -13.97 -17.42
N SER B 314 64.13 -12.87 -17.22
CA SER B 314 63.33 -12.63 -16.00
C SER B 314 62.17 -11.68 -16.27
N THR B 315 61.18 -11.70 -15.38
CA THR B 315 60.03 -10.77 -15.34
C THR B 315 59.84 -10.32 -13.89
N GLN B 316 59.23 -9.15 -13.69
CA GLN B 316 58.99 -8.57 -12.34
C GLN B 316 57.72 -7.71 -12.38
N GLU B 317 56.80 -7.93 -11.44
CA GLU B 317 55.72 -6.97 -11.08
C GLU B 317 56.26 -6.02 -10.02
N LYS B 318 56.17 -4.71 -10.26
CA LYS B 318 56.54 -3.65 -9.29
C LYS B 318 55.30 -2.81 -8.97
N GLU B 319 55.22 -2.32 -7.74
CA GLU B 319 54.09 -1.52 -7.20
C GLU B 319 54.66 -0.28 -6.52
N LEU B 320 53.82 0.74 -6.37
CA LEU B 320 54.20 1.99 -5.67
C LEU B 320 54.66 1.65 -4.24
N VAL B 321 55.75 2.28 -3.80
CA VAL B 321 56.43 2.00 -2.51
C VAL B 321 55.42 2.19 -1.36
N GLN B 322 54.51 3.15 -1.47
CA GLN B 322 53.29 3.24 -0.61
C GLN B 322 52.06 3.08 -1.49
N PRO B 323 50.94 2.51 -0.99
CA PRO B 323 49.80 2.19 -1.85
C PRO B 323 49.27 3.40 -2.63
N PHE B 324 48.81 3.16 -3.85
CA PHE B 324 48.16 4.17 -4.74
C PHE B 324 47.11 4.95 -3.94
N SER B 325 46.29 4.24 -3.14
CA SER B 325 45.17 4.82 -2.35
C SER B 325 45.68 5.73 -1.23
N SER B 326 46.90 5.52 -0.74
CA SER B 326 47.56 6.35 0.31
C SER B 326 48.16 7.60 -0.34
N LEU B 327 48.91 7.45 -1.43
CA LEU B 327 49.59 8.56 -2.15
C LEU B 327 48.56 9.50 -2.78
N PHE B 328 47.48 8.95 -3.36
CA PHE B 328 46.51 9.69 -4.20
C PHE B 328 45.10 9.39 -3.74
N PRO B 329 44.72 9.78 -2.51
CA PRO B 329 43.50 9.30 -1.87
C PRO B 329 42.17 9.80 -2.49
N LYS B 330 42.18 10.89 -3.25
CA LYS B 330 40.94 11.47 -3.85
C LYS B 330 40.79 11.02 -5.32
N VAL B 331 41.68 10.16 -5.83
CA VAL B 331 41.64 9.71 -7.26
C VAL B 331 40.60 8.60 -7.39
N GLU B 332 39.61 8.81 -8.26
CA GLU B 332 38.59 7.80 -8.66
C GLU B 332 38.99 7.12 -9.97
N TYR B 333 39.51 7.89 -10.93
CA TYR B 333 39.76 7.42 -12.32
C TYR B 333 41.17 7.82 -12.75
N ILE B 334 41.81 6.93 -13.52
CA ILE B 334 42.97 7.26 -14.38
C ILE B 334 42.40 7.56 -15.77
N ALA B 335 42.38 8.83 -16.17
CA ALA B 335 41.88 9.25 -17.50
C ALA B 335 42.85 8.76 -18.58
N ARG B 336 44.13 9.05 -18.39
CA ARG B 336 45.21 8.86 -19.39
C ARG B 336 46.52 8.60 -18.66
N ALA B 337 47.48 7.98 -19.34
CA ALA B 337 48.85 7.79 -18.83
C ALA B 337 49.82 7.68 -20.00
N GLY B 338 51.11 7.69 -19.68
CA GLY B 338 52.19 7.53 -20.67
C GLY B 338 53.54 7.75 -20.04
N TRP B 339 54.50 8.15 -20.86
CA TRP B 339 55.92 8.38 -20.45
C TRP B 339 56.42 9.66 -21.09
N THR B 340 57.38 10.34 -20.43
CA THR B 340 58.28 11.31 -21.08
C THR B 340 59.12 10.53 -22.10
N ARG B 341 59.56 11.18 -23.18
CA ARG B 341 60.21 10.52 -24.36
C ARG B 341 61.54 9.86 -23.94
N ASP B 342 62.19 10.35 -22.90
CA ASP B 342 63.47 9.78 -22.35
C ASP B 342 63.19 8.61 -21.41
N GLY B 343 61.92 8.33 -21.08
CA GLY B 343 61.52 7.26 -20.13
C GLY B 343 61.86 7.60 -18.69
N LYS B 344 62.23 8.85 -18.40
CA LYS B 344 62.67 9.30 -17.05
C LYS B 344 61.46 9.29 -16.11
N TYR B 345 60.28 9.66 -16.60
CA TYR B 345 59.02 9.67 -15.80
C TYR B 345 57.91 8.96 -16.56
N ALA B 346 57.19 8.08 -15.85
CA ALA B 346 55.79 7.74 -16.17
C ALA B 346 54.95 8.96 -15.81
N TRP B 347 53.82 9.17 -16.49
CA TRP B 347 52.86 10.22 -16.10
C TRP B 347 51.45 9.65 -16.16
N ALA B 348 50.57 10.21 -15.34
CA ALA B 348 49.15 9.85 -15.27
C ALA B 348 48.33 11.13 -15.12
N MET B 349 47.14 11.09 -15.71
CA MET B 349 46.07 12.11 -15.59
C MET B 349 45.01 11.49 -14.67
N PHE B 350 44.87 12.04 -13.48
CA PHE B 350 43.96 11.54 -12.41
C PHE B 350 42.73 12.44 -12.30
N LEU B 351 41.55 11.85 -12.09
CA LEU B 351 40.28 12.58 -11.84
C LEU B 351 39.72 12.15 -10.49
N ASP B 352 39.13 13.09 -9.75
CA ASP B 352 38.32 12.77 -8.55
C ASP B 352 36.96 12.24 -9.03
N ARG B 353 36.18 11.69 -8.10
CA ARG B 353 34.89 11.06 -8.43
C ARG B 353 33.91 12.11 -8.98
N PRO B 354 33.77 13.32 -8.37
CA PRO B 354 32.94 14.37 -8.93
C PRO B 354 33.36 14.87 -10.33
N GLN B 355 34.58 14.52 -10.77
CA GLN B 355 35.18 14.91 -12.06
C GLN B 355 35.22 16.45 -12.14
N GLN B 356 35.59 17.10 -11.04
CA GLN B 356 35.78 18.57 -10.96
C GLN B 356 37.24 18.92 -10.60
N TRP B 357 38.12 17.93 -10.52
CA TRP B 357 39.54 18.08 -10.07
C TRP B 357 40.39 17.06 -10.84
N LEU B 358 41.30 17.55 -11.69
CA LEU B 358 42.25 16.73 -12.46
C LEU B 358 43.67 17.06 -11.99
N GLN B 359 44.52 16.03 -11.85
CA GLN B 359 45.97 16.20 -11.61
C GLN B 359 46.75 15.49 -12.71
N LEU B 360 47.78 16.16 -13.25
CA LEU B 360 48.85 15.55 -14.07
C LEU B 360 50.04 15.28 -13.15
N VAL B 361 50.42 14.00 -13.02
CA VAL B 361 51.41 13.51 -12.01
C VAL B 361 52.54 12.77 -12.72
N LEU B 362 53.79 13.16 -12.47
CA LEU B 362 54.99 12.40 -12.91
C LEU B 362 55.28 11.34 -11.84
N LEU B 363 55.62 10.12 -12.28
CA LEU B 363 55.98 8.98 -11.41
C LEU B 363 57.31 8.42 -11.91
N PRO B 364 58.44 8.67 -11.21
CA PRO B 364 59.73 8.08 -11.62
C PRO B 364 59.70 6.58 -11.38
N PRO B 365 60.27 5.74 -12.27
CA PRO B 365 60.34 4.30 -12.04
C PRO B 365 60.89 3.86 -10.67
N ALA B 366 61.81 4.64 -10.07
CA ALA B 366 62.43 4.35 -8.76
C ALA B 366 61.40 4.39 -7.61
N LEU B 367 60.23 5.01 -7.82
CA LEU B 367 59.12 5.02 -6.82
C LEU B 367 58.42 3.66 -6.76
N PHE B 368 58.61 2.79 -7.76
CA PHE B 368 58.01 1.43 -7.84
C PHE B 368 59.05 0.41 -7.34
N ILE B 369 58.63 -0.51 -6.47
CA ILE B 369 59.50 -1.56 -5.88
C ILE B 369 58.93 -2.93 -6.22
N PRO B 370 59.76 -4.00 -6.25
CA PRO B 370 59.25 -5.35 -6.53
C PRO B 370 58.14 -5.76 -5.55
N SER B 371 57.04 -6.28 -6.08
CA SER B 371 55.93 -6.90 -5.30
C SER B 371 56.46 -8.20 -4.67
N THR B 372 56.11 -8.47 -3.42
CA THR B 372 56.59 -9.66 -2.67
C THR B 372 55.66 -9.93 -1.47
N GLU B 373 55.55 -11.20 -1.07
CA GLU B 373 54.85 -11.66 0.16
C GLU B 373 55.79 -11.51 1.36
N ASN B 374 57.11 -11.47 1.12
CA ASN B 374 58.16 -11.33 2.17
C ASN B 374 58.19 -9.86 2.64
N GLU B 375 57.69 -9.61 3.86
CA GLU B 375 57.57 -8.25 4.46
C GLU B 375 58.97 -7.62 4.65
N GLU B 376 59.99 -8.42 4.99
CA GLU B 376 61.38 -7.94 5.22
C GLU B 376 61.97 -7.45 3.89
N GLN B 377 61.79 -8.20 2.80
CA GLN B 377 62.27 -7.81 1.45
C GLN B 377 61.58 -6.52 1.00
N ARG B 378 60.27 -6.40 1.23
CA ARG B 378 59.47 -5.19 0.83
C ARG B 378 59.98 -3.97 1.58
N LEU B 379 60.19 -4.09 2.89
CA LEU B 379 60.72 -3.01 3.77
C LEU B 379 62.10 -2.58 3.27
N ALA B 380 62.98 -3.53 2.97
CA ALA B 380 64.35 -3.30 2.45
C ALA B 380 64.26 -2.50 1.14
N SER B 381 63.40 -2.91 0.21
CA SER B 381 63.18 -2.22 -1.10
C SER B 381 62.68 -0.78 -0.83
N ALA B 382 61.70 -0.61 0.07
CA ALA B 382 61.10 0.70 0.41
C ALA B 382 62.16 1.63 1.00
N ARG B 383 62.98 1.11 1.92
CA ARG B 383 64.07 1.86 2.60
C ARG B 383 65.12 2.30 1.58
N ALA B 384 65.35 1.52 0.52
CA ALA B 384 66.37 1.76 -0.52
C ALA B 384 65.91 2.79 -1.57
N VAL B 385 64.62 3.19 -1.58
CA VAL B 385 64.12 4.27 -2.49
C VAL B 385 64.79 5.57 -2.06
N PRO B 386 65.56 6.25 -2.94
CA PRO B 386 66.18 7.53 -2.58
C PRO B 386 65.18 8.56 -2.06
N ARG B 387 65.62 9.37 -1.09
CA ARG B 387 64.77 10.38 -0.40
C ARG B 387 64.27 11.43 -1.40
N ASN B 388 65.05 11.73 -2.45
CA ASN B 388 64.75 12.76 -3.48
C ASN B 388 63.79 12.22 -4.56
N VAL B 389 63.37 10.96 -4.50
CA VAL B 389 62.37 10.35 -5.43
C VAL B 389 60.97 10.63 -4.89
N GLN B 390 60.04 11.08 -5.72
CA GLN B 390 58.63 11.33 -5.31
C GLN B 390 57.75 11.50 -6.54
N PRO B 391 56.41 11.44 -6.38
CA PRO B 391 55.49 11.96 -7.39
C PRO B 391 55.64 13.48 -7.50
N TYR B 392 55.41 14.03 -8.69
CA TYR B 392 55.34 15.48 -8.95
C TYR B 392 53.99 15.81 -9.60
N VAL B 393 53.14 16.55 -8.90
CA VAL B 393 51.90 17.11 -9.50
C VAL B 393 52.30 18.37 -10.26
N VAL B 394 52.50 18.23 -11.57
CA VAL B 394 53.04 19.30 -12.46
C VAL B 394 51.90 20.19 -12.95
N TYR B 395 50.65 19.74 -12.83
CA TYR B 395 49.47 20.52 -13.28
C TYR B 395 48.22 20.05 -12.57
N GLU B 396 47.33 21.00 -12.30
CA GLU B 396 46.05 20.80 -11.58
C GLU B 396 44.98 21.66 -12.26
N GLU B 397 43.85 21.06 -12.60
CA GLU B 397 42.68 21.75 -13.23
C GLU B 397 41.48 21.53 -12.31
N VAL B 398 40.82 22.63 -11.91
CA VAL B 398 39.63 22.60 -11.00
C VAL B 398 38.52 23.44 -11.64
N THR B 399 37.25 23.04 -11.45
CA THR B 399 36.07 23.72 -12.04
C THR B 399 34.84 23.47 -11.15
N ASN B 400 33.84 24.35 -11.26
CA ASN B 400 32.49 24.19 -10.66
C ASN B 400 31.53 23.57 -11.69
N VAL B 401 31.99 23.27 -12.92
CA VAL B 401 31.18 22.59 -13.97
C VAL B 401 31.63 21.12 -14.01
N TRP B 402 32.47 20.71 -14.96
CA TRP B 402 33.13 19.38 -14.96
C TRP B 402 34.42 19.45 -15.78
N ILE B 403 35.36 18.54 -15.49
CA ILE B 403 36.58 18.34 -16.31
C ILE B 403 36.18 17.46 -17.50
N ASN B 404 36.29 17.99 -18.72
CA ASN B 404 36.38 17.18 -19.96
C ASN B 404 37.82 16.72 -20.09
N VAL B 405 38.03 15.41 -20.24
CA VAL B 405 39.38 14.83 -20.48
C VAL B 405 39.83 15.27 -21.87
N HIS B 406 40.88 16.10 -21.90
CA HIS B 406 41.61 16.55 -23.12
C HIS B 406 42.90 15.74 -23.21
N ASP B 407 43.23 15.24 -24.41
CA ASP B 407 44.34 14.27 -24.62
C ASP B 407 45.67 15.00 -24.78
N ILE B 408 45.67 16.33 -24.92
CA ILE B 408 46.86 17.14 -25.27
C ILE B 408 47.71 17.38 -24.01
N PHE B 409 48.83 16.67 -23.92
CA PHE B 409 49.90 16.85 -22.90
C PHE B 409 51.23 16.50 -23.58
N TYR B 410 52.08 17.50 -23.84
CA TYR B 410 53.37 17.31 -24.56
C TYR B 410 54.51 17.79 -23.67
N PRO B 411 55.17 16.90 -22.90
CA PRO B 411 56.36 17.27 -22.14
C PRO B 411 57.60 17.41 -23.05
N PHE B 412 58.28 18.54 -22.93
CA PHE B 412 59.55 18.82 -23.65
C PHE B 412 60.70 18.08 -22.96
N PRO B 413 61.76 17.68 -23.69
CA PRO B 413 62.93 17.07 -23.06
C PRO B 413 63.57 18.03 -22.05
N GLN B 414 64.01 17.50 -20.92
CA GLN B 414 64.77 18.25 -19.88
C GLN B 414 66.26 18.19 -20.24
N SER B 415 66.99 19.27 -19.94
CA SER B 415 68.49 19.27 -19.90
C SER B 415 68.95 18.55 -18.63
N GLU B 416 70.17 18.00 -18.64
CA GLU B 416 70.82 17.36 -17.46
C GLU B 416 70.94 18.40 -16.34
N GLY B 417 70.53 18.02 -15.13
CA GLY B 417 70.60 18.88 -13.92
C GLY B 417 69.56 20.00 -13.91
N GLU B 418 68.51 19.91 -14.72
CA GLU B 418 67.36 20.85 -14.72
C GLU B 418 66.29 20.33 -13.76
N ASP B 419 65.86 21.17 -12.82
CA ASP B 419 64.83 20.85 -11.80
C ASP B 419 63.49 21.48 -12.26
N GLU B 420 63.18 21.37 -13.55
CA GLU B 420 61.92 21.89 -14.13
C GLU B 420 61.48 21.02 -15.32
N LEU B 421 60.16 20.98 -15.56
CA LEU B 421 59.54 20.33 -16.73
C LEU B 421 58.72 21.39 -17.47
N CYS B 422 59.02 21.59 -18.74
CA CYS B 422 58.22 22.44 -19.65
C CYS B 422 57.31 21.52 -20.47
N PHE B 423 56.05 21.89 -20.63
CA PHE B 423 55.06 21.08 -21.37
C PHE B 423 53.97 21.96 -21.98
N LEU B 424 53.39 21.48 -23.08
CA LEU B 424 52.15 22.02 -23.68
C LEU B 424 50.98 21.24 -23.07
N ARG B 425 49.92 21.97 -22.72
CA ARG B 425 48.70 21.41 -22.09
C ARG B 425 47.48 22.14 -22.68
N ALA B 426 46.47 21.38 -23.10
CA ALA B 426 45.12 21.90 -23.39
C ALA B 426 44.39 22.06 -22.05
N ASN B 427 43.87 23.26 -21.79
CA ASN B 427 43.17 23.60 -20.53
C ASN B 427 41.89 24.36 -20.90
N GLU B 428 40.75 23.86 -20.44
CA GLU B 428 39.41 24.44 -20.67
C GLU B 428 38.92 25.21 -19.44
N CYS B 429 39.22 24.72 -18.23
N CYS B 429 39.21 24.71 -18.23
CA CYS B 429 38.63 25.28 -16.98
CA CYS B 429 38.68 25.25 -16.95
C CYS B 429 39.14 26.70 -16.71
C CYS B 429 39.14 26.70 -16.72
N LYS B 430 40.34 27.06 -17.17
CA LYS B 430 40.94 28.39 -16.89
C LYS B 430 40.02 29.51 -17.42
N THR B 431 39.63 29.47 -18.70
CA THR B 431 38.80 30.52 -19.36
C THR B 431 37.40 30.03 -19.74
N GLY B 432 37.11 28.73 -19.63
CA GLY B 432 35.84 28.13 -20.09
C GLY B 432 35.88 27.73 -21.55
N PHE B 433 37.03 27.90 -22.22
CA PHE B 433 37.27 27.44 -23.61
C PHE B 433 38.62 26.72 -23.62
N CYS B 434 38.67 25.58 -24.32
CA CYS B 434 39.88 24.72 -24.42
C CYS B 434 40.95 25.46 -25.23
N HIS B 435 42.07 25.79 -24.59
CA HIS B 435 43.19 26.54 -25.21
C HIS B 435 44.54 25.88 -24.88
N LEU B 436 45.55 26.16 -25.71
CA LEU B 436 46.93 25.64 -25.54
C LEU B 436 47.70 26.59 -24.62
N TYR B 437 48.38 26.02 -23.62
CA TYR B 437 49.26 26.74 -22.68
C TYR B 437 50.64 26.08 -22.68
N LYS B 438 51.71 26.89 -22.65
CA LYS B 438 53.07 26.41 -22.38
C LYS B 438 53.33 26.61 -20.89
N VAL B 439 53.52 25.51 -20.17
CA VAL B 439 53.65 25.48 -18.68
C VAL B 439 55.06 25.05 -18.32
N THR B 440 55.67 25.71 -17.36
CA THR B 440 56.95 25.30 -16.72
C THR B 440 56.68 25.06 -15.24
N ALA B 441 56.80 23.80 -14.79
CA ALA B 441 56.67 23.36 -13.39
C ALA B 441 58.07 23.19 -12.79
N VAL B 442 58.24 23.52 -11.51
CA VAL B 442 59.50 23.33 -10.74
C VAL B 442 59.41 21.97 -10.03
N LEU B 443 60.36 21.09 -10.29
CA LEU B 443 60.45 19.74 -9.67
C LEU B 443 61.49 19.79 -8.54
N LYS B 444 61.05 20.11 -7.33
CA LYS B 444 61.94 20.18 -6.14
C LYS B 444 61.57 19.03 -5.20
N SER B 445 62.57 18.23 -4.81
CA SER B 445 62.45 17.13 -3.83
C SER B 445 62.25 17.72 -2.44
N GLN B 446 61.18 17.31 -1.76
CA GLN B 446 60.90 17.62 -0.32
C GLN B 446 61.80 16.74 0.56
N GLY B 447 62.14 15.53 0.09
CA GLY B 447 62.80 14.48 0.89
C GLY B 447 61.76 13.65 1.64
N TYR B 448 61.74 12.33 1.39
CA TYR B 448 60.75 11.38 1.99
C TYR B 448 61.48 10.11 2.41
N ASP B 449 61.16 9.62 3.60
CA ASP B 449 61.44 8.24 4.07
C ASP B 449 60.27 7.35 3.63
N TRP B 450 60.45 6.61 2.55
CA TRP B 450 59.37 5.80 1.91
C TRP B 450 59.08 4.52 2.69
N SER B 451 59.98 4.10 3.59
CA SER B 451 59.77 2.94 4.51
C SER B 451 58.77 3.29 5.60
N GLU B 452 58.60 4.59 5.93
CA GLU B 452 57.71 5.09 7.00
C GLU B 452 56.38 5.44 6.34
N PRO B 453 55.24 4.80 6.73
CA PRO B 453 53.94 5.19 6.17
C PRO B 453 53.60 6.63 6.57
N PHE B 454 52.97 7.38 5.66
CA PHE B 454 52.45 8.75 5.90
C PHE B 454 51.20 8.99 5.03
N SER B 455 50.23 9.75 5.58
CA SER B 455 49.10 10.37 4.86
C SER B 455 49.56 11.70 4.27
N PRO B 456 49.65 11.85 2.92
CA PRO B 456 49.90 13.14 2.28
C PRO B 456 48.87 14.23 2.64
N GLY B 457 49.36 15.43 2.95
CA GLY B 457 48.53 16.61 3.21
C GLY B 457 48.08 17.27 1.91
N GLU B 458 47.34 18.39 2.04
CA GLU B 458 46.84 19.19 0.89
C GLU B 458 48.06 19.64 0.07
N ASP B 459 48.07 19.35 -1.23
CA ASP B 459 49.07 19.84 -2.21
C ASP B 459 50.47 19.27 -1.91
N GLU B 460 50.54 18.05 -1.34
CA GLU B 460 51.81 17.43 -0.86
C GLU B 460 52.90 17.44 -1.95
N PHE B 461 52.57 16.91 -3.12
CA PHE B 461 53.51 16.73 -4.27
C PHE B 461 53.34 17.87 -5.27
N LYS B 462 52.66 18.96 -4.91
CA LYS B 462 52.29 20.05 -5.84
C LYS B 462 53.55 20.83 -6.22
N CYS B 463 53.80 20.95 -7.52
CA CYS B 463 54.93 21.71 -8.11
C CYS B 463 54.54 23.18 -8.26
N PRO B 464 55.39 24.13 -7.81
CA PRO B 464 55.26 25.53 -8.22
C PRO B 464 55.28 25.65 -9.75
N ILE B 465 54.44 26.52 -10.30
CA ILE B 465 54.42 26.89 -11.74
C ILE B 465 55.28 28.15 -11.91
N LYS B 466 56.44 28.03 -12.56
CA LYS B 466 57.37 29.14 -12.88
C LYS B 466 56.76 30.05 -13.95
N GLU B 467 56.11 29.46 -14.96
CA GLU B 467 55.61 30.16 -16.16
C GLU B 467 54.38 29.41 -16.72
N GLU B 468 53.38 30.16 -17.17
CA GLU B 468 52.17 29.62 -17.85
C GLU B 468 51.72 30.63 -18.93
N ILE B 469 52.09 30.37 -20.18
CA ILE B 469 51.84 31.26 -21.36
C ILE B 469 50.64 30.68 -22.11
N ALA B 470 49.60 31.48 -22.33
CA ALA B 470 48.49 31.18 -23.28
C ALA B 470 49.02 31.29 -24.70
N LEU B 471 49.07 30.17 -25.43
CA LEU B 471 49.46 30.18 -26.87
C LEU B 471 48.23 30.53 -27.73
N THR B 472 47.03 30.24 -27.24
CA THR B 472 45.73 30.53 -27.91
C THR B 472 44.76 31.11 -26.88
N SER B 473 43.80 31.92 -27.32
CA SER B 473 42.76 32.53 -26.45
C SER B 473 41.55 32.95 -27.28
N GLY B 474 40.42 33.19 -26.62
CA GLY B 474 39.18 33.71 -27.23
C GLY B 474 38.01 32.74 -27.07
N GLU B 475 36.85 33.10 -27.63
CA GLU B 475 35.58 32.33 -27.51
C GLU B 475 35.51 31.32 -28.66
N TRP B 476 36.46 30.39 -28.65
CA TRP B 476 36.57 29.25 -29.60
C TRP B 476 37.46 28.19 -28.94
N GLU B 477 37.56 26.99 -29.51
CA GLU B 477 38.20 25.82 -28.86
C GLU B 477 39.33 25.27 -29.71
N VAL B 478 40.43 24.88 -29.05
CA VAL B 478 41.36 23.85 -29.56
C VAL B 478 40.66 22.50 -29.38
N LEU B 479 40.67 21.67 -30.41
CA LEU B 479 40.06 20.32 -30.39
C LEU B 479 41.06 19.36 -29.76
N ALA B 480 40.67 18.67 -28.70
CA ALA B 480 41.56 17.84 -27.85
C ALA B 480 40.93 16.50 -27.47
N ARG B 481 39.82 16.11 -28.12
CA ARG B 481 39.02 14.92 -27.77
C ARG B 481 38.71 14.12 -29.04
N HIS B 482 38.48 12.82 -28.88
CA HIS B 482 37.88 11.91 -29.90
C HIS B 482 38.76 11.90 -31.16
N GLY B 483 40.08 11.70 -30.98
CA GLY B 483 41.06 11.57 -32.07
C GLY B 483 41.86 12.84 -32.33
N SER B 484 41.37 14.01 -31.90
CA SER B 484 42.04 15.31 -32.10
C SER B 484 43.33 15.34 -31.26
N LYS B 485 44.39 15.93 -31.80
CA LYS B 485 45.74 15.95 -31.17
C LYS B 485 46.51 17.18 -31.64
N ILE B 486 47.71 17.37 -31.10
CA ILE B 486 48.68 18.40 -31.57
C ILE B 486 49.88 17.67 -32.15
N TRP B 487 50.60 18.37 -33.03
CA TRP B 487 51.91 17.95 -33.58
C TRP B 487 52.90 19.08 -33.30
N VAL B 488 54.02 18.75 -32.67
CA VAL B 488 55.02 19.74 -32.15
C VAL B 488 56.32 19.56 -32.92
N ASN B 489 56.75 20.60 -33.65
CA ASN B 489 58.06 20.66 -34.34
C ASN B 489 59.02 21.44 -33.43
N GLU B 490 59.91 20.71 -32.74
CA GLU B 490 60.88 21.29 -31.78
C GLU B 490 62.00 22.03 -32.51
N GLU B 491 62.24 21.76 -33.80
CA GLU B 491 63.24 22.50 -34.61
CA GLU B 491 63.24 22.50 -34.61
C GLU B 491 62.73 23.93 -34.87
N THR B 492 61.46 24.09 -35.26
CA THR B 492 60.87 25.40 -35.64
C THR B 492 60.15 26.07 -34.46
N LYS B 493 59.96 25.36 -33.34
CA LYS B 493 59.23 25.83 -32.14
C LYS B 493 57.77 26.18 -32.51
N LEU B 494 57.16 25.35 -33.37
CA LEU B 494 55.75 25.49 -33.83
C LEU B 494 54.93 24.32 -33.29
N VAL B 495 53.69 24.60 -32.88
CA VAL B 495 52.67 23.57 -32.53
C VAL B 495 51.51 23.70 -33.53
N TYR B 496 51.21 22.58 -34.20
CA TYR B 496 50.07 22.41 -35.12
C TYR B 496 48.92 21.83 -34.30
N PHE B 497 47.73 22.41 -34.46
CA PHE B 497 46.52 22.00 -33.72
C PHE B 497 45.28 22.20 -34.59
N GLN B 498 44.17 21.58 -34.21
CA GLN B 498 42.84 21.80 -34.84
C GLN B 498 41.98 22.62 -33.90
N GLY B 499 41.06 23.43 -34.45
CA GLY B 499 40.22 24.33 -33.66
C GLY B 499 39.01 24.86 -34.42
N THR B 500 38.17 25.60 -33.70
CA THR B 500 36.93 26.26 -34.20
C THR B 500 37.13 27.78 -34.28
N LYS B 501 38.37 28.26 -34.44
CA LYS B 501 38.70 29.72 -34.40
C LYS B 501 37.92 30.48 -35.48
N ASP B 502 37.82 29.94 -36.70
CA ASP B 502 37.11 30.57 -37.84
C ASP B 502 35.59 30.54 -37.62
N THR B 503 35.07 29.45 -37.07
CA THR B 503 33.61 29.21 -36.85
C THR B 503 33.42 27.91 -36.08
N PRO B 504 32.43 27.83 -35.17
CA PRO B 504 32.09 26.56 -34.53
C PRO B 504 31.54 25.49 -35.50
N LEU B 505 31.22 25.86 -36.76
CA LEU B 505 30.67 24.94 -37.79
C LEU B 505 31.77 24.22 -38.57
N GLU B 506 33.04 24.56 -38.38
CA GLU B 506 34.15 23.96 -39.17
C GLU B 506 35.34 23.69 -38.26
N HIS B 507 35.92 22.49 -38.39
CA HIS B 507 37.25 22.14 -37.84
C HIS B 507 38.30 22.56 -38.87
N HIS B 508 39.31 23.31 -38.45
CA HIS B 508 40.46 23.73 -39.29
C HIS B 508 41.77 23.36 -38.61
N LEU B 509 42.82 23.21 -39.40
CA LEU B 509 44.22 23.04 -38.93
C LEU B 509 44.86 24.42 -38.79
N TYR B 510 45.51 24.68 -37.66
CA TYR B 510 46.22 25.93 -37.36
C TYR B 510 47.66 25.62 -36.94
N VAL B 511 48.51 26.64 -36.98
CA VAL B 511 49.89 26.57 -36.45
C VAL B 511 50.16 27.88 -35.70
N VAL B 512 50.85 27.77 -34.57
CA VAL B 512 51.30 28.92 -33.72
C VAL B 512 52.67 28.58 -33.16
N SER B 513 53.50 29.58 -32.91
CA SER B 513 54.80 29.43 -32.20
C SER B 513 54.51 29.20 -30.72
N TYR B 514 55.18 28.23 -30.10
CA TYR B 514 55.18 28.08 -28.61
C TYR B 514 56.36 28.83 -27.99
N GLU B 515 57.32 29.32 -28.80
CA GLU B 515 58.46 30.14 -28.30
C GLU B 515 57.98 31.58 -28.12
N ALA B 516 57.56 32.22 -29.22
CA ALA B 516 57.07 33.61 -29.28
C ALA B 516 55.62 33.61 -29.75
N ALA B 517 54.69 33.28 -28.83
CA ALA B 517 53.24 33.15 -29.07
C ALA B 517 52.70 34.45 -29.67
N GLY B 518 52.14 34.38 -30.87
CA GLY B 518 51.52 35.52 -31.56
C GLY B 518 50.53 35.07 -32.62
N GLU B 519 50.88 35.27 -33.90
CA GLU B 519 49.99 35.01 -35.05
C GLU B 519 49.66 33.52 -35.14
N ILE B 520 48.38 33.20 -35.29
CA ILE B 520 47.88 31.83 -35.61
C ILE B 520 47.60 31.79 -37.12
N VAL B 521 48.25 30.89 -37.85
CA VAL B 521 48.06 30.70 -39.32
C VAL B 521 47.13 29.50 -39.53
N ARG B 522 46.05 29.69 -40.28
CA ARG B 522 45.14 28.61 -40.73
C ARG B 522 45.75 27.94 -41.97
N LEU B 523 45.79 26.61 -42.00
CA LEU B 523 46.42 25.81 -43.08
C LEU B 523 45.38 25.09 -43.95
N THR B 524 44.11 25.08 -43.55
CA THR B 524 43.00 24.39 -44.27
C THR B 524 42.09 25.41 -44.95
N THR B 525 41.38 24.96 -45.98
CA THR B 525 40.48 25.75 -46.86
C THR B 525 39.19 26.09 -46.11
N PRO B 526 38.83 27.38 -45.91
CA PRO B 526 37.52 27.76 -45.36
C PRO B 526 36.36 27.26 -46.23
N GLY B 527 35.18 27.09 -45.60
CA GLY B 527 33.96 26.56 -46.25
C GLY B 527 33.87 25.05 -46.21
N PHE B 528 34.80 24.37 -45.52
CA PHE B 528 34.79 22.91 -45.26
C PHE B 528 35.22 22.65 -43.80
N SER B 529 34.79 21.51 -43.24
CA SER B 529 35.26 20.97 -41.94
C SER B 529 36.31 19.89 -42.22
N HIS B 530 37.48 20.02 -41.60
CA HIS B 530 38.71 19.22 -41.91
C HIS B 530 39.07 18.28 -40.77
N SER B 531 39.47 17.05 -41.11
CA SER B 531 40.12 16.07 -40.19
C SER B 531 41.52 15.78 -40.74
N CYS B 532 42.57 16.24 -40.05
CA CYS B 532 43.95 16.29 -40.61
C CYS B 532 44.89 15.32 -39.90
N SER B 533 45.86 14.82 -40.65
CA SER B 533 46.99 13.98 -40.21
C SER B 533 48.28 14.61 -40.74
N MET B 534 49.21 14.92 -39.84
CA MET B 534 50.46 15.66 -40.11
C MET B 534 51.61 14.66 -40.10
N SER B 535 52.52 14.76 -41.08
CA SER B 535 53.81 14.03 -41.10
C SER B 535 54.63 14.44 -39.87
N GLN B 536 55.31 13.48 -39.25
CA GLN B 536 56.27 13.70 -38.13
C GLN B 536 57.46 14.54 -38.58
N ASN B 537 57.69 14.69 -39.90
CA ASN B 537 58.75 15.54 -40.50
C ASN B 537 58.21 16.93 -40.86
N PHE B 538 56.91 17.18 -40.68
CA PHE B 538 56.25 18.52 -40.85
C PHE B 538 56.47 19.05 -42.27
N ASP B 539 56.57 18.15 -43.25
CA ASP B 539 56.75 18.49 -44.69
C ASP B 539 55.43 18.32 -45.43
N MET B 540 54.54 17.44 -44.96
CA MET B 540 53.28 17.05 -45.64
C MET B 540 52.19 16.82 -44.60
N PHE B 541 50.94 17.05 -45.01
CA PHE B 541 49.75 16.62 -44.22
C PHE B 541 48.62 16.20 -45.16
N VAL B 542 47.72 15.39 -44.62
CA VAL B 542 46.47 14.93 -45.29
C VAL B 542 45.32 15.66 -44.60
N SER B 543 44.30 16.07 -45.37
CA SER B 543 42.99 16.50 -44.83
C SER B 543 41.88 15.67 -45.47
N HIS B 544 41.10 15.00 -44.62
CA HIS B 544 39.77 14.43 -44.94
C HIS B 544 38.74 15.51 -44.61
N TYR B 545 38.10 16.08 -45.63
CA TYR B 545 37.19 17.24 -45.44
C TYR B 545 35.95 17.16 -46.33
N SER B 546 34.91 17.86 -45.88
CA SER B 546 33.59 17.91 -46.55
C SER B 546 32.89 19.22 -46.18
N SER B 547 31.78 19.49 -46.87
CA SER B 547 30.83 20.58 -46.52
C SER B 547 29.42 19.99 -46.57
N VAL B 548 28.45 20.75 -46.08
CA VAL B 548 27.02 20.39 -46.13
C VAL B 548 26.61 20.05 -47.57
N SER B 549 27.18 20.70 -48.60
CA SER B 549 26.81 20.52 -50.03
C SER B 549 27.70 19.49 -50.74
N THR B 550 28.89 19.19 -50.23
CA THR B 550 29.95 18.45 -50.99
C THR B 550 30.38 17.22 -50.20
N PRO B 551 30.24 16.00 -50.76
CA PRO B 551 30.74 14.79 -50.12
C PRO B 551 32.24 14.85 -49.80
N PRO B 552 32.74 13.97 -48.89
CA PRO B 552 34.11 14.03 -48.44
C PRO B 552 35.13 13.80 -49.57
N CYS B 553 36.25 14.50 -49.49
CA CYS B 553 37.48 14.23 -50.27
C CYS B 553 38.65 14.07 -49.30
N VAL B 554 39.73 13.43 -49.75
CA VAL B 554 41.00 13.30 -49.00
C VAL B 554 42.12 13.84 -49.89
N HIS B 555 42.73 14.96 -49.48
CA HIS B 555 43.80 15.67 -50.23
C HIS B 555 45.10 15.65 -49.42
N VAL B 556 46.22 15.53 -50.13
CA VAL B 556 47.60 15.59 -49.57
C VAL B 556 48.14 16.98 -49.89
N TYR B 557 48.69 17.66 -48.88
CA TYR B 557 49.28 19.02 -48.97
C TYR B 557 50.77 18.95 -48.62
N LYS B 558 51.59 19.73 -49.32
CA LYS B 558 53.04 19.89 -49.05
C LYS B 558 53.21 21.27 -48.39
N LEU B 559 53.85 21.35 -47.21
CA LEU B 559 54.23 22.63 -46.56
C LEU B 559 55.47 23.18 -47.26
N SER B 560 55.30 24.31 -47.95
CA SER B 560 56.28 24.84 -48.95
C SER B 560 56.60 26.30 -48.63
N GLY B 561 57.83 26.71 -48.95
CA GLY B 561 58.31 28.11 -48.80
C GLY B 561 59.66 28.15 -48.10
N PRO B 562 60.23 29.37 -47.90
CA PRO B 562 61.52 29.52 -47.22
C PRO B 562 61.56 28.87 -45.84
N ASP B 563 62.65 28.15 -45.53
CA ASP B 563 62.87 27.46 -44.23
C ASP B 563 63.07 28.48 -43.11
N ASP B 564 63.46 29.72 -43.42
CA ASP B 564 63.66 30.79 -42.41
C ASP B 564 62.33 31.43 -41.99
N ASP B 565 61.20 31.04 -42.63
CA ASP B 565 59.83 31.54 -42.30
C ASP B 565 58.88 30.36 -42.10
N PRO B 566 59.12 29.47 -41.09
CA PRO B 566 58.33 28.24 -40.96
C PRO B 566 56.84 28.49 -40.62
N LEU B 567 56.52 29.54 -39.88
CA LEU B 567 55.11 29.87 -39.49
C LEU B 567 54.25 30.13 -40.73
N HIS B 568 54.84 30.69 -41.80
CA HIS B 568 54.11 31.10 -43.03
C HIS B 568 54.41 30.15 -44.20
N LYS B 569 54.82 28.91 -43.92
CA LYS B 569 54.82 27.81 -44.93
C LYS B 569 53.43 27.75 -45.58
N GLN B 570 53.39 27.62 -46.91
CA GLN B 570 52.15 27.50 -47.71
C GLN B 570 51.65 26.05 -47.67
N PRO B 571 50.37 25.78 -47.39
CA PRO B 571 49.82 24.45 -47.59
C PRO B 571 49.53 24.25 -49.08
N ARG B 572 50.48 23.70 -49.83
CA ARG B 572 50.40 23.60 -51.31
C ARG B 572 49.66 22.30 -51.65
N PHE B 573 48.49 22.38 -52.29
CA PHE B 573 47.75 21.19 -52.78
C PHE B 573 48.73 20.37 -53.63
N TRP B 574 48.84 19.07 -53.34
CA TRP B 574 49.87 18.20 -53.94
C TRP B 574 49.21 17.11 -54.78
N ALA B 575 48.30 16.34 -54.18
CA ALA B 575 47.59 15.22 -54.83
C ALA B 575 46.32 14.88 -54.06
N SER B 576 45.42 14.17 -54.74
CA SER B 576 44.15 13.63 -54.17
C SER B 576 44.33 12.14 -53.87
N MET B 577 43.87 11.72 -52.69
CA MET B 577 43.69 10.28 -52.32
C MET B 577 42.25 9.87 -52.65
N MET B 578 41.32 10.81 -52.65
CA MET B 578 39.89 10.52 -52.91
C MET B 578 39.20 11.82 -53.30
N GLU B 579 38.67 11.88 -54.53
CA GLU B 579 37.84 13.01 -55.00
C GLU B 579 36.42 12.85 -54.44
N ALA B 580 35.73 13.98 -54.21
CA ALA B 580 34.33 14.01 -53.73
C ALA B 580 33.45 13.23 -54.70
N ALA B 581 32.67 12.28 -54.19
CA ALA B 581 31.61 11.56 -54.95
C ALA B 581 30.62 12.60 -55.48
N SER B 582 29.98 12.31 -56.62
CA SER B 582 28.92 13.17 -57.19
C SER B 582 27.76 13.19 -56.19
N CYS B 583 27.34 14.39 -55.79
CA CYS B 583 26.17 14.58 -54.91
C CYS B 583 24.94 14.07 -55.66
N PRO B 584 24.26 12.99 -55.20
CA PRO B 584 23.13 12.42 -55.92
C PRO B 584 22.05 13.46 -56.29
N PRO B 585 21.39 13.35 -57.47
CA PRO B 585 20.39 14.35 -57.89
C PRO B 585 19.17 14.43 -56.93
N ASP B 586 18.82 13.30 -56.31
CA ASP B 586 17.70 13.17 -55.33
C ASP B 586 18.13 13.67 -53.94
N TYR B 587 19.43 13.81 -53.66
CA TYR B 587 19.95 14.38 -52.38
C TYR B 587 19.96 15.91 -52.48
N VAL B 588 19.23 16.57 -51.58
CA VAL B 588 19.27 18.05 -51.37
C VAL B 588 19.89 18.30 -50.00
N PRO B 589 21.03 19.03 -49.92
CA PRO B 589 21.65 19.33 -48.62
C PRO B 589 20.71 20.08 -47.70
N PRO B 590 20.80 19.90 -46.36
CA PRO B 590 20.08 20.76 -45.43
C PRO B 590 20.68 22.16 -45.47
N GLU B 591 19.92 23.15 -44.99
CA GLU B 591 20.35 24.56 -44.87
C GLU B 591 20.67 24.84 -43.40
N ILE B 592 21.85 25.42 -43.15
CA ILE B 592 22.26 25.85 -41.78
C ILE B 592 21.69 27.26 -41.55
N PHE B 593 21.13 27.48 -40.36
CA PHE B 593 20.71 28.81 -39.86
C PHE B 593 21.21 28.97 -38.43
N HIS B 594 21.15 30.20 -37.93
CA HIS B 594 21.33 30.51 -36.49
C HIS B 594 20.27 31.54 -36.08
N PHE B 595 20.00 31.60 -34.79
CA PHE B 595 19.07 32.58 -34.16
C PHE B 595 19.54 32.81 -32.73
N HIS B 596 19.02 33.87 -32.11
CA HIS B 596 19.28 34.24 -30.70
C HIS B 596 18.03 33.91 -29.90
N THR B 597 18.19 33.17 -28.81
CA THR B 597 17.11 32.81 -27.87
C THR B 597 16.63 34.08 -27.16
N ARG B 598 15.52 34.01 -26.43
CA ARG B 598 15.01 35.13 -25.58
C ARG B 598 16.08 35.54 -24.55
N SER B 599 16.92 34.61 -24.10
CA SER B 599 18.08 34.85 -23.19
C SER B 599 19.34 35.31 -23.96
N ASP B 600 19.25 35.53 -25.27
CA ASP B 600 20.31 36.09 -26.15
C ASP B 600 21.49 35.11 -26.26
N VAL B 601 21.23 33.80 -26.25
CA VAL B 601 22.25 32.75 -26.59
C VAL B 601 22.10 32.45 -28.09
N ARG B 602 23.20 32.40 -28.84
CA ARG B 602 23.19 31.97 -30.25
C ARG B 602 23.08 30.43 -30.31
N LEU B 603 22.05 29.93 -31.00
CA LEU B 603 21.91 28.50 -31.34
C LEU B 603 21.97 28.34 -32.86
N TYR B 604 22.64 27.29 -33.34
CA TYR B 604 22.66 26.87 -34.75
C TYR B 604 21.66 25.73 -34.95
N GLY B 605 21.08 25.68 -36.14
CA GLY B 605 20.13 24.64 -36.56
C GLY B 605 20.32 24.29 -38.01
N MET B 606 19.73 23.18 -38.45
CA MET B 606 19.60 22.81 -39.87
C MET B 606 18.13 22.58 -40.18
N ILE B 607 17.74 22.86 -41.43
CA ILE B 607 16.41 22.53 -41.98
C ILE B 607 16.62 21.76 -43.30
N TYR B 608 16.05 20.55 -43.37
CA TYR B 608 15.78 19.84 -44.64
C TYR B 608 14.44 20.35 -45.15
N LYS B 609 14.48 21.19 -46.18
CA LYS B 609 13.26 21.76 -46.80
C LYS B 609 12.55 20.62 -47.51
N PRO B 610 11.19 20.57 -47.47
CA PRO B 610 10.45 19.65 -48.33
C PRO B 610 10.96 19.77 -49.76
N HIS B 611 11.22 18.65 -50.43
CA HIS B 611 11.70 18.61 -51.84
C HIS B 611 10.62 19.17 -52.75
N ALA B 612 11.00 19.88 -53.83
CA ALA B 612 10.06 20.52 -54.77
C ALA B 612 9.06 21.39 -53.98
N LEU B 613 9.59 22.24 -53.09
CA LEU B 613 8.80 23.10 -52.17
C LEU B 613 8.00 24.11 -53.01
N GLN B 614 6.72 24.27 -52.67
CA GLN B 614 5.80 25.27 -53.27
C GLN B 614 5.57 26.35 -52.23
N PRO B 615 5.45 27.64 -52.62
CA PRO B 615 5.12 28.70 -51.67
C PRO B 615 3.68 28.55 -51.13
N GLY B 616 3.42 29.14 -49.95
CA GLY B 616 2.08 29.21 -49.33
C GLY B 616 1.58 27.85 -48.87
N LYS B 617 2.49 26.94 -48.49
CA LYS B 617 2.13 25.58 -48.00
C LYS B 617 2.89 25.24 -46.71
N LYS B 618 2.19 24.75 -45.68
CA LYS B 618 2.78 24.31 -44.38
C LYS B 618 2.81 22.79 -44.33
N HIS B 619 3.99 22.25 -44.05
CA HIS B 619 4.33 20.81 -44.17
C HIS B 619 4.39 20.17 -42.79
N PRO B 620 4.05 18.86 -42.67
CA PRO B 620 4.27 18.13 -41.42
C PRO B 620 5.79 18.08 -41.20
N THR B 621 6.23 18.14 -39.94
CA THR B 621 7.64 18.41 -39.57
C THR B 621 8.12 17.32 -38.60
N VAL B 622 9.34 16.85 -38.82
CA VAL B 622 10.10 15.97 -37.87
C VAL B 622 11.18 16.82 -37.23
N LEU B 623 11.08 17.07 -35.93
CA LEU B 623 12.20 17.57 -35.10
C LEU B 623 13.09 16.38 -34.78
N PHE B 624 14.23 16.27 -35.47
CA PHE B 624 15.26 15.24 -35.22
C PHE B 624 16.20 15.77 -34.13
N VAL B 625 16.28 15.06 -33.00
CA VAL B 625 16.97 15.55 -31.78
C VAL B 625 17.99 14.50 -31.31
N TYR B 626 19.18 14.96 -30.93
CA TYR B 626 20.09 14.24 -30.00
C TYR B 626 20.11 15.04 -28.69
N GLY B 627 20.78 16.20 -28.67
CA GLY B 627 20.60 17.24 -27.64
C GLY B 627 21.42 16.98 -26.38
N GLY B 628 22.25 15.94 -26.35
CA GLY B 628 23.07 15.54 -25.20
C GLY B 628 24.48 16.13 -25.28
N PRO B 629 25.27 16.06 -24.18
CA PRO B 629 26.66 16.50 -24.22
C PRO B 629 27.55 15.65 -25.13
N GLN B 630 28.67 16.25 -25.56
CA GLN B 630 29.76 15.63 -26.37
C GLN B 630 29.38 15.49 -27.84
N VAL B 631 28.22 16.00 -28.25
CA VAL B 631 27.73 15.88 -29.67
C VAL B 631 27.33 17.27 -30.17
N GLN B 632 27.71 17.57 -31.41
CA GLN B 632 27.23 18.73 -32.20
C GLN B 632 26.71 18.17 -33.52
N LEU B 633 25.39 18.21 -33.75
CA LEU B 633 24.75 17.69 -34.98
C LEU B 633 24.91 18.71 -36.12
N VAL B 634 24.94 20.00 -35.81
CA VAL B 634 24.89 21.11 -36.82
C VAL B 634 26.30 21.64 -37.03
N ASN B 635 26.87 21.33 -38.18
CA ASN B 635 28.18 21.87 -38.63
C ASN B 635 28.25 21.77 -40.15
N ASN B 636 29.26 22.42 -40.75
CA ASN B 636 29.45 22.48 -42.22
C ASN B 636 30.28 21.27 -42.66
N SER B 637 29.67 20.09 -42.58
CA SER B 637 30.22 18.79 -43.07
C SER B 637 29.08 18.01 -43.73
N PHE B 638 29.42 17.04 -44.56
CA PHE B 638 28.43 16.31 -45.40
C PHE B 638 27.64 15.35 -44.51
N LYS B 639 26.31 15.46 -44.53
CA LYS B 639 25.37 14.70 -43.65
C LYS B 639 24.71 13.53 -44.39
N GLY B 640 24.88 13.44 -45.71
CA GLY B 640 24.14 12.50 -46.59
C GLY B 640 24.53 11.04 -46.39
N ILE B 641 25.73 10.75 -45.87
CA ILE B 641 26.21 9.35 -45.65
C ILE B 641 25.54 8.81 -44.37
N LYS B 642 25.56 9.60 -43.29
CA LYS B 642 25.09 9.18 -41.93
C LYS B 642 23.59 9.47 -41.76
N TYR B 643 23.06 10.52 -42.41
CA TYR B 643 21.67 11.00 -42.18
C TYR B 643 20.88 11.02 -43.49
N LEU B 644 21.10 10.04 -44.38
CA LEU B 644 20.35 9.89 -45.65
C LEU B 644 18.84 9.85 -45.35
N ARG B 645 18.42 9.17 -44.28
CA ARG B 645 16.97 9.01 -43.93
C ARG B 645 16.28 10.37 -43.75
N LEU B 646 17.00 11.42 -43.36
CA LEU B 646 16.41 12.78 -43.20
C LEU B 646 16.14 13.38 -44.58
N ASN B 647 17.02 13.14 -45.55
CA ASN B 647 16.79 13.52 -46.97
C ASN B 647 15.55 12.77 -47.50
N THR B 648 15.43 11.48 -47.20
CA THR B 648 14.28 10.62 -47.61
C THR B 648 12.98 11.22 -47.08
N LEU B 649 12.93 11.60 -45.79
CA LEU B 649 11.75 12.27 -45.17
C LEU B 649 11.40 13.53 -45.98
N ALA B 650 12.40 14.38 -46.26
CA ALA B 650 12.21 15.64 -47.02
C ALA B 650 11.69 15.36 -48.43
N SER B 651 12.12 14.25 -49.05
CA SER B 651 11.70 13.84 -50.41
C SER B 651 10.20 13.51 -50.44
N LEU B 652 9.61 13.06 -49.32
CA LEU B 652 8.15 12.74 -49.22
C LEU B 652 7.34 13.99 -48.86
N GLY B 653 8.00 15.07 -48.43
CA GLY B 653 7.36 16.36 -48.13
C GLY B 653 7.30 16.66 -46.65
N TYR B 654 8.06 15.94 -45.80
CA TYR B 654 8.30 16.33 -44.38
C TYR B 654 9.39 17.40 -44.36
N ALA B 655 9.21 18.46 -43.59
CA ALA B 655 10.30 19.35 -43.15
C ALA B 655 11.05 18.62 -42.02
N VAL B 656 12.38 18.65 -42.01
CA VAL B 656 13.19 18.06 -40.90
C VAL B 656 13.99 19.20 -40.27
N VAL B 657 13.80 19.42 -38.96
CA VAL B 657 14.48 20.47 -38.16
C VAL B 657 15.46 19.78 -37.20
N VAL B 658 16.67 20.33 -37.08
CA VAL B 658 17.72 19.91 -36.12
C VAL B 658 18.20 21.19 -35.41
N ILE B 659 18.22 21.18 -34.08
CA ILE B 659 18.68 22.32 -33.22
C ILE B 659 19.78 21.82 -32.29
N ASP B 660 20.95 22.47 -32.31
CA ASP B 660 22.01 22.28 -31.28
C ASP B 660 21.72 23.24 -30.13
N GLY B 661 20.96 22.77 -29.14
CA GLY B 661 20.63 23.56 -27.94
C GLY B 661 21.78 23.55 -26.94
N ARG B 662 21.62 24.29 -25.85
CA ARG B 662 22.62 24.32 -24.75
C ARG B 662 22.81 22.89 -24.24
N GLY B 663 24.05 22.52 -23.91
CA GLY B 663 24.43 21.13 -23.58
C GLY B 663 25.27 20.50 -24.68
N SER B 664 25.03 20.87 -25.94
CA SER B 664 25.81 20.40 -27.12
C SER B 664 27.23 21.00 -27.07
N CYS B 665 28.15 20.46 -27.86
CA CYS B 665 29.62 20.68 -27.69
C CYS B 665 30.13 21.67 -28.76
N GLN B 666 31.43 22.00 -28.68
CA GLN B 666 32.18 22.93 -29.58
C GLN B 666 31.72 24.38 -29.38
N ARG B 667 31.15 24.72 -28.22
CA ARG B 667 30.69 26.09 -27.89
C ARG B 667 31.22 26.52 -26.52
N GLY B 668 32.18 25.79 -25.93
CA GLY B 668 32.77 26.11 -24.62
C GLY B 668 32.03 25.48 -23.46
N LEU B 669 32.63 25.56 -22.28
CA LEU B 669 32.21 24.83 -21.04
C LEU B 669 30.91 25.42 -20.49
N ARG B 670 30.75 26.75 -20.51
CA ARG B 670 29.55 27.45 -19.96
C ARG B 670 28.31 27.02 -20.76
N PHE B 671 28.41 26.96 -22.09
CA PHE B 671 27.30 26.57 -23.00
C PHE B 671 26.84 25.13 -22.69
N GLU B 672 27.77 24.17 -22.60
CA GLU B 672 27.41 22.77 -22.30
C GLU B 672 27.01 22.64 -20.81
N GLY B 673 27.55 23.51 -19.95
CA GLY B 673 27.31 23.52 -18.49
C GLY B 673 25.88 23.87 -18.10
N ALA B 674 25.08 24.43 -19.01
CA ALA B 674 23.67 24.81 -18.78
C ALA B 674 22.83 23.63 -18.27
N LEU B 675 23.16 22.38 -18.62
CA LEU B 675 22.31 21.22 -18.23
C LEU B 675 22.81 20.59 -16.92
N LYS B 676 23.84 21.16 -16.27
CA LYS B 676 24.43 20.62 -15.01
C LYS B 676 23.32 20.34 -14.00
N ASN B 677 23.20 19.08 -13.57
CA ASN B 677 22.26 18.58 -12.52
C ASN B 677 20.80 18.70 -12.95
N GLN B 678 20.49 19.01 -14.22
CA GLN B 678 19.08 19.23 -14.66
C GLN B 678 18.90 18.72 -16.10
N MET B 679 19.49 17.58 -16.43
CA MET B 679 19.38 16.98 -17.79
C MET B 679 17.89 16.81 -18.15
N GLY B 680 17.53 17.19 -19.38
CA GLY B 680 16.16 17.19 -19.92
C GLY B 680 15.51 18.58 -19.91
N GLN B 681 15.88 19.45 -18.98
CA GLN B 681 15.09 20.68 -18.65
C GLN B 681 15.39 21.78 -19.68
N VAL B 682 16.63 22.26 -19.79
CA VAL B 682 16.99 23.37 -20.72
C VAL B 682 16.93 22.87 -22.18
N GLU B 683 17.22 21.58 -22.43
CA GLU B 683 17.35 21.03 -23.81
C GLU B 683 16.02 21.19 -24.55
N ILE B 684 14.90 20.82 -23.92
CA ILE B 684 13.54 20.88 -24.54
C ILE B 684 13.15 22.33 -24.78
N GLU B 685 13.46 23.24 -23.85
CA GLU B 685 13.16 24.69 -24.02
C GLU B 685 13.82 25.19 -25.30
N ASP B 686 15.10 24.86 -25.52
CA ASP B 686 15.89 25.28 -26.69
C ASP B 686 15.34 24.63 -27.96
N GLN B 687 14.96 23.34 -27.92
CA GLN B 687 14.36 22.62 -29.08
C GLN B 687 13.08 23.36 -29.52
N VAL B 688 12.23 23.74 -28.57
CA VAL B 688 10.93 24.41 -28.85
C VAL B 688 11.19 25.82 -29.42
N GLU B 689 12.13 26.58 -28.84
CA GLU B 689 12.50 27.94 -29.35
C GLU B 689 13.00 27.82 -30.79
N GLY B 690 13.86 26.83 -31.07
CA GLY B 690 14.40 26.55 -32.42
C GLY B 690 13.30 26.23 -33.42
N LEU B 691 12.40 25.33 -33.05
CA LEU B 691 11.25 24.90 -33.89
C LEU B 691 10.41 26.15 -34.24
N GLN B 692 10.11 26.97 -33.23
CA GLN B 692 9.24 28.17 -33.36
C GLN B 692 9.96 29.22 -34.22
N PHE B 693 11.28 29.38 -34.06
CA PHE B 693 12.09 30.29 -34.91
C PHE B 693 11.99 29.85 -36.38
N VAL B 694 12.19 28.56 -36.64
CA VAL B 694 12.14 27.97 -38.01
C VAL B 694 10.77 28.24 -38.63
N ALA B 695 9.70 28.01 -37.88
CA ALA B 695 8.30 28.24 -38.33
C ALA B 695 8.12 29.71 -38.74
N GLU B 696 8.62 30.65 -37.93
CA GLU B 696 8.48 32.12 -38.19
C GLU B 696 9.37 32.53 -39.38
N LYS B 697 10.61 32.05 -39.44
CA LYS B 697 11.59 32.44 -40.49
C LYS B 697 11.19 31.87 -41.86
N TYR B 698 10.87 30.57 -41.94
CA TYR B 698 10.74 29.82 -43.22
C TYR B 698 9.29 29.75 -43.70
N GLY B 699 8.31 29.69 -42.79
CA GLY B 699 6.87 29.76 -43.12
C GLY B 699 6.28 28.50 -43.73
N PHE B 700 7.04 27.39 -43.87
CA PHE B 700 6.53 26.11 -44.43
C PHE B 700 6.39 25.02 -43.34
N ILE B 701 6.47 25.40 -42.06
CA ILE B 701 6.33 24.47 -40.91
C ILE B 701 4.87 24.49 -40.45
N ASP B 702 4.21 23.34 -40.46
CA ASP B 702 2.90 23.12 -39.81
C ASP B 702 3.15 22.71 -38.36
N LEU B 703 3.04 23.66 -37.43
CA LEU B 703 3.28 23.45 -35.97
C LEU B 703 2.20 22.56 -35.35
N SER B 704 1.08 22.30 -36.03
CA SER B 704 0.03 21.34 -35.59
C SER B 704 0.45 19.88 -35.88
N ARG B 705 1.49 19.66 -36.70
CA ARG B 705 1.95 18.30 -37.11
C ARG B 705 3.47 18.21 -36.97
N VAL B 706 3.96 18.26 -35.72
CA VAL B 706 5.40 18.09 -35.40
C VAL B 706 5.59 16.75 -34.67
N ALA B 707 6.43 15.88 -35.23
CA ALA B 707 6.96 14.67 -34.58
C ALA B 707 8.33 15.01 -33.97
N ILE B 708 8.58 14.55 -32.75
CA ILE B 708 9.95 14.57 -32.14
C ILE B 708 10.51 13.14 -32.21
N HIS B 709 11.71 13.01 -32.74
CA HIS B 709 12.37 11.70 -32.96
C HIS B 709 13.86 11.80 -32.66
N GLY B 710 14.38 10.86 -31.88
CA GLY B 710 15.81 10.72 -31.61
C GLY B 710 16.15 9.38 -31.01
N TRP B 711 17.45 9.10 -30.92
CA TRP B 711 18.01 7.82 -30.44
C TRP B 711 18.93 8.10 -29.24
N ALA B 712 18.85 7.26 -28.21
CA ALA B 712 19.68 7.32 -26.98
C ALA B 712 19.29 8.59 -26.20
N TYR B 713 20.19 9.57 -26.05
CA TYR B 713 19.83 10.88 -25.42
C TYR B 713 18.66 11.52 -26.19
N GLY B 714 18.63 11.34 -27.51
CA GLY B 714 17.54 11.81 -28.39
C GLY B 714 16.21 11.13 -28.10
N GLY B 715 16.24 9.84 -27.73
CA GLY B 715 15.05 9.10 -27.30
C GLY B 715 14.53 9.62 -25.98
N PHE B 716 15.45 9.86 -25.03
CA PHE B 716 15.18 10.53 -23.74
C PHE B 716 14.47 11.87 -24.00
N LEU B 717 15.03 12.72 -24.86
CA LEU B 717 14.45 14.08 -25.11
C LEU B 717 13.13 13.96 -25.88
N SER B 718 12.97 12.98 -26.77
CA SER B 718 11.69 12.72 -27.47
C SER B 718 10.57 12.51 -26.45
N LEU B 719 10.83 11.69 -25.43
CA LEU B 719 9.88 11.43 -24.31
C LEU B 719 9.70 12.68 -23.46
N MET B 720 10.77 13.42 -23.14
CA MET B 720 10.69 14.68 -22.35
C MET B 720 9.80 15.70 -23.08
N GLY B 721 9.95 15.79 -24.40
CA GLY B 721 9.13 16.67 -25.27
C GLY B 721 7.66 16.34 -25.15
N LEU B 722 7.30 15.07 -25.28
CA LEU B 722 5.89 14.61 -25.23
C LEU B 722 5.31 14.81 -23.82
N ILE B 723 6.14 14.64 -22.78
CA ILE B 723 5.71 14.81 -21.36
C ILE B 723 5.46 16.29 -21.06
N HIS B 724 6.40 17.18 -21.40
CA HIS B 724 6.37 18.60 -20.94
C HIS B 724 5.73 19.52 -21.98
N LYS B 725 5.73 19.14 -23.26
CA LYS B 725 5.20 20.00 -24.37
C LYS B 725 4.23 19.20 -25.23
N PRO B 726 3.16 18.60 -24.65
CA PRO B 726 2.23 17.75 -25.40
C PRO B 726 1.42 18.50 -26.47
N GLN B 727 1.30 19.83 -26.34
CA GLN B 727 0.63 20.71 -27.35
C GLN B 727 1.61 21.03 -28.50
N VAL B 728 2.92 20.89 -28.29
CA VAL B 728 3.96 21.16 -29.34
C VAL B 728 4.15 19.90 -30.19
N PHE B 729 4.25 18.74 -29.55
CA PHE B 729 4.67 17.47 -30.20
C PHE B 729 3.45 16.55 -30.29
N LYS B 730 2.98 16.34 -31.52
CA LYS B 730 1.82 15.46 -31.81
C LYS B 730 2.19 14.00 -31.53
N VAL B 731 3.39 13.58 -31.95
CA VAL B 731 3.91 12.20 -31.70
C VAL B 731 5.37 12.27 -31.28
N ALA B 732 5.82 11.27 -30.52
CA ALA B 732 7.23 11.01 -30.18
C ALA B 732 7.62 9.61 -30.66
N ILE B 733 8.76 9.49 -31.34
CA ILE B 733 9.42 8.20 -31.68
C ILE B 733 10.74 8.17 -30.91
N ALA B 734 10.79 7.44 -29.81
CA ALA B 734 11.93 7.39 -28.87
C ALA B 734 12.71 6.08 -29.07
N GLY B 735 13.92 6.19 -29.63
CA GLY B 735 14.86 5.07 -29.83
C GLY B 735 15.83 4.95 -28.67
N ALA B 736 16.03 3.73 -28.16
CA ALA B 736 16.99 3.38 -27.08
C ALA B 736 17.02 4.46 -26.01
N PRO B 737 15.87 4.87 -25.44
CA PRO B 737 15.84 6.00 -24.52
C PRO B 737 16.49 5.67 -23.18
N VAL B 738 17.19 6.64 -22.59
CA VAL B 738 17.46 6.64 -21.13
C VAL B 738 16.15 7.06 -20.47
N THR B 739 15.57 6.19 -19.64
CA THR B 739 14.26 6.41 -18.98
C THR B 739 14.44 6.57 -17.47
N VAL B 740 15.57 6.15 -16.91
CA VAL B 740 15.88 6.30 -15.47
C VAL B 740 17.39 6.47 -15.32
N TRP B 741 17.82 7.68 -14.95
CA TRP B 741 19.26 8.04 -14.83
C TRP B 741 19.97 7.21 -13.76
N MET B 742 19.23 6.73 -12.75
CA MET B 742 19.78 5.88 -11.66
C MET B 742 20.26 4.53 -12.23
N ALA B 743 19.87 4.15 -13.45
CA ALA B 743 20.28 2.90 -14.11
C ALA B 743 21.47 3.10 -15.04
N TYR B 744 21.89 4.34 -15.36
CA TYR B 744 23.06 4.60 -16.23
C TYR B 744 24.33 4.62 -15.37
N ASP B 745 25.49 4.75 -15.99
CA ASP B 745 26.80 4.43 -15.36
C ASP B 745 27.37 5.63 -14.60
N THR B 746 28.43 5.38 -13.85
CA THR B 746 29.14 6.37 -12.99
C THR B 746 29.76 7.46 -13.85
N GLY B 747 30.62 7.09 -14.80
CA GLY B 747 31.50 8.01 -15.53
C GLY B 747 30.73 9.13 -16.21
N TYR B 748 29.62 8.80 -16.89
CA TYR B 748 28.81 9.78 -17.63
C TYR B 748 27.86 10.49 -16.67
N THR B 749 27.03 9.74 -15.96
CA THR B 749 25.87 10.30 -15.22
C THR B 749 26.37 11.26 -14.13
N GLU B 750 27.39 10.86 -13.36
CA GLU B 750 27.89 11.66 -12.20
C GLU B 750 28.52 12.96 -12.71
N ARG B 751 29.20 12.93 -13.86
CA ARG B 751 29.84 14.11 -14.48
C ARG B 751 28.79 15.23 -14.64
N TYR B 752 27.63 14.90 -15.21
CA TYR B 752 26.59 15.91 -15.58
C TYR B 752 25.54 16.06 -14.48
N MET B 753 25.35 15.06 -13.61
CA MET B 753 24.17 15.00 -12.70
C MET B 753 24.52 14.79 -11.23
N ASP B 754 25.79 14.60 -10.88
CA ASP B 754 26.21 14.21 -9.49
C ASP B 754 25.69 12.80 -9.21
N VAL B 755 25.89 12.30 -7.99
CA VAL B 755 25.33 11.00 -7.53
C VAL B 755 23.86 11.22 -7.15
N PRO B 756 22.99 10.18 -7.26
CA PRO B 756 21.58 10.32 -6.92
C PRO B 756 21.30 10.96 -5.56
N GLU B 757 22.07 10.60 -4.53
CA GLU B 757 21.89 11.10 -3.13
C GLU B 757 22.11 12.62 -3.05
N ASN B 758 22.93 13.18 -3.94
CA ASN B 758 23.29 14.62 -4.00
C ASN B 758 22.36 15.42 -4.93
N ASN B 759 21.49 14.76 -5.71
CA ASN B 759 20.67 15.46 -6.74
C ASN B 759 19.37 14.71 -6.97
N GLN B 760 18.62 14.47 -5.90
CA GLN B 760 17.37 13.66 -5.93
C GLN B 760 16.37 14.33 -6.89
N HIS B 761 16.24 15.67 -6.83
CA HIS B 761 15.28 16.44 -7.65
C HIS B 761 15.64 16.31 -9.14
N GLY B 762 16.92 16.47 -9.48
CA GLY B 762 17.41 16.39 -10.88
C GLY B 762 17.22 15.00 -11.46
N TYR B 763 17.58 13.96 -10.73
CA TYR B 763 17.38 12.54 -11.14
C TYR B 763 15.90 12.25 -11.37
N GLU B 764 15.04 12.67 -10.43
CA GLU B 764 13.57 12.46 -10.50
C GLU B 764 12.98 13.18 -11.71
N ALA B 765 13.31 14.47 -11.89
CA ALA B 765 12.77 15.33 -12.96
C ALA B 765 13.26 14.86 -14.33
N GLY B 766 14.49 14.31 -14.41
CA GLY B 766 15.13 13.91 -15.67
C GLY B 766 14.85 12.45 -16.06
N SER B 767 14.14 11.68 -15.22
CA SER B 767 13.86 10.25 -15.44
C SER B 767 12.43 10.11 -15.98
N VAL B 768 12.29 10.01 -17.30
CA VAL B 768 10.97 10.07 -18.01
C VAL B 768 10.07 8.90 -17.55
N ALA B 769 10.63 7.75 -17.17
CA ALA B 769 9.85 6.58 -16.67
C ALA B 769 9.10 6.94 -15.37
N LEU B 770 9.53 7.97 -14.64
CA LEU B 770 8.83 8.44 -13.40
C LEU B 770 7.75 9.48 -13.70
N HIS B 771 7.51 9.84 -14.96
CA HIS B 771 6.53 10.89 -15.38
C HIS B 771 5.53 10.33 -16.40
N VAL B 772 5.32 9.02 -16.43
CA VAL B 772 4.44 8.31 -17.41
C VAL B 772 2.99 8.79 -17.28
N GLU B 773 2.56 9.25 -16.10
CA GLU B 773 1.19 9.81 -15.90
C GLU B 773 0.96 11.00 -16.83
N LYS B 774 2.01 11.72 -17.23
CA LYS B 774 1.93 12.90 -18.13
C LYS B 774 2.06 12.51 -19.61
N LEU B 775 2.34 11.24 -19.93
CA LEU B 775 2.38 10.76 -21.33
C LEU B 775 0.94 10.62 -21.82
N PRO B 776 0.68 10.59 -23.15
CA PRO B 776 -0.68 10.69 -23.66
C PRO B 776 -1.61 9.54 -23.25
N ASN B 777 -2.87 9.87 -22.96
CA ASN B 777 -3.99 8.91 -22.77
C ASN B 777 -4.61 8.57 -24.14
N GLU B 778 -4.09 9.12 -25.25
CA GLU B 778 -4.53 8.80 -26.63
C GLU B 778 -3.55 7.80 -27.23
N PRO B 779 -4.03 6.73 -27.90
CA PRO B 779 -3.15 5.83 -28.65
C PRO B 779 -2.44 6.53 -29.82
N ASN B 780 -1.35 5.90 -30.28
CA ASN B 780 -0.65 6.25 -31.54
C ASN B 780 0.05 7.62 -31.46
N ARG B 781 0.45 8.05 -30.26
CA ARG B 781 1.27 9.28 -30.07
C ARG B 781 2.69 8.91 -29.60
N LEU B 782 2.98 7.62 -29.37
CA LEU B 782 4.25 7.17 -28.75
C LEU B 782 4.68 5.85 -29.37
N LEU B 783 5.82 5.87 -30.04
CA LEU B 783 6.52 4.68 -30.57
C LEU B 783 7.88 4.57 -29.88
N ILE B 784 8.12 3.43 -29.21
CA ILE B 784 9.41 3.11 -28.54
C ILE B 784 10.14 2.09 -29.41
N LEU B 785 11.44 2.32 -29.63
CA LEU B 785 12.35 1.42 -30.39
C LEU B 785 13.56 1.13 -29.51
N HIS B 786 14.08 -0.10 -29.52
CA HIS B 786 15.27 -0.47 -28.72
C HIS B 786 15.93 -1.73 -29.30
N GLY B 787 17.26 -1.70 -29.41
CA GLY B 787 18.09 -2.89 -29.65
C GLY B 787 18.09 -3.78 -28.41
N PHE B 788 17.70 -5.04 -28.56
CA PHE B 788 17.57 -6.01 -27.45
C PHE B 788 18.92 -6.24 -26.77
N LEU B 789 20.02 -6.18 -27.52
CA LEU B 789 21.40 -6.53 -27.05
C LEU B 789 22.16 -5.28 -26.56
N ASP B 790 21.50 -4.12 -26.43
CA ASP B 790 22.17 -2.84 -26.06
C ASP B 790 22.84 -3.02 -24.69
N GLU B 791 24.18 -2.96 -24.66
CA GLU B 791 25.03 -3.12 -23.45
C GLU B 791 25.40 -1.75 -22.88
N ASN B 792 24.84 -0.67 -23.45
CA ASN B 792 25.15 0.74 -23.13
C ASN B 792 23.92 1.33 -22.46
N VAL B 793 22.90 1.67 -23.26
CA VAL B 793 21.52 1.96 -22.74
C VAL B 793 20.77 0.63 -22.74
N HIS B 794 20.77 -0.06 -21.61
CA HIS B 794 20.22 -1.44 -21.49
C HIS B 794 18.76 -1.44 -21.94
N PHE B 795 18.33 -2.52 -22.57
CA PHE B 795 16.90 -2.78 -22.89
C PHE B 795 16.04 -2.57 -21.64
N PHE B 796 16.60 -2.80 -20.45
CA PHE B 796 15.96 -2.50 -19.14
C PHE B 796 15.26 -1.13 -19.15
N HIS B 797 15.87 -0.09 -19.74
CA HIS B 797 15.30 1.28 -19.78
C HIS B 797 13.91 1.24 -20.43
N THR B 798 13.78 0.54 -21.56
CA THR B 798 12.49 0.36 -22.29
C THR B 798 11.57 -0.54 -21.47
N ASN B 799 12.10 -1.64 -20.96
CA ASN B 799 11.34 -2.61 -20.14
C ASN B 799 10.72 -1.89 -18.93
N PHE B 800 11.49 -1.04 -18.27
CA PHE B 800 11.04 -0.29 -17.07
C PHE B 800 9.99 0.75 -17.50
N LEU B 801 10.23 1.46 -18.60
CA LEU B 801 9.24 2.44 -19.14
C LEU B 801 7.92 1.72 -19.42
N VAL B 802 7.95 0.55 -20.07
CA VAL B 802 6.73 -0.25 -20.38
C VAL B 802 6.03 -0.65 -19.06
N SER B 803 6.78 -1.14 -18.07
CA SER B 803 6.21 -1.51 -16.74
C SER B 803 5.45 -0.31 -16.15
N GLN B 804 6.03 0.89 -16.25
CA GLN B 804 5.43 2.15 -15.75
C GLN B 804 4.21 2.54 -16.59
N LEU B 805 4.29 2.41 -17.92
CA LEU B 805 3.16 2.70 -18.84
C LEU B 805 1.96 1.81 -18.49
N ILE B 806 2.21 0.53 -18.22
CA ILE B 806 1.15 -0.44 -17.81
C ILE B 806 0.51 0.03 -16.50
N ARG B 807 1.32 0.36 -15.49
CA ARG B 807 0.86 0.80 -14.15
CA ARG B 807 0.85 0.79 -14.14
C ARG B 807 0.02 2.08 -14.27
N ALA B 808 0.39 3.00 -15.17
CA ALA B 808 -0.29 4.29 -15.38
C ALA B 808 -1.48 4.13 -16.34
N GLY B 809 -1.69 2.94 -16.92
CA GLY B 809 -2.78 2.64 -17.86
C GLY B 809 -2.65 3.44 -19.15
N LYS B 810 -1.43 3.55 -19.69
CA LYS B 810 -1.11 4.36 -20.88
C LYS B 810 -0.85 3.45 -22.07
N PRO B 811 -1.32 3.81 -23.29
CA PRO B 811 -1.01 3.05 -24.49
C PRO B 811 0.41 3.34 -24.98
N TYR B 812 0.99 2.39 -25.70
CA TYR B 812 2.32 2.54 -26.35
C TYR B 812 2.41 1.58 -27.55
N GLN B 813 3.24 1.95 -28.53
CA GLN B 813 3.71 1.05 -29.60
C GLN B 813 5.18 0.76 -29.36
N LEU B 814 5.63 -0.45 -29.71
CA LEU B 814 6.99 -0.96 -29.43
C LEU B 814 7.51 -1.71 -30.66
N GLN B 815 8.76 -1.42 -31.02
CA GLN B 815 9.56 -2.24 -31.96
C GLN B 815 10.86 -2.62 -31.25
N ILE B 816 11.26 -3.88 -31.36
CA ILE B 816 12.56 -4.40 -30.82
CA ILE B 816 12.58 -4.33 -30.85
C ILE B 816 13.42 -4.76 -32.04
N TYR B 817 14.74 -4.58 -31.91
CA TYR B 817 15.77 -5.06 -32.87
C TYR B 817 16.53 -6.16 -32.13
N PRO B 818 16.05 -7.42 -32.23
CA PRO B 818 16.61 -8.52 -31.44
C PRO B 818 18.12 -8.75 -31.60
N ASN B 819 18.67 -8.42 -32.76
CA ASN B 819 20.08 -8.67 -33.13
C ASN B 819 20.93 -7.41 -33.02
N GLU B 820 20.43 -6.31 -32.45
CA GLU B 820 21.15 -5.01 -32.44
C GLU B 820 21.49 -4.60 -31.01
N ARG B 821 22.66 -3.98 -30.85
CA ARG B 821 23.11 -3.33 -29.60
C ARG B 821 22.66 -1.86 -29.61
N HIS B 822 23.56 -0.90 -29.39
CA HIS B 822 23.21 0.53 -29.18
C HIS B 822 22.85 1.22 -30.50
N SER B 823 23.31 0.70 -31.63
CA SER B 823 22.98 1.23 -32.98
C SER B 823 22.49 0.08 -33.87
N ILE B 824 21.71 0.39 -34.91
CA ILE B 824 21.25 -0.61 -35.91
C ILE B 824 22.33 -0.70 -36.98
N ARG B 825 23.04 -1.83 -37.06
CA ARG B 825 24.18 -2.08 -38.00
C ARG B 825 23.72 -2.88 -39.23
N CYS B 826 22.77 -3.80 -39.06
CA CYS B 826 22.29 -4.70 -40.16
C CYS B 826 21.45 -3.87 -41.13
N PRO B 827 21.78 -3.86 -42.45
CA PRO B 827 20.99 -3.10 -43.42
C PRO B 827 19.49 -3.42 -43.49
N GLU B 828 19.11 -4.69 -43.36
CA GLU B 828 17.69 -5.12 -43.40
C GLU B 828 16.93 -4.54 -42.20
N SER B 829 17.54 -4.54 -41.02
CA SER B 829 16.96 -3.93 -39.80
C SER B 829 16.89 -2.40 -39.94
N GLY B 830 17.94 -1.77 -40.48
CA GLY B 830 17.97 -0.34 -40.83
C GLY B 830 16.82 0.05 -41.74
N GLU B 831 16.59 -0.72 -42.80
CA GLU B 831 15.48 -0.48 -43.76
C GLU B 831 14.13 -0.64 -43.02
N HIS B 832 13.98 -1.69 -42.22
CA HIS B 832 12.72 -1.97 -41.48
C HIS B 832 12.41 -0.81 -40.54
N TYR B 833 13.43 -0.29 -39.85
CA TYR B 833 13.33 0.90 -38.95
C TYR B 833 12.78 2.09 -39.75
N GLU B 834 13.38 2.38 -40.91
CA GLU B 834 12.99 3.55 -41.74
C GLU B 834 11.55 3.37 -42.28
N VAL B 835 11.20 2.16 -42.72
CA VAL B 835 9.83 1.85 -43.22
C VAL B 835 8.84 2.07 -42.08
N THR B 836 9.17 1.59 -40.88
CA THR B 836 8.33 1.71 -39.67
C THR B 836 8.11 3.20 -39.37
N LEU B 837 9.18 3.99 -39.41
CA LEU B 837 9.12 5.46 -39.17
C LEU B 837 8.19 6.11 -40.19
N LEU B 838 8.38 5.82 -41.49
CA LEU B 838 7.53 6.39 -42.58
C LEU B 838 6.07 6.02 -42.34
N HIS B 839 5.80 4.76 -41.99
CA HIS B 839 4.43 4.26 -41.74
C HIS B 839 3.82 4.98 -40.54
N PHE B 840 4.56 5.09 -39.44
CA PHE B 840 4.07 5.76 -38.20
C PHE B 840 3.72 7.22 -38.51
N LEU B 841 4.59 7.94 -39.21
CA LEU B 841 4.37 9.37 -39.59
C LEU B 841 3.16 9.48 -40.54
N GLN B 842 3.11 8.64 -41.57
CA GLN B 842 2.00 8.59 -42.57
C GLN B 842 0.65 8.47 -41.86
N GLU B 843 0.54 7.55 -40.89
CA GLU B 843 -0.74 7.18 -40.24
C GLU B 843 -1.10 8.15 -39.11
N TYR B 844 -0.12 8.63 -38.34
CA TYR B 844 -0.38 9.24 -37.01
C TYR B 844 0.13 10.69 -36.90
N LEU B 845 0.97 11.21 -37.80
CA LEU B 845 1.37 12.66 -37.76
C LEU B 845 0.32 13.50 -38.51
N HIS B 846 -0.35 12.91 -39.49
CA HIS B 846 -1.48 13.50 -40.24
C HIS B 846 -2.75 13.39 -39.39
N HIS B 847 -3.66 14.35 -39.52
CA HIS B 847 -4.88 14.52 -38.67
C HIS B 847 -5.92 13.45 -39.01
N ALA C 3 -10.90 48.21 -13.57
CA ALA C 3 -12.39 48.43 -13.76
C ALA C 3 -13.14 47.09 -13.96
N ALA C 4 -12.59 46.14 -14.73
CA ALA C 4 -13.21 44.82 -15.04
C ALA C 4 -12.99 43.84 -13.88
N ARG C 5 -13.92 42.90 -13.69
CA ARG C 5 -13.82 41.83 -12.67
C ARG C 5 -13.24 40.57 -13.33
N PHE C 6 -12.12 40.06 -12.81
CA PHE C 6 -11.58 38.73 -13.18
C PHE C 6 -12.53 37.64 -12.64
N GLN C 7 -12.84 36.66 -13.49
CA GLN C 7 -13.62 35.45 -13.13
C GLN C 7 -12.66 34.26 -13.13
N VAL C 8 -12.59 33.56 -11.99
CA VAL C 8 -11.83 32.29 -11.85
C VAL C 8 -12.54 31.26 -12.75
N GLN C 9 -11.76 30.47 -13.48
CA GLN C 9 -12.28 29.35 -14.33
CA GLN C 9 -12.28 29.35 -14.32
C GLN C 9 -12.99 28.34 -13.40
N LYS C 10 -14.23 28.01 -13.70
CA LYS C 10 -15.01 27.00 -12.93
C LYS C 10 -14.62 25.64 -13.49
N HIS C 11 -14.13 24.75 -12.63
CA HIS C 11 -13.74 23.36 -12.98
C HIS C 11 -14.76 22.39 -12.40
N SER C 12 -14.88 21.21 -13.00
CA SER C 12 -15.56 20.03 -12.41
C SER C 12 -14.83 19.66 -11.11
N TRP C 13 -15.51 18.95 -10.22
CA TRP C 13 -14.91 18.41 -8.98
C TRP C 13 -13.64 17.61 -9.31
N ASP C 14 -13.70 16.72 -10.31
CA ASP C 14 -12.54 15.87 -10.73
C ASP C 14 -11.45 16.74 -11.37
N GLY C 15 -11.81 17.84 -12.05
CA GLY C 15 -10.87 18.87 -12.53
C GLY C 15 -10.10 19.50 -11.37
N LEU C 16 -10.81 19.87 -10.30
CA LEU C 16 -10.19 20.46 -9.07
C LEU C 16 -9.27 19.43 -8.43
N ARG C 17 -9.67 18.15 -8.38
CA ARG C 17 -8.85 17.04 -7.83
C ARG C 17 -7.53 16.94 -8.61
N SER C 18 -7.58 17.04 -9.94
CA SER C 18 -6.37 16.92 -10.80
C SER C 18 -5.45 18.13 -10.57
N ILE C 19 -6.02 19.33 -10.40
CA ILE C 19 -5.25 20.57 -10.08
C ILE C 19 -4.54 20.38 -8.74
N ILE C 20 -5.24 19.95 -7.70
CA ILE C 20 -4.65 19.79 -6.33
C ILE C 20 -3.61 18.67 -6.35
N HIS C 21 -3.95 17.51 -6.91
CA HIS C 21 -3.03 16.33 -6.99
C HIS C 21 -1.77 16.75 -7.75
N GLY C 22 -1.91 17.40 -8.90
CA GLY C 22 -0.81 17.92 -9.73
C GLY C 22 0.07 18.90 -8.97
N SER C 23 -0.53 19.85 -8.24
CA SER C 23 0.18 20.90 -7.47
C SER C 23 1.14 20.28 -6.44
N ARG C 24 0.75 19.17 -5.81
CA ARG C 24 1.52 18.49 -4.74
C ARG C 24 2.50 17.48 -5.36
N LYS C 25 2.05 16.69 -6.33
CA LYS C 25 2.85 15.59 -6.95
C LYS C 25 4.03 16.22 -7.69
N TYR C 26 3.77 17.26 -8.49
CA TYR C 26 4.75 17.99 -9.33
C TYR C 26 5.07 19.35 -8.70
N SER C 27 5.16 19.41 -7.36
CA SER C 27 5.46 20.65 -6.57
C SER C 27 6.87 21.16 -6.91
N GLY C 28 7.83 20.24 -7.13
CA GLY C 28 9.26 20.55 -7.29
C GLY C 28 9.97 20.71 -5.95
N LEU C 29 9.32 20.30 -4.84
CA LEU C 29 9.87 20.32 -3.46
C LEU C 29 9.58 18.97 -2.78
N ILE C 30 10.39 18.59 -1.81
CA ILE C 30 10.25 17.33 -0.99
C ILE C 30 10.00 17.71 0.47
N VAL C 31 9.00 17.10 1.11
CA VAL C 31 8.61 17.37 2.52
C VAL C 31 9.60 16.67 3.47
N ASN C 32 9.90 17.30 4.61
CA ASN C 32 10.61 16.69 5.77
C ASN C 32 12.03 16.25 5.36
N LYS C 33 12.71 17.07 4.57
CA LYS C 33 13.98 16.74 3.88
C LYS C 33 15.20 17.23 4.69
N ALA C 34 15.03 18.21 5.59
CA ALA C 34 16.13 18.89 6.30
C ALA C 34 16.66 18.01 7.42
N PRO C 35 18.00 17.80 7.50
CA PRO C 35 18.58 17.15 8.68
C PRO C 35 18.51 18.11 9.88
N HIS C 36 18.48 17.56 11.10
CA HIS C 36 18.21 18.30 12.36
C HIS C 36 18.75 17.55 13.58
N ASP C 37 18.71 18.19 14.76
CA ASP C 37 19.17 17.63 16.06
C ASP C 37 20.66 17.28 15.95
N PHE C 38 21.48 18.31 15.73
CA PHE C 38 22.92 18.20 15.41
C PHE C 38 23.74 18.03 16.69
N GLN C 39 24.73 17.13 16.63
CA GLN C 39 25.80 16.95 17.66
C GLN C 39 27.15 16.90 16.93
N PHE C 40 28.01 17.89 17.17
CA PHE C 40 29.43 17.94 16.71
C PHE C 40 30.30 17.16 17.71
N VAL C 41 31.14 16.25 17.21
CA VAL C 41 32.17 15.53 18.00
C VAL C 41 33.51 15.70 17.26
N GLN C 42 34.53 16.26 17.93
CA GLN C 42 35.90 16.40 17.37
C GLN C 42 36.52 15.00 17.21
N LYS C 43 37.21 14.78 16.09
CA LYS C 43 38.13 13.62 15.88
C LYS C 43 39.53 14.06 16.34
N THR C 44 40.23 13.18 17.07
CA THR C 44 41.56 13.46 17.68
C THR C 44 42.64 12.63 16.99
N ASP C 45 42.42 12.23 15.72
CA ASP C 45 43.40 11.54 14.84
C ASP C 45 44.01 12.59 13.90
N GLU C 46 45.27 12.98 14.16
CA GLU C 46 46.01 14.02 13.38
C GLU C 46 46.33 13.53 11.97
N SER C 47 46.43 12.20 11.77
CA SER C 47 46.71 11.55 10.46
C SER C 47 45.48 11.61 9.52
N GLY C 48 44.28 11.44 10.07
CA GLY C 48 43.01 11.33 9.33
C GLY C 48 42.62 12.65 8.65
N PRO C 49 41.74 12.61 7.61
CA PRO C 49 41.36 13.82 6.88
C PRO C 49 40.23 14.68 7.48
N HIS C 50 39.61 14.23 8.58
CA HIS C 50 38.36 14.80 9.16
C HIS C 50 38.63 15.43 10.53
N SER C 51 38.15 16.66 10.75
CA SER C 51 38.25 17.42 12.02
C SER C 51 37.15 16.96 12.99
N HIS C 52 35.95 16.66 12.48
CA HIS C 52 34.75 16.29 13.28
C HIS C 52 33.93 15.21 12.60
N ARG C 53 33.15 14.46 13.39
CA ARG C 53 31.93 13.76 12.95
C ARG C 53 30.73 14.57 13.44
N LEU C 54 29.79 14.85 12.54
CA LEU C 54 28.52 15.56 12.83
C LEU C 54 27.37 14.54 12.81
N TYR C 55 26.72 14.30 13.94
CA TYR C 55 25.54 13.42 14.05
C TYR C 55 24.25 14.25 13.97
N TYR C 56 23.19 13.65 13.45
CA TYR C 56 21.89 14.32 13.22
C TYR C 56 20.82 13.28 12.88
N LEU C 57 19.56 13.71 12.95
CA LEU C 57 18.39 12.95 12.43
C LEU C 57 18.06 13.48 11.04
N GLY C 58 17.64 12.59 10.15
CA GLY C 58 17.23 12.94 8.78
C GLY C 58 16.76 11.74 8.00
N MET C 59 16.14 11.98 6.84
CA MET C 59 15.59 10.95 5.93
C MET C 59 16.58 10.74 4.78
N PRO C 60 17.45 9.70 4.84
CA PRO C 60 18.45 9.49 3.80
C PRO C 60 17.81 9.02 2.48
N TYR C 61 18.55 9.10 1.36
CA TYR C 61 18.13 8.65 0.01
C TYR C 61 17.69 7.17 0.08
N GLY C 62 16.50 6.88 -0.43
CA GLY C 62 15.89 5.55 -0.41
C GLY C 62 14.84 5.42 0.69
N SER C 63 15.07 6.02 1.86
CA SER C 63 14.30 5.77 3.10
C SER C 63 13.01 6.62 3.13
N ARG C 64 11.98 6.14 3.83
CA ARG C 64 10.69 6.85 4.06
C ARG C 64 10.54 7.24 5.55
N GLU C 65 11.62 7.16 6.35
CA GLU C 65 11.58 7.51 7.80
C GLU C 65 12.88 8.21 8.23
N ASN C 66 12.79 9.02 9.29
CA ASN C 66 13.95 9.60 10.01
C ASN C 66 14.78 8.47 10.62
N SER C 67 16.10 8.51 10.46
CA SER C 67 17.07 7.66 11.19
C SER C 67 18.23 8.50 11.74
N LEU C 68 19.08 7.86 12.54
CA LEU C 68 20.33 8.46 13.09
C LEU C 68 21.39 8.40 11.99
N LEU C 69 21.99 9.54 11.66
CA LEU C 69 22.96 9.69 10.54
C LEU C 69 24.19 10.44 11.06
N TYR C 70 25.27 10.40 10.29
CA TYR C 70 26.49 11.22 10.50
C TYR C 70 27.06 11.65 9.15
N SER C 71 27.80 12.75 9.18
CA SER C 71 28.66 13.23 8.08
C SER C 71 30.04 13.54 8.63
N GLU C 72 31.06 13.35 7.79
CA GLU C 72 32.48 13.61 8.11
C GLU C 72 32.81 15.04 7.69
N ILE C 73 33.28 15.86 8.63
CA ILE C 73 33.71 17.27 8.37
C ILE C 73 35.20 17.24 8.07
N PRO C 74 35.63 17.58 6.82
CA PRO C 74 37.05 17.53 6.47
C PRO C 74 37.85 18.69 7.08
N LYS C 75 39.15 18.48 7.31
CA LYS C 75 40.08 19.47 7.90
C LYS C 75 40.30 20.63 6.92
N LYS C 76 40.28 20.35 5.61
CA LYS C 76 40.52 21.33 4.51
C LYS C 76 39.47 21.15 3.41
N VAL C 77 39.00 22.25 2.81
CA VAL C 77 38.07 22.27 1.64
C VAL C 77 38.62 23.25 0.60
N ARG C 78 38.36 22.99 -0.69
CA ARG C 78 38.69 23.91 -1.81
C ARG C 78 37.74 25.11 -1.76
N LYS C 79 38.30 26.34 -1.72
CA LYS C 79 37.54 27.61 -1.56
C LYS C 79 36.59 27.82 -2.75
N GLU C 80 36.98 27.39 -3.96
CA GLU C 80 36.25 27.65 -5.23
C GLU C 80 35.53 26.36 -5.68
N ALA C 81 35.06 25.55 -4.73
CA ALA C 81 34.26 24.31 -4.97
C ALA C 81 33.25 24.12 -3.82
N LEU C 82 32.10 23.52 -4.15
CA LEU C 82 30.95 23.33 -3.21
C LEU C 82 30.94 21.88 -2.74
N LEU C 83 31.37 21.63 -1.51
CA LEU C 83 31.36 20.27 -0.92
C LEU C 83 29.95 19.96 -0.42
N LEU C 84 29.30 18.93 -0.99
CA LEU C 84 28.03 18.36 -0.45
CA LEU C 84 28.04 18.35 -0.48
C LEU C 84 28.40 17.13 0.38
N LEU C 85 28.16 17.20 1.70
CA LEU C 85 28.53 16.11 2.63
C LEU C 85 27.64 14.90 2.35
N SER C 86 28.24 13.71 2.30
CA SER C 86 27.52 12.42 2.20
C SER C 86 26.89 12.12 3.56
N TRP C 87 25.60 11.78 3.55
CA TRP C 87 24.83 11.31 4.73
C TRP C 87 25.12 9.82 4.94
N LYS C 88 25.84 9.46 6.00
CA LYS C 88 26.15 8.06 6.36
C LYS C 88 25.13 7.57 7.39
N GLN C 89 24.61 6.35 7.19
CA GLN C 89 23.66 5.71 8.13
C GLN C 89 24.45 5.15 9.31
N MET C 90 23.95 5.40 10.52
CA MET C 90 24.47 4.79 11.78
C MET C 90 23.88 3.37 11.93
N LEU C 91 22.62 3.18 11.50
CA LEU C 91 21.82 1.96 11.78
C LEU C 91 21.63 1.14 10.50
N ASP C 92 21.90 -0.17 10.58
CA ASP C 92 21.94 -1.12 9.43
C ASP C 92 20.53 -1.67 9.19
N HIS C 93 19.88 -1.23 8.10
CA HIS C 93 18.57 -1.71 7.59
C HIS C 93 17.60 -1.91 8.75
N PHE C 94 17.34 -0.84 9.50
CA PHE C 94 16.56 -0.82 10.76
C PHE C 94 15.31 0.03 10.53
N GLN C 95 14.13 -0.53 10.79
CA GLN C 95 12.83 0.20 10.77
C GLN C 95 12.49 0.64 12.21
N ALA C 96 12.53 1.95 12.46
CA ALA C 96 12.21 2.59 13.75
C ALA C 96 10.69 2.80 13.88
N THR C 97 10.00 3.04 12.75
CA THR C 97 8.54 3.27 12.70
C THR C 97 7.82 1.97 13.09
N PRO C 98 6.81 2.00 13.99
CA PRO C 98 5.98 0.82 14.22
C PRO C 98 5.09 0.51 13.00
N HIS C 99 4.55 -0.72 12.95
CA HIS C 99 3.79 -1.28 11.79
C HIS C 99 2.66 -0.33 11.38
N HIS C 100 2.63 0.06 10.11
CA HIS C 100 1.60 0.92 9.45
C HIS C 100 1.59 2.34 10.03
N GLY C 101 2.69 2.77 10.66
CA GLY C 101 2.82 4.09 11.33
C GLY C 101 1.76 4.31 12.41
N VAL C 102 1.33 3.23 13.07
CA VAL C 102 0.32 3.23 14.17
C VAL C 102 1.10 3.14 15.49
N TYR C 103 1.28 4.27 16.18
CA TYR C 103 1.96 4.38 17.48
C TYR C 103 0.96 4.05 18.59
N SER C 104 1.46 3.65 19.77
CA SER C 104 0.69 3.62 21.05
C SER C 104 0.02 4.97 21.27
N ARG C 105 -1.09 5.01 22.04
CA ARG C 105 -1.83 6.28 22.31
C ARG C 105 -0.88 7.29 22.97
N GLU C 106 0.00 6.84 23.87
CA GLU C 106 0.97 7.68 24.61
C GLU C 106 1.91 8.37 23.61
N GLU C 107 2.53 7.59 22.72
CA GLU C 107 3.50 8.11 21.71
C GLU C 107 2.75 8.96 20.68
N GLU C 108 1.55 8.54 20.27
CA GLU C 108 0.69 9.27 19.30
C GLU C 108 0.38 10.67 19.85
N LEU C 109 -0.07 10.76 21.09
CA LEU C 109 -0.45 12.06 21.73
C LEU C 109 0.80 12.91 21.94
N LEU C 110 1.93 12.32 22.34
CA LEU C 110 3.22 13.06 22.51
C LEU C 110 3.61 13.69 21.17
N ARG C 111 3.50 12.94 20.07
CA ARG C 111 3.80 13.43 18.69
C ARG C 111 2.87 14.60 18.34
N GLU C 112 1.59 14.54 18.74
CA GLU C 112 0.63 15.66 18.55
C GLU C 112 1.10 16.88 19.35
N ARG C 113 1.44 16.73 20.63
CA ARG C 113 1.87 17.86 21.51
C ARG C 113 3.13 18.51 20.92
N LYS C 114 4.06 17.71 20.39
CA LYS C 114 5.36 18.17 19.83
C LYS C 114 5.24 18.61 18.37
N ARG C 115 4.07 18.46 17.71
CA ARG C 115 3.84 18.76 16.27
C ARG C 115 4.83 17.93 15.42
N LEU C 116 5.00 16.64 15.76
CA LEU C 116 5.86 15.70 15.00
C LEU C 116 4.96 14.95 14.00
N GLY C 117 5.16 15.21 12.70
CA GLY C 117 4.49 14.49 11.59
C GLY C 117 5.36 13.38 11.00
N VAL C 118 6.69 13.52 11.05
CA VAL C 118 7.67 12.59 10.43
C VAL C 118 7.62 11.23 11.17
N PHE C 119 7.92 10.15 10.45
CA PHE C 119 8.00 8.77 10.98
C PHE C 119 9.46 8.45 11.30
N GLY C 120 9.67 7.43 12.16
CA GLY C 120 11.00 6.95 12.57
C GLY C 120 11.49 7.65 13.82
N ILE C 121 12.81 7.70 14.02
CA ILE C 121 13.46 8.28 15.23
C ILE C 121 13.29 9.80 15.18
N THR C 122 12.54 10.37 16.13
CA THR C 122 12.20 11.81 16.20
C THR C 122 13.03 12.51 17.29
N SER C 123 13.76 11.78 18.14
CA SER C 123 14.73 12.35 19.11
C SER C 123 15.69 11.26 19.59
N TYR C 124 16.86 11.68 20.08
CA TYR C 124 17.86 10.78 20.72
C TYR C 124 18.54 11.52 21.86
N ASP C 125 18.89 10.78 22.91
CA ASP C 125 19.79 11.28 23.98
C ASP C 125 21.21 10.80 23.66
N PHE C 126 22.20 11.66 23.86
CA PHE C 126 23.63 11.44 23.51
C PHE C 126 24.50 11.78 24.71
N HIS C 127 25.40 10.85 25.09
CA HIS C 127 26.46 11.06 26.10
C HIS C 127 27.81 11.13 25.38
N SER C 128 28.37 12.34 25.24
CA SER C 128 29.51 12.64 24.34
C SER C 128 30.77 11.89 24.78
N GLU C 129 31.09 11.91 26.09
CA GLU C 129 32.30 11.29 26.67
C GLU C 129 32.33 9.78 26.35
N SER C 130 31.19 9.08 26.50
CA SER C 130 31.07 7.61 26.30
C SER C 130 30.64 7.26 24.87
N GLY C 131 30.07 8.22 24.13
CA GLY C 131 29.58 8.01 22.75
C GLY C 131 28.32 7.16 22.72
N LEU C 132 27.52 7.15 23.80
CA LEU C 132 26.27 6.36 23.89
C LEU C 132 25.11 7.16 23.28
N PHE C 133 24.29 6.52 22.43
CA PHE C 133 23.03 7.06 21.86
C PHE C 133 21.89 6.22 22.42
N LEU C 134 20.84 6.88 22.91
CA LEU C 134 19.63 6.22 23.48
C LEU C 134 18.39 6.81 22.80
N PHE C 135 17.46 5.96 22.34
CA PHE C 135 16.30 6.40 21.54
C PHE C 135 15.17 5.36 21.58
N GLN C 136 13.95 5.84 21.40
CA GLN C 136 12.73 5.02 21.17
C GLN C 136 12.70 4.61 19.70
N ALA C 137 12.33 3.35 19.43
CA ALA C 137 12.17 2.77 18.08
C ALA C 137 11.38 1.47 18.19
N SER C 138 10.43 1.27 17.26
CA SER C 138 9.68 0.00 17.06
C SER C 138 9.05 -0.48 18.38
N ASN C 139 8.34 0.43 19.06
CA ASN C 139 7.58 0.17 20.32
C ASN C 139 8.52 -0.31 21.44
N SER C 140 9.80 0.11 21.43
CA SER C 140 10.81 -0.32 22.41
C SER C 140 11.89 0.76 22.60
N LEU C 141 12.94 0.44 23.37
CA LEU C 141 14.13 1.28 23.57
C LEU C 141 15.32 0.57 22.94
N PHE C 142 16.14 1.33 22.22
CA PHE C 142 17.39 0.87 21.57
C PHE C 142 18.52 1.81 21.96
N HIS C 143 19.74 1.31 21.82
CA HIS C 143 20.98 2.11 21.99
C HIS C 143 22.05 1.62 21.00
N CYS C 144 23.04 2.46 20.77
CA CYS C 144 24.28 2.16 20.02
C CYS C 144 25.39 3.06 20.55
N ARG C 145 26.64 2.73 20.26
CA ARG C 145 27.84 3.49 20.67
C ARG C 145 28.66 3.84 19.44
N ASP C 146 29.21 5.05 19.40
CA ASP C 146 30.11 5.54 18.33
C ASP C 146 30.98 6.66 18.90
N GLY C 147 32.26 6.71 18.49
CA GLY C 147 33.24 7.69 19.00
C GLY C 147 33.65 7.41 20.43
N GLY C 148 34.07 8.43 21.17
CA GLY C 148 34.60 8.30 22.55
C GLY C 148 35.83 7.42 22.58
N LYS C 149 35.79 6.32 23.34
CA LYS C 149 36.93 5.37 23.54
C LYS C 149 36.95 4.33 22.42
N ASN C 150 35.78 3.76 22.07
CA ASN C 150 35.67 2.59 21.15
C ASN C 150 36.02 3.01 19.70
N GLY C 151 35.92 4.30 19.36
CA GLY C 151 36.28 4.82 18.03
C GLY C 151 35.08 4.81 17.08
N PHE C 152 35.30 5.22 15.84
CA PHE C 152 34.26 5.68 14.89
C PHE C 152 33.95 4.57 13.87
N MET C 153 32.66 4.24 13.70
CA MET C 153 32.17 3.23 12.72
C MET C 153 32.42 3.74 11.29
N VAL C 154 32.70 2.82 10.37
CA VAL C 154 32.94 3.08 8.91
C VAL C 154 31.71 2.65 8.12
N SER C 155 30.83 1.82 8.69
CA SER C 155 29.59 1.29 8.06
C SER C 155 28.50 1.18 9.12
N PRO C 156 27.20 1.08 8.73
CA PRO C 156 26.12 1.01 9.71
C PRO C 156 26.21 -0.22 10.63
N MET C 157 25.84 -0.05 11.91
CA MET C 157 25.76 -1.14 12.94
C MET C 157 24.28 -1.41 13.25
N LYS C 158 23.95 -2.60 13.73
CA LYS C 158 22.60 -2.91 14.27
C LYS C 158 22.53 -2.34 15.67
N PRO C 159 21.45 -1.59 16.03
CA PRO C 159 21.30 -1.09 17.40
C PRO C 159 20.83 -2.23 18.32
N LEU C 160 21.22 -2.17 19.60
CA LEU C 160 20.86 -3.18 20.62
C LEU C 160 19.57 -2.76 21.32
N GLU C 161 18.52 -3.58 21.26
CA GLU C 161 17.26 -3.41 22.04
C GLU C 161 17.62 -3.55 23.53
N ILE C 162 16.95 -2.76 24.38
CA ILE C 162 17.09 -2.83 25.86
C ILE C 162 15.92 -3.66 26.37
N LYS C 163 16.22 -4.84 26.93
CA LYS C 163 15.18 -5.77 27.44
C LYS C 163 14.56 -5.19 28.70
N THR C 164 13.30 -5.52 28.97
CA THR C 164 12.52 -5.03 30.12
C THR C 164 11.55 -6.14 30.60
N GLN C 165 11.16 -6.07 31.87
CA GLN C 165 10.02 -6.86 32.43
C GLN C 165 8.83 -5.94 32.69
N CYS C 166 8.94 -4.65 32.31
CA CYS C 166 7.82 -3.67 32.42
C CYS C 166 6.74 -4.01 31.38
N SER C 167 5.47 -3.75 31.72
CA SER C 167 4.30 -3.79 30.82
C SER C 167 4.00 -2.38 30.29
N GLY C 168 3.76 -2.25 28.99
CA GLY C 168 3.39 -0.98 28.35
C GLY C 168 4.62 -0.13 28.03
N PRO C 169 4.45 1.04 27.37
CA PRO C 169 5.59 1.82 26.87
C PRO C 169 6.55 2.31 27.96
N ARG C 170 7.84 2.36 27.60
CA ARG C 170 8.91 3.04 28.37
C ARG C 170 9.17 4.40 27.69
N MET C 171 8.67 5.48 28.30
CA MET C 171 8.63 6.84 27.70
C MET C 171 9.81 7.68 28.24
N ASP C 172 10.19 8.71 27.48
CA ASP C 172 11.10 9.80 27.92
C ASP C 172 12.41 9.23 28.45
N PRO C 173 13.14 8.40 27.65
CA PRO C 173 14.41 7.83 28.11
C PRO C 173 15.54 8.87 28.11
N LYS C 174 16.34 8.89 29.19
CA LYS C 174 17.48 9.83 29.34
C LYS C 174 18.67 9.11 29.96
N ILE C 175 19.86 9.36 29.43
CA ILE C 175 21.15 8.83 29.95
C ILE C 175 21.48 9.61 31.23
N CYS C 176 21.97 8.92 32.26
CA CYS C 176 22.50 9.57 33.49
C CYS C 176 23.79 10.32 33.13
N PRO C 177 23.85 11.66 33.25
CA PRO C 177 25.06 12.42 32.88
C PRO C 177 26.30 12.06 33.70
N ALA C 178 26.11 11.75 34.99
CA ALA C 178 27.17 11.44 35.98
C ALA C 178 27.75 10.05 35.72
N ASP C 179 26.96 9.12 35.17
CA ASP C 179 27.35 7.70 34.96
C ASP C 179 26.51 7.10 33.83
N PRO C 180 27.05 7.01 32.58
CA PRO C 180 26.26 6.56 31.43
C PRO C 180 25.92 5.05 31.42
N ALA C 181 26.36 4.29 32.43
CA ALA C 181 25.87 2.92 32.71
C ALA C 181 24.36 2.96 33.02
N PHE C 182 23.86 4.09 33.56
CA PHE C 182 22.46 4.26 34.00
C PHE C 182 21.69 5.13 33.02
N PHE C 183 20.42 4.78 32.82
CA PHE C 183 19.41 5.62 32.15
C PHE C 183 18.11 5.56 32.95
N SER C 184 17.22 6.48 32.67
CA SER C 184 15.89 6.60 33.30
C SER C 184 14.81 6.48 32.22
N PHE C 185 13.60 6.15 32.63
CA PHE C 185 12.40 6.17 31.76
C PHE C 185 11.15 6.25 32.65
N ILE C 186 10.04 6.61 32.03
CA ILE C 186 8.70 6.59 32.66
C ILE C 186 7.99 5.31 32.17
N ASN C 187 7.40 4.57 33.09
CA ASN C 187 6.54 3.38 32.81
C ASN C 187 5.32 3.46 33.73
N ASN C 188 4.12 3.45 33.16
CA ASN C 188 2.83 3.47 33.90
C ASN C 188 2.86 4.61 34.94
N SER C 189 3.24 5.82 34.51
CA SER C 189 3.17 7.09 35.30
C SER C 189 4.14 7.07 36.50
N ASP C 190 5.20 6.28 36.45
CA ASP C 190 6.23 6.23 37.53
C ASP C 190 7.63 6.25 36.89
N LEU C 191 8.58 6.76 37.66
CA LEU C 191 10.01 6.93 37.26
C LEU C 191 10.74 5.63 37.56
N TRP C 192 11.49 5.12 36.58
CA TRP C 192 12.37 3.95 36.68
C TRP C 192 13.79 4.38 36.33
N VAL C 193 14.77 3.66 36.87
CA VAL C 193 16.16 3.66 36.35
C VAL C 193 16.49 2.23 35.97
N ALA C 194 17.47 2.09 35.09
CA ALA C 194 18.02 0.79 34.66
C ALA C 194 19.50 0.97 34.42
N ASN C 195 20.26 -0.10 34.64
CA ASN C 195 21.67 -0.22 34.20
C ASN C 195 21.62 -0.79 32.78
N ILE C 196 22.07 0.00 31.79
CA ILE C 196 21.97 -0.36 30.34
C ILE C 196 22.94 -1.52 30.04
N GLU C 197 24.01 -1.65 30.83
CA GLU C 197 25.09 -2.66 30.65
C GLU C 197 24.66 -4.02 31.25
N THR C 198 24.05 -4.02 32.45
CA THR C 198 23.68 -5.27 33.19
C THR C 198 22.22 -5.67 32.91
N GLY C 199 21.35 -4.72 32.54
CA GLY C 199 19.92 -4.96 32.31
C GLY C 199 19.08 -4.88 33.57
N GLU C 200 19.69 -4.62 34.74
CA GLU C 200 18.95 -4.42 36.02
C GLU C 200 18.04 -3.20 35.87
N GLU C 201 16.76 -3.36 36.22
CA GLU C 201 15.71 -2.30 36.26
C GLU C 201 15.28 -2.12 37.70
N ARG C 202 14.99 -0.88 38.10
CA ARG C 202 14.50 -0.55 39.45
C ARG C 202 13.47 0.58 39.35
N ARG C 203 12.25 0.34 39.81
CA ARG C 203 11.20 1.39 40.00
C ARG C 203 11.64 2.30 41.16
N LEU C 204 11.59 3.63 40.96
CA LEU C 204 11.99 4.62 42.00
C LEU C 204 10.76 5.20 42.69
N THR C 205 9.67 5.44 41.96
CA THR C 205 8.44 6.11 42.50
C THR C 205 7.25 5.14 42.45
N PHE C 206 6.30 5.32 43.37
CA PHE C 206 5.17 4.39 43.63
C PHE C 206 3.87 5.20 43.72
N CYS C 207 3.67 6.14 42.79
CA CYS C 207 2.47 7.01 42.68
C CYS C 207 1.29 6.27 42.07
N HIS C 208 1.56 5.47 41.03
CA HIS C 208 0.54 4.74 40.24
C HIS C 208 0.29 3.37 40.88
N GLN C 209 -0.90 3.19 41.45
CA GLN C 209 -1.30 1.93 42.14
C GLN C 209 -1.57 0.84 41.11
N GLY C 210 -1.96 1.20 39.88
CA GLY C 210 -2.38 0.26 38.82
C GLY C 210 -3.78 -0.27 39.08
N LEU C 211 -4.69 0.55 39.64
CA LEU C 211 -6.09 0.16 39.97
C LEU C 211 -6.87 -0.08 38.67
N SER C 212 -7.93 -0.91 38.75
CA SER C 212 -8.81 -1.27 37.61
C SER C 212 -9.47 -0.01 37.05
N ASN C 213 -10.07 0.81 37.91
CA ASN C 213 -10.63 2.14 37.56
C ASN C 213 -9.47 3.15 37.51
N VAL C 214 -9.07 3.56 36.30
CA VAL C 214 -7.95 4.53 36.02
C VAL C 214 -8.25 5.87 36.70
N LEU C 215 -9.52 6.27 36.83
CA LEU C 215 -9.94 7.56 37.42
C LEU C 215 -9.75 7.56 38.95
N ASP C 216 -9.62 6.38 39.57
CA ASP C 216 -9.28 6.22 41.02
C ASP C 216 -7.75 6.23 41.21
N ASP C 217 -6.95 6.35 40.13
CA ASP C 217 -5.47 6.21 40.12
C ASP C 217 -4.84 7.47 39.53
N PRO C 218 -4.96 8.64 40.20
CA PRO C 218 -4.72 9.94 39.55
C PRO C 218 -3.33 10.58 39.74
N LYS C 219 -2.36 9.87 40.33
CA LYS C 219 -1.01 10.43 40.62
C LYS C 219 -0.02 9.91 39.58
N SER C 220 0.93 10.77 39.20
CA SER C 220 2.06 10.44 38.31
C SER C 220 3.34 11.04 38.89
N ALA C 221 4.48 10.46 38.54
CA ALA C 221 5.83 10.96 38.86
C ALA C 221 6.64 11.01 37.57
N GLY C 222 7.27 12.15 37.29
CA GLY C 222 8.20 12.32 36.15
C GLY C 222 7.46 12.69 34.87
N VAL C 223 6.16 12.98 34.93
CA VAL C 223 5.28 13.19 33.74
C VAL C 223 4.86 14.64 33.65
N ALA C 224 5.04 15.24 32.48
CA ALA C 224 4.40 16.51 32.04
C ALA C 224 2.95 16.21 31.67
N THR C 225 1.99 16.84 32.36
CA THR C 225 0.54 16.67 32.09
C THR C 225 0.14 17.45 30.83
N PHE C 226 -1.12 17.31 30.41
CA PHE C 226 -1.65 17.83 29.13
C PHE C 226 -1.34 19.34 28.96
N VAL C 227 -1.74 20.18 29.92
CA VAL C 227 -1.60 21.66 29.79
C VAL C 227 -0.12 22.04 29.76
N ILE C 228 0.74 21.33 30.49
CA ILE C 228 2.21 21.58 30.50
C ILE C 228 2.77 21.30 29.10
N GLN C 229 2.36 20.19 28.47
CA GLN C 229 2.85 19.79 27.12
C GLN C 229 2.27 20.74 26.07
N GLU C 230 0.96 21.00 26.12
CA GLU C 230 0.25 21.76 25.05
C GLU C 230 0.52 23.26 25.18
N GLU C 231 0.59 23.82 26.39
CA GLU C 231 0.59 25.29 26.60
C GLU C 231 1.91 25.83 27.19
N PHE C 232 2.80 24.99 27.70
CA PHE C 232 4.10 25.44 28.29
C PHE C 232 5.29 24.80 27.57
N ASP C 233 5.07 23.97 26.54
CA ASP C 233 6.17 23.43 25.69
CA ASP C 233 6.15 23.39 25.68
C ASP C 233 7.15 22.62 26.56
N ARG C 234 6.67 21.94 27.60
CA ARG C 234 7.52 21.05 28.44
C ARG C 234 6.98 19.62 28.30
N PHE C 235 7.84 18.69 27.88
CA PHE C 235 7.48 17.29 27.54
C PHE C 235 8.10 16.29 28.53
N THR C 236 8.80 16.77 29.58
CA THR C 236 9.41 15.93 30.63
C THR C 236 8.98 16.45 32.00
N GLY C 237 8.91 15.55 32.99
CA GLY C 237 8.62 15.89 34.40
C GLY C 237 9.74 15.43 35.31
N TYR C 238 10.95 15.21 34.81
CA TYR C 238 12.11 14.80 35.64
C TYR C 238 13.41 15.29 35.02
N TRP C 239 14.44 15.45 35.87
CA TRP C 239 15.75 16.07 35.55
C TRP C 239 16.84 15.36 36.34
N TRP C 240 17.75 14.68 35.66
CA TRP C 240 18.96 14.06 36.27
C TRP C 240 19.78 15.15 36.95
N CYS C 241 20.20 14.91 38.18
CA CYS C 241 21.35 15.62 38.79
C CYS C 241 22.59 15.27 37.97
N PRO C 242 23.38 16.25 37.50
CA PRO C 242 24.53 15.97 36.63
C PRO C 242 25.74 15.34 37.34
N THR C 243 25.76 15.31 38.68
CA THR C 243 26.89 14.82 39.50
C THR C 243 26.44 13.67 40.39
N ALA C 244 27.40 12.82 40.77
CA ALA C 244 27.28 11.81 41.85
C ALA C 244 27.74 12.43 43.16
N SER C 245 27.23 11.92 44.29
CA SER C 245 27.74 12.23 45.66
C SER C 245 28.08 10.92 46.38
N TRP C 246 28.78 11.01 47.52
CA TRP C 246 29.43 9.88 48.21
C TRP C 246 29.19 9.98 49.72
N GLU C 247 27.92 10.05 50.13
CA GLU C 247 27.50 10.04 51.57
C GLU C 247 27.64 8.61 52.11
N GLY C 248 28.00 8.47 53.39
CA GLY C 248 28.16 7.17 54.07
C GLY C 248 29.57 6.61 53.97
N SER C 249 29.90 5.66 54.85
CA SER C 249 31.25 5.03 54.99
C SER C 249 31.38 3.76 54.13
N GLU C 250 30.30 3.29 53.49
CA GLU C 250 30.24 2.01 52.73
C GLU C 250 30.89 2.12 51.35
N GLY C 251 31.19 3.34 50.89
CA GLY C 251 31.78 3.61 49.56
C GLY C 251 30.76 3.56 48.43
N LEU C 252 29.46 3.63 48.75
CA LEU C 252 28.36 3.69 47.75
C LEU C 252 28.34 5.07 47.09
N LYS C 253 27.99 5.10 45.80
CA LYS C 253 27.77 6.33 45.00
C LYS C 253 26.27 6.64 44.99
N THR C 254 25.87 7.88 45.31
CA THR C 254 24.46 8.34 45.24
C THR C 254 24.24 9.12 43.93
N LEU C 255 23.20 8.74 43.18
CA LEU C 255 22.68 9.46 41.99
C LEU C 255 21.28 9.98 42.31
N ARG C 256 20.91 11.14 41.74
CA ARG C 256 19.70 11.92 42.11
C ARG C 256 18.92 12.29 40.86
N ILE C 257 17.59 12.27 40.97
CA ILE C 257 16.64 12.76 39.92
C ILE C 257 15.64 13.67 40.62
N LEU C 258 15.59 14.94 40.21
CA LEU C 258 14.47 15.85 40.53
C LEU C 258 13.29 15.43 39.67
N TYR C 259 12.09 15.35 40.24
CA TYR C 259 10.88 15.01 39.45
C TYR C 259 9.69 15.78 40.00
N GLU C 260 8.75 16.05 39.10
CA GLU C 260 7.42 16.61 39.43
C GLU C 260 6.49 15.43 39.74
N GLU C 261 5.90 15.42 40.92
CA GLU C 261 4.75 14.56 41.26
C GLU C 261 3.49 15.38 41.04
N VAL C 262 2.49 14.80 40.39
CA VAL C 262 1.19 15.47 40.10
C VAL C 262 0.06 14.60 40.62
N ASP C 263 -1.02 15.24 41.05
CA ASP C 263 -2.28 14.57 41.43
C ASP C 263 -3.39 15.23 40.60
N GLU C 264 -3.99 14.49 39.67
CA GLU C 264 -5.04 14.99 38.73
C GLU C 264 -6.45 14.68 39.26
N SER C 265 -6.59 14.26 40.53
CA SER C 265 -7.86 13.86 41.19
C SER C 265 -8.99 14.83 40.89
N GLU C 266 -8.74 16.13 41.08
CA GLU C 266 -9.79 17.19 41.02
C GLU C 266 -9.86 17.80 39.62
N VAL C 267 -9.03 17.36 38.67
CA VAL C 267 -9.04 17.86 37.26
C VAL C 267 -10.24 17.22 36.55
N GLU C 268 -11.02 18.02 35.86
CA GLU C 268 -12.22 17.58 35.10
C GLU C 268 -11.80 16.56 34.03
N VAL C 269 -12.68 15.60 33.79
CA VAL C 269 -12.47 14.50 32.80
C VAL C 269 -13.37 14.80 31.59
N ILE C 270 -12.80 14.69 30.40
CA ILE C 270 -13.55 14.77 29.11
C ILE C 270 -13.20 13.54 28.28
N HIS C 271 -14.08 13.19 27.35
CA HIS C 271 -13.93 12.02 26.44
C HIS C 271 -13.74 12.55 25.02
N VAL C 272 -12.72 12.05 24.33
CA VAL C 272 -12.47 12.34 22.89
C VAL C 272 -12.47 11.01 22.16
N PRO C 273 -13.19 10.89 21.02
CA PRO C 273 -13.17 9.65 20.24
C PRO C 273 -11.75 9.17 19.94
N SER C 274 -11.53 7.85 20.05
CA SER C 274 -10.26 7.15 19.73
C SER C 274 -10.14 7.00 18.21
N PRO C 275 -8.92 7.02 17.64
CA PRO C 275 -8.74 6.88 16.20
C PRO C 275 -9.13 5.53 15.57
N ALA C 276 -9.28 4.47 16.37
CA ALA C 276 -9.91 3.19 15.92
C ALA C 276 -11.42 3.37 15.88
N LEU C 277 -11.93 4.07 14.85
CA LEU C 277 -13.35 4.54 14.77
C LEU C 277 -14.32 3.35 14.89
N GLU C 278 -13.98 2.21 14.28
CA GLU C 278 -14.80 0.97 14.28
C GLU C 278 -15.07 0.47 15.71
N GLU C 279 -14.22 0.79 16.69
CA GLU C 279 -14.44 0.37 18.11
C GLU C 279 -15.49 1.26 18.79
N ARG C 280 -15.80 2.43 18.22
CA ARG C 280 -16.86 3.37 18.70
C ARG C 280 -16.65 3.68 20.20
N LYS C 281 -15.41 3.96 20.58
CA LYS C 281 -15.01 4.29 21.97
C LYS C 281 -14.25 5.62 21.99
N THR C 282 -14.09 6.18 23.20
CA THR C 282 -13.34 7.41 23.50
C THR C 282 -12.18 7.08 24.43
N ASP C 283 -11.18 7.97 24.44
CA ASP C 283 -10.11 8.04 25.47
C ASP C 283 -10.52 9.14 26.47
N SER C 284 -10.21 8.93 27.75
CA SER C 284 -10.44 9.91 28.85
C SER C 284 -9.22 10.82 28.97
N TYR C 285 -9.45 12.13 29.09
CA TYR C 285 -8.43 13.18 29.26
C TYR C 285 -8.72 13.95 30.54
N ARG C 286 -7.69 14.20 31.35
CA ARG C 286 -7.71 15.20 32.44
C ARG C 286 -7.50 16.56 31.76
N TYR C 287 -8.59 17.23 31.42
CA TYR C 287 -8.59 18.48 30.62
C TYR C 287 -9.00 19.63 31.54
N PRO C 288 -8.04 20.45 32.03
CA PRO C 288 -8.37 21.60 32.86
C PRO C 288 -8.95 22.70 31.95
N ARG C 289 -10.27 22.83 31.90
CA ARG C 289 -10.93 23.95 31.20
C ARG C 289 -10.67 25.22 32.02
N THR C 290 -10.57 26.37 31.33
CA THR C 290 -10.29 27.69 31.93
C THR C 290 -11.17 27.90 33.16
N GLY C 291 -10.57 28.31 34.29
CA GLY C 291 -11.28 28.59 35.55
C GLY C 291 -11.37 27.38 36.47
N SER C 292 -11.14 26.16 35.96
CA SER C 292 -11.28 24.89 36.74
C SER C 292 -9.90 24.48 37.26
N LYS C 293 -9.85 23.37 38.01
CA LYS C 293 -8.66 22.93 38.76
C LYS C 293 -7.57 22.42 37.80
N ASN C 294 -6.36 22.95 37.94
CA ASN C 294 -5.12 22.36 37.38
C ASN C 294 -4.70 21.21 38.30
N PRO C 295 -3.77 20.33 37.88
CA PRO C 295 -3.26 19.30 38.76
C PRO C 295 -2.60 19.90 40.02
N LYS C 296 -2.66 19.17 41.14
CA LYS C 296 -1.84 19.47 42.33
C LYS C 296 -0.41 19.00 42.05
N ILE C 297 0.60 19.84 42.29
CA ILE C 297 2.00 19.57 41.89
C ILE C 297 2.94 19.69 43.10
N ALA C 298 4.06 18.99 43.05
CA ALA C 298 5.20 19.14 43.98
C ALA C 298 6.47 18.71 43.26
N LEU C 299 7.60 19.33 43.60
CA LEU C 299 8.94 18.80 43.24
C LEU C 299 9.38 17.86 44.36
N LYS C 300 9.88 16.70 43.96
CA LYS C 300 10.42 15.65 44.87
C LYS C 300 11.77 15.23 44.31
N LEU C 301 12.50 14.43 45.10
CA LEU C 301 13.85 13.96 44.76
C LEU C 301 13.88 12.45 44.90
N ALA C 302 14.20 11.74 43.81
CA ALA C 302 14.47 10.29 43.78
C ALA C 302 15.98 10.12 43.89
N GLU C 303 16.43 9.30 44.84
CA GLU C 303 17.85 8.94 45.03
C GLU C 303 17.98 7.42 44.93
N PHE C 304 19.09 6.96 44.39
CA PHE C 304 19.51 5.53 44.48
C PHE C 304 21.01 5.49 44.68
N GLN C 305 21.47 4.42 45.33
CA GLN C 305 22.91 4.16 45.59
C GLN C 305 23.36 3.00 44.70
N THR C 306 24.60 3.07 44.23
CA THR C 306 25.21 2.05 43.35
C THR C 306 26.60 1.71 43.89
N ASP C 307 27.02 0.45 43.75
CA ASP C 307 28.38 -0.02 44.14
C ASP C 307 29.30 0.10 42.92
N SER C 308 30.57 -0.28 43.06
CA SER C 308 31.61 -0.21 42.00
C SER C 308 31.27 -1.11 40.80
N GLN C 309 30.47 -2.16 41.00
CA GLN C 309 29.99 -3.09 39.93
C GLN C 309 28.71 -2.55 39.25
N GLY C 310 28.20 -1.39 39.66
CA GLY C 310 27.01 -0.76 39.06
C GLY C 310 25.71 -1.42 39.49
N LYS C 311 25.71 -2.17 40.60
CA LYS C 311 24.49 -2.81 41.16
C LYS C 311 23.69 -1.72 41.90
N ILE C 312 22.37 -1.65 41.69
CA ILE C 312 21.47 -0.68 42.40
C ILE C 312 21.16 -1.27 43.78
N VAL C 313 21.79 -0.74 44.83
CA VAL C 313 21.84 -1.30 46.21
C VAL C 313 20.62 -0.82 47.00
N SER C 314 20.19 0.42 46.79
CA SER C 314 19.06 1.04 47.53
C SER C 314 18.46 2.19 46.73
N THR C 315 17.21 2.50 47.01
CA THR C 315 16.45 3.65 46.44
C THR C 315 15.76 4.37 47.58
N GLN C 316 15.46 5.66 47.39
CA GLN C 316 14.71 6.49 48.37
C GLN C 316 13.90 7.54 47.62
N GLU C 317 12.61 7.64 47.92
CA GLU C 317 11.73 8.80 47.58
C GLU C 317 11.93 9.87 48.67
N LYS C 318 12.28 11.09 48.26
CA LYS C 318 12.46 12.24 49.19
C LYS C 318 11.55 13.38 48.76
N GLU C 319 11.07 14.14 49.74
CA GLU C 319 10.11 15.26 49.55
C GLU C 319 10.59 16.45 50.37
N LEU C 320 10.12 17.65 50.04
CA LEU C 320 10.47 18.89 50.77
C LEU C 320 10.08 18.73 52.25
N VAL C 321 10.95 19.19 53.15
CA VAL C 321 10.80 19.04 54.63
C VAL C 321 9.45 19.64 55.07
N GLN C 322 9.02 20.74 54.44
CA GLN C 322 7.62 21.24 54.56
C GLN C 322 6.97 21.14 53.18
N PRO C 323 5.64 20.92 53.09
CA PRO C 323 4.99 20.67 51.80
C PRO C 323 5.26 21.78 50.77
N PHE C 324 5.38 21.38 49.50
CA PHE C 324 5.50 22.31 48.34
C PHE C 324 4.47 23.43 48.45
N SER C 325 3.23 23.08 48.78
CA SER C 325 2.06 24.02 48.89
C SER C 325 2.26 25.02 50.04
N SER C 326 3.01 24.66 51.09
CA SER C 326 3.30 25.55 52.26
C SER C 326 4.46 26.50 51.90
N LEU C 327 5.55 25.98 51.34
CA LEU C 327 6.76 26.76 50.96
C LEU C 327 6.43 27.73 49.83
N PHE C 328 5.63 27.30 48.85
CA PHE C 328 5.40 28.00 47.56
C PHE C 328 3.91 28.09 47.30
N PRO C 329 3.13 28.80 48.16
CA PRO C 329 1.67 28.73 48.12
C PRO C 329 1.00 29.37 46.90
N LYS C 330 1.68 30.28 46.20
CA LYS C 330 1.12 31.02 45.04
C LYS C 330 1.52 30.34 43.71
N VAL C 331 2.28 29.25 43.75
CA VAL C 331 2.74 28.55 42.51
C VAL C 331 1.59 27.70 41.95
N GLU C 332 1.18 27.96 40.71
CA GLU C 332 0.19 27.15 39.95
C GLU C 332 0.92 26.16 39.02
N TYR C 333 2.00 26.59 38.36
CA TYR C 333 2.72 25.79 37.33
C TYR C 333 4.22 25.78 37.60
N ILE C 334 4.86 24.63 37.32
CA ILE C 334 6.33 24.52 37.12
C ILE C 334 6.54 24.63 35.61
N ALA C 335 7.07 25.74 35.14
CA ALA C 335 7.36 25.97 33.72
C ALA C 335 8.54 25.09 33.31
N ARG C 336 9.62 25.16 34.09
CA ARG C 336 10.95 24.55 33.76
C ARG C 336 11.64 24.15 35.06
N ALA C 337 12.62 23.26 34.96
CA ALA C 337 13.47 22.86 36.10
C ALA C 337 14.79 22.30 35.58
N GLY C 338 15.74 22.16 36.48
CA GLY C 338 17.06 21.60 36.18
C GLY C 338 17.95 21.63 37.40
N TRP C 339 19.26 21.63 37.16
CA TRP C 339 20.31 21.63 38.18
C TRP C 339 21.40 22.62 37.77
N THR C 340 22.09 23.19 38.76
CA THR C 340 23.42 23.81 38.57
C THR C 340 24.38 22.68 38.14
N ARG C 341 25.41 23.02 37.35
CA ARG C 341 26.29 22.03 36.68
C ARG C 341 27.08 21.21 37.72
N ASP C 342 27.31 21.75 38.91
CA ASP C 342 28.01 21.07 40.04
C ASP C 342 27.04 20.18 40.83
N GLY C 343 25.73 20.21 40.52
CA GLY C 343 24.70 19.44 41.24
C GLY C 343 24.40 19.99 42.62
N LYS C 344 24.91 21.18 42.98
CA LYS C 344 24.78 21.78 44.32
C LYS C 344 23.32 22.17 44.57
N TYR C 345 22.63 22.67 43.54
CA TYR C 345 21.21 23.10 43.63
C TYR C 345 20.41 22.49 42.48
N ALA C 346 19.22 21.98 42.79
CA ALA C 346 18.09 21.89 41.85
C ALA C 346 17.58 23.32 41.64
N TRP C 347 16.99 23.61 40.48
CA TRP C 347 16.29 24.90 40.27
C TRP C 347 14.97 24.64 39.56
N ALA C 348 14.01 25.52 39.80
CA ALA C 348 12.68 25.49 39.16
C ALA C 348 12.29 26.92 38.78
N MET C 349 11.57 27.01 37.67
CA MET C 349 10.89 28.23 37.20
C MET C 349 9.41 28.05 37.53
N PHE C 350 8.90 28.83 38.49
CA PHE C 350 7.52 28.77 39.01
C PHE C 350 6.69 29.92 38.42
N LEU C 351 5.43 29.67 38.08
CA LEU C 351 4.44 30.67 37.64
C LEU C 351 3.26 30.66 38.60
N ASP C 352 2.72 31.83 38.91
CA ASP C 352 1.40 31.95 39.58
C ASP C 352 0.30 31.64 38.57
N ARG C 353 -0.94 31.49 39.03
CA ARG C 353 -2.07 31.08 38.16
C ARG C 353 -2.34 32.17 37.11
N PRO C 354 -2.39 33.48 37.47
CA PRO C 354 -2.53 34.53 36.46
C PRO C 354 -1.40 34.62 35.43
N GLN C 355 -0.27 33.94 35.68
CA GLN C 355 0.96 33.94 34.82
C GLN C 355 1.44 35.38 34.63
N GLN C 356 1.44 36.15 35.72
CA GLN C 356 1.97 37.55 35.76
C GLN C 356 3.17 37.63 36.72
N TRP C 357 3.60 36.51 37.29
CA TRP C 357 4.62 36.44 38.37
C TRP C 357 5.40 35.13 38.21
N LEU C 358 6.69 35.23 37.87
CA LEU C 358 7.61 34.10 37.70
C LEU C 358 8.69 34.21 38.78
N GLN C 359 9.08 33.08 39.36
CA GLN C 359 10.22 32.96 40.29
C GLN C 359 11.17 31.87 39.79
N LEU C 360 12.46 32.18 39.76
CA LEU C 360 13.56 31.19 39.60
C LEU C 360 14.08 30.87 41.01
N VAL C 361 13.94 29.61 41.44
CA VAL C 361 14.16 29.18 42.84
C VAL C 361 15.21 28.07 42.86
N LEU C 362 16.28 28.23 43.65
CA LEU C 362 17.27 27.16 43.94
C LEU C 362 16.74 26.31 45.09
N LEU C 363 16.86 24.99 44.97
CA LEU C 363 16.45 24.00 45.99
C LEU C 363 17.63 23.09 46.28
N PRO C 364 18.29 23.23 47.45
CA PRO C 364 19.39 22.33 47.80
C PRO C 364 18.83 20.95 48.12
N PRO C 365 19.49 19.85 47.71
CA PRO C 365 19.04 18.49 48.07
C PRO C 365 18.81 18.26 49.58
N ALA C 366 19.55 18.97 50.44
CA ALA C 366 19.45 18.88 51.92
C ALA C 366 18.07 19.33 52.42
N LEU C 367 17.32 20.10 51.62
CA LEU C 367 15.94 20.54 51.98
C LEU C 367 14.94 19.38 51.82
N PHE C 368 15.31 18.30 51.12
CA PHE C 368 14.45 17.11 50.90
C PHE C 368 14.79 16.03 51.94
N ILE C 369 13.78 15.37 52.50
CA ILE C 369 13.90 14.29 53.53
C ILE C 369 13.18 13.04 53.04
N PRO C 370 13.52 11.84 53.55
CA PRO C 370 12.83 10.61 53.16
C PRO C 370 11.31 10.70 53.37
N SER C 371 10.53 10.31 52.36
CA SER C 371 9.06 10.16 52.45
C SER C 371 8.75 8.99 53.38
N THR C 372 7.78 9.14 54.27
CA THR C 372 7.37 8.11 55.24
C THR C 372 5.95 8.40 55.74
N GLU C 373 5.21 7.34 56.09
CA GLU C 373 3.89 7.42 56.76
C GLU C 373 4.09 7.58 58.27
N ASN C 374 5.27 7.20 58.79
CA ASN C 374 5.63 7.28 60.23
C ASN C 374 5.94 8.74 60.58
N GLU C 375 5.03 9.39 61.32
CA GLU C 375 5.14 10.82 61.70
C GLU C 375 6.36 11.07 62.60
N GLU C 376 6.71 10.11 63.46
CA GLU C 376 7.88 10.22 64.39
C GLU C 376 9.18 10.22 63.58
N GLN C 377 9.31 9.33 62.59
CA GLN C 377 10.49 9.28 61.67
C GLN C 377 10.58 10.59 60.86
N ARG C 378 9.45 11.10 60.39
CA ARG C 378 9.38 12.38 59.61
C ARG C 378 9.87 13.55 60.46
N LEU C 379 9.39 13.65 61.71
CA LEU C 379 9.79 14.71 62.67
C LEU C 379 11.30 14.64 62.93
N ALA C 380 11.86 13.45 63.14
CA ALA C 380 13.31 13.21 63.32
C ALA C 380 14.08 13.76 62.11
N SER C 381 13.64 13.41 60.89
CA SER C 381 14.25 13.89 59.62
C SER C 381 14.19 15.43 59.55
N ALA C 382 13.02 16.02 59.84
CA ALA C 382 12.78 17.48 59.79
C ALA C 382 13.68 18.20 60.80
N ARG C 383 13.82 17.64 62.01
CA ARG C 383 14.69 18.18 63.10
C ARG C 383 16.15 18.18 62.65
N ALA C 384 16.58 17.22 61.83
CA ALA C 384 17.97 17.09 61.32
C ALA C 384 18.27 18.06 60.16
N VAL C 385 17.27 18.70 59.54
CA VAL C 385 17.53 19.63 58.40
C VAL C 385 18.13 20.91 58.98
N PRO C 386 19.39 21.29 58.64
CA PRO C 386 20.02 22.47 59.26
C PRO C 386 19.24 23.77 59.00
N ARG C 387 19.36 24.72 59.94
CA ARG C 387 18.76 26.08 59.87
C ARG C 387 19.25 26.85 58.64
N ASN C 388 20.48 26.59 58.17
CA ASN C 388 21.12 27.34 57.05
C ASN C 388 20.71 26.74 55.69
N VAL C 389 19.89 25.68 55.66
CA VAL C 389 19.35 25.06 54.41
C VAL C 389 18.02 25.76 54.09
N GLN C 390 17.86 26.25 52.85
CA GLN C 390 16.61 26.94 52.44
C GLN C 390 16.50 27.07 50.92
N PRO C 391 15.29 27.33 50.39
CA PRO C 391 15.15 27.80 49.01
C PRO C 391 15.77 29.20 48.85
N TYR C 392 16.19 29.54 47.64
CA TYR C 392 16.68 30.88 47.24
C TYR C 392 15.92 31.32 45.99
N VAL C 393 15.07 32.35 46.09
CA VAL C 393 14.47 33.03 44.90
C VAL C 393 15.54 33.96 44.32
N VAL C 394 16.28 33.49 43.31
CA VAL C 394 17.45 34.21 42.72
C VAL C 394 16.98 35.18 41.64
N TYR C 395 15.74 35.06 41.17
CA TYR C 395 15.16 35.97 40.15
C TYR C 395 13.64 35.95 40.20
N GLU C 396 13.05 37.11 39.93
CA GLU C 396 11.59 37.34 39.96
C GLU C 396 11.24 38.23 38.76
N GLU C 397 10.23 37.83 37.98
CA GLU C 397 9.73 38.61 36.82
C GLU C 397 8.23 38.88 37.05
N VAL C 398 7.84 40.15 36.99
CA VAL C 398 6.46 40.62 37.27
C VAL C 398 6.02 41.51 36.11
N THR C 399 4.75 41.42 35.72
CA THR C 399 4.19 42.15 34.55
C THR C 399 2.69 42.38 34.76
N ASN C 400 2.15 43.41 34.12
CA ASN C 400 0.68 43.66 34.03
C ASN C 400 0.16 43.12 32.69
N VAL C 401 1.01 42.51 31.86
CA VAL C 401 0.59 41.83 30.59
C VAL C 401 0.53 40.32 30.88
N TRP C 402 1.53 39.53 30.50
CA TRP C 402 1.69 38.12 30.93
C TRP C 402 3.17 37.73 30.80
N ILE C 403 3.60 36.74 31.57
CA ILE C 403 4.95 36.13 31.46
C ILE C 403 4.90 35.12 30.31
N ASN C 404 5.69 35.35 29.27
CA ASN C 404 6.07 34.30 28.30
C ASN C 404 7.23 33.51 28.91
N VAL C 405 7.11 32.19 28.98
CA VAL C 405 8.19 31.30 29.50
C VAL C 405 9.35 31.33 28.49
N HIS C 406 10.48 31.91 28.92
CA HIS C 406 11.76 31.96 28.16
C HIS C 406 12.67 30.88 28.75
N ASP C 407 13.31 30.09 27.89
CA ASP C 407 14.07 28.88 28.30
C ASP C 407 15.50 29.25 28.72
N ILE C 408 15.92 30.49 28.48
CA ILE C 408 17.33 30.96 28.70
C ILE C 408 17.52 31.28 30.20
N PHE C 409 18.21 30.38 30.90
CA PHE C 409 18.73 30.54 32.28
C PHE C 409 20.03 29.76 32.36
N TYR C 410 21.17 30.45 32.46
CA TYR C 410 22.52 29.83 32.44
C TYR C 410 23.25 30.20 33.72
N PRO C 411 23.23 29.33 34.77
CA PRO C 411 24.00 29.59 35.99
C PRO C 411 25.49 29.32 35.80
N PHE C 412 26.34 30.29 36.16
CA PHE C 412 27.82 30.16 36.15
C PHE C 412 28.26 29.38 37.39
N PRO C 413 29.40 28.65 37.34
CA PRO C 413 29.95 28.01 38.52
C PRO C 413 30.25 29.03 39.63
N GLN C 414 29.98 28.64 40.87
CA GLN C 414 30.32 29.43 42.08
C GLN C 414 31.76 29.11 42.51
N SER C 415 32.46 30.08 43.09
CA SER C 415 33.73 29.86 43.86
C SER C 415 33.38 29.23 45.22
N GLU C 416 34.31 28.48 45.83
CA GLU C 416 34.14 27.86 47.18
C GLU C 416 33.88 28.96 48.22
N GLY C 417 32.87 28.77 49.08
CA GLY C 417 32.50 29.72 50.14
C GLY C 417 31.80 30.98 49.62
N GLU C 418 31.30 30.99 48.38
CA GLU C 418 30.57 32.15 47.78
C GLU C 418 29.08 32.09 48.16
N ASP C 419 28.53 33.21 48.64
CA ASP C 419 27.09 33.42 48.90
C ASP C 419 26.48 34.18 47.71
N GLU C 420 26.95 33.95 46.48
CA GLU C 420 26.34 34.59 45.28
C GLU C 420 26.32 33.61 44.11
N LEU C 421 25.29 33.76 43.29
CA LEU C 421 25.12 33.02 42.01
C LEU C 421 25.03 34.04 40.89
N CYS C 422 25.94 33.94 39.93
CA CYS C 422 25.92 34.72 38.68
C CYS C 422 25.27 33.86 37.60
N PHE C 423 24.38 34.44 36.79
CA PHE C 423 23.66 33.71 35.73
C PHE C 423 23.26 34.65 34.59
N LEU C 424 23.17 34.11 33.38
CA LEU C 424 22.53 34.77 32.21
C LEU C 424 21.05 34.42 32.22
N ARG C 425 20.20 35.41 31.98
CA ARG C 425 18.73 35.26 31.97
C ARG C 425 18.16 36.09 30.80
N ALA C 426 17.25 35.50 30.02
CA ALA C 426 16.39 36.24 29.07
C ALA C 426 15.23 36.82 29.89
N ASN C 427 15.00 38.14 29.79
CA ASN C 427 13.93 38.86 30.51
C ASN C 427 13.23 39.79 29.51
N GLU C 428 11.91 39.65 29.40
CA GLU C 428 11.04 40.45 28.51
C GLU C 428 10.31 41.54 29.29
N CYS C 429 9.87 41.26 30.51
CA CYS C 429 8.95 42.17 31.28
C CYS C 429 9.68 43.47 31.66
N LYS C 430 11.01 43.45 31.83
CA LYS C 430 11.80 44.64 32.26
C LYS C 430 11.57 45.81 31.28
N THR C 431 11.81 45.59 29.99
CA THR C 431 11.72 46.65 28.92
C THR C 431 10.56 46.41 27.96
N GLY C 432 9.88 45.26 28.02
CA GLY C 432 8.81 44.88 27.06
C GLY C 432 9.38 44.21 25.82
N PHE C 433 10.69 43.96 25.76
CA PHE C 433 11.37 43.18 24.70
C PHE C 433 12.30 42.17 25.37
N CYS C 434 12.36 40.95 24.85
CA CYS C 434 13.16 39.84 25.41
C CYS C 434 14.65 40.14 25.20
N HIS C 435 15.41 40.35 26.28
CA HIS C 435 16.85 40.69 26.22
C HIS C 435 17.67 39.85 27.19
N LEU C 436 18.98 39.73 26.90
CA LEU C 436 19.94 38.97 27.74
C LEU C 436 20.49 39.89 28.83
N TYR C 437 20.46 39.41 30.07
CA TYR C 437 21.00 40.10 31.27
C TYR C 437 21.98 39.17 31.98
N LYS C 438 23.12 39.71 32.44
CA LYS C 438 23.99 39.03 33.41
C LYS C 438 23.58 39.47 34.81
N VAL C 439 23.09 38.53 35.61
CA VAL C 439 22.51 38.81 36.96
C VAL C 439 23.43 38.20 38.02
N THR C 440 23.68 38.93 39.11
CA THR C 440 24.35 38.40 40.32
C THR C 440 23.37 38.52 41.49
N ALA C 441 22.89 37.38 41.98
CA ALA C 441 22.02 37.27 43.17
C ALA C 441 22.88 36.93 44.37
N VAL C 442 22.56 37.51 45.52
CA VAL C 442 23.19 37.17 46.82
C VAL C 442 22.29 36.14 47.51
N LEU C 443 22.82 34.94 47.80
CA LEU C 443 22.06 33.86 48.48
C LEU C 443 21.94 34.22 49.96
N LYS C 444 20.94 35.04 50.28
CA LYS C 444 20.68 35.55 51.64
C LYS C 444 20.09 34.41 52.47
N SER C 445 20.73 34.13 53.61
CA SER C 445 20.29 33.11 54.60
C SER C 445 19.58 33.78 55.77
N GLN C 446 18.39 33.28 56.14
CA GLN C 446 17.56 33.84 57.25
C GLN C 446 17.71 32.96 58.49
N GLY C 447 17.87 31.65 58.33
CA GLY C 447 17.78 30.64 59.41
C GLY C 447 16.35 30.19 59.61
N TYR C 448 16.07 28.89 59.45
CA TYR C 448 14.68 28.33 59.48
C TYR C 448 14.60 27.12 60.39
N ASP C 449 13.51 27.06 61.18
CA ASP C 449 13.15 25.87 62.00
C ASP C 449 12.20 25.01 61.15
N TRP C 450 12.75 23.98 60.52
CA TRP C 450 11.99 23.12 59.55
C TRP C 450 11.09 22.11 60.27
N SER C 451 11.27 21.91 61.58
CA SER C 451 10.41 21.03 62.42
C SER C 451 9.04 21.68 62.67
N GLU C 452 8.94 23.01 62.57
CA GLU C 452 7.69 23.76 62.83
C GLU C 452 6.92 23.99 61.52
N PRO C 453 5.57 23.99 61.51
CA PRO C 453 4.81 24.29 60.30
C PRO C 453 5.09 25.72 59.82
N PHE C 454 5.16 25.88 58.51
CA PHE C 454 5.79 27.04 57.82
C PHE C 454 4.72 27.91 57.15
N SER C 455 4.80 29.23 57.31
CA SER C 455 3.95 30.24 56.61
C SER C 455 4.82 31.36 56.04
N PRO C 456 5.09 31.39 54.71
CA PRO C 456 6.00 32.38 54.14
C PRO C 456 5.37 33.78 54.16
N GLY C 457 6.15 34.79 54.50
CA GLY C 457 5.76 36.21 54.36
C GLY C 457 5.96 36.69 52.93
N GLU C 458 5.66 37.97 52.67
CA GLU C 458 6.04 38.69 51.43
C GLU C 458 7.57 38.63 51.30
N ASP C 459 8.07 38.23 50.13
CA ASP C 459 9.51 38.18 49.77
C ASP C 459 10.26 37.14 50.61
N GLU C 460 9.59 36.10 51.09
CA GLU C 460 10.23 34.92 51.72
C GLU C 460 11.20 34.32 50.68
N PHE C 461 12.46 34.10 51.07
CA PHE C 461 13.54 33.49 50.25
C PHE C 461 14.09 34.44 49.18
N LYS C 462 13.61 35.68 49.10
CA LYS C 462 13.98 36.64 48.02
C LYS C 462 15.46 37.04 48.20
N CYS C 463 16.25 36.84 47.14
CA CYS C 463 17.70 37.16 47.11
C CYS C 463 17.88 38.59 46.61
N PRO C 464 18.68 39.42 47.32
CA PRO C 464 19.13 40.71 46.78
C PRO C 464 19.84 40.50 45.44
N ILE C 465 19.56 41.36 44.47
CA ILE C 465 20.27 41.45 43.17
C ILE C 465 21.40 42.49 43.33
N LYS C 466 22.64 42.02 43.37
CA LYS C 466 23.86 42.85 43.51
C LYS C 466 24.11 43.59 42.19
N GLU C 467 23.93 42.91 41.06
CA GLU C 467 24.26 43.43 39.70
C GLU C 467 23.26 42.84 38.69
N GLU C 468 22.84 43.66 37.73
CA GLU C 468 22.00 43.23 36.58
C GLU C 468 22.40 44.05 35.35
N ILE C 469 23.26 43.47 34.50
CA ILE C 469 23.86 44.14 33.30
C ILE C 469 23.07 43.68 32.07
N ALA C 470 22.52 44.65 31.32
CA ALA C 470 21.91 44.42 29.99
C ALA C 470 23.02 44.10 28.99
N LEU C 471 23.04 42.86 28.46
CA LEU C 471 23.99 42.48 27.39
C LEU C 471 23.42 42.92 26.03
N THR C 472 22.07 42.99 25.93
CA THR C 472 21.34 43.40 24.70
C THR C 472 20.23 44.36 25.12
N SER C 473 19.84 45.26 24.21
CA SER C 473 18.77 46.25 24.41
C SER C 473 18.27 46.74 23.05
N GLY C 474 17.11 47.38 23.03
CA GLY C 474 16.48 47.98 21.84
C GLY C 474 15.11 47.39 21.56
N GLU C 475 14.47 47.86 20.50
CA GLU C 475 13.11 47.44 20.07
C GLU C 475 13.24 46.24 19.12
N TRP C 476 13.80 45.14 19.66
CA TRP C 476 13.97 43.84 18.97
C TRP C 476 14.13 42.77 20.06
N GLU C 477 14.10 41.50 19.68
CA GLU C 477 14.02 40.38 20.64
C GLU C 477 15.22 39.45 20.50
N VAL C 478 15.72 38.96 21.63
CA VAL C 478 16.45 37.67 21.73
C VAL C 478 15.39 36.57 21.64
N LEU C 479 15.62 35.55 20.80
CA LEU C 479 14.70 34.41 20.65
C LEU C 479 15.02 33.40 21.77
N ALA C 480 14.01 33.08 22.59
CA ALA C 480 14.19 32.28 23.83
C ALA C 480 13.10 31.21 23.98
N ARG C 481 12.32 30.92 22.92
CA ARG C 481 11.13 30.01 22.96
C ARG C 481 11.16 29.07 21.77
N HIS C 482 10.48 27.91 21.89
CA HIS C 482 10.18 26.96 20.80
C HIS C 482 11.47 26.47 20.15
N GLY C 483 12.46 26.06 20.97
CA GLY C 483 13.73 25.47 20.52
C GLY C 483 14.88 26.45 20.43
N SER C 484 14.62 27.77 20.47
CA SER C 484 15.66 28.83 20.51
C SER C 484 16.40 28.74 21.85
N LYS C 485 17.71 28.93 21.82
CA LYS C 485 18.60 28.78 23.01
C LYS C 485 19.79 29.71 22.86
N ILE C 486 20.60 29.77 23.91
CA ILE C 486 21.93 30.44 23.88
C ILE C 486 22.99 29.36 24.00
N TRP C 487 24.19 29.67 23.54
CA TRP C 487 25.43 28.87 23.73
C TRP C 487 26.47 29.77 24.40
N VAL C 488 27.05 29.31 25.50
CA VAL C 488 27.96 30.14 26.36
C VAL C 488 29.35 29.50 26.34
N ASN C 489 30.34 30.24 25.84
CA ASN C 489 31.78 29.85 25.87
C ASN C 489 32.43 30.55 27.07
N GLU C 490 32.65 29.81 28.16
CA GLU C 490 33.23 30.34 29.42
C GLU C 490 34.73 30.63 29.26
N GLU C 491 35.41 30.06 28.26
CA GLU C 491 36.84 30.37 27.97
C GLU C 491 36.96 31.81 27.43
N THR C 492 36.09 32.20 26.50
CA THR C 492 36.15 33.49 25.77
C THR C 492 35.19 34.52 26.38
N LYS C 493 34.33 34.11 27.32
CA LYS C 493 33.29 34.97 27.96
C LYS C 493 32.32 35.50 26.90
N LEU C 494 31.96 34.69 25.90
CA LEU C 494 31.04 35.07 24.80
C LEU C 494 29.74 34.26 24.94
N VAL C 495 28.60 34.91 24.69
CA VAL C 495 27.27 34.24 24.60
C VAL C 495 26.75 34.42 23.16
N TYR C 496 26.47 33.31 22.50
CA TYR C 496 25.86 33.20 21.16
C TYR C 496 24.35 33.09 21.37
N PHE C 497 23.57 33.85 20.61
CA PHE C 497 22.09 33.90 20.71
C PHE C 497 21.51 34.20 19.34
N GLN C 498 20.22 33.93 19.17
CA GLN C 498 19.45 34.30 17.96
C GLN C 498 18.53 35.47 18.30
N GLY C 499 18.22 36.31 17.32
CA GLY C 499 17.35 37.48 17.53
C GLY C 499 16.89 38.15 16.25
N THR C 500 16.06 39.18 16.43
CA THR C 500 15.43 40.00 15.37
C THR C 500 16.08 41.40 15.30
N LYS C 501 17.34 41.52 15.72
CA LYS C 501 18.06 42.83 15.81
C LYS C 501 18.10 43.51 14.44
N ASP C 502 18.39 42.77 13.36
CA ASP C 502 18.47 43.31 11.98
C ASP C 502 17.08 43.65 11.45
N THR C 503 16.07 42.82 11.75
CA THR C 503 14.67 42.98 11.26
C THR C 503 13.76 41.96 11.93
N PRO C 504 12.49 42.30 12.23
CA PRO C 504 11.53 41.32 12.73
C PRO C 504 11.20 40.21 11.71
N LEU C 505 11.58 40.37 10.44
CA LEU C 505 11.30 39.40 9.34
C LEU C 505 12.37 38.31 9.24
N GLU C 506 13.49 38.40 9.96
CA GLU C 506 14.59 37.42 9.86
C GLU C 506 15.14 37.08 11.26
N HIS C 507 15.33 35.79 11.53
CA HIS C 507 16.11 35.26 12.67
C HIS C 507 17.57 35.21 12.22
N HIS C 508 18.48 35.78 13.02
CA HIS C 508 19.94 35.75 12.78
C HIS C 508 20.66 35.26 14.03
N LEU C 509 21.86 34.72 13.84
CA LEU C 509 22.78 34.32 14.92
C LEU C 509 23.68 35.51 15.26
N TYR C 510 23.80 35.83 16.56
CA TYR C 510 24.64 36.93 17.08
C TYR C 510 25.57 36.40 18.16
N VAL C 511 26.62 37.18 18.47
CA VAL C 511 27.52 36.91 19.62
C VAL C 511 27.83 38.25 20.31
N VAL C 512 27.88 38.23 21.64
CA VAL C 512 28.22 39.40 22.51
C VAL C 512 29.01 38.86 23.71
N SER C 513 29.93 39.68 24.26
CA SER C 513 30.66 39.37 25.49
C SER C 513 29.71 39.55 26.67
N TYR C 514 29.72 38.62 27.62
CA TYR C 514 29.03 38.81 28.93
C TYR C 514 30.00 39.40 29.96
N GLU C 515 31.30 39.44 29.69
CA GLU C 515 32.33 40.02 30.60
C GLU C 515 32.36 41.53 30.38
N ALA C 516 32.73 41.98 29.17
CA ALA C 516 32.77 43.38 28.73
C ALA C 516 31.68 43.62 27.68
N ALA C 517 30.43 43.76 28.14
CA ALA C 517 29.21 43.97 27.31
C ALA C 517 29.42 45.17 26.38
N GLY C 518 29.37 44.95 25.06
CA GLY C 518 29.63 45.99 24.04
C GLY C 518 29.09 45.60 22.68
N GLU C 519 29.98 45.40 21.71
CA GLU C 519 29.63 45.14 20.29
C GLU C 519 28.90 43.80 20.18
N ILE C 520 27.75 43.78 19.50
CA ILE C 520 27.03 42.56 19.04
C ILE C 520 27.46 42.29 17.59
N VAL C 521 28.02 41.11 17.32
CA VAL C 521 28.47 40.68 15.97
C VAL C 521 27.41 39.73 15.38
N ARG C 522 26.94 40.02 14.16
CA ARG C 522 26.02 39.12 13.41
C ARG C 522 26.88 38.08 12.68
N LEU C 523 26.52 36.80 12.76
CA LEU C 523 27.28 35.67 12.18
C LEU C 523 26.58 35.07 10.96
N THR C 524 25.31 35.42 10.70
CA THR C 524 24.51 34.89 9.57
C THR C 524 24.30 35.95 8.48
N THR C 525 24.08 35.50 7.24
CA THR C 525 23.93 36.35 6.03
C THR C 525 22.55 37.01 6.03
N PRO C 526 22.46 38.36 5.94
CA PRO C 526 21.17 39.04 5.73
C PRO C 526 20.45 38.60 4.45
N GLY C 527 19.12 38.78 4.41
CA GLY C 527 18.24 38.39 3.28
C GLY C 527 17.71 36.97 3.41
N PHE C 528 18.00 36.29 4.53
CA PHE C 528 17.45 34.95 4.89
C PHE C 528 17.15 34.92 6.39
N SER C 529 16.20 34.08 6.79
CA SER C 529 15.90 33.73 8.21
C SER C 529 16.62 32.42 8.55
N HIS C 530 17.36 32.40 9.66
CA HIS C 530 18.31 31.32 10.03
C HIS C 530 17.86 30.60 11.30
N SER C 531 17.98 29.27 11.31
CA SER C 531 17.82 28.41 12.51
C SER C 531 19.14 27.69 12.73
N CYS C 532 19.88 28.03 13.80
CA CYS C 532 21.30 27.66 13.95
C CYS C 532 21.50 26.65 15.09
N SER C 533 22.51 25.81 14.91
CA SER C 533 23.03 24.84 15.90
C SER C 533 24.54 25.06 16.00
N MET C 534 25.03 25.37 17.20
CA MET C 534 26.45 25.71 17.48
CA MET C 534 26.46 25.69 17.44
C MET C 534 27.14 24.50 18.10
N SER C 535 28.36 24.17 17.64
CA SER C 535 29.26 23.16 18.26
C SER C 535 29.55 23.56 19.72
N GLN C 536 29.62 22.59 20.63
CA GLN C 536 29.98 22.83 22.06
C GLN C 536 31.45 23.27 22.17
N ASN C 537 32.26 23.14 21.10
CA ASN C 537 33.65 23.64 21.01
C ASN C 537 33.70 25.02 20.33
N PHE C 538 32.56 25.56 19.89
CA PHE C 538 32.40 26.95 19.36
C PHE C 538 33.30 27.20 18.14
N ASP C 539 33.64 26.15 17.39
CA ASP C 539 34.54 26.20 16.21
C ASP C 539 33.71 26.16 14.91
N MET C 540 32.50 25.59 14.97
CA MET C 540 31.62 25.38 13.80
C MET C 540 30.16 25.60 14.22
N PHE C 541 29.33 25.98 13.26
CA PHE C 541 27.85 26.00 13.43
C PHE C 541 27.17 25.59 12.13
N VAL C 542 25.94 25.11 12.27
CA VAL C 542 25.00 24.78 11.17
C VAL C 542 23.95 25.89 11.12
N SER C 543 23.57 26.31 9.92
CA SER C 543 22.40 27.18 9.70
C SER C 543 21.42 26.50 8.73
N HIS C 544 20.20 26.28 9.20
CA HIS C 544 19.02 25.93 8.38
C HIS C 544 18.33 27.25 8.03
N TYR C 545 18.42 27.69 6.77
CA TYR C 545 17.94 29.03 6.37
C TYR C 545 17.23 29.00 5.02
N SER C 546 16.36 30.00 4.84
CA SER C 546 15.51 30.19 3.65
C SER C 546 15.13 31.67 3.52
N SER C 547 14.52 32.02 2.38
CA SER C 547 13.80 33.29 2.15
C SER C 547 12.46 32.97 1.51
N VAL C 548 11.58 33.96 1.36
CA VAL C 548 10.26 33.79 0.65
C VAL C 548 10.49 33.22 -0.75
N SER C 549 11.60 33.57 -1.42
CA SER C 549 11.89 33.22 -2.83
C SER C 549 12.81 31.99 -2.97
N THR C 550 13.49 31.56 -1.91
CA THR C 550 14.52 30.48 -1.97
C THR C 550 14.17 29.37 -0.97
N PRO C 551 13.91 28.13 -1.44
CA PRO C 551 13.72 26.99 -0.53
C PRO C 551 14.85 26.78 0.47
N PRO C 552 14.62 26.03 1.58
CA PRO C 552 15.60 25.92 2.65
C PRO C 552 16.87 25.20 2.19
N CYS C 553 18.02 25.64 2.70
CA CYS C 553 19.31 24.91 2.64
C CYS C 553 19.84 24.75 4.08
N VAL C 554 20.73 23.77 4.27
CA VAL C 554 21.46 23.54 5.53
C VAL C 554 22.96 23.61 5.21
N HIS C 555 23.64 24.63 5.73
CA HIS C 555 25.09 24.88 5.53
C HIS C 555 25.84 24.75 6.86
N VAL C 556 27.06 24.21 6.77
CA VAL C 556 28.03 24.12 7.90
C VAL C 556 29.03 25.26 7.71
N TYR C 557 29.21 26.08 8.76
CA TYR C 557 30.15 27.22 8.79
C TYR C 557 31.25 26.93 9.81
N LYS C 558 32.47 27.34 9.48
CA LYS C 558 33.63 27.35 10.40
C LYS C 558 33.81 28.77 10.94
N LEU C 559 33.90 28.93 12.26
CA LEU C 559 34.32 30.21 12.90
C LEU C 559 35.86 30.22 12.92
N SER C 560 36.46 31.15 12.19
CA SER C 560 37.90 31.20 11.87
C SER C 560 38.48 32.59 12.19
N GLY C 561 39.77 32.63 12.54
CA GLY C 561 40.51 33.87 12.84
C GLY C 561 41.38 33.71 14.09
N PRO C 562 42.16 34.76 14.46
CA PRO C 562 43.00 34.71 15.66
C PRO C 562 42.21 34.39 16.94
N ASP C 563 42.74 33.49 17.77
CA ASP C 563 42.12 33.03 19.04
C ASP C 563 42.09 34.17 20.07
N ASP C 564 42.96 35.18 19.94
CA ASP C 564 43.04 36.33 20.87
C ASP C 564 41.94 37.37 20.57
N ASP C 565 41.16 37.22 19.48
CA ASP C 565 40.01 38.11 19.15
C ASP C 565 38.78 37.23 18.86
N PRO C 566 38.26 36.50 19.89
CA PRO C 566 37.17 35.54 19.67
C PRO C 566 35.85 36.17 19.21
N LEU C 567 35.54 37.40 19.65
CA LEU C 567 34.29 38.12 19.29
C LEU C 567 34.20 38.31 17.77
N HIS C 568 35.33 38.52 17.09
CA HIS C 568 35.40 38.84 15.63
C HIS C 568 35.84 37.64 14.79
N LYS C 569 35.74 36.41 15.33
CA LYS C 569 35.85 35.17 14.52
C LYS C 569 34.89 35.27 13.33
N GLN C 570 35.39 34.92 12.13
CA GLN C 570 34.66 35.08 10.85
C GLN C 570 33.91 33.79 10.54
N PRO C 571 32.59 33.85 10.21
CA PRO C 571 31.88 32.68 9.69
C PRO C 571 32.30 32.43 8.24
N ARG C 572 32.92 31.28 8.00
CA ARG C 572 33.37 30.85 6.65
C ARG C 572 32.52 29.65 6.23
N PHE C 573 31.86 29.74 5.07
CA PHE C 573 31.15 28.58 4.45
C PHE C 573 32.15 27.43 4.35
N TRP C 574 31.75 26.25 4.83
CA TRP C 574 32.64 25.06 4.90
C TRP C 574 32.11 23.95 3.98
N ALA C 575 30.85 23.55 4.18
CA ALA C 575 30.20 22.49 3.38
C ALA C 575 28.67 22.60 3.50
N SER C 576 27.97 21.96 2.58
CA SER C 576 26.48 21.88 2.53
C SER C 576 26.03 20.52 3.04
N MET C 577 25.04 20.53 3.92
CA MET C 577 24.28 19.33 4.37
C MET C 577 23.07 19.12 3.44
N MET C 578 22.59 20.19 2.82
CA MET C 578 21.41 20.15 1.93
C MET C 578 21.39 21.44 1.10
N GLU C 579 21.50 21.32 -0.22
CA GLU C 579 21.40 22.47 -1.14
C GLU C 579 19.92 22.80 -1.34
N ALA C 580 19.61 24.09 -1.44
CA ALA C 580 18.27 24.62 -1.74
C ALA C 580 17.80 24.00 -3.06
N ALA C 581 16.60 23.43 -3.07
CA ALA C 581 15.85 23.14 -4.31
C ALA C 581 15.70 24.46 -5.09
N SER C 582 15.63 24.37 -6.42
CA SER C 582 15.22 25.52 -7.28
C SER C 582 13.80 25.95 -6.88
N CYS C 583 13.51 27.25 -6.84
CA CYS C 583 12.13 27.80 -6.76
C CYS C 583 11.34 27.24 -7.95
N PRO C 584 10.34 26.36 -7.73
CA PRO C 584 9.64 25.68 -8.84
C PRO C 584 9.05 26.67 -9.86
N PRO C 585 8.98 26.33 -11.17
CA PRO C 585 8.47 27.26 -12.19
C PRO C 585 7.01 27.69 -11.97
N ASP C 586 6.19 26.81 -11.40
CA ASP C 586 4.76 27.05 -11.08
C ASP C 586 4.61 27.84 -9.76
N TYR C 587 5.65 27.89 -8.93
CA TYR C 587 5.62 28.59 -7.62
C TYR C 587 6.09 30.03 -7.81
N VAL C 588 5.23 31.00 -7.48
CA VAL C 588 5.59 32.46 -7.47
C VAL C 588 5.63 32.92 -6.02
N PRO C 589 6.83 33.30 -5.50
CA PRO C 589 6.96 33.73 -4.11
C PRO C 589 6.01 34.88 -3.77
N PRO C 590 5.49 34.94 -2.54
CA PRO C 590 4.73 36.10 -2.10
C PRO C 590 5.67 37.30 -1.94
N GLU C 591 5.11 38.50 -1.95
CA GLU C 591 5.84 39.77 -1.75
C GLU C 591 5.49 40.30 -0.35
N ILE C 592 6.50 40.58 0.46
CA ILE C 592 6.32 41.16 1.82
C ILE C 592 6.23 42.68 1.67
N PHE C 593 5.29 43.28 2.39
CA PHE C 593 5.10 44.75 2.47
C PHE C 593 4.90 45.12 3.95
N HIS C 594 4.96 46.42 4.23
CA HIS C 594 4.54 46.99 5.53
C HIS C 594 3.74 48.27 5.28
N PHE C 595 2.92 48.63 6.26
CA PHE C 595 2.11 49.88 6.27
C PHE C 595 1.96 50.31 7.73
N HIS C 596 1.48 51.52 7.93
CA HIS C 596 1.20 52.11 9.26
C HIS C 596 -0.31 52.23 9.40
N THR C 597 -0.84 51.73 10.52
CA THR C 597 -2.28 51.81 10.88
C THR C 597 -2.65 53.28 11.12
N ARG C 598 -3.94 53.57 11.30
CA ARG C 598 -4.45 54.93 11.67
C ARG C 598 -3.82 55.38 12.99
N SER C 599 -3.50 54.44 13.90
CA SER C 599 -2.79 54.67 15.19
C SER C 599 -1.26 54.72 15.01
N ASP C 600 -0.75 54.61 13.78
CA ASP C 600 0.69 54.71 13.39
C ASP C 600 1.49 53.53 13.95
N VAL C 601 0.87 52.35 14.09
CA VAL C 601 1.57 51.06 14.41
C VAL C 601 1.97 50.42 13.08
N ARG C 602 3.23 49.97 12.97
CA ARG C 602 3.72 49.28 11.75
C ARG C 602 3.24 47.84 11.76
N LEU C 603 2.52 47.43 10.71
CA LEU C 603 2.13 46.02 10.46
C LEU C 603 2.82 45.53 9.18
N TYR C 604 3.31 44.30 9.21
CA TYR C 604 3.84 43.58 8.02
C TYR C 604 2.73 42.70 7.46
N GLY C 605 2.74 42.53 6.15
CA GLY C 605 1.83 41.63 5.42
C GLY C 605 2.56 40.97 4.27
N MET C 606 1.94 39.99 3.64
CA MET C 606 2.41 39.51 2.33
C MET C 606 1.23 39.31 1.39
N ILE C 607 1.53 39.39 0.09
CA ILE C 607 0.55 39.29 -1.01
C ILE C 607 1.07 38.23 -1.99
N TYR C 608 0.23 37.25 -2.29
CA TYR C 608 0.38 36.35 -3.46
C TYR C 608 -0.42 37.00 -4.58
N LYS C 609 0.27 37.59 -5.55
CA LYS C 609 -0.38 38.25 -6.72
C LYS C 609 -1.04 37.17 -7.56
N PRO C 610 -2.25 37.40 -8.10
CA PRO C 610 -2.82 36.52 -9.12
C PRO C 610 -1.75 36.27 -10.21
N HIS C 611 -1.56 35.02 -10.60
CA HIS C 611 -0.54 34.61 -11.60
C HIS C 611 -0.95 35.20 -12.96
N ALA C 612 0.02 35.57 -13.79
CA ALA C 612 -0.20 36.12 -15.15
C ALA C 612 -1.21 37.28 -15.07
N LEU C 613 -0.95 38.23 -14.16
CA LEU C 613 -1.85 39.37 -13.84
C LEU C 613 -1.93 40.28 -15.08
N GLN C 614 -3.16 40.71 -15.42
CA GLN C 614 -3.44 41.71 -16.48
C GLN C 614 -3.83 43.01 -15.80
N PRO C 615 -3.43 44.19 -16.34
CA PRO C 615 -3.81 45.47 -15.73
C PRO C 615 -5.31 45.75 -15.87
N GLY C 616 -5.87 46.58 -14.98
CA GLY C 616 -7.29 47.00 -14.98
C GLY C 616 -8.24 45.87 -14.65
N LYS C 617 -7.79 44.86 -13.91
CA LYS C 617 -8.58 43.67 -13.50
C LYS C 617 -8.61 43.63 -11.97
N LYS C 618 -9.82 43.54 -11.38
CA LYS C 618 -10.04 43.32 -9.92
C LYS C 618 -10.30 41.82 -9.69
N HIS C 619 -9.49 41.19 -8.84
CA HIS C 619 -9.49 39.72 -8.61
C HIS C 619 -10.21 39.39 -7.31
N PRO C 620 -10.89 38.22 -7.23
CA PRO C 620 -11.45 37.75 -5.97
C PRO C 620 -10.26 37.46 -5.05
N THR C 621 -10.43 37.70 -3.75
CA THR C 621 -9.31 37.74 -2.77
C THR C 621 -9.62 36.81 -1.59
N VAL C 622 -8.61 36.04 -1.17
CA VAL C 622 -8.64 35.24 0.09
C VAL C 622 -7.74 35.94 1.10
N LEU C 623 -8.31 36.45 2.18
CA LEU C 623 -7.55 36.85 3.40
C LEU C 623 -7.27 35.58 4.18
N PHE C 624 -6.03 35.09 4.14
CA PHE C 624 -5.57 33.95 4.97
C PHE C 624 -5.13 34.49 6.33
N VAL C 625 -5.76 34.03 7.41
CA VAL C 625 -5.60 34.58 8.78
C VAL C 625 -5.23 33.46 9.75
N TYR C 626 -4.25 33.72 10.63
CA TYR C 626 -4.11 33.03 11.94
C TYR C 626 -4.47 34.05 13.03
N GLY C 627 -3.57 35.02 13.29
CA GLY C 627 -3.87 36.25 14.05
C GLY C 627 -3.84 36.09 15.56
N GLY C 628 -3.47 34.90 16.05
CA GLY C 628 -3.38 34.58 17.49
C GLY C 628 -1.97 34.75 18.02
N PRO C 629 -1.80 34.75 19.37
CA PRO C 629 -0.47 34.89 19.97
C PRO C 629 0.45 33.70 19.68
N GLN C 630 1.76 33.94 19.80
CA GLN C 630 2.88 32.97 19.68
C GLN C 630 3.17 32.64 18.22
N VAL C 631 2.52 33.30 17.25
CA VAL C 631 2.71 33.02 15.80
C VAL C 631 2.98 34.33 15.07
N GLN C 632 3.96 34.31 14.18
CA GLN C 632 4.23 35.35 13.17
C GLN C 632 4.16 34.68 11.80
N LEU C 633 3.12 34.97 11.00
CA LEU C 633 2.96 34.38 9.65
C LEU C 633 3.88 35.08 8.64
N VAL C 634 4.16 36.37 8.84
CA VAL C 634 4.86 37.23 7.85
C VAL C 634 6.32 37.40 8.28
N ASN C 635 7.21 36.69 7.59
CA ASN C 635 8.67 36.81 7.76
C ASN C 635 9.33 36.33 6.47
N ASN C 636 10.63 36.57 6.35
CA ASN C 636 11.41 36.25 5.14
C ASN C 636 11.95 34.82 5.27
N SER C 637 11.05 33.84 5.18
CA SER C 637 11.35 32.39 5.13
C SER C 637 10.42 31.74 4.11
N PHE C 638 10.81 30.58 3.59
CA PHE C 638 10.10 29.91 2.48
C PHE C 638 8.76 29.36 2.97
N LYS C 639 7.67 29.75 2.32
CA LYS C 639 6.28 29.40 2.73
C LYS C 639 5.71 28.26 1.89
N GLY C 640 6.41 27.85 0.83
CA GLY C 640 5.93 26.88 -0.18
C GLY C 640 5.78 25.46 0.35
N ILE C 641 6.48 25.08 1.42
CA ILE C 641 6.39 23.70 2.00
C ILE C 641 5.11 23.60 2.83
N LYS C 642 4.83 24.58 3.69
CA LYS C 642 3.67 24.57 4.62
C LYS C 642 2.42 25.20 3.98
N TYR C 643 2.58 26.17 3.08
CA TYR C 643 1.46 26.99 2.54
C TYR C 643 1.45 26.94 1.01
N LEU C 644 1.73 25.77 0.42
CA LEU C 644 1.69 25.58 -1.06
C LEU C 644 0.31 25.98 -1.60
N ARG C 645 -0.75 25.65 -0.87
CA ARG C 645 -2.17 25.91 -1.28
C ARG C 645 -2.41 27.41 -1.53
N LEU C 646 -1.65 28.32 -0.91
CA LEU C 646 -1.79 29.78 -1.16
C LEU C 646 -1.27 30.12 -2.57
N ASN C 647 -0.16 29.49 -2.98
CA ASN C 647 0.35 29.60 -4.37
C ASN C 647 -0.68 29.02 -5.34
N THR C 648 -1.29 27.88 -5.02
CA THR C 648 -2.33 27.21 -5.84
C THR C 648 -3.50 28.18 -6.07
N LEU C 649 -3.99 28.83 -5.01
CA LEU C 649 -5.07 29.85 -5.11
C LEU C 649 -4.64 30.96 -6.08
N ALA C 650 -3.41 31.50 -5.93
CA ALA C 650 -2.88 32.58 -6.78
C ALA C 650 -2.79 32.12 -8.24
N SER C 651 -2.49 30.84 -8.48
CA SER C 651 -2.37 30.25 -9.84
C SER C 651 -3.73 30.23 -10.54
N LEU C 652 -4.84 30.17 -9.80
CA LEU C 652 -6.22 30.19 -10.35
C LEU C 652 -6.75 31.63 -10.45
N GLY C 653 -6.01 32.62 -9.94
CA GLY C 653 -6.31 34.06 -10.10
C GLY C 653 -6.95 34.68 -8.87
N TYR C 654 -6.87 34.02 -7.70
CA TYR C 654 -7.16 34.65 -6.39
C TYR C 654 -5.95 35.47 -5.96
N ALA C 655 -6.16 36.69 -5.47
CA ALA C 655 -5.15 37.43 -4.67
C ALA C 655 -5.21 36.82 -3.26
N VAL C 656 -4.07 36.50 -2.67
CA VAL C 656 -4.03 35.96 -1.27
C VAL C 656 -3.27 36.99 -0.41
N VAL C 657 -3.93 37.46 0.64
CA VAL C 657 -3.43 38.49 1.58
C VAL C 657 -3.22 37.83 2.94
N VAL C 658 -2.08 38.12 3.57
CA VAL C 658 -1.74 37.71 4.96
C VAL C 658 -1.29 38.98 5.70
N ILE C 659 -1.87 39.25 6.87
CA ILE C 659 -1.54 40.42 7.74
C ILE C 659 -1.17 39.89 9.13
N ASP C 660 0.01 40.28 9.64
CA ASP C 660 0.37 40.09 11.07
C ASP C 660 -0.12 41.31 11.85
N GLY C 661 -1.34 41.23 12.38
CA GLY C 661 -1.92 42.27 13.22
C GLY C 661 -1.39 42.21 14.64
N ARG C 662 -1.80 43.17 15.46
CA ARG C 662 -1.49 43.20 16.91
C ARG C 662 -1.97 41.88 17.53
N GLY C 663 -1.18 41.34 18.48
CA GLY C 663 -1.40 40.00 19.05
C GLY C 663 -0.38 38.99 18.55
N SER C 664 0.12 39.15 17.33
CA SER C 664 1.17 38.29 16.73
C SER C 664 2.51 38.54 17.43
N CYS C 665 3.51 37.67 17.23
CA CYS C 665 4.74 37.61 18.06
C CYS C 665 5.94 38.19 17.30
N GLN C 666 7.11 38.24 17.96
CA GLN C 666 8.41 38.78 17.47
C GLN C 666 8.35 40.30 17.29
N ARG C 667 7.46 41.01 17.99
CA ARG C 667 7.35 42.49 17.96
C ARG C 667 7.29 43.07 19.38
N GLY C 668 7.60 42.28 20.41
CA GLY C 668 7.62 42.73 21.82
C GLY C 668 6.29 42.51 22.51
N LEU C 669 6.31 42.67 23.84
CA LEU C 669 5.17 42.31 24.74
C LEU C 669 4.00 43.29 24.58
N ARG C 670 4.27 44.58 24.39
CA ARG C 670 3.20 45.61 24.24
C ARG C 670 2.37 45.31 22.98
N PHE C 671 3.02 44.95 21.87
CA PHE C 671 2.38 44.65 20.57
C PHE C 671 1.44 43.43 20.72
N GLU C 672 1.93 42.34 21.31
CA GLU C 672 1.09 41.11 21.50
C GLU C 672 0.07 41.36 22.62
N GLY C 673 0.38 42.24 23.58
CA GLY C 673 -0.49 42.57 24.74
C GLY C 673 -1.76 43.33 24.36
N ALA C 674 -1.88 43.84 23.13
CA ALA C 674 -3.07 44.56 22.63
C ALA C 674 -4.35 43.71 22.76
N LEU C 675 -4.26 42.38 22.71
CA LEU C 675 -5.48 41.52 22.76
C LEU C 675 -5.81 41.10 24.20
N LYS C 676 -5.04 41.55 25.21
CA LYS C 676 -5.24 41.15 26.63
C LYS C 676 -6.71 41.34 27.03
N ASN C 677 -7.37 40.25 27.44
CA ASN C 677 -8.77 40.19 27.94
C ASN C 677 -9.80 40.56 26.87
N GLN C 678 -9.42 40.66 25.58
CA GLN C 678 -10.35 41.09 24.50
C GLN C 678 -10.03 40.38 23.19
N MET C 679 -9.70 39.08 23.24
CA MET C 679 -9.40 38.26 22.04
C MET C 679 -10.59 38.36 21.06
N GLY C 680 -10.29 38.57 19.78
CA GLY C 680 -11.27 38.76 18.70
C GLY C 680 -11.44 40.22 18.29
N GLN C 681 -11.26 41.18 19.21
CA GLN C 681 -11.69 42.60 19.02
C GLN C 681 -10.69 43.34 18.12
N VAL C 682 -9.45 43.51 18.55
CA VAL C 682 -8.43 44.31 17.80
C VAL C 682 -7.98 43.57 16.53
N GLU C 683 -7.99 42.22 16.53
CA GLU C 683 -7.36 41.40 15.46
C GLU C 683 -8.04 41.69 14.12
N ILE C 684 -9.37 41.68 14.09
CA ILE C 684 -10.17 41.90 12.85
C ILE C 684 -9.99 43.34 12.36
N GLU C 685 -9.92 44.32 13.26
CA GLU C 685 -9.68 45.75 12.87
C GLU C 685 -8.38 45.84 12.07
N ASP C 686 -7.30 45.21 12.55
CA ASP C 686 -5.98 45.23 11.87
C ASP C 686 -6.04 44.45 10.55
N GLN C 687 -6.74 43.30 10.50
CA GLN C 687 -6.92 42.51 9.27
C GLN C 687 -7.58 43.38 8.19
N VAL C 688 -8.64 44.12 8.54
CA VAL C 688 -9.41 44.98 7.59
C VAL C 688 -8.53 46.16 7.14
N GLU C 689 -7.79 46.81 8.05
CA GLU C 689 -6.85 47.90 7.69
C GLU C 689 -5.82 47.39 6.68
N GLY C 690 -5.27 46.20 6.90
CA GLY C 690 -4.31 45.54 5.99
C GLY C 690 -4.91 45.27 4.63
N LEU C 691 -6.11 44.68 4.59
CA LEU C 691 -6.86 44.38 3.36
C LEU C 691 -7.05 45.67 2.55
N GLN C 692 -7.47 46.74 3.22
CA GLN C 692 -7.76 48.07 2.60
C GLN C 692 -6.45 48.69 2.10
N PHE C 693 -5.35 48.56 2.85
CA PHE C 693 -4.02 49.04 2.40
C PHE C 693 -3.62 48.33 1.10
N VAL C 694 -3.75 47.00 1.07
CA VAL C 694 -3.36 46.16 -0.10
C VAL C 694 -4.19 46.58 -1.32
N ALA C 695 -5.50 46.78 -1.13
CA ALA C 695 -6.44 47.21 -2.19
C ALA C 695 -5.98 48.56 -2.78
N GLU C 696 -5.59 49.51 -1.92
CA GLU C 696 -5.17 50.87 -2.33
C GLU C 696 -3.79 50.81 -2.99
N LYS C 697 -2.84 50.05 -2.43
CA LYS C 697 -1.44 49.98 -2.95
C LYS C 697 -1.40 49.24 -4.30
N TYR C 698 -2.02 48.07 -4.40
CA TYR C 698 -1.80 47.10 -5.51
C TYR C 698 -2.87 47.24 -6.60
N GLY C 699 -4.10 47.60 -6.25
CA GLY C 699 -5.15 48.00 -7.21
C GLY C 699 -5.85 46.84 -7.93
N PHE C 700 -5.48 45.57 -7.69
CA PHE C 700 -6.09 44.38 -8.34
C PHE C 700 -6.99 43.60 -7.35
N ILE C 701 -7.31 44.18 -6.19
CA ILE C 701 -8.20 43.53 -5.16
C ILE C 701 -9.64 43.95 -5.44
N ASP C 702 -10.51 42.96 -5.64
CA ASP C 702 -11.98 43.15 -5.69
C ASP C 702 -12.53 43.03 -4.26
N LEU C 703 -12.78 44.16 -3.60
CA LEU C 703 -13.26 44.22 -2.19
C LEU C 703 -14.71 43.73 -2.08
N SER C 704 -15.43 43.57 -3.20
CA SER C 704 -16.78 42.96 -3.23
C SER C 704 -16.70 41.42 -3.17
N ARG C 705 -15.51 40.82 -3.34
CA ARG C 705 -15.31 39.34 -3.33
C ARG C 705 -14.09 39.00 -2.47
N VAL C 706 -14.20 39.19 -1.15
CA VAL C 706 -13.14 38.81 -0.16
C VAL C 706 -13.66 37.64 0.70
N ALA C 707 -12.92 36.53 0.67
CA ALA C 707 -13.10 35.38 1.57
C ALA C 707 -12.10 35.50 2.72
N ILE C 708 -12.53 35.15 3.93
CA ILE C 708 -11.64 35.01 5.12
C ILE C 708 -11.52 33.51 5.44
N HIS C 709 -10.30 33.04 5.58
CA HIS C 709 -10.01 31.60 5.81
C HIS C 709 -8.86 31.46 6.81
N GLY C 710 -9.06 30.60 7.81
CA GLY C 710 -8.02 30.25 8.79
C GLY C 710 -8.38 28.98 9.54
N TRP C 711 -7.40 28.46 10.27
CA TRP C 711 -7.50 27.21 11.06
C TRP C 711 -7.18 27.52 12.52
N ALA C 712 -7.95 26.95 13.45
CA ALA C 712 -7.79 27.07 14.91
C ALA C 712 -8.10 28.53 15.32
N TYR C 713 -7.13 29.31 15.80
CA TYR C 713 -7.34 30.76 16.09
C TYR C 713 -7.79 31.47 14.80
N GLY C 714 -7.26 31.03 13.65
CA GLY C 714 -7.64 31.51 12.30
C GLY C 714 -9.10 31.21 11.97
N GLY C 715 -9.62 30.07 12.43
CA GLY C 715 -11.04 29.71 12.27
C GLY C 715 -11.91 30.59 13.13
N PHE C 716 -11.49 30.81 14.38
CA PHE C 716 -12.12 31.79 15.33
C PHE C 716 -12.22 33.16 14.65
N LEU C 717 -11.10 33.68 14.12
CA LEU C 717 -11.09 35.04 13.51
C LEU C 717 -11.89 35.06 12.21
N SER C 718 -11.91 33.97 11.43
CA SER C 718 -12.76 33.86 10.20
C SER C 718 -14.23 34.11 10.57
N LEU C 719 -14.70 33.49 11.65
CA LEU C 719 -16.09 33.66 12.15
C LEU C 719 -16.29 35.08 12.71
N MET C 720 -15.30 35.61 13.45
CA MET C 720 -15.34 36.98 14.02
C MET C 720 -15.45 38.00 12.88
N GLY C 721 -14.71 37.79 11.79
CA GLY C 721 -14.73 38.63 10.58
C GLY C 721 -16.12 38.70 9.98
N LEU C 722 -16.75 37.54 9.79
CA LEU C 722 -18.11 37.42 9.20
C LEU C 722 -19.14 38.07 10.13
N ILE C 723 -18.96 37.96 11.44
CA ILE C 723 -19.88 38.52 12.49
C ILE C 723 -19.78 40.05 12.50
N HIS C 724 -18.57 40.61 12.59
CA HIS C 724 -18.33 42.05 12.85
C HIS C 724 -18.14 42.84 11.55
N LYS C 725 -17.73 42.20 10.45
CA LYS C 725 -17.49 42.88 9.14
C LYS C 725 -18.21 42.12 8.03
N PRO C 726 -19.55 41.92 8.11
CA PRO C 726 -20.28 41.16 7.10
C PRO C 726 -20.30 41.82 5.70
N GLN C 727 -20.06 43.13 5.61
CA GLN C 727 -19.95 43.88 4.33
C GLN C 727 -18.55 43.73 3.75
N VAL C 728 -17.54 43.39 4.56
CA VAL C 728 -16.12 43.20 4.09
C VAL C 728 -15.95 41.78 3.56
N PHE C 729 -16.45 40.79 4.30
CA PHE C 729 -16.19 39.35 4.05
C PHE C 729 -17.45 38.70 3.47
N LYS C 730 -17.42 38.35 2.19
CA LYS C 730 -18.55 37.67 1.49
C LYS C 730 -18.70 36.26 2.06
N VAL C 731 -17.59 35.54 2.27
CA VAL C 731 -17.61 34.15 2.81
C VAL C 731 -16.53 33.99 3.88
N ALA C 732 -16.77 33.07 4.82
CA ALA C 732 -15.81 32.59 5.83
C ALA C 732 -15.67 31.06 5.69
N ILE C 733 -14.44 30.57 5.63
CA ILE C 733 -14.09 29.14 5.77
C ILE C 733 -13.30 29.00 7.08
N ALA C 734 -13.96 28.50 8.13
CA ALA C 734 -13.44 28.41 9.51
C ALA C 734 -13.08 26.95 9.81
N GLY C 735 -11.79 26.67 9.92
CA GLY C 735 -11.25 25.35 10.31
C GLY C 735 -10.99 25.27 11.80
N ALA C 736 -11.41 24.17 12.44
CA ALA C 736 -11.18 23.84 13.87
C ALA C 736 -11.31 25.09 14.74
N PRO C 737 -12.41 25.86 14.63
CA PRO C 737 -12.52 27.14 15.34
C PRO C 737 -12.71 26.96 16.86
N VAL C 738 -12.10 27.84 17.64
CA VAL C 738 -12.50 28.10 19.05
C VAL C 738 -13.78 28.93 18.94
N THR C 739 -14.90 28.41 19.44
CA THR C 739 -16.25 29.06 19.34
C THR C 739 -16.75 29.48 20.73
N VAL C 740 -16.15 28.96 21.81
CA VAL C 740 -16.52 29.32 23.20
C VAL C 740 -15.26 29.18 24.08
N TRP C 741 -14.71 30.31 24.53
CA TRP C 741 -13.42 30.34 25.26
C TRP C 741 -13.51 29.60 26.60
N MET C 742 -14.72 29.51 27.18
CA MET C 742 -14.96 28.76 28.45
C MET C 742 -14.67 27.26 28.28
N ALA C 743 -14.58 26.75 27.04
CA ALA C 743 -14.29 25.33 26.75
C ALA C 743 -12.81 25.09 26.45
N TYR C 744 -11.98 26.13 26.30
CA TYR C 744 -10.51 25.95 26.08
C TYR C 744 -9.83 25.85 27.46
N ASP C 745 -8.52 25.59 27.48
CA ASP C 745 -7.79 25.12 28.68
C ASP C 745 -7.31 26.29 29.55
N THR C 746 -6.82 25.97 30.74
CA THR C 746 -6.31 26.92 31.76
C THR C 746 -5.07 27.67 31.23
N GLY C 747 -4.04 26.92 30.83
CA GLY C 747 -2.69 27.46 30.53
C GLY C 747 -2.75 28.58 29.50
N TYR C 748 -3.48 28.38 28.40
CA TYR C 748 -3.55 29.33 27.27
C TYR C 748 -4.56 30.43 27.59
N THR C 749 -5.80 30.03 27.87
CA THR C 749 -6.95 30.97 27.91
C THR C 749 -6.74 31.99 29.03
N GLU C 750 -6.33 31.55 30.22
CA GLU C 750 -6.19 32.45 31.41
C GLU C 750 -5.04 33.45 31.19
N ARG C 751 -3.98 33.03 30.52
CA ARG C 751 -2.82 33.89 30.18
C ARG C 751 -3.31 35.15 29.45
N TYR C 752 -4.15 34.97 28.43
CA TYR C 752 -4.58 36.05 27.51
C TYR C 752 -5.92 36.64 27.94
N MET C 753 -6.75 35.93 28.71
CA MET C 753 -8.17 36.31 28.92
C MET C 753 -8.60 36.30 30.39
N ASP C 754 -7.73 35.91 31.33
CA ASP C 754 -8.13 35.69 32.76
C ASP C 754 -9.13 34.53 32.82
N VAL C 755 -9.70 34.25 33.98
CA VAL C 755 -10.74 33.20 34.19
C VAL C 755 -12.09 33.80 33.77
N PRO C 756 -13.07 32.95 33.35
CA PRO C 756 -14.38 33.45 32.94
C PRO C 756 -15.05 34.41 33.94
N GLU C 757 -14.98 34.09 35.23
CA GLU C 757 -15.63 34.86 36.33
C GLU C 757 -15.02 36.27 36.42
N ASN C 758 -13.75 36.44 36.03
CA ASN C 758 -13.01 37.73 36.15
C ASN C 758 -13.10 38.55 34.85
N ASN C 759 -13.64 38.00 33.76
CA ASN C 759 -13.66 38.69 32.43
C ASN C 759 -14.89 38.23 31.66
N GLN C 760 -16.08 38.39 32.25
CA GLN C 760 -17.36 37.96 31.64
C GLN C 760 -17.54 38.68 30.29
N HIS C 761 -17.24 39.99 30.23
CA HIS C 761 -17.42 40.82 29.01
C HIS C 761 -16.53 40.30 27.88
N GLY C 762 -15.25 40.04 28.16
CA GLY C 762 -14.26 39.56 27.17
C GLY C 762 -14.62 38.17 26.66
N TYR C 763 -14.96 37.24 27.56
CA TYR C 763 -15.36 35.85 27.23
C TYR C 763 -16.62 35.87 26.33
N GLU C 764 -17.63 36.65 26.71
CA GLU C 764 -18.89 36.81 25.94
C GLU C 764 -18.59 37.39 24.55
N ALA C 765 -17.84 38.50 24.48
CA ALA C 765 -17.55 39.22 23.21
C ALA C 765 -16.67 38.36 22.29
N GLY C 766 -15.79 37.53 22.85
CA GLY C 766 -14.80 36.74 22.10
C GLY C 766 -15.30 35.33 21.74
N SER C 767 -16.50 34.94 22.17
CA SER C 767 -17.05 33.58 21.93
C SER C 767 -18.06 33.62 20.79
N VAL C 768 -17.63 33.28 19.57
CA VAL C 768 -18.43 33.47 18.32
C VAL C 768 -19.75 32.67 18.39
N ALA C 769 -19.77 31.53 19.08
CA ALA C 769 -20.99 30.68 19.21
C ALA C 769 -22.09 31.43 19.96
N LEU C 770 -21.76 32.47 20.74
CA LEU C 770 -22.76 33.30 21.48
C LEU C 770 -23.25 34.47 20.62
N HIS C 771 -22.77 34.63 19.37
CA HIS C 771 -23.14 35.75 18.44
C HIS C 771 -23.66 35.22 17.10
N VAL C 772 -24.21 34.00 17.07
CA VAL C 772 -24.72 33.34 15.82
C VAL C 772 -25.87 34.15 15.20
N GLU C 773 -26.62 34.94 15.99
CA GLU C 773 -27.70 35.83 15.44
C GLU C 773 -27.09 36.83 14.45
N LYS C 774 -25.81 37.17 14.58
CA LYS C 774 -25.09 38.13 13.70
C LYS C 774 -24.45 37.41 12.50
N LEU C 775 -24.43 36.07 12.47
CA LEU C 775 -23.91 35.31 11.29
C LEU C 775 -24.94 35.39 10.17
N PRO C 776 -24.56 35.16 8.89
CA PRO C 776 -25.43 35.47 7.76
C PRO C 776 -26.73 34.63 7.71
N ASN C 777 -27.82 35.28 7.31
CA ASN C 777 -29.12 34.61 7.01
C ASN C 777 -29.14 34.15 5.56
N GLU C 778 -28.07 34.39 4.78
CA GLU C 778 -27.92 33.91 3.39
C GLU C 778 -27.12 32.61 3.38
N PRO C 779 -27.54 31.56 2.64
CA PRO C 779 -26.75 30.33 2.55
C PRO C 779 -25.43 30.56 1.81
N ASN C 780 -24.49 29.61 1.98
CA ASN C 780 -23.23 29.50 1.19
C ASN C 780 -22.27 30.65 1.51
N ARG C 781 -22.34 31.23 2.70
CA ARG C 781 -21.39 32.27 3.19
C ARG C 781 -20.53 31.70 4.33
N LEU C 782 -20.80 30.49 4.81
CA LEU C 782 -20.10 29.92 5.99
C LEU C 782 -19.85 28.42 5.77
N LEU C 783 -18.57 28.03 5.66
CA LEU C 783 -18.10 26.63 5.65
C LEU C 783 -17.29 26.38 6.92
N ILE C 784 -17.70 25.39 7.70
CA ILE C 784 -17.03 24.96 8.96
C ILE C 784 -16.33 23.62 8.68
N LEU C 785 -15.07 23.52 9.06
CA LEU C 785 -14.24 22.30 8.92
C LEU C 785 -13.69 21.95 10.31
N HIS C 786 -13.63 20.66 10.66
CA HIS C 786 -13.09 20.22 11.97
C HIS C 786 -12.66 18.75 11.92
N GLY C 787 -11.48 18.45 12.46
CA GLY C 787 -11.03 17.08 12.76
C GLY C 787 -11.85 16.50 13.90
N PHE C 788 -12.48 15.35 13.68
CA PHE C 788 -13.37 14.69 14.66
C PHE C 788 -12.61 14.32 15.95
N LEU C 789 -11.32 13.98 15.83
CA LEU C 789 -10.48 13.44 16.93
C LEU C 789 -9.67 14.56 17.62
N ASP C 790 -9.97 15.83 17.33
CA ASP C 790 -9.19 16.97 17.86
C ASP C 790 -9.25 16.96 19.40
N GLU C 791 -8.11 16.72 20.06
CA GLU C 791 -7.99 16.64 21.55
C GLU C 791 -7.54 17.99 22.12
N ASN C 792 -7.42 19.00 21.26
CA ASN C 792 -6.88 20.35 21.55
C ASN C 792 -8.04 21.33 21.48
N VAL C 793 -8.47 21.68 20.26
CA VAL C 793 -9.76 22.39 20.03
C VAL C 793 -10.80 21.29 19.77
N HIS C 794 -11.52 20.88 20.81
CA HIS C 794 -12.45 19.72 20.75
C HIS C 794 -13.48 19.97 19.64
N PHE C 795 -13.90 18.90 18.96
CA PHE C 795 -15.01 18.91 17.99
C PHE C 795 -16.23 19.59 18.62
N PHE C 796 -16.40 19.47 19.94
CA PHE C 796 -17.42 20.19 20.75
C PHE C 796 -17.59 21.65 20.28
N HIS C 797 -16.50 22.37 20.03
CA HIS C 797 -16.54 23.80 19.59
C HIS C 797 -17.44 23.92 18.35
N THR C 798 -17.26 23.05 17.35
CA THR C 798 -18.07 23.03 16.10
C THR C 798 -19.48 22.54 16.43
N ASN C 799 -19.59 21.48 17.23
CA ASN C 799 -20.89 20.88 17.63
C ASN C 799 -21.75 21.96 18.31
N PHE C 800 -21.15 22.74 19.20
CA PHE C 800 -21.84 23.82 19.95
C PHE C 800 -22.20 24.95 18.99
N LEU C 801 -21.30 25.34 18.09
CA LEU C 801 -21.58 26.38 17.06
C LEU C 801 -22.79 25.94 16.22
N VAL C 802 -22.80 24.68 15.75
CA VAL C 802 -23.91 24.14 14.92
C VAL C 802 -25.22 24.19 15.74
N SER C 803 -25.17 23.74 16.99
CA SER C 803 -26.34 23.77 17.91
C SER C 803 -26.93 25.18 17.97
N GLN C 804 -26.07 26.20 18.08
CA GLN C 804 -26.47 27.62 18.19
C GLN C 804 -27.00 28.12 16.85
N LEU C 805 -26.35 27.75 15.73
CA LEU C 805 -26.79 28.09 14.36
C LEU C 805 -28.21 27.56 14.13
N ILE C 806 -28.50 26.32 14.56
CA ILE C 806 -29.84 25.69 14.41
C ILE C 806 -30.87 26.51 15.21
N ARG C 807 -30.58 26.83 16.48
CA ARG C 807 -31.49 27.62 17.36
C ARG C 807 -31.78 29.00 16.75
N ALA C 808 -30.78 29.63 16.12
CA ALA C 808 -30.90 30.97 15.51
C ALA C 808 -31.43 30.89 14.07
N GLY C 809 -31.68 29.68 13.54
CA GLY C 809 -32.24 29.43 12.21
C GLY C 809 -31.30 29.89 11.10
N LYS C 810 -29.99 29.68 11.26
CA LYS C 810 -28.94 30.12 10.31
C LYS C 810 -28.46 28.94 9.47
N PRO C 811 -28.20 29.15 8.16
CA PRO C 811 -27.62 28.10 7.33
C PRO C 811 -26.12 27.95 7.61
N TYR C 812 -25.59 26.77 7.34
CA TYR C 812 -24.13 26.46 7.43
C TYR C 812 -23.83 25.27 6.51
N GLN C 813 -22.58 25.21 6.06
CA GLN C 813 -21.99 24.02 5.41
C GLN C 813 -20.92 23.47 6.36
N LEU C 814 -20.77 22.14 6.39
CA LEU C 814 -19.91 21.41 7.34
C LEU C 814 -19.14 20.32 6.60
N GLN C 815 -17.83 20.26 6.84
CA GLN C 815 -16.98 19.10 6.51
C GLN C 815 -16.34 18.61 7.82
N ILE C 816 -16.31 17.30 8.02
CA ILE C 816 -15.61 16.66 9.16
C ILE C 816 -14.48 15.81 8.57
N TYR C 817 -13.37 15.72 9.29
CA TYR C 817 -12.24 14.80 9.01
C TYR C 817 -12.27 13.75 10.12
N PRO C 818 -13.00 12.64 9.91
CA PRO C 818 -13.21 11.63 10.95
C PRO C 818 -11.94 11.06 11.59
N ASN C 819 -10.84 10.99 10.83
CA ASN C 819 -9.56 10.35 11.24
C ASN C 819 -8.51 11.40 11.62
N GLU C 820 -8.85 12.68 11.72
CA GLU C 820 -7.85 13.76 11.96
C GLU C 820 -8.07 14.40 13.32
N ARG C 821 -6.97 14.82 13.95
CA ARG C 821 -6.96 15.59 15.22
C ARG C 821 -6.90 17.08 14.84
N HIS C 822 -5.95 17.84 15.41
CA HIS C 822 -5.92 19.33 15.32
C HIS C 822 -5.41 19.79 13.95
N SER C 823 -4.66 18.94 13.24
CA SER C 823 -4.16 19.22 11.87
C SER C 823 -4.52 18.04 10.97
N ILE C 824 -4.63 18.26 9.67
CA ILE C 824 -4.87 17.19 8.66
C ILE C 824 -3.50 16.62 8.26
N ARG C 825 -3.20 15.38 8.66
CA ARG C 825 -1.89 14.72 8.41
C ARG C 825 -1.95 13.77 7.21
N CYS C 826 -3.09 13.11 6.96
CA CYS C 826 -3.24 12.15 5.84
C CYS C 826 -3.26 12.91 4.51
N PRO C 827 -2.41 12.56 3.52
CA PRO C 827 -2.39 13.29 2.24
C PRO C 827 -3.72 13.31 1.47
N GLU C 828 -4.47 12.20 1.49
CA GLU C 828 -5.78 12.07 0.79
C GLU C 828 -6.77 13.07 1.40
N SER C 829 -6.80 13.19 2.73
CA SER C 829 -7.67 14.13 3.48
C SER C 829 -7.22 15.58 3.22
N GLY C 830 -5.90 15.84 3.21
CA GLY C 830 -5.33 17.15 2.86
C GLY C 830 -5.76 17.59 1.47
N GLU C 831 -5.69 16.69 0.48
CA GLU C 831 -6.13 16.96 -0.91
C GLU C 831 -7.64 17.25 -0.91
N HIS C 832 -8.43 16.46 -0.20
CA HIS C 832 -9.91 16.63 -0.13
C HIS C 832 -10.25 18.01 0.44
N TYR C 833 -9.55 18.43 1.49
CA TYR C 833 -9.68 19.78 2.11
C TYR C 833 -9.44 20.86 1.06
N GLU C 834 -8.34 20.76 0.32
CA GLU C 834 -7.94 21.79 -0.68
C GLU C 834 -8.95 21.81 -1.83
N VAL C 835 -9.40 20.65 -2.31
CA VAL C 835 -10.41 20.54 -3.40
C VAL C 835 -11.71 21.22 -2.92
N THR C 836 -12.12 20.93 -1.68
CA THR C 836 -13.35 21.49 -1.06
C THR C 836 -13.23 23.02 -1.00
N LEU C 837 -12.07 23.54 -0.59
CA LEU C 837 -11.81 25.00 -0.50
C LEU C 837 -11.94 25.62 -1.90
N LEU C 838 -11.29 25.04 -2.92
CA LEU C 838 -11.33 25.56 -4.31
C LEU C 838 -12.78 25.56 -4.82
N HIS C 839 -13.52 24.47 -4.56
CA HIS C 839 -14.94 24.32 -4.98
C HIS C 839 -15.79 25.40 -4.29
N PHE C 840 -15.63 25.55 -2.98
CA PHE C 840 -16.42 26.54 -2.19
C PHE C 840 -16.19 27.94 -2.74
N LEU C 841 -14.93 28.33 -2.97
CA LEU C 841 -14.57 29.68 -3.46
C LEU C 841 -15.11 29.86 -4.89
N GLN C 842 -14.90 28.88 -5.77
CA GLN C 842 -15.32 28.96 -7.19
C GLN C 842 -16.85 29.17 -7.27
N GLU C 843 -17.62 28.47 -6.43
CA GLU C 843 -19.11 28.49 -6.47
C GLU C 843 -19.67 29.72 -5.74
N TYR C 844 -19.07 30.15 -4.63
CA TYR C 844 -19.75 31.04 -3.65
C TYR C 844 -19.02 32.37 -3.40
N LEU C 845 -17.78 32.57 -3.87
CA LEU C 845 -17.10 33.90 -3.74
C LEU C 845 -17.45 34.74 -4.97
N HIS C 846 -18.62 35.38 -4.94
CA HIS C 846 -19.20 36.23 -6.02
C HIS C 846 -19.74 37.54 -5.40
N HIS C 847 -19.84 38.61 -6.19
CA HIS C 847 -20.19 39.99 -5.73
C HIS C 847 -21.68 40.09 -5.36
N ALA D 4 -43.37 20.59 -21.08
CA ALA D 4 -42.67 21.76 -20.45
C ALA D 4 -42.34 21.45 -18.99
N ARG D 5 -41.25 22.02 -18.48
CA ARG D 5 -40.74 21.77 -17.10
C ARG D 5 -41.30 22.85 -16.17
N PHE D 6 -42.03 22.45 -15.13
CA PHE D 6 -42.41 23.33 -14.00
C PHE D 6 -41.14 23.68 -13.21
N GLN D 7 -40.97 24.96 -12.87
CA GLN D 7 -39.89 25.48 -12.00
C GLN D 7 -40.51 25.92 -10.68
N VAL D 8 -40.03 25.37 -9.57
CA VAL D 8 -40.42 25.81 -8.20
C VAL D 8 -39.93 27.24 -8.00
N GLN D 9 -40.74 28.09 -7.37
CA GLN D 9 -40.39 29.48 -6.96
C GLN D 9 -39.15 29.44 -6.07
N LYS D 10 -38.11 30.19 -6.42
CA LYS D 10 -36.89 30.36 -5.57
C LYS D 10 -37.22 31.34 -4.45
N HIS D 11 -37.00 30.92 -3.20
CA HIS D 11 -37.15 31.77 -2.00
C HIS D 11 -35.78 31.97 -1.37
N SER D 12 -35.61 33.10 -0.69
CA SER D 12 -34.51 33.36 0.27
C SER D 12 -34.59 32.31 1.40
N TRP D 13 -33.48 32.10 2.11
CA TRP D 13 -33.42 31.22 3.31
C TRP D 13 -34.51 31.65 4.31
N ASP D 14 -34.63 32.95 4.59
CA ASP D 14 -35.62 33.48 5.58
C ASP D 14 -37.04 33.32 5.02
N GLY D 15 -37.21 33.40 3.69
CA GLY D 15 -38.48 33.07 3.02
C GLY D 15 -38.89 31.62 3.27
N LEU D 16 -37.95 30.68 3.14
CA LEU D 16 -38.19 29.24 3.40
C LEU D 16 -38.53 29.04 4.89
N ARG D 17 -37.84 29.75 5.79
CA ARG D 17 -38.12 29.70 7.24
C ARG D 17 -39.56 30.13 7.52
N SER D 18 -40.04 31.18 6.86
CA SER D 18 -41.42 31.71 7.02
C SER D 18 -42.44 30.67 6.54
N ILE D 19 -42.17 30.00 5.42
CA ILE D 19 -43.06 28.93 4.87
C ILE D 19 -43.12 27.77 5.88
N ILE D 20 -41.98 27.31 6.38
CA ILE D 20 -41.92 26.15 7.31
C ILE D 20 -42.56 26.55 8.64
N HIS D 21 -42.21 27.70 9.21
CA HIS D 21 -42.75 28.18 10.51
C HIS D 21 -44.29 28.28 10.40
N GLY D 22 -44.79 28.89 9.32
CA GLY D 22 -46.24 28.99 9.02
C GLY D 22 -46.91 27.62 8.96
N SER D 23 -46.31 26.67 8.23
CA SER D 23 -46.84 25.30 8.03
C SER D 23 -47.02 24.58 9.37
N ARG D 24 -46.09 24.76 10.31
CA ARG D 24 -45.97 23.92 11.53
C ARG D 24 -46.81 24.44 12.70
N LYS D 25 -47.54 25.54 12.52
CA LYS D 25 -48.54 26.05 13.49
C LYS D 25 -49.66 24.99 13.64
N TYR D 26 -50.13 24.43 12.52
CA TYR D 26 -51.22 23.43 12.46
C TYR D 26 -50.80 22.08 13.08
N SER D 27 -49.52 21.70 12.97
CA SER D 27 -48.94 20.46 13.56
C SER D 27 -49.09 20.49 15.09
N GLY D 28 -48.88 21.66 15.71
CA GLY D 28 -48.95 21.88 17.17
C GLY D 28 -50.37 21.95 17.72
N LEU D 29 -51.38 22.08 16.84
CA LEU D 29 -52.83 22.06 17.18
CA LEU D 29 -52.82 22.06 17.22
C LEU D 29 -53.28 20.60 17.40
N ILE D 30 -52.73 19.67 16.60
CA ILE D 30 -53.24 18.27 16.46
C ILE D 30 -52.29 17.24 17.12
N VAL D 31 -50.98 17.50 17.22
CA VAL D 31 -49.96 16.51 17.70
C VAL D 31 -50.03 16.43 19.22
N ASN D 32 -49.96 15.19 19.75
CA ASN D 32 -49.97 14.87 21.20
C ASN D 32 -51.28 15.35 21.85
N LYS D 33 -52.40 15.29 21.14
CA LYS D 33 -53.73 15.82 21.57
C LYS D 33 -54.66 14.67 21.95
N ALA D 34 -54.45 13.46 21.41
CA ALA D 34 -55.36 12.28 21.58
C ALA D 34 -55.20 11.71 22.99
N PRO D 35 -56.32 11.45 23.71
CA PRO D 35 -56.25 10.69 24.96
C PRO D 35 -55.92 9.22 24.64
N HIS D 36 -55.28 8.53 25.59
CA HIS D 36 -54.75 7.15 25.39
C HIS D 36 -54.60 6.43 26.74
N ASP D 37 -54.31 5.12 26.69
CA ASP D 37 -54.08 4.23 27.87
C ASP D 37 -55.38 4.20 28.68
N PHE D 38 -56.45 3.68 28.07
CA PHE D 38 -57.84 3.72 28.59
C PHE D 38 -58.06 2.59 29.61
N GLN D 39 -58.72 2.91 30.73
CA GLN D 39 -59.26 1.93 31.71
C GLN D 39 -60.74 2.27 31.98
N PHE D 40 -61.64 1.37 31.59
CA PHE D 40 -63.09 1.42 31.90
C PHE D 40 -63.33 0.81 33.29
N VAL D 41 -64.05 1.52 34.16
CA VAL D 41 -64.55 1.00 35.47
C VAL D 41 -66.05 1.26 35.52
N GLN D 42 -66.85 0.22 35.74
CA GLN D 42 -68.31 0.33 35.96
C GLN D 42 -68.57 1.04 37.30
N LYS D 43 -69.55 1.94 37.32
CA LYS D 43 -70.19 2.46 38.56
C LYS D 43 -71.40 1.56 38.86
N THR D 44 -71.58 1.21 40.13
CA THR D 44 -72.64 0.27 40.62
C THR D 44 -73.71 1.03 41.40
N ASP D 45 -73.83 2.35 41.19
CA ASP D 45 -74.80 3.25 41.86
C ASP D 45 -75.98 3.49 40.90
N GLU D 46 -77.13 2.89 41.18
CA GLU D 46 -78.36 2.96 40.34
C GLU D 46 -78.95 4.38 40.36
N SER D 47 -78.71 5.15 41.42
CA SER D 47 -79.19 6.55 41.61
C SER D 47 -78.42 7.53 40.71
N GLY D 48 -77.11 7.34 40.56
CA GLY D 48 -76.20 8.23 39.79
C GLY D 48 -76.51 8.20 38.30
N PRO D 49 -76.15 9.26 37.53
CA PRO D 49 -76.43 9.31 36.09
C PRO D 49 -75.41 8.61 35.17
N HIS D 50 -74.32 8.09 35.72
CA HIS D 50 -73.15 7.55 34.97
C HIS D 50 -73.06 6.03 35.12
N SER D 51 -72.87 5.31 34.01
CA SER D 51 -72.68 3.84 33.96
C SER D 51 -71.24 3.48 34.27
N HIS D 52 -70.27 4.30 33.82
CA HIS D 52 -68.81 4.04 33.96
C HIS D 52 -68.05 5.34 34.25
N ARG D 53 -66.86 5.20 34.85
CA ARG D 53 -65.75 6.18 34.79
C ARG D 53 -64.69 5.63 33.84
N LEU D 54 -64.24 6.44 32.88
CA LEU D 54 -63.18 6.10 31.89
C LEU D 54 -61.92 6.87 32.25
N TYR D 55 -60.86 6.19 32.69
CA TYR D 55 -59.53 6.78 33.00
C TYR D 55 -58.63 6.71 31.77
N TYR D 56 -57.71 7.66 31.63
CA TYR D 56 -56.79 7.77 30.46
C TYR D 56 -55.69 8.79 30.76
N LEU D 57 -54.64 8.77 29.94
CA LEU D 57 -53.59 9.82 29.89
C LEU D 57 -53.94 10.78 28.75
N GLY D 58 -53.67 12.07 28.96
CA GLY D 58 -54.00 13.13 27.99
C GLY D 58 -53.31 14.44 28.34
N MET D 59 -53.03 15.25 27.32
CA MET D 59 -52.55 16.64 27.44
C MET D 59 -53.65 17.53 26.89
N PRO D 60 -54.53 18.12 27.75
CA PRO D 60 -55.58 19.02 27.25
C PRO D 60 -54.97 20.34 26.76
N TYR D 61 -55.70 21.07 25.91
CA TYR D 61 -55.32 22.42 25.40
C TYR D 61 -55.07 23.34 26.60
N GLY D 62 -53.92 24.03 26.60
CA GLY D 62 -53.47 24.88 27.71
C GLY D 62 -52.37 24.20 28.52
N SER D 63 -52.48 22.89 28.77
CA SER D 63 -51.48 22.07 29.50
C SER D 63 -50.31 21.72 28.57
N ARG D 64 -49.11 21.60 29.15
CA ARG D 64 -47.85 21.31 28.41
C ARG D 64 -47.28 19.94 28.81
N GLU D 65 -48.05 19.12 29.54
CA GLU D 65 -47.63 17.73 29.91
C GLU D 65 -48.85 16.81 30.02
N ASN D 66 -48.64 15.52 29.73
CA ASN D 66 -49.59 14.41 29.98
C ASN D 66 -49.85 14.30 31.48
N SER D 67 -51.12 14.22 31.88
CA SER D 67 -51.53 13.85 33.25
C SER D 67 -52.59 12.74 33.21
N LEU D 68 -52.91 12.22 34.39
CA LEU D 68 -53.99 11.21 34.58
C LEU D 68 -55.32 11.96 34.60
N LEU D 69 -56.24 11.54 33.74
CA LEU D 69 -57.57 12.18 33.55
C LEU D 69 -58.66 11.12 33.64
N TYR D 70 -59.91 11.55 33.77
CA TYR D 70 -61.11 10.69 33.69
C TYR D 70 -62.26 11.46 33.02
N SER D 71 -63.20 10.71 32.45
CA SER D 71 -64.49 11.21 31.91
C SER D 71 -65.62 10.29 32.42
N GLU D 72 -66.79 10.87 32.62
CA GLU D 72 -67.99 10.17 33.13
C GLU D 72 -68.83 9.74 31.92
N ILE D 73 -69.15 8.44 31.81
CA ILE D 73 -69.99 7.88 30.72
C ILE D 73 -71.43 7.86 31.22
N PRO D 74 -72.35 8.66 30.63
CA PRO D 74 -73.74 8.70 31.11
C PRO D 74 -74.54 7.44 30.71
N LYS D 75 -75.56 7.11 31.50
CA LYS D 75 -76.49 5.97 31.26
C LYS D 75 -77.35 6.27 30.02
N LYS D 76 -77.71 7.54 29.78
CA LYS D 76 -78.61 7.99 28.69
C LYS D 76 -77.94 9.11 27.88
N VAL D 77 -78.07 9.07 26.55
CA VAL D 77 -77.57 10.09 25.58
C VAL D 77 -78.67 10.40 24.55
N ARG D 78 -78.71 11.63 24.02
CA ARG D 78 -79.62 12.03 22.92
C ARG D 78 -79.13 11.37 21.62
N LYS D 79 -80.00 10.64 20.92
CA LYS D 79 -79.69 9.98 19.61
C LYS D 79 -79.34 11.03 18.55
N GLU D 80 -79.95 12.21 18.61
CA GLU D 80 -79.85 13.27 17.57
C GLU D 80 -78.87 14.38 18.00
N ALA D 81 -77.98 14.12 18.98
CA ALA D 81 -76.96 15.08 19.47
C ALA D 81 -75.60 14.40 19.69
N LEU D 82 -74.52 15.16 19.53
CA LEU D 82 -73.10 14.70 19.63
C LEU D 82 -72.54 15.13 21.00
N LEU D 83 -72.47 14.21 21.96
CA LEU D 83 -71.98 14.53 23.33
C LEU D 83 -70.44 14.53 23.29
N LEU D 84 -69.83 15.66 23.63
CA LEU D 84 -68.36 15.82 23.84
C LEU D 84 -68.09 15.64 25.34
N LEU D 85 -67.43 14.55 25.72
CA LEU D 85 -67.16 14.21 27.14
C LEU D 85 -66.18 15.25 27.73
N SER D 86 -66.45 15.71 28.94
CA SER D 86 -65.57 16.63 29.72
C SER D 86 -64.36 15.85 30.22
N TRP D 87 -63.15 16.39 30.03
CA TRP D 87 -61.88 15.82 30.55
C TRP D 87 -61.68 16.32 31.97
N LYS D 88 -61.81 15.46 32.99
CA LYS D 88 -61.61 15.81 34.43
C LYS D 88 -60.16 15.48 34.82
N GLN D 89 -59.50 16.38 35.55
CA GLN D 89 -58.14 16.15 36.13
C GLN D 89 -58.27 15.23 37.35
N MET D 90 -57.40 14.23 37.47
CA MET D 90 -57.29 13.38 38.69
C MET D 90 -56.38 14.08 39.71
N LEU D 91 -55.33 14.78 39.24
CA LEU D 91 -54.24 15.34 40.09
C LEU D 91 -54.37 16.87 40.17
N ASP D 92 -54.29 17.41 41.39
CA ASP D 92 -54.50 18.85 41.71
C ASP D 92 -53.16 19.60 41.55
N HIS D 93 -53.04 20.42 40.51
CA HIS D 93 -51.89 21.33 40.22
C HIS D 93 -50.58 20.61 40.49
N PHE D 94 -50.35 19.48 39.82
CA PHE D 94 -49.18 18.57 40.01
C PHE D 94 -48.36 18.53 38.71
N GLN D 95 -47.05 18.82 38.79
CA GLN D 95 -46.10 18.73 37.64
C GLN D 95 -45.33 17.40 37.74
N ALA D 96 -45.56 16.51 36.77
CA ALA D 96 -44.92 15.18 36.65
C ALA D 96 -43.57 15.31 35.94
N THR D 97 -43.44 16.24 35.00
CA THR D 97 -42.20 16.46 34.20
C THR D 97 -41.09 16.96 35.12
N PRO D 98 -39.84 16.42 35.05
CA PRO D 98 -38.73 16.96 35.83
C PRO D 98 -38.30 18.36 35.35
N HIS D 99 -37.51 19.07 36.16
CA HIS D 99 -37.03 20.46 35.90
C HIS D 99 -36.36 20.53 34.52
N HIS D 100 -36.83 21.46 33.65
CA HIS D 100 -36.31 21.76 32.29
C HIS D 100 -36.47 20.56 31.35
N GLY D 101 -37.41 19.65 31.64
CA GLY D 101 -37.67 18.41 30.88
C GLY D 101 -36.43 17.52 30.76
N VAL D 102 -35.55 17.54 31.76
CA VAL D 102 -34.27 16.77 31.82
C VAL D 102 -34.51 15.55 32.70
N TYR D 103 -34.72 14.38 32.07
CA TYR D 103 -34.89 13.07 32.75
C TYR D 103 -33.51 12.49 33.09
N SER D 104 -33.46 11.60 34.09
CA SER D 104 -32.32 10.69 34.35
C SER D 104 -31.97 9.94 33.06
N ARG D 105 -30.71 9.50 32.89
CA ARG D 105 -30.26 8.79 31.67
C ARG D 105 -31.11 7.54 31.48
N GLU D 106 -31.47 6.83 32.56
CA GLU D 106 -32.28 5.59 32.54
C GLU D 106 -33.67 5.90 31.95
N GLU D 107 -34.35 6.93 32.47
CA GLU D 107 -35.71 7.32 32.01
C GLU D 107 -35.62 7.88 30.59
N GLU D 108 -34.59 8.67 30.30
CA GLU D 108 -34.37 9.30 28.96
C GLU D 108 -34.23 8.19 27.90
N LEU D 109 -33.38 7.20 28.15
CA LEU D 109 -33.14 6.08 27.20
C LEU D 109 -34.41 5.22 27.08
N LEU D 110 -35.13 4.97 28.18
CA LEU D 110 -36.40 4.20 28.14
C LEU D 110 -37.41 4.91 27.23
N ARG D 111 -37.51 6.25 27.35
CA ARG D 111 -38.41 7.08 26.51
C ARG D 111 -38.00 6.95 25.03
N GLU D 112 -36.70 6.91 24.75
CA GLU D 112 -36.17 6.68 23.38
C GLU D 112 -36.58 5.29 22.86
N ARG D 113 -36.39 4.24 23.66
CA ARG D 113 -36.72 2.84 23.24
C ARG D 113 -38.22 2.74 22.94
N LYS D 114 -39.06 3.40 23.74
CA LYS D 114 -40.54 3.38 23.63
C LYS D 114 -41.07 4.40 22.60
N ARG D 115 -40.21 5.24 22.02
CA ARG D 115 -40.60 6.32 21.06
C ARG D 115 -41.60 7.27 21.76
N LEU D 116 -41.32 7.62 23.02
CA LEU D 116 -42.15 8.58 23.82
C LEU D 116 -41.56 9.98 23.67
N GLY D 117 -42.31 10.89 23.02
CA GLY D 117 -41.96 12.31 22.85
C GLY D 117 -42.60 13.20 23.91
N VAL D 118 -43.82 12.86 24.35
CA VAL D 118 -44.64 13.69 25.30
C VAL D 118 -43.97 13.70 26.68
N PHE D 119 -44.16 14.79 27.42
CA PHE D 119 -43.67 14.99 28.81
C PHE D 119 -44.79 14.66 29.79
N GLY D 120 -44.44 14.43 31.05
CA GLY D 120 -45.36 14.09 32.15
C GLY D 120 -45.54 12.59 32.29
N ILE D 121 -46.70 12.15 32.78
CA ILE D 121 -47.03 10.71 33.02
C ILE D 121 -47.23 10.04 31.65
N THR D 122 -46.35 9.10 31.29
CA THR D 122 -46.37 8.35 30.01
C THR D 122 -46.93 6.94 30.19
N SER D 123 -47.11 6.47 31.43
CA SER D 123 -47.76 5.17 31.76
C SER D 123 -48.19 5.16 33.23
N TYR D 124 -49.15 4.29 33.57
CA TYR D 124 -49.60 4.04 34.96
C TYR D 124 -49.97 2.56 35.13
N ASP D 125 -49.77 2.02 36.34
CA ASP D 125 -50.28 0.68 36.71
C ASP D 125 -51.56 0.90 37.52
N PHE D 126 -52.60 0.13 37.20
CA PHE D 126 -53.95 0.25 37.79
C PHE D 126 -54.38 -1.11 38.36
N HIS D 127 -54.78 -1.12 39.63
CA HIS D 127 -55.39 -2.29 40.32
C HIS D 127 -56.88 -2.00 40.52
N SER D 128 -57.74 -2.62 39.71
CA SER D 128 -59.19 -2.27 39.57
C SER D 128 -59.93 -2.52 40.89
N GLU D 129 -59.72 -3.67 41.54
CA GLU D 129 -60.41 -4.09 42.80
C GLU D 129 -60.18 -3.04 43.89
N SER D 130 -58.94 -2.55 44.06
CA SER D 130 -58.53 -1.61 45.13
C SER D 130 -58.61 -0.15 44.65
N GLY D 131 -58.64 0.08 43.34
CA GLY D 131 -58.69 1.43 42.74
C GLY D 131 -57.37 2.17 42.87
N LEU D 132 -56.25 1.45 43.02
CA LEU D 132 -54.90 2.04 43.19
C LEU D 132 -54.30 2.36 41.81
N PHE D 133 -53.74 3.56 41.67
CA PHE D 133 -52.94 4.02 40.51
C PHE D 133 -51.49 4.21 40.98
N LEU D 134 -50.51 3.70 40.22
CA LEU D 134 -49.06 3.81 40.54
C LEU D 134 -48.32 4.31 39.28
N PHE D 135 -47.47 5.32 39.41
CA PHE D 135 -46.79 5.98 38.27
C PHE D 135 -45.51 6.70 38.70
N GLN D 136 -44.58 6.86 37.75
CA GLN D 136 -43.35 7.69 37.88
C GLN D 136 -43.72 9.16 37.61
N ALA D 137 -43.12 10.09 38.36
CA ALA D 137 -43.32 11.55 38.25
C ALA D 137 -42.23 12.27 39.05
N SER D 138 -41.66 13.33 38.49
CA SER D 138 -40.70 14.26 39.14
C SER D 138 -39.53 13.47 39.75
N ASN D 139 -38.93 12.55 38.96
CA ASN D 139 -37.77 11.70 39.34
C ASN D 139 -38.07 10.88 40.61
N SER D 140 -39.33 10.47 40.81
CA SER D 140 -39.77 9.70 42.00
C SER D 140 -40.99 8.81 41.64
N LEU D 141 -41.63 8.20 42.65
CA LEU D 141 -42.83 7.34 42.50
C LEU D 141 -43.97 7.95 43.30
N PHE D 142 -45.16 8.00 42.70
CA PHE D 142 -46.41 8.56 43.28
C PHE D 142 -47.55 7.56 43.08
N HIS D 143 -48.60 7.70 43.89
CA HIS D 143 -49.85 6.90 43.80
C HIS D 143 -51.04 7.76 44.19
N CYS D 144 -52.24 7.33 43.79
CA CYS D 144 -53.56 7.86 44.21
C CYS D 144 -54.58 6.73 44.14
N ARG D 145 -55.75 6.89 44.77
CA ARG D 145 -56.84 5.89 44.80
C ARG D 145 -58.13 6.55 44.32
N ASP D 146 -58.93 5.81 43.54
CA ASP D 146 -60.26 6.26 43.04
C ASP D 146 -61.10 5.02 42.76
N GLY D 147 -62.41 5.07 43.07
CA GLY D 147 -63.32 3.93 43.01
C GLY D 147 -63.03 2.91 44.11
N GLY D 148 -63.46 1.67 43.92
CA GLY D 148 -63.32 0.57 44.89
C GLY D 148 -64.07 0.87 46.17
N LYS D 149 -63.38 0.89 47.31
CA LYS D 149 -63.96 1.09 48.67
C LYS D 149 -64.10 2.58 48.97
N ASN D 150 -63.06 3.38 48.66
CA ASN D 150 -62.98 4.83 49.01
C ASN D 150 -64.03 5.65 48.24
N GLY D 151 -64.53 5.16 47.09
CA GLY D 151 -65.51 5.86 46.25
C GLY D 151 -64.84 6.76 45.23
N PHE D 152 -65.63 7.42 44.38
CA PHE D 152 -65.18 8.17 43.18
C PHE D 152 -65.04 9.67 43.51
N MET D 153 -63.86 10.26 43.22
CA MET D 153 -63.55 11.69 43.47
C MET D 153 -64.43 12.57 42.58
N VAL D 154 -64.84 13.72 43.11
CA VAL D 154 -65.67 14.74 42.41
C VAL D 154 -64.80 15.94 42.00
N SER D 155 -63.60 16.07 42.56
CA SER D 155 -62.58 17.11 42.21
C SER D 155 -61.18 16.50 42.24
N PRO D 156 -60.15 17.14 41.63
CA PRO D 156 -58.79 16.60 41.65
C PRO D 156 -58.23 16.46 43.09
N MET D 157 -57.45 15.40 43.32
CA MET D 157 -56.76 15.13 44.61
C MET D 157 -55.24 15.30 44.41
N LYS D 158 -54.49 15.55 45.49
CA LYS D 158 -53.01 15.59 45.46
C LYS D 158 -52.49 14.16 45.46
N PRO D 159 -51.56 13.78 44.55
CA PRO D 159 -50.98 12.44 44.58
C PRO D 159 -49.96 12.32 45.72
N LEU D 160 -49.86 11.14 46.32
CA LEU D 160 -48.95 10.87 47.47
C LEU D 160 -47.65 10.25 46.96
N GLU D 161 -46.51 10.89 47.21
CA GLU D 161 -45.16 10.33 46.92
C GLU D 161 -44.95 9.09 47.78
N ILE D 162 -44.24 8.08 47.26
CA ILE D 162 -43.81 6.88 48.02
C ILE D 162 -42.37 7.12 48.47
N LYS D 163 -42.15 7.20 49.78
CA LYS D 163 -40.82 7.47 50.39
C LYS D 163 -39.92 6.24 50.18
N THR D 164 -38.61 6.47 50.06
CA THR D 164 -37.59 5.41 49.84
C THR D 164 -36.28 5.80 50.55
N GLN D 165 -35.47 4.79 50.89
CA GLN D 165 -34.06 4.95 51.33
C GLN D 165 -33.11 4.55 50.19
N CYS D 166 -33.64 4.15 49.02
CA CYS D 166 -32.85 3.74 47.84
C CYS D 166 -32.18 4.98 47.21
N SER D 167 -30.98 4.79 46.68
CA SER D 167 -30.18 5.83 45.95
C SER D 167 -30.38 5.64 44.45
N GLY D 168 -30.67 6.73 43.73
CA GLY D 168 -30.90 6.74 42.27
C GLY D 168 -32.32 6.30 41.92
N PRO D 169 -32.69 6.28 40.61
CA PRO D 169 -34.07 6.08 40.20
C PRO D 169 -34.68 4.72 40.60
N ARG D 170 -35.99 4.70 40.86
CA ARG D 170 -36.82 3.48 41.02
C ARG D 170 -37.57 3.27 39.71
N MET D 171 -37.11 2.33 38.86
CA MET D 171 -37.62 2.11 37.48
C MET D 171 -38.68 1.00 37.48
N ASP D 172 -39.56 1.03 36.47
CA ASP D 172 -40.49 -0.07 36.10
C ASP D 172 -41.33 -0.48 37.31
N PRO D 173 -42.07 0.45 37.95
CA PRO D 173 -42.91 0.11 39.10
C PRO D 173 -44.18 -0.68 38.69
N LYS D 174 -44.53 -1.73 39.44
CA LYS D 174 -45.76 -2.53 39.21
C LYS D 174 -46.41 -2.91 40.55
N ILE D 175 -47.74 -2.85 40.61
CA ILE D 175 -48.57 -3.30 41.76
C ILE D 175 -48.57 -4.83 41.77
N CYS D 176 -48.48 -5.43 42.96
CA CYS D 176 -48.67 -6.90 43.15
C CYS D 176 -50.13 -7.23 42.87
N PRO D 177 -50.46 -8.05 41.84
CA PRO D 177 -51.86 -8.36 41.53
C PRO D 177 -52.60 -9.10 42.65
N ALA D 178 -51.90 -9.98 43.38
CA ALA D 178 -52.45 -10.84 44.45
C ALA D 178 -52.74 -10.01 45.70
N ASP D 179 -51.99 -8.92 45.93
CA ASP D 179 -52.08 -8.08 47.16
C ASP D 179 -51.61 -6.66 46.85
N PRO D 180 -52.53 -5.69 46.61
CA PRO D 180 -52.15 -4.35 46.18
C PRO D 180 -51.46 -3.48 47.24
N ALA D 181 -51.33 -3.98 48.47
CA ALA D 181 -50.48 -3.37 49.53
C ALA D 181 -49.00 -3.39 49.08
N PHE D 182 -48.61 -4.35 48.22
CA PHE D 182 -47.22 -4.50 47.73
C PHE D 182 -47.09 -4.01 46.28
N PHE D 183 -45.93 -3.42 45.98
CA PHE D 183 -45.48 -3.07 44.61
C PHE D 183 -44.00 -3.45 44.48
N SER D 184 -43.52 -3.51 43.25
CA SER D 184 -42.13 -3.84 42.88
C SER D 184 -41.51 -2.67 42.11
N PHE D 185 -40.19 -2.63 42.04
CA PHE D 185 -39.42 -1.67 41.22
C PHE D 185 -37.99 -2.19 41.05
N ILE D 186 -37.28 -1.63 40.07
CA ILE D 186 -35.83 -1.88 39.84
C ILE D 186 -35.09 -0.67 40.38
N ASN D 187 -34.03 -0.92 41.15
CA ASN D 187 -33.07 0.10 41.65
C ASN D 187 -31.66 -0.44 41.48
N ASN D 188 -30.82 0.31 40.75
CA ASN D 188 -29.39 -0.02 40.49
C ASN D 188 -29.29 -1.49 40.03
N SER D 189 -30.09 -1.87 39.03
CA SER D 189 -30.00 -3.16 38.29
C SER D 189 -30.38 -4.36 39.19
N ASP D 190 -31.18 -4.13 40.24
CA ASP D 190 -31.70 -5.23 41.10
C ASP D 190 -33.18 -5.00 41.38
N LEU D 191 -33.89 -6.10 41.65
CA LEU D 191 -35.36 -6.14 41.91
C LEU D 191 -35.60 -5.84 43.40
N TRP D 192 -36.58 -4.98 43.69
CA TRP D 192 -37.05 -4.61 45.05
C TRP D 192 -38.56 -4.83 45.11
N VAL D 193 -39.06 -5.05 46.33
CA VAL D 193 -40.50 -4.90 46.67
C VAL D 193 -40.61 -3.95 47.86
N ALA D 194 -41.77 -3.34 48.00
CA ALA D 194 -42.11 -2.43 49.11
C ALA D 194 -43.58 -2.55 49.43
N ASN D 195 -43.94 -2.32 50.70
CA ASN D 195 -45.35 -2.23 51.16
C ASN D 195 -45.71 -0.74 51.12
N ILE D 196 -46.69 -0.38 50.28
CA ILE D 196 -47.07 1.04 50.01
C ILE D 196 -47.74 1.62 51.26
N GLU D 197 -48.37 0.78 52.10
CA GLU D 197 -49.12 1.18 53.33
C GLU D 197 -48.15 1.40 54.48
N THR D 198 -47.18 0.49 54.70
CA THR D 198 -46.27 0.48 55.87
C THR D 198 -44.96 1.21 55.56
N GLY D 199 -44.56 1.28 54.29
CA GLY D 199 -43.30 1.92 53.86
C GLY D 199 -42.09 1.00 53.95
N GLU D 200 -42.27 -0.26 54.37
CA GLU D 200 -41.18 -1.27 54.38
C GLU D 200 -40.70 -1.50 52.94
N GLU D 201 -39.38 -1.45 52.72
CA GLU D 201 -38.70 -1.78 51.44
C GLU D 201 -37.78 -2.99 51.67
N ARG D 202 -37.67 -3.88 50.67
CA ARG D 202 -36.78 -5.06 50.74
C ARG D 202 -36.19 -5.31 49.35
N ARG D 203 -34.85 -5.35 49.27
CA ARG D 203 -34.10 -5.81 48.09
C ARG D 203 -34.29 -7.33 47.96
N LEU D 204 -34.63 -7.83 46.76
CA LEU D 204 -34.86 -9.27 46.51
C LEU D 204 -33.67 -9.91 45.82
N THR D 205 -32.94 -9.19 44.96
CA THR D 205 -31.81 -9.73 44.16
C THR D 205 -30.53 -8.93 44.47
N PHE D 206 -29.38 -9.58 44.35
CA PHE D 206 -28.05 -9.05 44.76
C PHE D 206 -27.02 -9.29 43.64
N CYS D 207 -27.42 -8.98 42.39
CA CYS D 207 -26.59 -9.11 41.17
C CYS D 207 -25.59 -7.96 41.06
N HIS D 208 -26.04 -6.74 41.38
CA HIS D 208 -25.24 -5.48 41.26
C HIS D 208 -24.41 -5.29 42.53
N GLN D 209 -23.09 -5.44 42.42
CA GLN D 209 -22.12 -5.29 43.55
C GLN D 209 -21.99 -3.81 43.94
N GLY D 210 -22.22 -2.90 42.99
CA GLY D 210 -22.05 -1.45 43.16
C GLY D 210 -20.59 -1.03 43.14
N LEU D 211 -19.77 -1.70 42.32
CA LEU D 211 -18.30 -1.41 42.18
C LEU D 211 -18.11 -0.03 41.55
N SER D 212 -16.99 0.64 41.85
CA SER D 212 -16.63 1.97 41.30
C SER D 212 -16.49 1.87 39.77
N ASN D 213 -15.74 0.87 39.29
CA ASN D 213 -15.62 0.51 37.85
C ASN D 213 -16.88 -0.27 37.43
N VAL D 214 -17.78 0.39 36.68
CA VAL D 214 -19.11 -0.13 36.25
C VAL D 214 -18.90 -1.37 35.35
N LEU D 215 -17.79 -1.42 34.59
CA LEU D 215 -17.51 -2.51 33.61
C LEU D 215 -17.14 -3.81 34.34
N ASP D 216 -16.74 -3.74 35.61
CA ASP D 216 -16.47 -4.93 36.47
C ASP D 216 -17.76 -5.40 37.15
N ASP D 217 -18.90 -4.73 36.92
CA ASP D 217 -20.19 -4.96 37.62
C ASP D 217 -21.27 -5.26 36.59
N PRO D 218 -21.20 -6.40 35.87
CA PRO D 218 -21.95 -6.61 34.63
C PRO D 218 -23.27 -7.39 34.71
N LYS D 219 -23.78 -7.70 35.90
CA LYS D 219 -25.01 -8.52 36.08
C LYS D 219 -26.16 -7.62 36.51
N SER D 220 -27.37 -7.92 36.03
CA SER D 220 -28.63 -7.20 36.38
C SER D 220 -29.74 -8.24 36.61
N ALA D 221 -30.77 -7.85 37.36
CA ALA D 221 -31.98 -8.66 37.63
C ALA D 221 -33.22 -7.80 37.39
N GLY D 222 -34.18 -8.31 36.63
CA GLY D 222 -35.47 -7.63 36.39
C GLY D 222 -35.42 -6.64 35.25
N VAL D 223 -34.31 -6.58 34.52
CA VAL D 223 -34.02 -5.53 33.50
C VAL D 223 -34.04 -6.15 32.09
N ALA D 224 -34.77 -5.53 31.18
CA ALA D 224 -34.66 -5.72 29.71
C ALA D 224 -33.43 -4.98 29.21
N THR D 225 -32.47 -5.70 28.61
CA THR D 225 -31.22 -5.11 28.07
C THR D 225 -31.50 -4.39 26.75
N PHE D 226 -30.49 -3.71 26.20
CA PHE D 226 -30.63 -2.79 25.04
C PHE D 226 -31.35 -3.47 23.86
N VAL D 227 -30.85 -4.63 23.40
CA VAL D 227 -31.38 -5.30 22.17
C VAL D 227 -32.81 -5.80 22.45
N ILE D 228 -33.12 -6.21 23.66
CA ILE D 228 -34.49 -6.65 24.06
C ILE D 228 -35.46 -5.47 23.94
N GLN D 229 -35.06 -4.29 24.42
CA GLN D 229 -35.89 -3.06 24.36
C GLN D 229 -36.00 -2.58 22.92
N GLU D 230 -34.88 -2.46 22.22
CA GLU D 230 -34.82 -1.81 20.88
C GLU D 230 -35.36 -2.77 19.81
N GLU D 231 -35.11 -4.08 19.90
CA GLU D 231 -35.39 -5.01 18.77
C GLU D 231 -36.50 -6.02 19.08
N PHE D 232 -36.88 -6.23 20.34
CA PHE D 232 -37.96 -7.17 20.71
C PHE D 232 -39.12 -6.47 21.39
N ASP D 233 -39.09 -5.13 21.55
CA ASP D 233 -40.24 -4.34 22.07
C ASP D 233 -40.63 -4.84 23.47
N ARG D 234 -39.65 -5.28 24.29
CA ARG D 234 -39.89 -5.70 25.70
C ARG D 234 -39.09 -4.74 26.59
N PHE D 235 -39.79 -4.08 27.53
CA PHE D 235 -39.25 -3.00 28.39
C PHE D 235 -39.21 -3.43 29.86
N THR D 236 -39.56 -4.69 30.19
CA THR D 236 -39.53 -5.24 31.57
C THR D 236 -38.78 -6.57 31.57
N GLY D 237 -38.14 -6.90 32.70
CA GLY D 237 -37.43 -8.18 32.91
C GLY D 237 -37.93 -8.93 34.13
N TYR D 238 -39.15 -8.63 34.59
CA TYR D 238 -39.77 -9.33 35.74
C TYR D 238 -41.29 -9.35 35.58
N TRP D 239 -41.92 -10.35 36.21
CA TRP D 239 -43.36 -10.66 36.08
C TRP D 239 -43.89 -11.16 37.43
N TRP D 240 -44.77 -10.38 38.06
CA TRP D 240 -45.51 -10.80 39.28
C TRP D 240 -46.28 -12.10 38.99
N CYS D 241 -46.14 -13.10 39.87
CA CYS D 241 -47.12 -14.20 39.99
C CYS D 241 -48.46 -13.58 40.41
N PRO D 242 -49.58 -13.84 39.69
CA PRO D 242 -50.84 -13.14 39.98
C PRO D 242 -51.56 -13.59 41.26
N THR D 243 -51.13 -14.71 41.86
CA THR D 243 -51.78 -15.35 43.04
C THR D 243 -50.77 -15.47 44.19
N ALA D 244 -51.30 -15.56 45.41
CA ALA D 244 -50.56 -15.93 46.63
C ALA D 244 -50.68 -17.44 46.84
N SER D 245 -49.70 -18.04 47.53
CA SER D 245 -49.76 -19.45 48.02
C SER D 245 -49.51 -19.46 49.52
N TRP D 246 -49.80 -20.59 50.18
CA TRP D 246 -49.83 -20.74 51.65
C TRP D 246 -49.14 -22.06 52.06
N GLU D 247 -47.93 -22.28 51.55
CA GLU D 247 -47.15 -23.55 51.74
C GLU D 247 -46.59 -23.60 53.17
N GLY D 248 -46.30 -22.43 53.78
CA GLY D 248 -45.65 -22.32 55.10
C GLY D 248 -46.53 -22.80 56.24
N SER D 249 -45.94 -23.32 57.32
CA SER D 249 -46.61 -23.92 58.50
C SER D 249 -47.00 -22.85 59.53
N GLU D 250 -46.41 -21.65 59.47
CA GLU D 250 -46.72 -20.50 60.37
C GLU D 250 -47.99 -19.76 59.90
N GLY D 251 -48.64 -20.17 58.80
CA GLY D 251 -49.79 -19.47 58.20
C GLY D 251 -49.37 -18.24 57.39
N LEU D 252 -48.11 -18.16 56.98
CA LEU D 252 -47.56 -17.05 56.15
C LEU D 252 -48.08 -17.16 54.71
N LYS D 253 -48.29 -16.02 54.07
CA LYS D 253 -48.65 -15.87 52.63
C LYS D 253 -47.35 -15.74 51.82
N THR D 254 -47.16 -16.55 50.77
CA THR D 254 -46.00 -16.48 49.84
C THR D 254 -46.44 -15.74 48.57
N LEU D 255 -45.66 -14.71 48.18
CA LEU D 255 -45.78 -14.00 46.88
C LEU D 255 -44.50 -14.25 46.06
N ARG D 256 -44.64 -14.29 44.74
CA ARG D 256 -43.58 -14.73 43.79
C ARG D 256 -43.42 -13.71 42.66
N ILE D 257 -42.17 -13.50 42.21
CA ILE D 257 -41.85 -12.71 40.99
C ILE D 257 -40.87 -13.54 40.15
N LEU D 258 -41.27 -13.90 38.93
CA LEU D 258 -40.37 -14.42 37.87
C LEU D 258 -39.50 -13.23 37.39
N TYR D 259 -38.20 -13.43 37.21
CA TYR D 259 -37.32 -12.36 36.68
C TYR D 259 -36.24 -12.96 35.79
N GLU D 260 -35.80 -12.18 34.81
CA GLU D 260 -34.62 -12.46 33.95
C GLU D 260 -33.39 -11.89 34.65
N GLU D 261 -32.41 -12.74 34.94
CA GLU D 261 -31.04 -12.32 35.32
C GLU D 261 -30.19 -12.32 34.06
N VAL D 262 -29.38 -11.29 33.87
CA VAL D 262 -28.48 -11.17 32.69
C VAL D 262 -27.05 -10.94 33.18
N ASP D 263 -26.08 -11.42 32.40
CA ASP D 263 -24.65 -11.10 32.58
C ASP D 263 -24.13 -10.54 31.25
N GLU D 264 -23.80 -9.24 31.21
CA GLU D 264 -23.33 -8.52 29.99
C GLU D 264 -21.79 -8.45 29.92
N SER D 265 -21.09 -9.24 30.74
CA SER D 265 -19.59 -9.33 30.82
C SER D 265 -18.96 -9.35 29.43
N GLU D 266 -19.45 -10.23 28.55
CA GLU D 266 -18.83 -10.55 27.25
C GLU D 266 -19.40 -9.65 26.13
N VAL D 267 -20.40 -8.81 26.44
CA VAL D 267 -21.04 -7.90 25.44
C VAL D 267 -20.07 -6.73 25.21
N GLU D 268 -19.85 -6.39 23.93
CA GLU D 268 -18.97 -5.28 23.52
C GLU D 268 -19.48 -3.96 24.10
N VAL D 269 -18.55 -3.08 24.46
CA VAL D 269 -18.83 -1.73 25.04
C VAL D 269 -18.58 -0.70 23.93
N ILE D 270 -19.54 0.19 23.74
CA ILE D 270 -19.37 1.39 22.87
C ILE D 270 -19.71 2.63 23.70
N HIS D 271 -19.19 3.79 23.29
CA HIS D 271 -19.44 5.10 23.93
C HIS D 271 -20.28 5.95 22.98
N VAL D 272 -21.34 6.56 23.51
CA VAL D 272 -22.18 7.54 22.76
C VAL D 272 -22.13 8.84 23.55
N PRO D 273 -21.92 10.00 22.90
CA PRO D 273 -21.97 11.29 23.58
C PRO D 273 -23.25 11.46 24.41
N SER D 274 -23.10 12.02 25.61
CA SER D 274 -24.20 12.39 26.54
C SER D 274 -24.87 13.68 26.04
N PRO D 275 -26.18 13.88 26.28
CA PRO D 275 -26.88 15.10 25.86
C PRO D 275 -26.42 16.41 26.54
N ALA D 276 -25.74 16.34 27.68
CA ALA D 276 -25.11 17.51 28.33
C ALA D 276 -23.79 17.80 27.58
N LEU D 277 -23.88 18.40 26.39
CA LEU D 277 -22.73 18.55 25.44
C LEU D 277 -21.55 19.26 26.11
N GLU D 278 -21.83 20.27 26.94
CA GLU D 278 -20.85 21.12 27.69
C GLU D 278 -19.93 20.23 28.55
N GLU D 279 -20.37 19.06 29.03
CA GLU D 279 -19.56 18.15 29.87
C GLU D 279 -18.55 17.36 29.02
N ARG D 280 -18.76 17.29 27.69
CA ARG D 280 -17.85 16.61 26.72
C ARG D 280 -17.53 15.19 27.19
N LYS D 281 -18.57 14.45 27.60
CA LYS D 281 -18.46 13.05 28.09
C LYS D 281 -19.45 12.19 27.31
N THR D 282 -19.23 10.89 27.40
CA THR D 282 -20.07 9.82 26.78
C THR D 282 -20.66 8.96 27.88
N ASP D 283 -21.74 8.26 27.55
CA ASP D 283 -22.29 7.11 28.31
C ASP D 283 -21.77 5.83 27.67
N SER D 284 -21.52 4.80 28.47
CA SER D 284 -21.11 3.44 28.02
C SER D 284 -22.37 2.61 27.79
N TYR D 285 -22.40 1.89 26.67
CA TYR D 285 -23.51 0.97 26.27
C TYR D 285 -22.93 -0.43 26.04
N ARG D 286 -23.60 -1.44 26.57
CA ARG D 286 -23.40 -2.85 26.19
C ARG D 286 -24.17 -3.05 24.88
N TYR D 287 -23.50 -2.85 23.74
CA TYR D 287 -24.11 -2.88 22.39
C TYR D 287 -23.64 -4.13 21.67
N PRO D 288 -24.48 -5.20 21.61
CA PRO D 288 -24.13 -6.41 20.87
C PRO D 288 -24.22 -6.13 19.36
N ARG D 289 -23.08 -5.88 18.72
CA ARG D 289 -23.04 -5.75 17.25
C ARG D 289 -23.26 -7.14 16.64
N THR D 290 -23.87 -7.20 15.46
CA THR D 290 -24.20 -8.44 14.72
C THR D 290 -22.97 -9.37 14.72
N GLY D 291 -23.16 -10.64 15.06
CA GLY D 291 -22.10 -11.65 15.06
C GLY D 291 -21.38 -11.77 16.40
N SER D 292 -21.49 -10.78 17.30
CA SER D 292 -20.81 -10.74 18.61
C SER D 292 -21.74 -11.26 19.71
N LYS D 293 -21.27 -11.32 20.95
CA LYS D 293 -21.97 -11.99 22.07
C LYS D 293 -23.17 -11.16 22.51
N ASN D 294 -24.34 -11.80 22.63
CA ASN D 294 -25.51 -11.28 23.39
C ASN D 294 -25.26 -11.55 24.87
N PRO D 295 -26.03 -10.92 25.80
CA PRO D 295 -25.90 -11.23 27.22
C PRO D 295 -26.16 -12.72 27.51
N LYS D 296 -25.53 -13.25 28.56
CA LYS D 296 -25.92 -14.54 29.17
C LYS D 296 -27.19 -14.30 29.98
N ILE D 297 -28.22 -15.13 29.80
CA ILE D 297 -29.57 -14.92 30.40
C ILE D 297 -29.99 -16.18 31.17
N ALA D 298 -30.85 -16.00 32.18
CA ALA D 298 -31.54 -17.07 32.91
C ALA D 298 -32.84 -16.53 33.48
N LEU D 299 -33.87 -17.35 33.57
CA LEU D 299 -35.08 -17.05 34.37
C LEU D 299 -34.86 -17.59 35.78
N LYS D 300 -35.19 -16.77 36.79
CA LYS D 300 -35.07 -17.09 38.22
C LYS D 300 -36.36 -16.65 38.91
N LEU D 301 -36.51 -16.99 40.19
CA LEU D 301 -37.76 -16.79 40.96
C LEU D 301 -37.38 -16.12 42.29
N ALA D 302 -37.93 -14.93 42.54
CA ALA D 302 -37.85 -14.24 43.84
C ALA D 302 -39.15 -14.55 44.59
N GLU D 303 -39.03 -15.06 45.82
CA GLU D 303 -40.17 -15.32 46.73
C GLU D 303 -39.97 -14.47 47.99
N PHE D 304 -41.07 -14.05 48.60
CA PHE D 304 -41.09 -13.46 49.97
C PHE D 304 -42.39 -13.88 50.66
N GLN D 305 -42.33 -13.96 51.99
CA GLN D 305 -43.47 -14.33 52.86
C GLN D 305 -43.93 -13.09 53.62
N THR D 306 -45.25 -12.97 53.83
CA THR D 306 -45.89 -11.86 54.55
C THR D 306 -46.90 -12.45 55.56
N ASP D 307 -47.06 -11.80 56.72
CA ASP D 307 -48.06 -12.17 57.76
C ASP D 307 -49.37 -11.43 57.47
N SER D 308 -50.39 -11.62 58.32
CA SER D 308 -51.74 -11.00 58.20
C SER D 308 -51.68 -9.47 58.32
N GLN D 309 -50.65 -8.92 58.98
CA GLN D 309 -50.42 -7.45 59.14
C GLN D 309 -49.64 -6.87 57.94
N GLY D 310 -49.26 -7.69 56.95
CA GLY D 310 -48.54 -7.24 55.75
C GLY D 310 -47.06 -6.98 56.00
N LYS D 311 -46.50 -7.53 57.08
CA LYS D 311 -45.04 -7.39 57.41
C LYS D 311 -44.29 -8.44 56.57
N ILE D 312 -43.15 -8.06 55.97
CA ILE D 312 -42.31 -8.97 55.13
C ILE D 312 -41.40 -9.75 56.09
N VAL D 313 -41.70 -11.03 56.27
CA VAL D 313 -41.09 -11.93 57.31
C VAL D 313 -39.80 -12.56 56.76
N SER D 314 -39.76 -12.91 55.47
CA SER D 314 -38.59 -13.59 54.84
C SER D 314 -38.61 -13.41 53.31
N THR D 315 -37.45 -13.58 52.68
CA THR D 315 -37.27 -13.56 51.21
C THR D 315 -36.37 -14.74 50.80
N GLN D 316 -36.46 -15.17 49.53
CA GLN D 316 -35.67 -16.31 48.99
C GLN D 316 -35.39 -16.05 47.51
N GLU D 317 -34.11 -16.15 47.11
CA GLU D 317 -33.67 -16.24 45.70
C GLU D 317 -33.72 -17.71 45.28
N LYS D 318 -34.47 -18.02 44.22
CA LYS D 318 -34.55 -19.39 43.65
C LYS D 318 -34.11 -19.37 42.19
N GLU D 319 -33.51 -20.48 41.75
CA GLU D 319 -33.02 -20.68 40.36
C GLU D 319 -33.45 -22.07 39.89
N LEU D 320 -33.41 -22.30 38.58
CA LEU D 320 -33.78 -23.61 37.97
C LEU D 320 -32.88 -24.70 38.57
N VAL D 321 -33.49 -25.85 38.87
CA VAL D 321 -32.80 -27.01 39.52
C VAL D 321 -31.58 -27.44 38.69
N GLN D 322 -31.67 -27.36 37.36
CA GLN D 322 -30.53 -27.48 36.41
C GLN D 322 -30.34 -26.12 35.75
N PRO D 323 -29.10 -25.69 35.40
CA PRO D 323 -28.88 -24.38 34.78
C PRO D 323 -29.76 -24.13 33.54
N PHE D 324 -30.21 -22.88 33.37
CA PHE D 324 -30.99 -22.41 32.19
C PHE D 324 -30.33 -22.92 30.90
N SER D 325 -29.01 -22.78 30.81
CA SER D 325 -28.18 -23.13 29.61
C SER D 325 -28.17 -24.65 29.38
N SER D 326 -28.35 -25.48 30.43
CA SER D 326 -28.46 -26.96 30.34
C SER D 326 -29.85 -27.37 29.88
N LEU D 327 -30.90 -26.83 30.50
CA LEU D 327 -32.32 -27.17 30.19
C LEU D 327 -32.69 -26.68 28.79
N PHE D 328 -32.23 -25.48 28.41
CA PHE D 328 -32.67 -24.75 27.19
C PHE D 328 -31.44 -24.31 26.42
N PRO D 329 -30.63 -25.25 25.89
CA PRO D 329 -29.32 -24.93 25.33
C PRO D 329 -29.31 -24.13 24.03
N LYS D 330 -30.43 -24.11 23.27
CA LYS D 330 -30.52 -23.40 21.96
C LYS D 330 -31.15 -22.01 22.15
N VAL D 331 -31.57 -21.64 23.36
CA VAL D 331 -32.24 -20.33 23.61
C VAL D 331 -31.19 -19.22 23.66
N GLU D 332 -31.35 -18.21 22.79
CA GLU D 332 -30.51 -16.99 22.74
C GLU D 332 -31.25 -15.83 23.45
N TYR D 333 -32.56 -15.70 23.24
CA TYR D 333 -33.38 -14.57 23.73
C TYR D 333 -34.63 -15.08 24.45
N ILE D 334 -35.00 -14.39 25.53
CA ILE D 334 -36.36 -14.44 26.12
C ILE D 334 -37.15 -13.30 25.47
N ALA D 335 -38.06 -13.62 24.56
CA ALA D 335 -38.90 -12.63 23.85
C ALA D 335 -39.91 -12.05 24.84
N ARG D 336 -40.63 -12.92 25.54
CA ARG D 336 -41.76 -12.58 26.44
C ARG D 336 -41.81 -13.60 27.58
N ALA D 337 -42.46 -13.24 28.68
CA ALA D 337 -42.74 -14.17 29.79
C ALA D 337 -43.97 -13.70 30.57
N GLY D 338 -44.46 -14.54 31.48
CA GLY D 338 -45.65 -14.26 32.27
C GLY D 338 -46.02 -15.44 33.15
N TRP D 339 -47.30 -15.51 33.54
CA TRP D 339 -47.88 -16.58 34.38
C TRP D 339 -49.24 -16.96 33.81
N THR D 340 -49.67 -18.21 34.03
CA THR D 340 -51.09 -18.63 33.95
C THR D 340 -51.83 -17.85 35.05
N ARG D 341 -53.13 -17.56 34.85
CA ARG D 341 -53.92 -16.65 35.73
C ARG D 341 -54.05 -17.25 37.14
N ASP D 342 -53.98 -18.58 37.28
CA ASP D 342 -54.04 -19.29 38.59
C ASP D 342 -52.66 -19.29 39.29
N GLY D 343 -51.61 -18.80 38.63
CA GLY D 343 -50.23 -18.77 39.17
C GLY D 343 -49.57 -20.14 39.22
N LYS D 344 -50.19 -21.16 38.60
CA LYS D 344 -49.73 -22.57 38.67
C LYS D 344 -48.42 -22.71 37.87
N TYR D 345 -48.31 -22.01 36.74
CA TYR D 345 -47.11 -22.05 35.85
C TYR D 345 -46.65 -20.62 35.53
N ALA D 346 -45.34 -20.39 35.62
CA ALA D 346 -44.65 -19.32 34.84
C ALA D 346 -44.60 -19.80 33.39
N TRP D 347 -44.56 -18.88 32.43
CA TRP D 347 -44.30 -19.25 31.01
C TRP D 347 -43.29 -18.28 30.41
N ALA D 348 -42.56 -18.75 29.40
CA ALA D 348 -41.61 -17.94 28.62
C ALA D 348 -41.73 -18.28 27.14
N MET D 349 -41.55 -17.26 26.32
CA MET D 349 -41.40 -17.35 24.85
C MET D 349 -39.90 -17.23 24.55
N PHE D 350 -39.29 -18.34 24.12
CA PHE D 350 -37.84 -18.45 23.84
C PHE D 350 -37.59 -18.40 22.33
N LEU D 351 -36.51 -17.73 21.91
CA LEU D 351 -36.04 -17.68 20.50
C LEU D 351 -34.62 -18.23 20.45
N ASP D 352 -34.29 -18.96 19.38
CA ASP D 352 -32.88 -19.33 19.08
C ASP D 352 -32.20 -18.09 18.46
N ARG D 353 -30.89 -18.16 18.29
CA ARG D 353 -30.10 -17.00 17.80
C ARG D 353 -30.49 -16.66 16.36
N PRO D 354 -30.64 -17.64 15.44
CA PRO D 354 -31.14 -17.34 14.09
C PRO D 354 -32.57 -16.76 14.03
N GLN D 355 -33.32 -16.82 15.13
CA GLN D 355 -34.72 -16.33 15.26
C GLN D 355 -35.59 -17.02 14.20
N GLN D 356 -35.41 -18.33 14.03
CA GLN D 356 -36.20 -19.20 13.11
C GLN D 356 -36.91 -20.31 13.89
N TRP D 357 -36.79 -20.29 15.23
CA TRP D 357 -37.30 -21.35 16.14
C TRP D 357 -37.75 -20.68 17.45
N LEU D 358 -39.05 -20.71 17.72
CA LEU D 358 -39.67 -20.15 18.94
C LEU D 358 -40.29 -21.29 19.74
N GLN D 359 -40.18 -21.26 21.07
CA GLN D 359 -40.86 -22.20 21.99
C GLN D 359 -41.63 -21.41 23.04
N LEU D 360 -42.89 -21.80 23.29
CA LEU D 360 -43.68 -21.41 24.49
C LEU D 360 -43.54 -22.53 25.53
N VAL D 361 -42.96 -22.20 26.69
CA VAL D 361 -42.54 -23.19 27.73
C VAL D 361 -43.22 -22.82 29.05
N LEU D 362 -43.95 -23.76 29.66
CA LEU D 362 -44.45 -23.66 31.06
C LEU D 362 -43.32 -24.04 32.03
N LEU D 363 -43.18 -23.30 33.12
CA LEU D 363 -42.16 -23.54 34.19
C LEU D 363 -42.88 -23.51 35.53
N PRO D 364 -43.11 -24.67 36.20
CA PRO D 364 -43.75 -24.68 37.51
C PRO D 364 -42.80 -24.08 38.55
N PRO D 365 -43.29 -23.32 39.56
CA PRO D 365 -42.43 -22.83 40.63
C PRO D 365 -41.61 -23.92 41.35
N ALA D 366 -42.12 -25.15 41.43
CA ALA D 366 -41.46 -26.32 42.06
C ALA D 366 -40.15 -26.68 41.34
N LEU D 367 -39.97 -26.27 40.07
CA LEU D 367 -38.71 -26.51 39.30
C LEU D 367 -37.59 -25.57 39.77
N PHE D 368 -37.92 -24.51 40.53
CA PHE D 368 -36.94 -23.56 41.09
C PHE D 368 -36.61 -23.96 42.53
N ILE D 369 -35.32 -23.94 42.88
CA ILE D 369 -34.81 -24.31 44.24
C ILE D 369 -33.98 -23.15 44.79
N PRO D 370 -33.80 -23.05 46.13
CA PRO D 370 -32.99 -21.97 46.71
C PRO D 370 -31.57 -21.91 46.11
N SER D 371 -31.13 -20.71 45.72
CA SER D 371 -29.74 -20.43 45.29
C SER D 371 -28.82 -20.57 46.51
N THR D 372 -27.66 -21.22 46.33
CA THR D 372 -26.68 -21.46 47.42
C THR D 372 -25.30 -21.76 46.81
N GLU D 373 -24.23 -21.42 47.55
CA GLU D 373 -22.83 -21.81 47.23
C GLU D 373 -22.56 -23.23 47.74
N ASN D 374 -23.37 -23.72 48.70
CA ASN D 374 -23.22 -25.06 49.32
C ASN D 374 -23.74 -26.13 48.34
N GLU D 375 -22.84 -26.89 47.71
CA GLU D 375 -23.14 -27.91 46.68
C GLU D 375 -23.97 -29.06 47.29
N GLU D 376 -23.72 -29.41 48.55
CA GLU D 376 -24.44 -30.51 49.26
C GLU D 376 -25.90 -30.12 49.48
N GLN D 377 -26.15 -28.87 49.90
CA GLN D 377 -27.53 -28.31 50.09
C GLN D 377 -28.26 -28.28 48.74
N ARG D 378 -27.57 -27.88 47.66
CA ARG D 378 -28.14 -27.79 46.29
C ARG D 378 -28.57 -29.19 45.81
N LEU D 379 -27.72 -30.20 45.98
CA LEU D 379 -28.05 -31.61 45.59
C LEU D 379 -29.27 -32.11 46.37
N ALA D 380 -29.31 -31.84 47.68
CA ALA D 380 -30.46 -32.21 48.57
C ALA D 380 -31.74 -31.57 48.04
N SER D 381 -31.71 -30.28 47.72
CA SER D 381 -32.84 -29.51 47.16
C SER D 381 -33.27 -30.11 45.80
N ALA D 382 -32.30 -30.43 44.92
CA ALA D 382 -32.54 -31.03 43.58
C ALA D 382 -33.22 -32.39 43.73
N ARG D 383 -32.75 -33.21 44.67
CA ARG D 383 -33.31 -34.55 45.00
C ARG D 383 -34.76 -34.42 45.48
N ALA D 384 -35.10 -33.34 46.19
CA ALA D 384 -36.43 -33.08 46.78
C ALA D 384 -37.44 -32.56 45.73
N VAL D 385 -37.01 -32.16 44.53
CA VAL D 385 -37.94 -31.75 43.43
C VAL D 385 -38.66 -33.02 42.98
N PRO D 386 -40.02 -33.10 43.07
CA PRO D 386 -40.75 -34.28 42.59
C PRO D 386 -40.42 -34.63 41.13
N ARG D 387 -40.41 -35.92 40.82
CA ARG D 387 -40.06 -36.48 39.49
C ARG D 387 -41.03 -35.98 38.42
N ASN D 388 -42.29 -35.72 38.78
CA ASN D 388 -43.39 -35.30 37.87
C ASN D 388 -43.33 -33.79 37.54
N VAL D 389 -42.41 -33.03 38.15
CA VAL D 389 -42.21 -31.57 37.89
C VAL D 389 -41.26 -31.42 36.71
N GLN D 390 -41.60 -30.61 35.71
CA GLN D 390 -40.73 -30.40 34.52
C GLN D 390 -41.19 -29.17 33.74
N PRO D 391 -40.32 -28.64 32.83
CA PRO D 391 -40.77 -27.72 31.80
C PRO D 391 -41.72 -28.45 30.82
N TYR D 392 -42.66 -27.71 30.24
CA TYR D 392 -43.59 -28.20 29.19
C TYR D 392 -43.53 -27.26 27.99
N VAL D 393 -42.99 -27.72 26.86
CA VAL D 393 -43.04 -26.98 25.58
C VAL D 393 -44.42 -27.21 24.97
N VAL D 394 -45.33 -26.25 25.20
CA VAL D 394 -46.78 -26.35 24.84
C VAL D 394 -46.97 -25.90 23.39
N TYR D 395 -45.98 -25.21 22.80
CA TYR D 395 -46.06 -24.72 21.41
C TYR D 395 -44.66 -24.42 20.88
N GLU D 396 -44.48 -24.67 19.58
CA GLU D 396 -43.20 -24.52 18.85
C GLU D 396 -43.53 -23.97 17.46
N GLU D 397 -42.87 -22.86 17.08
CA GLU D 397 -42.99 -22.23 15.73
C GLU D 397 -41.62 -22.32 15.06
N VAL D 398 -41.59 -22.83 13.83
CA VAL D 398 -40.36 -23.00 13.00
C VAL D 398 -40.64 -22.39 11.62
N THR D 399 -39.63 -21.77 11.01
CA THR D 399 -39.73 -21.07 9.70
C THR D 399 -38.36 -21.04 9.03
N ASN D 400 -38.37 -20.94 7.69
CA ASN D 400 -37.15 -20.71 6.87
C ASN D 400 -37.02 -19.22 6.54
N VAL D 401 -37.93 -18.37 7.04
CA VAL D 401 -37.85 -16.88 6.89
C VAL D 401 -37.33 -16.32 8.22
N TRP D 402 -38.20 -15.82 9.11
CA TRP D 402 -37.84 -15.45 10.50
C TRP D 402 -39.11 -15.45 11.34
N ILE D 403 -38.95 -15.62 12.65
CA ILE D 403 -40.04 -15.48 13.65
C ILE D 403 -40.17 -13.99 13.95
N ASN D 404 -41.34 -13.41 13.65
CA ASN D 404 -41.79 -12.13 14.24
C ASN D 404 -42.41 -12.46 15.59
N VAL D 405 -41.95 -11.82 16.66
CA VAL D 405 -42.51 -12.00 18.03
C VAL D 405 -43.91 -11.40 18.02
N HIS D 406 -44.94 -12.25 18.20
CA HIS D 406 -46.36 -11.88 18.37
C HIS D 406 -46.69 -11.95 19.87
N ASP D 407 -47.39 -10.94 20.40
CA ASP D 407 -47.65 -10.76 21.85
C ASP D 407 -48.86 -11.59 22.28
N ILE D 408 -49.64 -12.15 21.35
CA ILE D 408 -50.91 -12.88 21.65
C ILE D 408 -50.57 -14.31 22.08
N PHE D 409 -50.66 -14.57 23.37
CA PHE D 409 -50.70 -15.91 24.01
C PHE D 409 -51.67 -15.82 25.19
N TYR D 410 -52.84 -16.46 25.09
CA TYR D 410 -53.93 -16.39 26.09
C TYR D 410 -54.18 -17.78 26.65
N PRO D 411 -53.54 -18.16 27.78
CA PRO D 411 -53.80 -19.45 28.42
C PRO D 411 -55.15 -19.43 29.17
N PHE D 412 -56.04 -20.39 28.84
CA PHE D 412 -57.35 -20.57 29.52
C PHE D 412 -57.12 -21.24 30.87
N PRO D 413 -57.98 -20.99 31.89
CA PRO D 413 -57.92 -21.75 33.13
C PRO D 413 -58.14 -23.24 32.86
N GLN D 414 -57.45 -24.10 33.63
CA GLN D 414 -57.44 -25.58 33.45
C GLN D 414 -58.76 -26.16 33.99
N SER D 415 -59.85 -25.80 33.31
CA SER D 415 -61.24 -26.25 33.57
C SER D 415 -61.39 -27.70 33.11
N GLU D 416 -60.73 -28.07 32.02
CA GLU D 416 -60.75 -29.45 31.47
C GLU D 416 -60.03 -30.40 32.46
N GLY D 417 -59.04 -29.94 33.23
CA GLY D 417 -58.21 -30.78 34.13
C GLY D 417 -56.72 -30.47 34.02
N GLU D 418 -55.90 -31.17 34.79
CA GLU D 418 -54.47 -30.80 35.02
C GLU D 418 -53.55 -31.38 33.93
N ASP D 419 -54.01 -32.36 33.14
CA ASP D 419 -53.20 -33.04 32.09
C ASP D 419 -53.25 -32.30 30.75
N GLU D 420 -53.91 -31.14 30.65
CA GLU D 420 -53.92 -30.34 29.39
C GLU D 420 -53.99 -28.84 29.70
N LEU D 421 -53.44 -28.03 28.80
CA LEU D 421 -53.57 -26.55 28.77
C LEU D 421 -54.16 -26.16 27.42
N CYS D 422 -55.29 -25.45 27.45
CA CYS D 422 -55.90 -24.80 26.26
C CYS D 422 -55.44 -23.33 26.23
N PHE D 423 -55.10 -22.82 25.04
CA PHE D 423 -54.64 -21.43 24.86
C PHE D 423 -54.93 -20.92 23.45
N LEU D 424 -55.13 -19.61 23.34
CA LEU D 424 -55.15 -18.87 22.06
C LEU D 424 -53.71 -18.42 21.76
N ARG D 425 -53.31 -18.57 20.51
CA ARG D 425 -51.95 -18.21 20.04
C ARG D 425 -52.08 -17.60 18.64
N ALA D 426 -51.45 -16.44 18.44
CA ALA D 426 -51.20 -15.87 17.10
C ALA D 426 -50.00 -16.62 16.50
N ASN D 427 -50.18 -17.18 15.31
CA ASN D 427 -49.16 -17.95 14.58
C ASN D 427 -49.15 -17.45 13.13
N GLU D 428 -47.98 -17.04 12.65
CA GLU D 428 -47.75 -16.52 11.28
C GLU D 428 -47.10 -17.60 10.41
N CYS D 429 -46.17 -18.37 10.96
CA CYS D 429 -45.30 -19.29 10.16
C CYS D 429 -46.13 -20.43 9.54
N LYS D 430 -47.24 -20.84 10.16
CA LYS D 430 -48.05 -22.00 9.68
C LYS D 430 -48.52 -21.74 8.24
N THR D 431 -49.18 -20.61 7.97
CA THR D 431 -49.76 -20.27 6.63
C THR D 431 -49.02 -19.10 5.97
N GLY D 432 -48.12 -18.42 6.68
CA GLY D 432 -47.42 -17.21 6.16
C GLY D 432 -48.21 -15.94 6.41
N PHE D 433 -49.37 -16.03 7.09
CA PHE D 433 -50.16 -14.87 7.58
C PHE D 433 -50.48 -15.10 9.05
N CYS D 434 -50.38 -14.03 9.85
CA CYS D 434 -50.62 -14.06 11.30
C CYS D 434 -52.11 -14.31 11.57
N HIS D 435 -52.45 -15.45 12.16
CA HIS D 435 -53.85 -15.88 12.44
C HIS D 435 -53.98 -16.41 13.86
N LEU D 436 -55.21 -16.38 14.39
CA LEU D 436 -55.54 -16.89 15.74
C LEU D 436 -55.84 -18.39 15.66
N TYR D 437 -55.24 -19.16 16.57
CA TYR D 437 -55.45 -20.63 16.72
C TYR D 437 -55.81 -20.92 18.18
N LYS D 438 -56.77 -21.83 18.40
CA LYS D 438 -57.07 -22.42 19.73
C LYS D 438 -56.31 -23.74 19.82
N VAL D 439 -55.37 -23.83 20.74
CA VAL D 439 -54.43 -24.99 20.85
C VAL D 439 -54.67 -25.67 22.19
N THR D 440 -54.69 -27.00 22.20
CA THR D 440 -54.70 -27.84 23.42
C THR D 440 -53.43 -28.69 23.42
N ALA D 441 -52.58 -28.47 24.42
CA ALA D 441 -51.33 -29.25 24.67
C ALA D 441 -51.60 -30.24 25.80
N VAL D 442 -51.01 -31.43 25.70
CA VAL D 442 -51.08 -32.51 26.74
C VAL D 442 -49.84 -32.37 27.62
N LEU D 443 -50.05 -32.21 28.93
CA LEU D 443 -48.98 -32.05 29.95
C LEU D 443 -48.77 -33.40 30.65
N LYS D 444 -47.92 -34.26 30.09
CA LYS D 444 -47.64 -35.62 30.63
C LYS D 444 -46.21 -35.63 31.17
N SER D 445 -46.04 -35.99 32.44
CA SER D 445 -44.73 -36.13 33.14
C SER D 445 -43.98 -37.33 32.56
N GLN D 446 -42.76 -37.11 32.08
CA GLN D 446 -41.81 -38.17 31.68
C GLN D 446 -41.21 -38.83 32.93
N GLY D 447 -41.08 -38.06 34.03
CA GLY D 447 -40.33 -38.45 35.24
C GLY D 447 -38.85 -38.12 35.08
N TYR D 448 -38.31 -37.26 35.95
CA TYR D 448 -36.89 -36.80 35.90
C TYR D 448 -36.28 -36.87 37.30
N ASP D 449 -35.04 -37.35 37.38
CA ASP D 449 -34.16 -37.18 38.55
C ASP D 449 -33.34 -35.91 38.33
N TRP D 450 -33.74 -34.80 38.96
CA TRP D 450 -33.16 -33.46 38.76
C TRP D 450 -31.81 -33.32 39.47
N SER D 451 -31.46 -34.22 40.39
CA SER D 451 -30.14 -34.26 41.07
C SER D 451 -29.06 -34.78 40.09
N GLU D 452 -29.44 -35.58 39.08
CA GLU D 452 -28.50 -36.17 38.09
C GLU D 452 -28.36 -35.23 36.90
N PRO D 453 -27.13 -34.97 36.38
CA PRO D 453 -26.98 -34.12 35.19
C PRO D 453 -27.61 -34.80 33.97
N PHE D 454 -28.19 -34.01 33.06
CA PHE D 454 -28.86 -34.49 31.82
C PHE D 454 -28.79 -33.44 30.73
N SER D 455 -28.34 -33.86 29.54
CA SER D 455 -28.39 -33.08 28.28
C SER D 455 -29.67 -33.43 27.54
N PRO D 456 -30.59 -32.46 27.30
CA PRO D 456 -31.85 -32.75 26.62
C PRO D 456 -31.63 -33.13 25.15
N GLY D 457 -32.38 -34.12 24.67
CA GLY D 457 -32.39 -34.53 23.25
C GLY D 457 -33.29 -33.62 22.43
N GLU D 458 -33.42 -33.94 21.13
CA GLU D 458 -34.39 -33.27 20.21
C GLU D 458 -35.81 -33.46 20.79
N ASP D 459 -36.55 -32.36 20.91
CA ASP D 459 -37.98 -32.33 21.33
C ASP D 459 -38.14 -32.76 22.80
N GLU D 460 -37.10 -32.55 23.62
CA GLU D 460 -37.20 -32.69 25.10
C GLU D 460 -38.29 -31.73 25.59
N PHE D 461 -39.21 -32.23 26.43
CA PHE D 461 -40.30 -31.47 27.08
C PHE D 461 -41.45 -31.16 26.10
N LYS D 462 -41.37 -31.61 24.84
CA LYS D 462 -42.34 -31.23 23.78
C LYS D 462 -43.67 -31.94 24.07
N CYS D 463 -44.75 -31.17 24.21
CA CYS D 463 -46.11 -31.64 24.54
C CYS D 463 -46.80 -32.12 23.27
N PRO D 464 -47.47 -33.31 23.30
CA PRO D 464 -48.43 -33.66 22.25
C PRO D 464 -49.51 -32.56 22.13
N ILE D 465 -49.87 -32.22 20.89
CA ILE D 465 -50.96 -31.25 20.58
C ILE D 465 -52.23 -32.08 20.33
N LYS D 466 -53.18 -32.03 21.27
CA LYS D 466 -54.47 -32.74 21.23
C LYS D 466 -55.39 -32.10 20.18
N GLU D 467 -55.37 -30.76 20.07
CA GLU D 467 -56.25 -29.98 19.14
C GLU D 467 -55.52 -28.68 18.72
N GLU D 468 -55.70 -28.26 17.47
CA GLU D 468 -55.23 -26.96 16.94
C GLU D 468 -56.25 -26.45 15.90
N ILE D 469 -57.15 -25.56 16.31
CA ILE D 469 -58.27 -25.01 15.50
C ILE D 469 -57.87 -23.60 15.03
N ALA D 470 -57.86 -23.37 13.71
CA ALA D 470 -57.74 -22.03 13.09
C ALA D 470 -59.04 -21.26 13.34
N LEU D 471 -58.98 -20.18 14.13
CA LEU D 471 -60.15 -19.29 14.37
C LEU D 471 -60.27 -18.29 13.23
N THR D 472 -59.15 -17.95 12.58
CA THR D 472 -59.08 -17.01 11.43
C THR D 472 -58.18 -17.64 10.35
N SER D 473 -58.40 -17.27 9.09
CA SER D 473 -57.61 -17.75 7.93
C SER D 473 -57.75 -16.78 6.75
N GLY D 474 -56.87 -16.91 5.75
CA GLY D 474 -56.90 -16.14 4.50
C GLY D 474 -55.67 -15.25 4.35
N GLU D 475 -55.61 -14.49 3.26
CA GLU D 475 -54.43 -13.67 2.87
C GLU D 475 -54.58 -12.27 3.48
N TRP D 476 -54.61 -12.23 4.81
CA TRP D 476 -54.70 -11.01 5.65
C TRP D 476 -54.19 -11.39 7.04
N GLU D 477 -53.99 -10.40 7.92
CA GLU D 477 -53.29 -10.60 9.22
C GLU D 477 -54.19 -10.19 10.40
N VAL D 478 -54.13 -10.97 11.47
CA VAL D 478 -54.42 -10.51 12.86
C VAL D 478 -53.21 -9.65 13.29
N LEU D 479 -53.47 -8.47 13.85
CA LEU D 479 -52.42 -7.56 14.37
C LEU D 479 -52.05 -8.01 15.78
N ALA D 480 -50.76 -8.31 16.00
CA ALA D 480 -50.26 -8.96 17.23
C ALA D 480 -48.97 -8.32 17.75
N ARG D 481 -48.57 -7.16 17.24
CA ARG D 481 -47.29 -6.48 17.58
C ARG D 481 -47.55 -5.01 17.88
N HIS D 482 -46.64 -4.39 18.65
CA HIS D 482 -46.52 -2.92 18.82
C HIS D 482 -47.82 -2.33 19.37
N GLY D 483 -48.34 -2.94 20.43
CA GLY D 483 -49.54 -2.45 21.16
C GLY D 483 -50.80 -3.24 20.81
N SER D 484 -50.86 -3.88 19.64
CA SER D 484 -52.02 -4.70 19.20
C SER D 484 -52.12 -5.94 20.11
N LYS D 485 -53.35 -6.33 20.44
CA LYS D 485 -53.65 -7.41 21.40
C LYS D 485 -55.05 -7.97 21.11
N ILE D 486 -55.42 -9.03 21.82
CA ILE D 486 -56.81 -9.60 21.78
C ILE D 486 -57.47 -9.33 23.14
N TRP D 487 -58.80 -9.34 23.15
CA TRP D 487 -59.64 -9.31 24.36
C TRP D 487 -60.56 -10.53 24.32
N VAL D 488 -60.58 -11.33 25.38
CA VAL D 488 -61.28 -12.65 25.42
C VAL D 488 -62.40 -12.57 26.46
N ASN D 489 -63.64 -12.74 26.02
CA ASN D 489 -64.84 -12.87 26.89
C ASN D 489 -65.14 -14.36 27.06
N GLU D 490 -64.79 -14.91 28.23
CA GLU D 490 -64.93 -16.36 28.54
C GLU D 490 -66.40 -16.70 28.82
N GLU D 491 -67.26 -15.72 29.14
CA GLU D 491 -68.72 -15.95 29.30
C GLU D 491 -69.35 -16.26 27.95
N THR D 492 -69.01 -15.49 26.90
CA THR D 492 -69.63 -15.60 25.54
C THR D 492 -68.77 -16.47 24.60
N LYS D 493 -67.56 -16.85 25.02
CA LYS D 493 -66.59 -17.65 24.21
C LYS D 493 -66.22 -16.88 22.93
N LEU D 494 -66.05 -15.55 23.03
CA LEU D 494 -65.69 -14.65 21.90
C LEU D 494 -64.30 -14.06 22.13
N VAL D 495 -63.52 -13.92 21.05
CA VAL D 495 -62.20 -13.21 21.05
C VAL D 495 -62.34 -12.00 20.11
N TYR D 496 -62.05 -10.81 20.63
CA TYR D 496 -61.98 -9.53 19.89
C TYR D 496 -60.52 -9.31 19.48
N PHE D 497 -60.29 -8.91 18.24
CA PHE D 497 -58.93 -8.73 17.66
C PHE D 497 -58.98 -7.64 16.59
N GLN D 498 -57.81 -7.11 16.24
CA GLN D 498 -57.65 -6.12 15.15
C GLN D 498 -56.98 -6.82 13.96
N GLY D 499 -57.31 -6.43 12.74
CA GLY D 499 -56.84 -7.14 11.53
C GLY D 499 -57.00 -6.34 10.25
N THR D 500 -56.43 -6.89 9.17
CA THR D 500 -56.41 -6.30 7.81
C THR D 500 -57.35 -7.07 6.87
N LYS D 501 -58.37 -7.76 7.42
CA LYS D 501 -59.29 -8.64 6.65
C LYS D 501 -59.99 -7.85 5.53
N ASP D 502 -60.48 -6.64 5.83
CA ASP D 502 -61.19 -5.78 4.84
C ASP D 502 -60.20 -5.23 3.82
N THR D 503 -59.00 -4.82 4.26
CA THR D 503 -57.96 -4.21 3.39
C THR D 503 -56.65 -4.06 4.16
N PRO D 504 -55.48 -4.24 3.53
CA PRO D 504 -54.21 -3.92 4.17
C PRO D 504 -54.04 -2.43 4.49
N LEU D 505 -54.90 -1.55 3.96
CA LEU D 505 -54.84 -0.07 4.15
C LEU D 505 -55.56 0.37 5.43
N GLU D 506 -56.30 -0.50 6.12
CA GLU D 506 -57.08 -0.13 7.32
C GLU D 506 -56.95 -1.22 8.39
N HIS D 507 -56.72 -0.80 9.64
CA HIS D 507 -56.89 -1.63 10.86
C HIS D 507 -58.36 -1.53 11.27
N HIS D 508 -59.02 -2.67 11.47
CA HIS D 508 -60.42 -2.76 11.97
C HIS D 508 -60.47 -3.67 13.19
N LEU D 509 -61.49 -3.46 14.04
CA LEU D 509 -61.84 -4.35 15.17
C LEU D 509 -62.79 -5.43 14.65
N TYR D 510 -62.47 -6.69 14.96
CA TYR D 510 -63.29 -7.87 14.61
C TYR D 510 -63.58 -8.68 15.87
N VAL D 511 -64.57 -9.55 15.78
CA VAL D 511 -64.90 -10.55 16.84
C VAL D 511 -65.22 -11.88 16.14
N VAL D 512 -64.77 -12.98 16.74
CA VAL D 512 -65.02 -14.37 16.29
C VAL D 512 -65.18 -15.24 17.54
N SER D 513 -65.97 -16.32 17.44
CA SER D 513 -66.12 -17.34 18.51
C SER D 513 -64.85 -18.19 18.52
N TYR D 514 -64.31 -18.51 19.70
CA TYR D 514 -63.23 -19.51 19.86
C TYR D 514 -63.83 -20.88 20.19
N GLU D 515 -65.13 -20.98 20.50
CA GLU D 515 -65.83 -22.26 20.77
C GLU D 515 -66.18 -22.91 19.43
N ALA D 516 -66.99 -22.24 18.60
CA ALA D 516 -67.44 -22.71 17.27
C ALA D 516 -67.05 -21.65 16.22
N ALA D 517 -65.77 -21.68 15.81
CA ALA D 517 -65.16 -20.76 14.83
C ALA D 517 -65.96 -20.76 13.54
N GLY D 518 -66.50 -19.60 13.15
CA GLY D 518 -67.27 -19.42 11.89
C GLY D 518 -67.21 -17.98 11.41
N GLU D 519 -68.35 -17.27 11.45
CA GLU D 519 -68.49 -15.87 10.96
C GLU D 519 -67.62 -14.93 11.81
N ILE D 520 -66.84 -14.06 11.15
CA ILE D 520 -66.08 -12.94 11.80
C ILE D 520 -66.89 -11.67 11.57
N VAL D 521 -67.25 -10.95 12.64
CA VAL D 521 -68.04 -9.68 12.60
C VAL D 521 -67.08 -8.50 12.76
N ARG D 522 -67.13 -7.54 11.83
CA ARG D 522 -66.38 -6.25 11.90
C ARG D 522 -67.19 -5.28 12.75
N LEU D 523 -66.55 -4.61 13.72
CA LEU D 523 -67.21 -3.69 14.69
C LEU D 523 -66.89 -2.22 14.38
N THR D 524 -65.95 -1.94 13.47
CA THR D 524 -65.50 -0.56 13.12
C THR D 524 -65.97 -0.19 11.70
N THR D 525 -66.11 1.11 11.48
CA THR D 525 -66.64 1.71 10.22
C THR D 525 -65.56 1.66 9.13
N PRO D 526 -65.84 1.04 7.95
CA PRO D 526 -64.94 1.13 6.79
C PRO D 526 -64.65 2.57 6.34
N GLY D 527 -63.51 2.76 5.65
CA GLY D 527 -63.04 4.07 5.16
C GLY D 527 -62.20 4.82 6.19
N PHE D 528 -61.90 4.20 7.33
CA PHE D 528 -60.98 4.70 8.37
C PHE D 528 -60.11 3.54 8.89
N SER D 529 -58.92 3.85 9.38
CA SER D 529 -58.05 2.91 10.14
C SER D 529 -58.26 3.18 11.64
N HIS D 530 -58.53 2.11 12.42
CA HIS D 530 -58.98 2.18 13.84
C HIS D 530 -57.92 1.59 14.76
N SER D 531 -57.66 2.26 15.88
CA SER D 531 -56.90 1.74 17.04
C SER D 531 -57.84 1.70 18.24
N CYS D 532 -58.19 0.51 18.71
CA CYS D 532 -59.32 0.29 19.64
C CYS D 532 -58.84 -0.13 21.03
N SER D 533 -59.60 0.25 22.05
CA SER D 533 -59.46 -0.17 23.47
C SER D 533 -60.82 -0.70 23.93
N MET D 534 -60.87 -1.95 24.37
CA MET D 534 -62.11 -2.68 24.73
C MET D 534 -62.25 -2.68 26.26
N SER D 535 -63.45 -2.40 26.77
CA SER D 535 -63.80 -2.57 28.21
C SER D 535 -63.62 -4.05 28.59
N GLN D 536 -63.10 -4.33 29.78
CA GLN D 536 -62.96 -5.72 30.32
C GLN D 536 -64.34 -6.33 30.59
N ASN D 537 -65.43 -5.53 30.59
CA ASN D 537 -66.84 -6.00 30.72
C ASN D 537 -67.48 -6.20 29.34
N PHE D 538 -66.78 -5.87 28.24
CA PHE D 538 -67.19 -6.13 26.83
C PHE D 538 -68.54 -5.47 26.51
N ASP D 539 -68.83 -4.36 27.19
CA ASP D 539 -70.09 -3.57 27.04
C ASP D 539 -69.80 -2.35 26.16
N MET D 540 -68.57 -1.82 26.16
CA MET D 540 -68.16 -0.59 25.44
C MET D 540 -66.72 -0.73 24.90
N PHE D 541 -66.38 0.05 23.88
CA PHE D 541 -64.99 0.21 23.39
C PHE D 541 -64.77 1.64 22.89
N VAL D 542 -63.49 2.05 22.91
CA VAL D 542 -62.98 3.32 22.31
C VAL D 542 -62.34 2.97 20.96
N SER D 543 -62.55 3.81 19.95
CA SER D 543 -61.76 3.77 18.69
C SER D 543 -61.11 5.14 18.46
N HIS D 544 -59.78 5.16 18.38
CA HIS D 544 -58.95 6.26 17.86
C HIS D 544 -58.77 5.98 16.36
N TYR D 545 -59.39 6.77 15.49
CA TYR D 545 -59.41 6.48 14.03
C TYR D 545 -59.27 7.75 13.19
N SER D 546 -58.80 7.54 11.96
CA SER D 546 -58.52 8.61 10.97
C SER D 546 -58.56 8.02 9.56
N SER D 547 -58.51 8.89 8.57
CA SER D 547 -58.28 8.58 7.13
C SER D 547 -57.26 9.57 6.59
N VAL D 548 -56.78 9.36 5.36
CA VAL D 548 -55.86 10.31 4.67
C VAL D 548 -56.48 11.72 4.64
N SER D 549 -57.81 11.85 4.54
CA SER D 549 -58.52 13.15 4.39
C SER D 549 -59.03 13.71 5.72
N THR D 550 -59.17 12.89 6.77
CA THR D 550 -59.84 13.29 8.04
C THR D 550 -58.85 13.12 9.20
N PRO D 551 -58.50 14.21 9.92
CA PRO D 551 -57.68 14.11 11.13
C PRO D 551 -58.26 13.16 12.17
N PRO D 552 -57.45 12.66 13.13
CA PRO D 552 -57.91 11.65 14.07
C PRO D 552 -59.03 12.16 15.00
N CYS D 553 -59.99 11.30 15.28
CA CYS D 553 -61.00 11.48 16.35
C CYS D 553 -60.96 10.27 17.28
N VAL D 554 -61.48 10.43 18.50
CA VAL D 554 -61.58 9.34 19.52
C VAL D 554 -63.04 9.26 19.96
N HIS D 555 -63.71 8.16 19.60
CA HIS D 555 -65.17 7.92 19.87
C HIS D 555 -65.33 6.71 20.80
N VAL D 556 -66.31 6.80 21.71
CA VAL D 556 -66.75 5.70 22.61
C VAL D 556 -68.00 5.07 21.98
N TYR D 557 -67.99 3.75 21.81
CA TYR D 557 -69.10 2.96 21.24
C TYR D 557 -69.62 1.98 22.30
N LYS D 558 -70.94 1.74 22.32
CA LYS D 558 -71.62 0.76 23.20
C LYS D 558 -71.97 -0.45 22.35
N LEU D 559 -71.56 -1.65 22.79
CA LEU D 559 -71.97 -2.93 22.17
C LEU D 559 -73.34 -3.32 22.75
N SER D 560 -74.39 -3.29 21.92
CA SER D 560 -75.81 -3.39 22.34
C SER D 560 -76.57 -4.38 21.45
N GLY D 561 -77.63 -4.99 21.98
CA GLY D 561 -78.47 -6.00 21.31
C GLY D 561 -78.81 -7.16 22.24
N PRO D 562 -79.60 -8.15 21.78
CA PRO D 562 -79.95 -9.32 22.58
C PRO D 562 -78.72 -10.07 23.14
N ASP D 563 -78.76 -10.43 24.43
CA ASP D 563 -77.65 -11.12 25.13
C ASP D 563 -77.49 -12.56 24.61
N ASP D 564 -78.54 -13.13 24.01
CA ASP D 564 -78.53 -14.52 23.45
C ASP D 564 -77.83 -14.56 22.07
N ASP D 565 -77.46 -13.41 21.49
CA ASP D 565 -76.69 -13.32 20.23
C ASP D 565 -75.51 -12.37 20.44
N PRO D 566 -74.52 -12.74 21.30
CA PRO D 566 -73.40 -11.86 21.61
C PRO D 566 -72.48 -11.56 20.40
N LEU D 567 -72.32 -12.51 19.47
CA LEU D 567 -71.48 -12.37 18.25
C LEU D 567 -71.96 -11.18 17.40
N HIS D 568 -73.26 -10.91 17.37
CA HIS D 568 -73.89 -9.87 16.50
C HIS D 568 -74.34 -8.66 17.32
N LYS D 569 -73.80 -8.46 18.53
CA LYS D 569 -73.95 -7.19 19.28
C LYS D 569 -73.56 -6.03 18.36
N GLN D 570 -74.37 -4.97 18.34
CA GLN D 570 -74.20 -3.82 17.41
C GLN D 570 -73.33 -2.75 18.07
N PRO D 571 -72.29 -2.23 17.37
CA PRO D 571 -71.55 -1.07 17.86
C PRO D 571 -72.39 0.19 17.63
N ARG D 572 -72.82 0.86 18.70
CA ARG D 572 -73.64 2.10 18.65
C ARG D 572 -72.78 3.25 19.17
N PHE D 573 -72.60 4.31 18.37
CA PHE D 573 -71.90 5.54 18.79
C PHE D 573 -72.56 6.04 20.08
N TRP D 574 -71.75 6.34 21.09
CA TRP D 574 -72.22 6.79 22.43
C TRP D 574 -71.81 8.25 22.66
N ALA D 575 -70.52 8.57 22.57
CA ALA D 575 -69.96 9.91 22.85
C ALA D 575 -68.55 10.07 22.24
N SER D 576 -68.08 11.32 22.15
CA SER D 576 -66.74 11.69 21.62
C SER D 576 -65.82 12.07 22.78
N MET D 577 -64.58 11.57 22.74
CA MET D 577 -63.44 12.02 23.59
C MET D 577 -62.68 13.13 22.86
N MET D 578 -62.71 13.15 21.52
CA MET D 578 -61.99 14.15 20.70
C MET D 578 -62.58 14.16 19.28
N GLU D 579 -63.14 15.29 18.85
CA GLU D 579 -63.61 15.49 17.45
C GLU D 579 -62.41 15.83 16.56
N ALA D 580 -62.44 15.43 15.29
CA ALA D 580 -61.41 15.74 14.27
C ALA D 580 -61.26 17.26 14.14
N ALA D 581 -60.03 17.77 14.21
CA ALA D 581 -59.68 19.16 13.82
C ALA D 581 -60.08 19.39 12.35
N SER D 582 -60.37 20.63 11.96
CA SER D 582 -60.54 21.02 10.54
C SER D 582 -59.20 20.86 9.82
N CYS D 583 -59.19 20.29 8.62
CA CYS D 583 -58.00 20.35 7.71
C CYS D 583 -57.77 21.79 7.30
N PRO D 584 -56.53 22.33 7.39
CA PRO D 584 -56.17 23.60 6.74
C PRO D 584 -56.53 23.64 5.25
N PRO D 585 -56.92 24.80 4.69
CA PRO D 585 -57.18 24.91 3.24
C PRO D 585 -55.95 24.60 2.36
N ASP D 586 -54.75 24.84 2.88
CA ASP D 586 -53.45 24.57 2.22
C ASP D 586 -53.06 23.10 2.35
N TYR D 587 -53.68 22.31 3.26
CA TYR D 587 -53.44 20.84 3.37
C TYR D 587 -54.34 20.09 2.39
N VAL D 588 -53.73 19.42 1.41
CA VAL D 588 -54.42 18.56 0.40
C VAL D 588 -54.01 17.12 0.66
N PRO D 589 -54.95 16.21 1.02
CA PRO D 589 -54.60 14.82 1.34
C PRO D 589 -53.88 14.13 0.20
N PRO D 590 -52.93 13.20 0.47
CA PRO D 590 -52.33 12.39 -0.58
C PRO D 590 -53.39 11.43 -1.13
N GLU D 591 -53.17 10.94 -2.34
CA GLU D 591 -54.04 9.95 -3.01
C GLU D 591 -53.35 8.59 -2.95
N ILE D 592 -54.04 7.58 -2.40
CA ILE D 592 -53.58 6.17 -2.37
C ILE D 592 -53.89 5.53 -3.73
N PHE D 593 -52.91 4.80 -4.27
CA PHE D 593 -53.05 3.99 -5.51
C PHE D 593 -52.41 2.62 -5.27
N HIS D 594 -52.68 1.69 -6.17
CA HIS D 594 -51.92 0.43 -6.29
C HIS D 594 -51.61 0.19 -7.76
N PHE D 595 -50.60 -0.63 -8.00
CA PHE D 595 -50.22 -1.15 -9.33
C PHE D 595 -49.68 -2.56 -9.15
N HIS D 596 -49.54 -3.28 -10.26
CA HIS D 596 -49.04 -4.67 -10.31
C HIS D 596 -47.67 -4.60 -11.00
N THR D 597 -46.62 -5.12 -10.35
CA THR D 597 -45.23 -5.14 -10.85
C THR D 597 -45.18 -6.07 -12.07
N ARG D 598 -44.06 -6.10 -12.79
CA ARG D 598 -43.81 -7.04 -13.92
C ARG D 598 -43.92 -8.49 -13.43
N SER D 599 -43.60 -8.77 -12.15
CA SER D 599 -43.75 -10.09 -11.48
C SER D 599 -45.17 -10.29 -10.92
N ASP D 600 -46.11 -9.37 -11.18
CA ASP D 600 -47.55 -9.46 -10.78
C ASP D 600 -47.72 -9.45 -9.25
N VAL D 601 -46.87 -8.71 -8.54
CA VAL D 601 -47.06 -8.39 -7.09
C VAL D 601 -47.83 -7.06 -7.03
N ARG D 602 -48.87 -6.99 -6.20
CA ARG D 602 -49.58 -5.72 -5.94
C ARG D 602 -48.80 -4.89 -4.92
N LEU D 603 -48.41 -3.67 -5.31
CA LEU D 603 -47.76 -2.68 -4.40
C LEU D 603 -48.69 -1.46 -4.29
N TYR D 604 -48.86 -0.98 -3.06
CA TYR D 604 -49.57 0.28 -2.75
C TYR D 604 -48.57 1.44 -2.72
N GLY D 605 -49.07 2.62 -3.09
CA GLY D 605 -48.31 3.89 -3.04
C GLY D 605 -49.22 5.05 -2.69
N MET D 606 -48.64 6.20 -2.36
CA MET D 606 -49.35 7.51 -2.27
C MET D 606 -48.67 8.48 -3.22
N ILE D 607 -49.44 9.43 -3.74
CA ILE D 607 -48.93 10.62 -4.46
C ILE D 607 -49.50 11.87 -3.77
N TYR D 608 -48.62 12.79 -3.39
CA TYR D 608 -48.97 14.21 -3.12
C TYR D 608 -48.82 14.95 -4.45
N LYS D 609 -49.95 15.27 -5.11
CA LYS D 609 -49.95 15.99 -6.41
C LYS D 609 -49.44 17.41 -6.17
N PRO D 610 -48.62 17.99 -7.07
CA PRO D 610 -48.34 19.43 -7.01
C PRO D 610 -49.66 20.20 -6.88
N HIS D 611 -49.73 21.17 -5.98
CA HIS D 611 -50.99 21.90 -5.67
C HIS D 611 -51.48 22.71 -6.87
N ALA D 612 -50.60 23.41 -7.58
CA ALA D 612 -50.97 24.32 -8.71
C ALA D 612 -50.78 23.56 -10.02
N LEU D 613 -51.36 22.37 -10.13
CA LEU D 613 -51.11 21.45 -11.27
C LEU D 613 -51.76 22.02 -12.53
N GLN D 614 -51.04 21.98 -13.66
CA GLN D 614 -51.51 22.42 -15.00
C GLN D 614 -51.14 21.34 -16.03
N PRO D 615 -51.96 21.10 -17.09
CA PRO D 615 -51.66 20.05 -18.06
C PRO D 615 -50.41 20.38 -18.90
N GLY D 616 -49.73 19.34 -19.39
CA GLY D 616 -48.49 19.44 -20.17
C GLY D 616 -47.31 19.97 -19.37
N LYS D 617 -47.32 19.83 -18.03
CA LYS D 617 -46.23 20.29 -17.13
C LYS D 617 -45.64 19.07 -16.40
N LYS D 618 -44.32 18.91 -16.47
CA LYS D 618 -43.54 17.89 -15.72
C LYS D 618 -42.91 18.56 -14.50
N HIS D 619 -43.19 18.04 -13.30
CA HIS D 619 -42.81 18.64 -11.99
C HIS D 619 -41.62 17.90 -11.40
N PRO D 620 -40.75 18.61 -10.64
CA PRO D 620 -39.66 17.95 -9.92
C PRO D 620 -40.31 17.08 -8.84
N THR D 621 -39.71 15.93 -8.53
CA THR D 621 -40.33 14.84 -7.74
C THR D 621 -39.42 14.44 -6.58
N VAL D 622 -40.00 14.25 -5.40
CA VAL D 622 -39.34 13.65 -4.21
C VAL D 622 -39.94 12.26 -4.02
N LEU D 623 -39.12 11.22 -4.17
CA LEU D 623 -39.47 9.85 -3.71
C LEU D 623 -39.15 9.79 -2.21
N PHE D 624 -40.17 9.85 -1.36
CA PHE D 624 -40.04 9.71 0.11
C PHE D 624 -40.06 8.22 0.45
N VAL D 625 -38.97 7.70 1.04
CA VAL D 625 -38.74 6.25 1.22
C VAL D 625 -38.44 5.93 2.68
N TYR D 626 -39.02 4.86 3.20
CA TYR D 626 -38.51 4.11 4.37
C TYR D 626 -38.04 2.75 3.86
N GLY D 627 -38.99 1.85 3.54
CA GLY D 627 -38.74 0.63 2.74
C GLY D 627 -38.20 -0.54 3.54
N GLY D 628 -38.06 -0.38 4.85
CA GLY D 628 -37.51 -1.40 5.77
C GLY D 628 -38.60 -2.27 6.39
N PRO D 629 -38.22 -3.40 7.02
CA PRO D 629 -39.21 -4.25 7.69
C PRO D 629 -39.85 -3.58 8.90
N GLN D 630 -41.05 -4.07 9.27
CA GLN D 630 -41.86 -3.68 10.45
C GLN D 630 -42.60 -2.35 10.22
N VAL D 631 -42.51 -1.76 9.03
CA VAL D 631 -43.16 -0.45 8.73
C VAL D 631 -44.01 -0.57 7.46
N GLN D 632 -45.20 0.05 7.49
CA GLN D 632 -46.08 0.30 6.32
C GLN D 632 -46.35 1.81 6.26
N LEU D 633 -45.81 2.50 5.26
CA LEU D 633 -46.01 3.97 5.09
C LEU D 633 -47.38 4.25 4.47
N VAL D 634 -47.88 3.36 3.60
CA VAL D 634 -49.09 3.60 2.76
C VAL D 634 -50.28 2.86 3.39
N ASN D 635 -51.15 3.62 4.04
CA ASN D 635 -52.42 3.13 4.60
C ASN D 635 -53.38 4.31 4.70
N ASN D 636 -54.65 4.01 4.95
CA ASN D 636 -55.74 5.01 5.01
C ASN D 636 -55.83 5.55 6.44
N SER D 637 -54.82 6.33 6.84
CA SER D 637 -54.77 7.07 8.12
C SER D 637 -54.21 8.46 7.84
N PHE D 638 -54.44 9.41 8.75
CA PHE D 638 -54.05 10.83 8.56
C PHE D 638 -52.53 10.96 8.69
N LYS D 639 -51.90 11.55 7.68
CA LYS D 639 -50.42 11.68 7.55
C LYS D 639 -49.96 13.10 7.89
N GLY D 640 -50.89 14.05 8.14
CA GLY D 640 -50.56 15.47 8.40
C GLY D 640 -49.89 15.71 9.74
N ILE D 641 -50.00 14.79 10.71
CA ILE D 641 -49.34 14.92 12.06
C ILE D 641 -47.84 14.63 11.90
N LYS D 642 -47.48 13.53 11.23
CA LYS D 642 -46.09 13.04 11.15
C LYS D 642 -45.41 13.51 9.86
N TYR D 643 -46.16 13.74 8.77
CA TYR D 643 -45.59 13.96 7.41
C TYR D 643 -46.17 15.23 6.77
N LEU D 644 -46.36 16.28 7.58
CA LEU D 644 -46.86 17.58 7.09
C LEU D 644 -45.93 18.13 6.00
N ARG D 645 -44.62 17.93 6.17
CA ARG D 645 -43.58 18.45 5.24
C ARG D 645 -43.79 17.92 3.81
N LEU D 646 -44.43 16.77 3.63
CA LEU D 646 -44.71 16.21 2.27
C LEU D 646 -45.80 17.05 1.60
N ASN D 647 -46.81 17.49 2.36
CA ASN D 647 -47.83 18.46 1.86
C ASN D 647 -47.14 19.78 1.50
N THR D 648 -46.22 20.26 2.35
CA THR D 648 -45.46 21.52 2.13
C THR D 648 -44.71 21.43 0.79
N LEU D 649 -43.99 20.33 0.53
CA LEU D 649 -43.30 20.07 -0.76
C LEU D 649 -44.31 20.19 -1.92
N ALA D 650 -45.45 19.53 -1.83
CA ALA D 650 -46.50 19.53 -2.87
C ALA D 650 -47.03 20.95 -3.09
N SER D 651 -47.13 21.77 -2.04
CA SER D 651 -47.61 23.18 -2.11
C SER D 651 -46.65 24.04 -2.94
N LEU D 652 -45.36 23.71 -2.97
CA LEU D 652 -44.32 24.45 -3.74
C LEU D 652 -44.22 23.92 -5.17
N GLY D 653 -44.87 22.80 -5.49
CA GLY D 653 -44.95 22.24 -6.85
C GLY D 653 -44.07 21.01 -7.05
N TYR D 654 -43.55 20.41 -5.97
CA TYR D 654 -42.95 19.05 -6.01
C TYR D 654 -44.08 18.02 -6.02
N ALA D 655 -44.00 17.01 -6.88
CA ALA D 655 -44.72 15.74 -6.72
C ALA D 655 -43.98 14.95 -5.63
N VAL D 656 -44.71 14.40 -4.67
CA VAL D 656 -44.13 13.50 -3.62
C VAL D 656 -44.73 12.11 -3.83
N VAL D 657 -43.87 11.11 -4.03
CA VAL D 657 -44.26 9.69 -4.24
C VAL D 657 -43.79 8.88 -3.04
N VAL D 658 -44.64 8.00 -2.52
CA VAL D 658 -44.32 6.99 -1.47
C VAL D 658 -44.74 5.62 -1.99
N ILE D 659 -43.85 4.62 -1.95
CA ILE D 659 -44.11 3.22 -2.40
C ILE D 659 -43.81 2.29 -1.22
N ASP D 660 -44.78 1.44 -0.86
CA ASP D 660 -44.55 0.28 0.05
C ASP D 660 -44.09 -0.90 -0.81
N GLY D 661 -42.78 -1.05 -1.00
CA GLY D 661 -42.19 -2.18 -1.73
C GLY D 661 -42.17 -3.45 -0.89
N ARG D 662 -41.76 -4.55 -1.50
CA ARG D 662 -41.52 -5.84 -0.78
C ARG D 662 -40.52 -5.57 0.35
N GLY D 663 -40.73 -6.21 1.51
CA GLY D 663 -39.99 -5.92 2.76
C GLY D 663 -40.85 -5.18 3.76
N SER D 664 -41.80 -4.35 3.31
CA SER D 664 -42.77 -3.63 4.18
C SER D 664 -43.74 -4.64 4.80
N CYS D 665 -44.48 -4.23 5.84
CA CYS D 665 -45.28 -5.14 6.71
C CYS D 665 -46.77 -5.02 6.37
N GLN D 666 -47.59 -5.83 7.04
CA GLN D 666 -49.08 -5.94 6.90
C GLN D 666 -49.45 -6.58 5.56
N ARG D 667 -48.55 -7.36 4.94
CA ARG D 667 -48.79 -8.07 3.66
C ARG D 667 -48.36 -9.55 3.76
N GLY D 668 -48.13 -10.07 4.98
CA GLY D 668 -47.73 -11.47 5.22
C GLY D 668 -46.22 -11.67 5.19
N LEU D 669 -45.77 -12.84 5.62
CA LEU D 669 -44.34 -13.19 5.86
C LEU D 669 -43.58 -13.31 4.54
N ARG D 670 -44.19 -13.88 3.50
CA ARG D 670 -43.52 -14.09 2.17
C ARG D 670 -43.18 -12.74 1.55
N PHE D 671 -44.11 -11.78 1.62
CA PHE D 671 -43.93 -10.40 1.07
C PHE D 671 -42.76 -9.70 1.77
N GLU D 672 -42.74 -9.72 3.10
CA GLU D 672 -41.67 -9.14 3.95
C GLU D 672 -40.36 -9.92 3.75
N GLY D 673 -40.45 -11.23 3.51
CA GLY D 673 -39.32 -12.17 3.39
C GLY D 673 -38.48 -11.96 2.15
N ALA D 674 -38.97 -11.20 1.16
CA ALA D 674 -38.28 -10.91 -0.12
C ALA D 674 -36.88 -10.31 0.11
N LEU D 675 -36.63 -9.60 1.21
CA LEU D 675 -35.31 -8.93 1.42
C LEU D 675 -34.36 -9.83 2.21
N LYS D 676 -34.76 -11.06 2.57
CA LYS D 676 -33.95 -11.98 3.42
C LYS D 676 -32.54 -12.11 2.85
N ASN D 677 -31.53 -11.75 3.66
CA ASN D 677 -30.07 -11.87 3.37
C ASN D 677 -29.63 -10.96 2.21
N GLN D 678 -30.47 -10.01 1.75
CA GLN D 678 -30.14 -9.16 0.57
C GLN D 678 -30.73 -7.75 0.74
N MET D 679 -30.71 -7.20 1.96
CA MET D 679 -31.25 -5.84 2.24
C MET D 679 -30.60 -4.81 1.31
N GLY D 680 -31.42 -3.93 0.72
CA GLY D 680 -31.01 -2.94 -0.28
C GLY D 680 -31.38 -3.31 -1.71
N GLN D 681 -31.44 -4.62 -2.03
CA GLN D 681 -31.47 -5.11 -3.44
C GLN D 681 -32.90 -4.99 -3.99
N VAL D 682 -33.87 -5.74 -3.45
CA VAL D 682 -35.26 -5.79 -3.99
C VAL D 682 -35.99 -4.46 -3.71
N GLU D 683 -35.66 -3.76 -2.62
CA GLU D 683 -36.38 -2.55 -2.16
C GLU D 683 -36.28 -1.47 -3.25
N ILE D 684 -35.08 -1.22 -3.77
CA ILE D 684 -34.81 -0.16 -4.78
C ILE D 684 -35.50 -0.52 -6.11
N GLU D 685 -35.51 -1.80 -6.50
CA GLU D 685 -36.19 -2.25 -7.74
C GLU D 685 -37.67 -1.86 -7.66
N ASP D 686 -38.32 -2.12 -6.52
CA ASP D 686 -39.77 -1.82 -6.30
C ASP D 686 -39.99 -0.30 -6.27
N GLN D 687 -39.09 0.46 -5.62
CA GLN D 687 -39.16 1.95 -5.58
C GLN D 687 -39.16 2.50 -7.01
N VAL D 688 -38.24 2.00 -7.86
CA VAL D 688 -38.09 2.47 -9.26
C VAL D 688 -39.33 2.09 -10.08
N GLU D 689 -39.85 0.86 -9.95
CA GLU D 689 -41.09 0.42 -10.66
C GLU D 689 -42.26 1.32 -10.25
N GLY D 690 -42.39 1.63 -8.96
CA GLY D 690 -43.43 2.53 -8.41
C GLY D 690 -43.33 3.93 -9.00
N LEU D 691 -42.13 4.51 -9.00
CA LEU D 691 -41.87 5.86 -9.56
C LEU D 691 -42.28 5.87 -11.02
N GLN D 692 -41.85 4.87 -11.78
CA GLN D 692 -42.10 4.76 -13.26
C GLN D 692 -43.60 4.55 -13.52
N PHE D 693 -44.29 3.77 -12.68
CA PHE D 693 -45.77 3.58 -12.76
C PHE D 693 -46.46 4.95 -12.59
N VAL D 694 -46.08 5.69 -11.55
CA VAL D 694 -46.69 7.01 -11.22
C VAL D 694 -46.48 7.98 -12.40
N ALA D 695 -45.27 8.00 -12.97
CA ALA D 695 -44.92 8.86 -14.13
C ALA D 695 -45.83 8.51 -15.33
N GLU D 696 -46.06 7.22 -15.59
CA GLU D 696 -46.90 6.73 -16.72
C GLU D 696 -48.38 7.04 -16.44
N LYS D 697 -48.86 6.75 -15.23
CA LYS D 697 -50.30 6.88 -14.85
C LYS D 697 -50.70 8.36 -14.77
N TYR D 698 -49.91 9.21 -14.13
CA TYR D 698 -50.30 10.60 -13.73
C TYR D 698 -49.77 11.63 -14.74
N GLY D 699 -48.61 11.39 -15.36
CA GLY D 699 -48.13 12.21 -16.50
C GLY D 699 -47.48 13.53 -16.12
N PHE D 700 -47.42 13.91 -14.83
CA PHE D 700 -46.83 15.22 -14.39
C PHE D 700 -45.48 15.03 -13.68
N ILE D 701 -44.87 13.84 -13.77
CA ILE D 701 -43.57 13.52 -13.10
C ILE D 701 -42.44 13.81 -14.10
N ASP D 702 -41.52 14.72 -13.74
CA ASP D 702 -40.26 14.96 -14.48
C ASP D 702 -39.21 13.95 -13.98
N LEU D 703 -38.99 12.86 -14.73
CA LEU D 703 -38.05 11.76 -14.37
C LEU D 703 -36.60 12.24 -14.44
N SER D 704 -36.30 13.39 -15.04
CA SER D 704 -34.96 14.02 -15.04
C SER D 704 -34.70 14.77 -13.72
N ARG D 705 -35.71 14.97 -12.87
CA ARG D 705 -35.60 15.75 -11.61
C ARG D 705 -36.27 14.99 -10.46
N VAL D 706 -35.71 13.83 -10.09
CA VAL D 706 -36.20 13.01 -8.94
C VAL D 706 -35.14 13.04 -7.84
N ALA D 707 -35.54 13.49 -6.64
CA ALA D 707 -34.80 13.34 -5.37
C ALA D 707 -35.31 12.07 -4.66
N ILE D 708 -34.42 11.31 -4.05
CA ILE D 708 -34.77 10.22 -3.08
C ILE D 708 -34.39 10.71 -1.68
N HIS D 709 -35.33 10.58 -0.73
CA HIS D 709 -35.15 11.10 0.65
C HIS D 709 -35.80 10.14 1.64
N GLY D 710 -35.05 9.80 2.69
CA GLY D 710 -35.56 8.99 3.81
C GLY D 710 -34.67 9.10 5.03
N TRP D 711 -35.15 8.61 6.16
CA TRP D 711 -34.47 8.61 7.47
C TRP D 711 -34.29 7.16 7.94
N ALA D 712 -33.12 6.85 8.51
CA ALA D 712 -32.75 5.54 9.09
C ALA D 712 -32.66 4.51 7.95
N TYR D 713 -33.53 3.50 7.88
CA TYR D 713 -33.56 2.56 6.74
C TYR D 713 -33.79 3.33 5.44
N GLY D 714 -34.61 4.40 5.49
CA GLY D 714 -34.87 5.33 4.38
C GLY D 714 -33.61 6.07 3.93
N GLY D 715 -32.72 6.41 4.86
CA GLY D 715 -31.41 7.02 4.56
C GLY D 715 -30.50 6.03 3.86
N PHE D 716 -30.47 4.80 4.36
CA PHE D 716 -29.78 3.63 3.73
C PHE D 716 -30.27 3.49 2.28
N LEU D 717 -31.59 3.43 2.06
CA LEU D 717 -32.15 3.21 0.70
C LEU D 717 -31.91 4.43 -0.20
N SER D 718 -31.93 5.65 0.35
CA SER D 718 -31.59 6.89 -0.41
C SER D 718 -30.19 6.75 -1.02
N LEU D 719 -29.22 6.30 -0.22
CA LEU D 719 -27.82 6.07 -0.68
C LEU D 719 -27.77 4.91 -1.68
N MET D 720 -28.49 3.81 -1.41
CA MET D 720 -28.55 2.62 -2.31
C MET D 720 -29.10 3.05 -3.69
N GLY D 721 -30.13 3.90 -3.70
CA GLY D 721 -30.74 4.44 -4.93
C GLY D 721 -29.73 5.23 -5.75
N LEU D 722 -28.99 6.12 -5.11
CA LEU D 722 -27.99 7.00 -5.75
C LEU D 722 -26.83 6.16 -6.29
N ILE D 723 -26.46 5.09 -5.56
CA ILE D 723 -25.34 4.17 -5.94
C ILE D 723 -25.76 3.33 -7.16
N HIS D 724 -26.92 2.68 -7.12
CA HIS D 724 -27.33 1.65 -8.12
C HIS D 724 -28.18 2.23 -9.25
N LYS D 725 -28.84 3.38 -9.04
CA LYS D 725 -29.71 4.01 -10.05
C LYS D 725 -29.35 5.49 -10.19
N PRO D 726 -28.08 5.84 -10.51
CA PRO D 726 -27.66 7.25 -10.59
C PRO D 726 -28.32 8.04 -11.74
N GLN D 727 -28.85 7.35 -12.77
CA GLN D 727 -29.61 7.98 -13.88
C GLN D 727 -31.06 8.23 -13.48
N VAL D 728 -31.58 7.52 -12.46
CA VAL D 728 -32.98 7.69 -11.95
C VAL D 728 -33.01 8.84 -10.94
N PHE D 729 -32.04 8.89 -10.01
CA PHE D 729 -32.05 9.80 -8.84
C PHE D 729 -30.98 10.88 -9.04
N LYS D 730 -31.43 12.11 -9.27
CA LYS D 730 -30.55 13.30 -9.44
C LYS D 730 -29.85 13.59 -8.11
N VAL D 731 -30.59 13.55 -6.99
CA VAL D 731 -30.03 13.83 -5.64
C VAL D 731 -30.56 12.79 -4.65
N ALA D 732 -29.78 12.55 -3.59
CA ALA D 732 -30.19 11.79 -2.39
C ALA D 732 -30.01 12.67 -1.16
N ILE D 733 -31.02 12.71 -0.30
CA ILE D 733 -30.95 13.28 1.08
C ILE D 733 -31.12 12.11 2.04
N ALA D 734 -30.02 11.64 2.62
CA ALA D 734 -29.96 10.44 3.49
C ALA D 734 -29.84 10.87 4.96
N GLY D 735 -30.91 10.66 5.74
CA GLY D 735 -30.94 10.93 7.18
C GLY D 735 -30.63 9.70 8.00
N ALA D 736 -29.79 9.84 9.03
CA ALA D 736 -29.36 8.78 9.98
C ALA D 736 -29.21 7.44 9.28
N PRO D 737 -28.42 7.35 8.19
CA PRO D 737 -28.36 6.12 7.40
C PRO D 737 -27.59 5.01 8.12
N VAL D 738 -28.05 3.76 7.97
CA VAL D 738 -27.18 2.56 8.16
C VAL D 738 -26.26 2.52 6.94
N THR D 739 -24.96 2.60 7.15
CA THR D 739 -23.93 2.58 6.07
C THR D 739 -23.07 1.31 6.14
N VAL D 740 -23.11 0.59 7.25
CA VAL D 740 -22.32 -0.67 7.42
C VAL D 740 -23.10 -1.59 8.37
N TRP D 741 -23.66 -2.68 7.82
CA TRP D 741 -24.54 -3.60 8.59
C TRP D 741 -23.75 -4.30 9.70
N MET D 742 -22.44 -4.47 9.54
CA MET D 742 -21.58 -5.12 10.57
CA MET D 742 -21.58 -5.12 10.57
C MET D 742 -21.53 -4.27 11.85
N ALA D 743 -21.93 -2.98 11.78
CA ALA D 743 -21.96 -2.07 12.95
C ALA D 743 -23.34 -2.03 13.63
N TYR D 744 -24.39 -2.61 13.04
CA TYR D 744 -25.74 -2.64 13.65
C TYR D 744 -25.85 -3.87 14.57
N ASP D 745 -26.96 -4.01 15.29
CA ASP D 745 -27.06 -4.91 16.48
C ASP D 745 -27.46 -6.33 16.07
N THR D 746 -27.39 -7.26 17.03
CA THR D 746 -27.69 -8.71 16.85
C THR D 746 -29.16 -8.91 16.48
N GLY D 747 -30.07 -8.42 17.32
CA GLY D 747 -31.51 -8.71 17.26
C GLY D 747 -32.09 -8.41 15.89
N TYR D 748 -31.78 -7.25 15.32
CA TYR D 748 -32.36 -6.78 14.04
C TYR D 748 -31.59 -7.42 12.88
N THR D 749 -30.27 -7.20 12.84
CA THR D 749 -29.45 -7.51 11.65
C THR D 749 -29.48 -9.01 11.37
N GLU D 750 -29.31 -9.85 12.40
CA GLU D 750 -29.24 -11.32 12.23
C GLU D 750 -30.58 -11.88 11.77
N ARG D 751 -31.69 -11.29 12.25
CA ARG D 751 -33.06 -11.69 11.87
C ARG D 751 -33.19 -11.65 10.35
N TYR D 752 -32.79 -10.55 9.72
CA TYR D 752 -33.03 -10.26 8.29
C TYR D 752 -31.82 -10.64 7.42
N MET D 753 -30.62 -10.75 7.99
CA MET D 753 -29.36 -10.84 7.20
C MET D 753 -28.46 -12.00 7.65
N ASP D 754 -28.80 -12.77 8.68
CA ASP D 754 -27.91 -13.83 9.25
C ASP D 754 -26.70 -13.14 9.89
N VAL D 755 -25.75 -13.93 10.41
CA VAL D 755 -24.47 -13.41 10.98
C VAL D 755 -23.53 -13.08 9.82
N PRO D 756 -22.62 -12.09 10.00
CA PRO D 756 -21.70 -11.68 8.92
C PRO D 756 -20.95 -12.84 8.25
N GLU D 757 -20.47 -13.82 9.02
CA GLU D 757 -19.66 -14.96 8.49
C GLU D 757 -20.51 -15.83 7.56
N ASN D 758 -21.82 -15.88 7.75
CA ASN D 758 -22.77 -16.69 6.94
C ASN D 758 -23.30 -15.92 5.71
N ASN D 759 -23.07 -14.61 5.61
CA ASN D 759 -23.69 -13.79 4.54
C ASN D 759 -22.76 -12.62 4.19
N GLN D 760 -21.49 -12.91 3.89
CA GLN D 760 -20.50 -11.86 3.57
C GLN D 760 -20.96 -11.09 2.32
N HIS D 761 -21.50 -11.77 1.30
CA HIS D 761 -21.97 -11.15 0.03
CA HIS D 761 -21.97 -11.14 0.04
C HIS D 761 -23.11 -10.15 0.32
N GLY D 762 -24.10 -10.57 1.12
CA GLY D 762 -25.27 -9.74 1.45
C GLY D 762 -24.87 -8.52 2.28
N TYR D 763 -24.05 -8.71 3.31
CA TYR D 763 -23.50 -7.63 4.18
C TYR D 763 -22.72 -6.62 3.32
N GLU D 764 -21.84 -7.10 2.44
CA GLU D 764 -20.98 -6.25 1.57
C GLU D 764 -21.86 -5.47 0.60
N ALA D 765 -22.80 -6.12 -0.09
CA ALA D 765 -23.69 -5.51 -1.10
C ALA D 765 -24.63 -4.48 -0.45
N GLY D 766 -25.05 -4.73 0.80
CA GLY D 766 -26.02 -3.87 1.52
C GLY D 766 -25.37 -2.75 2.33
N SER D 767 -24.04 -2.67 2.38
CA SER D 767 -23.27 -1.68 3.17
C SER D 767 -22.83 -0.54 2.26
N VAL D 768 -23.59 0.57 2.22
CA VAL D 768 -23.40 1.68 1.24
C VAL D 768 -22.02 2.33 1.42
N ALA D 769 -21.47 2.33 2.64
CA ALA D 769 -20.14 2.93 2.93
C ALA D 769 -19.03 2.17 2.19
N LEU D 770 -19.26 0.92 1.78
CA LEU D 770 -18.29 0.09 1.03
C LEU D 770 -18.44 0.27 -0.49
N HIS D 771 -19.39 1.10 -0.96
CA HIS D 771 -19.64 1.33 -2.42
C HIS D 771 -19.52 2.81 -2.78
N VAL D 772 -18.73 3.55 -2.00
CA VAL D 772 -18.58 5.03 -2.12
C VAL D 772 -18.00 5.41 -3.49
N GLU D 773 -17.21 4.54 -4.14
CA GLU D 773 -16.65 4.78 -5.49
C GLU D 773 -17.79 4.98 -6.51
N LYS D 774 -18.98 4.42 -6.26
CA LYS D 774 -20.15 4.53 -7.16
C LYS D 774 -21.03 5.74 -6.80
N LEU D 775 -20.74 6.46 -5.72
CA LEU D 775 -21.47 7.72 -5.40
C LEU D 775 -20.97 8.81 -6.33
N PRO D 776 -21.75 9.90 -6.54
CA PRO D 776 -21.43 10.87 -7.59
C PRO D 776 -20.08 11.61 -7.42
N ASN D 777 -19.39 11.82 -8.54
CA ASN D 777 -18.18 12.68 -8.64
C ASN D 777 -18.60 14.14 -8.86
N GLU D 778 -19.89 14.44 -8.95
CA GLU D 778 -20.42 15.82 -9.08
C GLU D 778 -20.88 16.30 -7.71
N PRO D 779 -20.58 17.56 -7.30
CA PRO D 779 -21.10 18.11 -6.06
C PRO D 779 -22.63 18.28 -6.08
N ASN D 780 -23.23 18.44 -4.91
CA ASN D 780 -24.65 18.86 -4.72
C ASN D 780 -25.62 17.76 -5.17
N ARG D 781 -25.21 16.48 -5.13
CA ARG D 781 -26.11 15.33 -5.39
C ARG D 781 -26.32 14.51 -4.11
N LEU D 782 -25.65 14.85 -3.01
CA LEU D 782 -25.65 14.03 -1.76
C LEU D 782 -25.65 14.95 -0.54
N LEU D 783 -26.73 14.91 0.24
CA LEU D 783 -26.85 15.56 1.56
C LEU D 783 -27.04 14.48 2.61
N ILE D 784 -26.14 14.42 3.59
CA ILE D 784 -26.20 13.48 4.73
C ILE D 784 -26.64 14.26 5.98
N LEU D 785 -27.59 13.71 6.74
CA LEU D 785 -28.13 14.27 8.00
C LEU D 785 -28.01 13.21 9.09
N HIS D 786 -27.67 13.59 10.32
CA HIS D 786 -27.52 12.61 11.45
C HIS D 786 -27.57 13.33 12.80
N GLY D 787 -28.35 12.79 13.73
CA GLY D 787 -28.33 13.16 15.15
C GLY D 787 -27.03 12.70 15.79
N PHE D 788 -26.29 13.61 16.38
CA PHE D 788 -24.95 13.34 16.99
C PHE D 788 -25.06 12.32 18.12
N LEU D 789 -26.19 12.31 18.86
CA LEU D 789 -26.40 11.50 20.07
C LEU D 789 -27.11 10.18 19.75
N ASP D 790 -27.29 9.83 18.47
CA ASP D 790 -28.05 8.60 18.05
C ASP D 790 -27.38 7.38 18.68
N GLU D 791 -28.09 6.70 19.60
CA GLU D 791 -27.59 5.50 20.34
C GLU D 791 -28.13 4.23 19.68
N ASN D 792 -28.80 4.38 18.53
CA ASN D 792 -29.47 3.29 17.76
C ASN D 792 -28.67 3.09 16.48
N VAL D 793 -28.84 3.99 15.50
CA VAL D 793 -27.95 4.09 14.31
C VAL D 793 -26.87 5.12 14.69
N HIS D 794 -25.73 4.64 15.18
CA HIS D 794 -24.66 5.49 15.76
C HIS D 794 -24.22 6.51 14.71
N PHE D 795 -23.87 7.72 15.14
CA PHE D 795 -23.22 8.75 14.30
C PHE D 795 -22.04 8.12 13.55
N PHE D 796 -21.38 7.12 14.13
CA PHE D 796 -20.30 6.31 13.48
C PHE D 796 -20.66 5.97 12.02
N HIS D 797 -21.91 5.58 11.74
CA HIS D 797 -22.36 5.20 10.36
C HIS D 797 -22.07 6.35 9.39
N THR D 798 -22.41 7.59 9.77
CA THR D 798 -22.15 8.80 8.96
C THR D 798 -20.65 9.11 8.95
N ASN D 799 -20.01 9.03 10.12
CA ASN D 799 -18.57 9.34 10.27
C ASN D 799 -17.76 8.41 9.35
N PHE D 800 -18.10 7.12 9.34
CA PHE D 800 -17.44 6.10 8.49
C PHE D 800 -17.73 6.38 7.01
N LEU D 801 -18.99 6.69 6.66
CA LEU D 801 -19.35 7.06 5.26
C LEU D 801 -18.50 8.25 4.81
N VAL D 802 -18.39 9.30 5.62
CA VAL D 802 -17.58 10.51 5.31
C VAL D 802 -16.11 10.09 5.12
N SER D 803 -15.55 9.29 6.03
CA SER D 803 -14.15 8.79 5.95
CA SER D 803 -14.15 8.81 5.94
C SER D 803 -13.93 8.12 4.59
N GLN D 804 -14.89 7.29 4.15
CA GLN D 804 -14.84 6.56 2.86
C GLN D 804 -14.99 7.55 1.70
N LEU D 805 -15.90 8.52 1.78
CA LEU D 805 -16.08 9.57 0.75
C LEU D 805 -14.76 10.34 0.54
N ILE D 806 -14.07 10.68 1.63
CA ILE D 806 -12.77 11.40 1.57
C ILE D 806 -11.74 10.52 0.84
N ARG D 807 -11.62 9.25 1.22
CA ARG D 807 -10.65 8.29 0.61
C ARG D 807 -10.93 8.12 -0.88
N ALA D 808 -12.21 8.11 -1.29
CA ALA D 808 -12.64 7.93 -2.70
C ALA D 808 -12.64 9.27 -3.45
N GLY D 809 -12.34 10.38 -2.77
CA GLY D 809 -12.26 11.75 -3.36
C GLY D 809 -13.61 12.22 -3.86
N LYS D 810 -14.70 11.95 -3.12
CA LYS D 810 -16.09 12.32 -3.51
C LYS D 810 -16.55 13.53 -2.70
N PRO D 811 -17.32 14.46 -3.31
CA PRO D 811 -17.93 15.57 -2.57
C PRO D 811 -19.14 15.08 -1.76
N TYR D 812 -19.48 15.82 -0.70
CA TYR D 812 -20.67 15.55 0.13
C TYR D 812 -21.06 16.84 0.86
N GLN D 813 -22.35 16.97 1.17
CA GLN D 813 -22.87 17.97 2.13
C GLN D 813 -23.33 17.24 3.39
N LEU D 814 -23.21 17.90 4.54
CA LEU D 814 -23.46 17.31 5.88
C LEU D 814 -24.20 18.31 6.75
N GLN D 815 -25.24 17.84 7.43
CA GLN D 815 -25.87 18.55 8.58
C GLN D 815 -25.84 17.60 9.77
N ILE D 816 -25.49 18.11 10.94
CA ILE D 816 -25.56 17.34 12.22
C ILE D 816 -26.61 18.03 13.10
N TYR D 817 -27.30 17.23 13.92
CA TYR D 817 -28.22 17.69 14.98
C TYR D 817 -27.55 17.33 16.30
N PRO D 818 -26.70 18.24 16.84
CA PRO D 818 -25.88 17.95 18.03
C PRO D 818 -26.66 17.45 19.26
N ASN D 819 -27.91 17.86 19.40
CA ASN D 819 -28.76 17.57 20.60
C ASN D 819 -29.78 16.48 20.30
N GLU D 820 -29.71 15.79 19.17
CA GLU D 820 -30.75 14.80 18.76
C GLU D 820 -30.15 13.39 18.74
N ARG D 821 -30.98 12.42 19.12
CA ARG D 821 -30.68 10.97 19.02
C ARG D 821 -31.21 10.47 17.67
N HIS D 822 -32.02 9.41 17.64
CA HIS D 822 -32.44 8.72 16.40
C HIS D 822 -33.51 9.51 15.64
N SER D 823 -34.27 10.37 16.33
CA SER D 823 -35.30 11.23 15.70
C SER D 823 -35.10 12.67 16.17
N ILE D 824 -35.56 13.63 15.36
CA ILE D 824 -35.48 15.08 15.70
C ILE D 824 -36.73 15.42 16.53
N ARG D 825 -36.55 15.69 17.83
CA ARG D 825 -37.65 15.96 18.79
C ARG D 825 -37.82 17.48 19.02
N CYS D 826 -36.72 18.26 19.00
N CYS D 826 -36.72 18.25 19.00
CA CYS D 826 -36.75 19.73 19.22
CA CYS D 826 -36.75 19.73 19.21
C CYS D 826 -37.42 20.40 18.01
C CYS D 826 -37.42 20.40 18.00
N PRO D 827 -38.50 21.20 18.20
CA PRO D 827 -39.15 21.88 17.08
C PRO D 827 -38.26 22.82 16.25
N GLU D 828 -37.32 23.52 16.90
CA GLU D 828 -36.35 24.44 16.22
C GLU D 828 -35.48 23.62 15.25
N SER D 829 -35.00 22.46 15.68
CA SER D 829 -34.20 21.53 14.84
C SER D 829 -35.06 20.93 13.72
N GLY D 830 -36.30 20.55 14.03
CA GLY D 830 -37.28 20.08 13.04
C GLY D 830 -37.50 21.09 11.92
N GLU D 831 -37.70 22.36 12.29
CA GLU D 831 -37.85 23.49 11.33
C GLU D 831 -36.57 23.62 10.50
N HIS D 832 -35.41 23.59 11.15
CA HIS D 832 -34.09 23.76 10.47
C HIS D 832 -33.91 22.65 9.42
N TYR D 833 -34.24 21.41 9.78
CA TYR D 833 -34.18 20.23 8.87
C TYR D 833 -35.05 20.48 7.64
N GLU D 834 -36.30 20.91 7.84
CA GLU D 834 -37.27 21.12 6.72
C GLU D 834 -36.81 22.29 5.85
N VAL D 835 -36.32 23.38 6.44
CA VAL D 835 -35.80 24.56 5.69
C VAL D 835 -34.62 24.09 4.84
N THR D 836 -33.72 23.30 5.43
CA THR D 836 -32.51 22.78 4.75
C THR D 836 -32.93 21.91 3.56
N LEU D 837 -33.93 21.04 3.76
CA LEU D 837 -34.46 20.16 2.68
C LEU D 837 -35.00 21.02 1.53
N LEU D 838 -35.85 22.01 1.84
CA LEU D 838 -36.45 22.90 0.80
C LEU D 838 -35.34 23.64 0.04
N HIS D 839 -34.35 24.15 0.77
CA HIS D 839 -33.21 24.89 0.17
C HIS D 839 -32.41 23.97 -0.74
N PHE D 840 -32.08 22.76 -0.28
CA PHE D 840 -31.28 21.78 -1.06
C PHE D 840 -32.02 21.44 -2.36
N LEU D 841 -33.33 21.17 -2.30
CA LEU D 841 -34.16 20.82 -3.49
C LEU D 841 -34.24 22.01 -4.44
N GLN D 842 -34.53 23.20 -3.91
CA GLN D 842 -34.63 24.47 -4.68
C GLN D 842 -33.36 24.69 -5.50
N GLU D 843 -32.18 24.50 -4.90
CA GLU D 843 -30.88 24.85 -5.52
C GLU D 843 -30.39 23.71 -6.44
N TYR D 844 -30.60 22.44 -6.07
CA TYR D 844 -29.81 21.33 -6.63
C TYR D 844 -30.67 20.28 -7.36
N LEU D 845 -32.00 20.26 -7.20
CA LEU D 845 -32.86 19.35 -8.00
C LEU D 845 -33.22 20.02 -9.33
N HIS D 846 -32.33 19.86 -10.34
CA HIS D 846 -32.42 20.44 -11.70
CA HIS D 846 -32.49 20.42 -11.70
C HIS D 846 -31.91 19.43 -12.74
#